data_6I9B
#
_entry.id   6I9B
#
_entity_poly.entity_id   1
_entity_poly.type   'polypeptide(L)'
_entity_poly.pdbx_seq_one_letter_code
;NSAVSTEDLKECLKKQLEFCFSRENLSKDLYLISQMDSDQFIPIWTVANMEEIKKLTTDPDLILEVLRSSPMVQVDEKGE
KVRPSHKRCIVILREIPETTPIEEVKGLFKSENCPKVISCEFAHNSNWYITFQSDTDAQQAFKYLREEVKTFQGKPIMAR
IKAINTFFAKNGYRLMD
;
_entity_poly.pdbx_strand_id   A
#
# COMPACT_ATOMS: atom_id res chain seq x y z
N ASN A 1 10.52 7.61 -29.41
CA ASN A 1 9.33 7.33 -28.55
C ASN A 1 8.48 6.24 -29.21
N SER A 2 8.71 6.02 -30.50
CA SER A 2 7.95 5.01 -31.23
C SER A 2 8.89 4.08 -31.99
N ALA A 3 9.50 3.15 -31.28
CA ALA A 3 10.43 2.20 -31.89
C ALA A 3 10.13 0.77 -31.43
N VAL A 4 11.13 -0.09 -31.54
CA VAL A 4 10.97 -1.49 -31.13
C VAL A 4 11.73 -1.76 -29.84
N SER A 5 12.27 -0.71 -29.25
CA SER A 5 13.03 -0.85 -28.01
C SER A 5 12.12 -1.31 -26.87
N THR A 6 12.51 -2.39 -26.21
CA THR A 6 11.71 -2.91 -25.10
C THR A 6 11.85 -2.03 -23.87
N GLU A 7 12.85 -1.16 -23.88
CA GLU A 7 13.09 -0.26 -22.76
C GLU A 7 11.84 0.54 -22.45
N ASP A 8 11.07 0.87 -23.48
CA ASP A 8 9.85 1.64 -23.30
C ASP A 8 8.77 0.79 -22.63
N LEU A 9 8.62 -0.45 -23.11
CA LEU A 9 7.63 -1.36 -22.55
C LEU A 9 7.93 -1.66 -21.10
N LYS A 10 9.21 -1.88 -20.79
CA LYS A 10 9.60 -2.17 -19.41
C LYS A 10 8.91 -1.21 -18.45
N GLU A 11 9.03 0.08 -18.75
CA GLU A 11 8.41 1.10 -17.92
C GLU A 11 6.90 0.96 -17.93
N CYS A 12 6.37 0.50 -19.06
CA CYS A 12 4.92 0.33 -19.19
C CYS A 12 4.41 -0.77 -18.25
N LEU A 13 5.10 -1.91 -18.23
CA LEU A 13 4.67 -2.99 -17.36
C LEU A 13 4.38 -2.45 -15.97
N LYS A 14 5.25 -1.54 -15.52
CA LYS A 14 5.08 -0.93 -14.21
C LYS A 14 3.65 -0.47 -13.99
N LYS A 15 3.19 0.46 -14.82
CA LYS A 15 1.85 1.00 -14.68
C LYS A 15 0.86 -0.12 -14.37
N GLN A 16 0.84 -1.14 -15.21
CA GLN A 16 -0.07 -2.26 -15.01
C GLN A 16 0.06 -2.79 -13.59
N LEU A 17 1.28 -3.16 -13.24
CA LEU A 17 1.56 -3.69 -11.91
C LEU A 17 1.10 -2.73 -10.81
N GLU A 18 1.61 -1.50 -10.85
CA GLU A 18 1.26 -0.50 -9.84
C GLU A 18 -0.25 -0.35 -9.66
N PHE A 19 -0.99 -0.40 -10.76
CA PHE A 19 -2.45 -0.23 -10.69
C PHE A 19 -3.14 -1.51 -10.21
N CYS A 20 -2.67 -2.65 -10.70
CA CYS A 20 -3.26 -3.92 -10.31
C CYS A 20 -3.43 -4.03 -8.79
N PHE A 21 -2.36 -3.71 -8.07
CA PHE A 21 -2.38 -3.81 -6.61
C PHE A 21 -2.80 -2.52 -5.91
N SER A 22 -3.59 -1.69 -6.59
CA SER A 22 -4.07 -0.47 -5.95
C SER A 22 -5.22 -0.82 -5.01
N ARG A 23 -5.38 -0.04 -3.96
CA ARG A 23 -6.43 -0.30 -2.98
C ARG A 23 -7.75 -0.66 -3.67
N GLU A 24 -8.20 0.20 -4.58
CA GLU A 24 -9.45 -0.03 -5.29
C GLU A 24 -9.30 -1.01 -6.45
N ASN A 25 -8.09 -1.17 -6.97
CA ASN A 25 -7.87 -2.05 -8.10
C ASN A 25 -7.91 -3.52 -7.71
N LEU A 26 -7.08 -3.93 -6.76
CA LEU A 26 -7.06 -5.33 -6.33
C LEU A 26 -8.39 -5.70 -5.72
N SER A 27 -8.83 -4.96 -4.71
CA SER A 27 -10.10 -5.26 -4.06
C SER A 27 -11.18 -5.51 -5.12
N LYS A 28 -11.00 -4.89 -6.29
CA LYS A 28 -11.95 -5.05 -7.38
C LYS A 28 -11.36 -5.84 -8.55
N ASP A 29 -10.39 -6.70 -8.25
CA ASP A 29 -9.76 -7.50 -9.29
C ASP A 29 -10.01 -8.99 -9.05
N LEU A 30 -11.22 -9.44 -9.37
CA LEU A 30 -11.57 -10.83 -9.18
C LEU A 30 -10.57 -11.75 -9.86
N TYR A 31 -10.19 -11.40 -11.09
CA TYR A 31 -9.25 -12.21 -11.84
C TYR A 31 -8.02 -12.57 -11.00
N LEU A 32 -7.43 -11.56 -10.35
CA LEU A 32 -6.26 -11.80 -9.52
C LEU A 32 -6.65 -12.31 -8.13
N ILE A 33 -7.43 -11.50 -7.41
CA ILE A 33 -7.84 -11.87 -6.06
C ILE A 33 -8.56 -13.22 -6.02
N SER A 34 -9.32 -13.55 -7.06
CA SER A 34 -10.06 -14.81 -7.08
C SER A 34 -9.18 -15.99 -7.51
N GLN A 35 -8.11 -15.72 -8.23
CA GLN A 35 -7.22 -16.80 -8.68
C GLN A 35 -6.20 -17.10 -7.59
N MET A 36 -6.03 -16.14 -6.70
CA MET A 36 -5.11 -16.28 -5.60
C MET A 36 -4.96 -17.72 -5.11
N ASP A 37 -3.74 -18.25 -5.12
CA ASP A 37 -3.53 -19.59 -4.60
C ASP A 37 -3.83 -19.61 -3.09
N SER A 38 -3.07 -20.39 -2.32
CA SER A 38 -3.34 -20.54 -0.88
C SER A 38 -2.98 -19.32 0.00
N ASP A 39 -1.83 -18.67 -0.22
CA ASP A 39 -1.45 -17.53 0.63
C ASP A 39 -1.69 -16.20 -0.05
N GLN A 40 -2.75 -16.12 -0.83
CA GLN A 40 -3.05 -14.90 -1.56
C GLN A 40 -2.07 -14.81 -2.70
N PHE A 41 -1.35 -15.91 -2.92
CA PHE A 41 -0.40 -15.97 -4.00
C PHE A 41 -1.19 -16.12 -5.27
N ILE A 42 -0.73 -15.59 -6.36
CA ILE A 42 -1.45 -15.72 -7.62
C ILE A 42 -0.73 -16.74 -8.47
N PRO A 43 -1.39 -17.70 -9.09
CA PRO A 43 -0.65 -18.67 -9.92
C PRO A 43 0.14 -17.86 -10.90
N ILE A 44 1.44 -18.00 -10.88
CA ILE A 44 2.24 -17.20 -11.74
C ILE A 44 1.73 -17.22 -13.19
N TRP A 45 1.11 -18.32 -13.58
CA TRP A 45 0.62 -18.47 -14.95
C TRP A 45 -0.62 -17.61 -15.20
N THR A 46 -1.60 -17.68 -14.30
CA THR A 46 -2.83 -16.93 -14.45
C THR A 46 -2.53 -15.46 -14.75
N VAL A 47 -1.54 -14.92 -14.07
CA VAL A 47 -1.16 -13.52 -14.25
C VAL A 47 -0.24 -13.34 -15.45
N ALA A 48 0.87 -14.08 -15.46
CA ALA A 48 1.83 -13.98 -16.55
C ALA A 48 1.12 -14.00 -17.90
N ASN A 49 -0.17 -14.33 -17.89
CA ASN A 49 -0.94 -14.41 -19.13
C ASN A 49 -2.04 -13.34 -19.16
N MET A 50 -1.88 -12.30 -18.36
CA MET A 50 -2.87 -11.22 -18.30
C MET A 50 -2.92 -10.46 -19.62
N GLU A 51 -4.14 -10.29 -20.14
CA GLU A 51 -4.32 -9.58 -21.41
C GLU A 51 -3.44 -8.34 -21.49
N GLU A 52 -3.44 -7.52 -20.45
CA GLU A 52 -2.62 -6.31 -20.47
C GLU A 52 -1.21 -6.64 -20.93
N ILE A 53 -0.61 -7.67 -20.34
CA ILE A 53 0.73 -8.06 -20.70
C ILE A 53 0.72 -9.00 -21.91
N LYS A 54 -0.37 -9.72 -22.09
CA LYS A 54 -0.46 -10.63 -23.22
C LYS A 54 -0.04 -9.91 -24.48
N LYS A 55 -0.28 -8.60 -24.50
CA LYS A 55 0.09 -7.78 -25.63
C LYS A 55 1.60 -7.58 -25.63
N LEU A 56 2.19 -7.59 -24.44
CA LEU A 56 3.62 -7.42 -24.30
C LEU A 56 4.37 -8.57 -24.96
N THR A 57 4.06 -9.80 -24.52
CA THR A 57 4.71 -10.99 -25.06
C THR A 57 4.22 -12.24 -24.35
N THR A 58 4.85 -13.36 -24.66
CA THR A 58 4.49 -14.62 -24.04
C THR A 58 5.73 -15.25 -23.37
N ASP A 59 6.46 -14.44 -22.62
CA ASP A 59 7.66 -14.92 -21.95
C ASP A 59 7.33 -15.26 -20.48
N PRO A 60 7.27 -16.52 -20.13
CA PRO A 60 6.90 -16.95 -18.75
C PRO A 60 7.99 -16.70 -17.72
N ASP A 61 9.20 -17.11 -18.07
CA ASP A 61 10.33 -16.96 -17.16
C ASP A 61 10.80 -15.51 -17.06
N LEU A 62 10.50 -14.71 -18.07
CA LEU A 62 10.94 -13.32 -18.09
C LEU A 62 10.01 -12.38 -17.30
N ILE A 63 8.70 -12.52 -17.48
CA ILE A 63 7.75 -11.63 -16.82
C ILE A 63 8.06 -11.43 -15.33
N LEU A 64 8.13 -12.52 -14.55
CA LEU A 64 8.40 -12.41 -13.12
C LEU A 64 9.71 -11.67 -12.84
N GLU A 65 10.69 -11.83 -13.72
CA GLU A 65 11.98 -11.16 -13.52
C GLU A 65 11.80 -9.65 -13.52
N VAL A 66 10.79 -9.17 -14.25
CA VAL A 66 10.53 -7.74 -14.32
C VAL A 66 9.66 -7.29 -13.15
N LEU A 67 8.70 -8.12 -12.80
CA LEU A 67 7.78 -7.80 -11.71
C LEU A 67 8.55 -7.30 -10.50
N ARG A 68 9.79 -7.77 -10.35
CA ARG A 68 10.63 -7.35 -9.23
C ARG A 68 10.74 -5.84 -9.17
N SER A 69 10.30 -5.16 -10.23
CA SER A 69 10.38 -3.71 -10.29
C SER A 69 9.22 -3.08 -9.51
N SER A 70 8.51 -3.90 -8.74
CA SER A 70 7.38 -3.40 -7.96
C SER A 70 7.63 -3.60 -6.47
N PRO A 71 8.33 -2.69 -5.84
CA PRO A 71 8.66 -2.76 -4.39
C PRO A 71 7.45 -3.10 -3.53
N MET A 72 6.28 -2.57 -3.91
CA MET A 72 5.06 -2.83 -3.14
C MET A 72 4.47 -4.18 -3.52
N VAL A 73 5.29 -5.01 -4.17
CA VAL A 73 4.83 -6.34 -4.58
C VAL A 73 5.86 -7.39 -4.20
N GLN A 74 5.38 -8.58 -3.85
CA GLN A 74 6.26 -9.67 -3.46
C GLN A 74 5.97 -10.92 -4.28
N VAL A 75 6.89 -11.27 -5.15
CA VAL A 75 6.71 -12.43 -6.02
C VAL A 75 7.45 -13.65 -5.48
N ASP A 76 6.86 -14.83 -5.69
CA ASP A 76 7.49 -16.06 -5.21
C ASP A 76 8.96 -16.10 -5.60
N GLU A 77 9.80 -16.56 -4.68
CA GLU A 77 11.23 -16.65 -4.92
C GLU A 77 11.54 -17.72 -5.96
N LYS A 78 10.63 -18.68 -6.09
CA LYS A 78 10.84 -19.77 -7.05
C LYS A 78 10.32 -19.39 -8.44
N GLY A 79 9.46 -18.39 -8.50
CA GLY A 79 8.93 -17.95 -9.79
C GLY A 79 7.72 -18.80 -10.20
N GLU A 80 6.82 -19.07 -9.26
CA GLU A 80 5.64 -19.87 -9.56
C GLU A 80 4.41 -19.32 -8.85
N LYS A 81 4.62 -18.42 -7.90
CA LYS A 81 3.49 -17.82 -7.18
C LYS A 81 3.82 -16.37 -6.82
N VAL A 82 2.82 -15.64 -6.33
CA VAL A 82 3.04 -14.23 -5.97
C VAL A 82 1.81 -13.60 -5.32
N ARG A 83 2.04 -12.78 -4.29
CA ARG A 83 0.94 -12.08 -3.63
C ARG A 83 1.23 -10.58 -3.57
N PRO A 84 0.26 -9.72 -3.85
CA PRO A 84 0.48 -8.26 -3.80
C PRO A 84 0.54 -7.72 -2.39
N SER A 85 1.41 -6.74 -2.16
CA SER A 85 1.55 -6.14 -0.85
C SER A 85 0.74 -4.86 -0.74
N HIS A 86 -0.29 -4.90 0.09
CA HIS A 86 -1.15 -3.73 0.27
C HIS A 86 -1.69 -3.70 1.71
N LYS A 87 -0.82 -3.38 2.65
CA LYS A 87 -1.22 -3.32 4.05
C LYS A 87 -1.40 -1.87 4.50
N ARG A 88 -0.46 -1.38 5.31
CA ARG A 88 -0.53 -0.02 5.81
C ARG A 88 -1.85 0.22 6.53
N CYS A 89 -1.90 -0.08 7.82
CA CYS A 89 -3.13 0.10 8.59
C CYS A 89 -2.94 1.07 9.74
N ILE A 90 -1.71 1.22 10.22
CA ILE A 90 -1.45 2.12 11.34
C ILE A 90 -1.28 3.55 10.85
N VAL A 91 -1.98 4.47 11.50
CA VAL A 91 -1.88 5.89 11.14
C VAL A 91 -0.96 6.59 12.14
N ILE A 92 -0.16 7.52 11.65
CA ILE A 92 0.78 8.23 12.52
C ILE A 92 0.41 9.71 12.65
N LEU A 93 0.10 10.12 13.88
CA LEU A 93 -0.25 11.52 14.12
C LEU A 93 0.98 12.19 14.72
N ARG A 94 1.56 13.14 13.99
CA ARG A 94 2.77 13.81 14.46
C ARG A 94 2.46 15.21 14.98
N GLU A 95 3.49 15.86 15.51
CA GLU A 95 3.35 17.21 16.03
C GLU A 95 2.28 17.29 17.10
N ILE A 96 1.99 16.18 17.76
CA ILE A 96 0.98 16.19 18.80
C ILE A 96 1.62 16.62 20.12
N PRO A 97 1.28 17.77 20.67
CA PRO A 97 1.88 18.26 21.94
C PRO A 97 1.88 17.20 23.04
N GLU A 98 3.05 17.00 23.64
CA GLU A 98 3.18 16.01 24.71
C GLU A 98 2.10 16.25 25.76
N THR A 99 1.48 17.42 25.72
CA THR A 99 0.42 17.76 26.66
C THR A 99 -0.94 17.58 26.02
N THR A 100 -0.99 16.77 24.97
CA THR A 100 -2.25 16.51 24.28
C THR A 100 -2.90 15.23 24.82
N PRO A 101 -3.99 15.31 25.54
CA PRO A 101 -4.66 14.11 26.11
C PRO A 101 -5.11 13.13 25.04
N ILE A 102 -5.25 11.87 25.44
CA ILE A 102 -5.68 10.84 24.53
C ILE A 102 -7.06 11.17 23.98
N GLU A 103 -7.79 11.98 24.72
CA GLU A 103 -9.14 12.38 24.31
C GLU A 103 -9.09 13.21 23.04
N GLU A 104 -8.18 14.18 23.00
CA GLU A 104 -8.06 15.03 21.83
C GLU A 104 -7.69 14.22 20.59
N VAL A 105 -6.59 13.48 20.66
CA VAL A 105 -6.15 12.69 19.52
C VAL A 105 -7.14 11.58 19.20
N LYS A 106 -7.91 11.14 20.19
CA LYS A 106 -8.87 10.07 19.99
C LYS A 106 -9.86 10.41 18.88
N GLY A 107 -10.44 11.61 18.95
CA GLY A 107 -11.42 12.02 17.95
C GLY A 107 -10.76 12.40 16.62
N LEU A 108 -9.47 12.73 16.67
CA LEU A 108 -8.77 13.11 15.45
C LEU A 108 -8.65 11.90 14.52
N PHE A 109 -8.86 10.70 15.07
CA PHE A 109 -8.82 9.48 14.26
C PHE A 109 -10.21 9.19 13.73
N LYS A 110 -11.20 9.65 14.49
CA LYS A 110 -12.61 9.45 14.13
C LYS A 110 -12.80 9.43 12.62
N SER A 111 -13.42 8.37 12.12
CA SER A 111 -13.68 8.23 10.69
C SER A 111 -15.18 8.27 10.43
N GLU A 112 -15.57 8.60 9.19
CA GLU A 112 -16.98 8.67 8.85
C GLU A 112 -17.42 7.40 8.13
N ASN A 113 -16.51 6.79 7.37
CA ASN A 113 -16.83 5.57 6.63
C ASN A 113 -16.09 4.38 7.22
N CYS A 114 -15.44 4.60 8.37
CA CYS A 114 -14.70 3.53 9.02
C CYS A 114 -15.04 3.49 10.51
N PRO A 115 -14.93 2.34 11.13
CA PRO A 115 -15.24 2.16 12.58
C PRO A 115 -14.22 2.88 13.47
N LYS A 116 -14.52 2.93 14.76
CA LYS A 116 -13.63 3.59 15.72
C LYS A 116 -12.28 2.90 15.78
N VAL A 117 -11.25 3.66 16.15
CA VAL A 117 -9.90 3.12 16.24
C VAL A 117 -9.89 1.81 17.02
N ILE A 118 -8.96 0.93 16.67
CA ILE A 118 -8.83 -0.35 17.36
C ILE A 118 -7.87 -0.21 18.53
N SER A 119 -6.78 0.51 18.30
CA SER A 119 -5.79 0.73 19.34
C SER A 119 -5.09 2.07 19.12
N CYS A 120 -4.99 2.86 20.18
CA CYS A 120 -4.35 4.17 20.10
C CYS A 120 -3.34 4.34 21.23
N GLU A 121 -2.06 4.27 20.91
CA GLU A 121 -1.02 4.41 21.91
C GLU A 121 0.00 5.47 21.51
N PHE A 122 0.66 6.06 22.50
CA PHE A 122 1.66 7.09 22.24
C PHE A 122 3.00 6.46 21.88
N ALA A 123 3.48 6.73 20.67
CA ALA A 123 4.75 6.18 20.23
C ALA A 123 5.78 7.32 20.10
N HIS A 124 7.00 7.04 20.55
CA HIS A 124 8.07 8.04 20.50
C HIS A 124 8.01 8.85 19.21
N ASN A 125 8.75 9.96 19.20
CA ASN A 125 8.79 10.83 18.02
C ASN A 125 7.48 11.61 17.89
N SER A 126 6.92 12.01 19.03
CA SER A 126 5.67 12.76 19.03
C SER A 126 4.68 12.17 18.03
N ASN A 127 4.97 10.95 17.57
CA ASN A 127 4.09 10.29 16.62
C ASN A 127 3.24 9.24 17.31
N TRP A 128 1.93 9.37 17.14
CA TRP A 128 0.97 8.43 17.74
C TRP A 128 0.64 7.30 16.77
N TYR A 129 0.98 6.08 17.16
CA TYR A 129 0.73 4.91 16.32
C TYR A 129 -0.66 4.35 16.57
N ILE A 130 -1.64 4.83 15.82
CA ILE A 130 -3.00 4.33 15.96
C ILE A 130 -3.22 3.19 14.98
N THR A 131 -3.69 2.05 15.49
CA THR A 131 -3.91 0.89 14.63
C THR A 131 -5.38 0.71 14.30
N PHE A 132 -5.68 0.57 13.01
CA PHE A 132 -7.04 0.38 12.55
C PHE A 132 -7.32 -1.11 12.38
N GLN A 133 -8.55 -1.45 12.01
CA GLN A 133 -8.92 -2.85 11.84
C GLN A 133 -8.43 -3.40 10.51
N SER A 134 -8.65 -2.64 9.43
CA SER A 134 -8.20 -3.09 8.12
C SER A 134 -7.62 -1.93 7.32
N ASP A 135 -6.66 -2.24 6.45
CA ASP A 135 -6.02 -1.22 5.62
C ASP A 135 -7.05 -0.47 4.80
N THR A 136 -7.88 -1.22 4.08
CA THR A 136 -8.93 -0.61 3.25
C THR A 136 -9.66 0.48 4.04
N ASP A 137 -9.83 0.25 5.33
CA ASP A 137 -10.51 1.21 6.18
C ASP A 137 -9.53 2.27 6.66
N ALA A 138 -8.37 1.81 7.13
CA ALA A 138 -7.34 2.72 7.61
C ALA A 138 -6.96 3.72 6.52
N GLN A 139 -6.39 3.21 5.43
CA GLN A 139 -5.98 4.05 4.32
C GLN A 139 -7.11 4.99 3.93
N GLN A 140 -8.31 4.45 3.76
CA GLN A 140 -9.47 5.25 3.40
C GLN A 140 -9.75 6.26 4.50
N ALA A 141 -9.65 5.81 5.75
CA ALA A 141 -9.88 6.69 6.89
C ALA A 141 -8.91 7.86 6.84
N PHE A 142 -7.64 7.54 6.59
CA PHE A 142 -6.62 8.57 6.51
C PHE A 142 -7.05 9.67 5.55
N LYS A 143 -7.72 9.29 4.47
CA LYS A 143 -8.20 10.25 3.49
C LYS A 143 -9.14 11.24 4.15
N TYR A 144 -9.80 10.79 5.21
CA TYR A 144 -10.73 11.64 5.95
C TYR A 144 -9.98 12.51 6.96
N LEU A 145 -8.93 11.96 7.53
CA LEU A 145 -8.12 12.69 8.52
C LEU A 145 -7.52 13.95 7.90
N ARG A 146 -6.99 13.82 6.70
CA ARG A 146 -6.40 14.96 6.02
C ARG A 146 -7.30 16.18 6.13
N GLU A 147 -8.60 15.94 6.30
CA GLU A 147 -9.56 17.02 6.42
C GLU A 147 -9.79 17.39 7.89
N GLU A 148 -9.75 16.40 8.76
CA GLU A 148 -9.97 16.64 10.19
C GLU A 148 -8.66 17.03 10.88
N VAL A 149 -7.65 16.18 10.79
CA VAL A 149 -6.36 16.47 11.41
C VAL A 149 -5.80 17.79 10.89
N LYS A 150 -6.24 18.17 9.70
CA LYS A 150 -5.77 19.41 9.09
C LYS A 150 -5.70 20.50 10.15
N THR A 151 -6.54 20.38 11.17
CA THR A 151 -6.57 21.35 12.27
C THR A 151 -7.24 20.75 13.49
N PHE A 152 -6.82 21.20 14.66
CA PHE A 152 -7.38 20.73 15.91
C PHE A 152 -7.41 21.89 16.89
N GLN A 153 -8.60 22.44 17.10
CA GLN A 153 -8.73 23.58 17.98
C GLN A 153 -7.94 24.74 17.37
N GLY A 154 -7.72 24.63 16.07
CA GLY A 154 -6.98 25.65 15.33
C GLY A 154 -5.49 25.36 15.34
N LYS A 155 -5.13 24.11 15.62
CA LYS A 155 -3.73 23.72 15.65
C LYS A 155 -3.44 22.76 14.50
N PRO A 156 -2.92 23.26 13.39
CA PRO A 156 -2.61 22.42 12.21
C PRO A 156 -1.68 21.26 12.55
N ILE A 157 -2.11 20.04 12.23
CA ILE A 157 -1.31 18.86 12.51
C ILE A 157 -0.98 18.12 11.22
N MET A 158 0.14 17.39 11.24
CA MET A 158 0.56 16.63 10.09
C MET A 158 0.58 15.14 10.43
N ALA A 159 0.27 14.31 9.45
CA ALA A 159 0.25 12.86 9.68
C ALA A 159 0.62 12.09 8.42
N ARG A 160 1.06 10.85 8.61
CA ARG A 160 1.45 10.01 7.49
C ARG A 160 1.01 8.57 7.71
N ILE A 161 0.49 7.93 6.66
CA ILE A 161 0.06 6.54 6.77
C ILE A 161 1.27 5.63 6.97
N LYS A 162 1.23 4.80 8.01
CA LYS A 162 2.35 3.92 8.31
C LYS A 162 2.26 2.62 7.51
N ALA A 163 3.22 2.44 6.61
CA ALA A 163 3.27 1.24 5.78
C ALA A 163 4.17 0.19 6.44
N ILE A 164 3.78 -1.07 6.31
CA ILE A 164 4.56 -2.16 6.90
C ILE A 164 5.29 -2.95 5.80
N ASN A 165 6.55 -3.29 6.07
CA ASN A 165 7.34 -4.04 5.10
C ASN A 165 8.49 -4.77 5.81
N THR A 166 9.51 -5.11 5.03
CA THR A 166 10.67 -5.82 5.58
C THR A 166 11.48 -4.88 6.47
N PHE A 167 12.00 -5.43 7.57
CA PHE A 167 12.80 -4.64 8.51
C PHE A 167 14.28 -4.75 8.16
N PHE A 168 14.73 -5.97 7.91
CA PHE A 168 16.13 -6.19 7.58
C PHE A 168 16.40 -5.87 6.11
N ALA A 169 15.52 -5.08 5.52
CA ALA A 169 15.67 -4.70 4.12
C ALA A 169 16.83 -3.73 3.95
N LYS A 170 17.02 -3.25 2.72
CA LYS A 170 18.11 -2.32 2.44
C LYS A 170 17.71 -0.89 2.83
N ASN A 171 18.66 -0.14 3.37
CA ASN A 171 18.39 1.23 3.78
C ASN A 171 18.57 2.18 2.61
N GLY A 172 19.09 1.66 1.49
CA GLY A 172 19.31 2.48 0.31
C GLY A 172 18.07 3.31 -0.01
N TYR A 173 16.92 2.87 0.48
CA TYR A 173 15.67 3.58 0.24
C TYR A 173 15.82 5.05 0.60
N ARG A 174 15.68 5.92 -0.40
CA ARG A 174 15.80 7.36 -0.18
C ARG A 174 14.90 7.79 0.98
N LEU A 175 13.61 7.52 0.84
CA LEU A 175 12.65 7.89 1.89
C LEU A 175 13.03 7.26 3.22
N MET A 176 13.09 8.08 4.26
CA MET A 176 13.44 7.59 5.59
C MET A 176 12.22 7.58 6.50
N ASP A 177 11.73 6.39 6.82
CA ASP A 177 10.56 6.26 7.69
C ASP A 177 9.41 7.12 7.17
N ASN A 1 -13.22 -10.89 -34.73
CA ASN A 1 -12.98 -11.23 -36.17
C ASN A 1 -11.85 -12.25 -36.27
N SER A 2 -10.88 -12.15 -35.38
CA SER A 2 -9.75 -13.07 -35.38
C SER A 2 -10.04 -14.28 -34.49
N ALA A 3 -11.26 -14.35 -33.97
CA ALA A 3 -11.65 -15.46 -33.11
C ALA A 3 -10.74 -15.51 -31.88
N VAL A 4 -11.32 -15.33 -30.70
CA VAL A 4 -10.55 -15.37 -29.47
C VAL A 4 -9.32 -14.47 -29.57
N SER A 5 -9.48 -13.20 -29.20
CA SER A 5 -8.39 -12.25 -29.26
C SER A 5 -7.55 -12.33 -27.99
N THR A 6 -6.29 -11.91 -28.09
CA THR A 6 -5.39 -11.94 -26.94
C THR A 6 -5.75 -10.82 -25.96
N GLU A 7 -6.46 -9.81 -26.46
CA GLU A 7 -6.86 -8.69 -25.63
C GLU A 7 -7.65 -9.18 -24.42
N ASP A 8 -8.30 -10.32 -24.58
CA ASP A 8 -9.09 -10.89 -23.50
C ASP A 8 -8.17 -11.40 -22.38
N LEU A 9 -7.05 -12.02 -22.77
CA LEU A 9 -6.11 -12.54 -21.81
C LEU A 9 -5.50 -11.39 -21.00
N LYS A 10 -4.95 -10.40 -21.70
CA LYS A 10 -4.35 -9.27 -21.01
C LYS A 10 -5.29 -8.80 -19.91
N GLU A 11 -6.58 -8.93 -20.16
CA GLU A 11 -7.59 -8.54 -19.19
C GLU A 11 -7.65 -9.57 -18.06
N CYS A 12 -7.55 -10.84 -18.42
CA CYS A 12 -7.59 -11.90 -17.42
C CYS A 12 -6.50 -11.66 -16.38
N LEU A 13 -5.29 -11.36 -16.84
CA LEU A 13 -4.19 -11.10 -15.91
C LEU A 13 -4.60 -10.05 -14.88
N LYS A 14 -5.18 -8.94 -15.36
CA LYS A 14 -5.62 -7.89 -14.47
C LYS A 14 -6.42 -8.45 -13.30
N LYS A 15 -7.52 -9.10 -13.60
CA LYS A 15 -8.37 -9.66 -12.56
C LYS A 15 -7.53 -10.30 -11.47
N GLN A 16 -6.44 -10.95 -11.87
CA GLN A 16 -5.55 -11.62 -10.92
C GLN A 16 -4.76 -10.59 -10.10
N LEU A 17 -4.06 -9.72 -10.81
CA LEU A 17 -3.23 -8.71 -10.17
C LEU A 17 -4.00 -7.92 -9.10
N GLU A 18 -5.09 -7.28 -9.50
CA GLU A 18 -5.88 -6.48 -8.57
C GLU A 18 -6.27 -7.26 -7.31
N PHE A 19 -6.76 -8.48 -7.49
CA PHE A 19 -7.18 -9.29 -6.35
C PHE A 19 -5.99 -9.93 -5.65
N CYS A 20 -4.94 -10.24 -6.39
CA CYS A 20 -3.76 -10.87 -5.79
C CYS A 20 -3.24 -10.07 -4.61
N PHE A 21 -3.06 -8.76 -4.81
CA PHE A 21 -2.55 -7.89 -3.75
C PHE A 21 -3.65 -7.23 -2.95
N SER A 22 -4.82 -7.86 -2.91
CA SER A 22 -5.91 -7.32 -2.12
C SER A 22 -5.57 -7.48 -0.65
N ARG A 23 -5.93 -6.50 0.17
CA ARG A 23 -5.62 -6.57 1.59
C ARG A 23 -5.89 -7.97 2.13
N GLU A 24 -7.03 -8.53 1.76
CA GLU A 24 -7.41 -9.87 2.21
C GLU A 24 -6.69 -10.97 1.42
N ASN A 25 -6.21 -10.65 0.22
CA ASN A 25 -5.56 -11.64 -0.61
C ASN A 25 -4.09 -11.85 -0.22
N LEU A 26 -3.31 -10.77 -0.22
CA LEU A 26 -1.89 -10.88 0.14
C LEU A 26 -1.76 -11.29 1.60
N SER A 27 -2.35 -10.52 2.50
CA SER A 27 -2.28 -10.86 3.92
C SER A 27 -2.56 -12.35 4.12
N LYS A 28 -3.33 -12.92 3.19
CA LYS A 28 -3.67 -14.34 3.26
C LYS A 28 -3.00 -15.13 2.16
N ASP A 29 -1.86 -14.64 1.66
CA ASP A 29 -1.14 -15.33 0.60
C ASP A 29 0.15 -15.93 1.13
N LEU A 30 0.03 -17.02 1.87
CA LEU A 30 1.19 -17.69 2.45
C LEU A 30 2.21 -18.04 1.36
N TYR A 31 1.76 -18.04 0.10
CA TYR A 31 2.64 -18.39 -1.00
C TYR A 31 3.55 -17.21 -1.38
N LEU A 32 2.96 -16.04 -1.57
CA LEU A 32 3.73 -14.86 -1.94
C LEU A 32 4.40 -14.21 -0.75
N ILE A 33 3.58 -13.74 0.20
CA ILE A 33 4.09 -13.07 1.39
C ILE A 33 5.24 -13.85 2.02
N SER A 34 5.20 -15.19 1.93
CA SER A 34 6.25 -16.02 2.53
C SER A 34 7.50 -16.11 1.65
N GLN A 35 7.34 -15.97 0.34
CA GLN A 35 8.49 -16.06 -0.55
C GLN A 35 9.23 -14.72 -0.59
N MET A 36 8.52 -13.68 -0.20
CA MET A 36 9.06 -12.35 -0.16
C MET A 36 10.56 -12.31 0.16
N ASP A 37 11.35 -11.80 -0.78
CA ASP A 37 12.79 -11.67 -0.53
C ASP A 37 13.03 -10.65 0.60
N SER A 38 14.11 -9.88 0.51
CA SER A 38 14.48 -8.94 1.58
C SER A 38 13.55 -7.70 1.72
N ASP A 39 13.15 -7.09 0.61
CA ASP A 39 12.30 -5.88 0.69
C ASP A 39 10.85 -6.19 0.37
N GLN A 40 10.40 -7.35 0.79
CA GLN A 40 9.03 -7.78 0.50
C GLN A 40 8.95 -8.09 -0.97
N PHE A 41 10.12 -8.13 -1.60
CA PHE A 41 10.19 -8.47 -3.01
C PHE A 41 9.91 -9.95 -3.13
N ILE A 42 9.12 -10.35 -4.09
CA ILE A 42 8.85 -11.76 -4.25
C ILE A 42 9.73 -12.26 -5.38
N PRO A 43 10.37 -13.41 -5.25
CA PRO A 43 11.23 -13.90 -6.33
C PRO A 43 10.44 -13.81 -7.61
N ILE A 44 10.97 -13.11 -8.59
CA ILE A 44 10.24 -12.94 -9.79
C ILE A 44 9.79 -14.28 -10.38
N TRP A 45 10.55 -15.33 -10.11
CA TRP A 45 10.26 -16.66 -10.66
C TRP A 45 9.13 -17.37 -9.90
N THR A 46 9.17 -17.31 -8.57
CA THR A 46 8.17 -17.99 -7.76
C THR A 46 6.75 -17.66 -8.23
N VAL A 47 6.52 -16.41 -8.64
CA VAL A 47 5.19 -16.00 -9.10
C VAL A 47 4.96 -16.45 -10.53
N ALA A 48 5.93 -16.20 -11.39
CA ALA A 48 5.81 -16.58 -12.79
C ALA A 48 5.28 -18.01 -12.91
N ASN A 49 5.34 -18.74 -11.81
CA ASN A 49 4.87 -20.12 -11.78
C ASN A 49 3.52 -20.23 -11.07
N MET A 50 2.81 -19.11 -10.99
CA MET A 50 1.50 -19.10 -10.33
C MET A 50 0.45 -19.79 -11.17
N GLU A 51 -0.20 -20.80 -10.60
CA GLU A 51 -1.23 -21.56 -11.30
C GLU A 51 -2.14 -20.66 -12.12
N GLU A 52 -2.69 -19.62 -11.50
CA GLU A 52 -3.58 -18.72 -12.22
C GLU A 52 -2.98 -18.36 -13.57
N ILE A 53 -1.71 -17.96 -13.57
CA ILE A 53 -1.03 -17.60 -14.79
C ILE A 53 -0.47 -18.83 -15.49
N LYS A 54 -0.13 -19.85 -14.73
CA LYS A 54 0.41 -21.06 -15.32
C LYS A 54 -0.48 -21.48 -16.46
N LYS A 55 -1.75 -21.11 -16.37
CA LYS A 55 -2.72 -21.41 -17.41
C LYS A 55 -2.50 -20.46 -18.60
N LEU A 56 -2.02 -19.25 -18.30
CA LEU A 56 -1.75 -18.27 -19.34
C LEU A 56 -0.64 -18.75 -20.24
N THR A 57 0.51 -19.08 -19.63
CA THR A 57 1.68 -19.56 -20.37
C THR A 57 2.91 -19.51 -19.47
N THR A 58 4.09 -19.67 -20.08
CA THR A 58 5.33 -19.64 -19.32
C THR A 58 6.28 -18.59 -19.89
N ASP A 59 5.83 -17.33 -19.88
CA ASP A 59 6.65 -16.24 -20.39
C ASP A 59 7.44 -15.59 -19.25
N PRO A 60 8.75 -15.76 -19.20
CA PRO A 60 9.59 -15.17 -18.10
C PRO A 60 9.81 -13.68 -18.20
N ASP A 61 10.18 -13.23 -19.39
CA ASP A 61 10.46 -11.81 -19.62
C ASP A 61 9.18 -10.99 -19.81
N LEU A 62 8.11 -11.65 -20.24
CA LEU A 62 6.84 -10.96 -20.51
C LEU A 62 6.00 -10.72 -19.26
N ILE A 63 5.64 -11.79 -18.60
CA ILE A 63 4.75 -11.69 -17.46
C ILE A 63 5.05 -10.51 -16.54
N LEU A 64 6.29 -10.37 -16.11
CA LEU A 64 6.64 -9.26 -15.22
C LEU A 64 6.35 -7.91 -15.85
N GLU A 65 6.47 -7.83 -17.17
CA GLU A 65 6.22 -6.58 -17.87
C GLU A 65 4.74 -6.21 -17.79
N VAL A 66 3.91 -7.21 -17.61
CA VAL A 66 2.47 -6.98 -17.49
C VAL A 66 2.10 -6.65 -16.06
N LEU A 67 2.83 -7.25 -15.13
CA LEU A 67 2.60 -7.02 -13.70
C LEU A 67 2.52 -5.53 -13.42
N ARG A 68 3.21 -4.73 -14.23
CA ARG A 68 3.23 -3.28 -14.05
C ARG A 68 1.85 -2.69 -14.34
N SER A 69 0.96 -3.50 -14.88
CA SER A 69 -0.40 -3.04 -15.21
C SER A 69 -1.19 -2.76 -13.93
N SER A 70 -0.48 -2.65 -12.81
CA SER A 70 -1.13 -2.37 -11.54
C SER A 70 -0.44 -1.22 -10.81
N PRO A 71 -0.91 -0.01 -10.98
CA PRO A 71 -0.31 1.20 -10.34
C PRO A 71 0.00 0.97 -8.86
N MET A 72 -0.84 0.17 -8.20
CA MET A 72 -0.64 -0.11 -6.78
C MET A 72 0.40 -1.20 -6.60
N VAL A 73 1.08 -1.55 -7.67
CA VAL A 73 2.10 -2.59 -7.62
C VAL A 73 3.41 -2.08 -8.22
N GLN A 74 4.53 -2.63 -7.76
CA GLN A 74 5.85 -2.23 -8.24
C GLN A 74 6.75 -3.43 -8.44
N VAL A 75 7.15 -3.67 -9.69
CA VAL A 75 8.01 -4.80 -10.01
C VAL A 75 9.44 -4.34 -10.27
N ASP A 76 10.40 -5.19 -9.90
CA ASP A 76 11.81 -4.85 -10.10
C ASP A 76 12.03 -4.36 -11.53
N GLU A 77 12.85 -3.33 -11.68
CA GLU A 77 13.14 -2.77 -12.99
C GLU A 77 14.00 -3.72 -13.81
N LYS A 78 14.78 -4.55 -13.12
CA LYS A 78 15.64 -5.50 -13.81
C LYS A 78 14.88 -6.77 -14.17
N GLY A 79 13.76 -7.01 -13.50
CA GLY A 79 12.95 -8.18 -13.79
C GLY A 79 13.43 -9.41 -13.01
N GLU A 80 13.72 -9.22 -11.73
CA GLU A 80 14.19 -10.35 -10.91
C GLU A 80 13.53 -10.33 -9.53
N LYS A 81 12.88 -9.22 -9.19
CA LYS A 81 12.20 -9.12 -7.90
C LYS A 81 10.97 -8.24 -8.03
N VAL A 82 10.13 -8.22 -7.01
CA VAL A 82 8.91 -7.40 -7.06
C VAL A 82 8.14 -7.43 -5.74
N ARG A 83 7.61 -6.28 -5.34
CA ARG A 83 6.81 -6.21 -4.12
C ARG A 83 5.50 -5.48 -4.39
N PRO A 84 4.38 -5.95 -3.88
CA PRO A 84 3.08 -5.27 -4.10
C PRO A 84 2.94 -4.02 -3.25
N SER A 85 2.26 -3.01 -3.80
CA SER A 85 2.07 -1.77 -3.08
C SER A 85 0.64 -1.66 -2.57
N HIS A 86 0.49 -1.70 -1.26
CA HIS A 86 -0.83 -1.62 -0.65
C HIS A 86 -0.76 -0.80 0.65
N LYS A 87 0.45 -0.52 1.10
CA LYS A 87 0.63 0.25 2.33
C LYS A 87 1.27 1.61 2.02
N ARG A 88 0.52 2.47 1.34
CA ARG A 88 1.02 3.79 1.00
C ARG A 88 0.03 4.87 1.42
N CYS A 89 -1.10 4.44 1.99
CA CYS A 89 -2.12 5.38 2.43
C CYS A 89 -2.34 5.23 3.94
N ILE A 90 -1.31 4.78 4.64
CA ILE A 90 -1.41 4.61 6.09
C ILE A 90 -0.91 5.85 6.82
N VAL A 91 -1.67 6.28 7.83
CA VAL A 91 -1.29 7.43 8.62
C VAL A 91 -0.52 6.95 9.85
N ILE A 92 0.45 7.73 10.31
CA ILE A 92 1.25 7.33 11.46
C ILE A 92 1.19 8.36 12.59
N LEU A 93 0.60 7.95 13.71
CA LEU A 93 0.53 8.82 14.88
C LEU A 93 1.62 8.39 15.85
N ARG A 94 2.61 9.23 16.06
CA ARG A 94 3.72 8.88 16.95
C ARG A 94 3.64 9.55 18.30
N GLU A 95 4.59 9.20 19.16
CA GLU A 95 4.67 9.74 20.50
C GLU A 95 3.34 9.60 21.24
N ILE A 96 2.54 8.62 20.84
CA ILE A 96 1.27 8.39 21.50
C ILE A 96 1.50 7.58 22.78
N PRO A 97 1.27 8.14 23.94
CA PRO A 97 1.50 7.42 25.23
C PRO A 97 0.95 6.00 25.20
N GLU A 98 1.79 5.05 25.61
CA GLU A 98 1.38 3.64 25.63
C GLU A 98 0.12 3.47 26.45
N THR A 99 -0.23 4.51 27.23
CA THR A 99 -1.42 4.47 28.06
C THR A 99 -2.58 5.19 27.38
N THR A 100 -2.38 5.57 26.13
CA THR A 100 -3.42 6.27 25.38
C THR A 100 -4.45 5.26 24.86
N PRO A 101 -5.72 5.44 25.17
CA PRO A 101 -6.80 4.51 24.72
C PRO A 101 -7.11 4.65 23.24
N ILE A 102 -7.37 3.52 22.59
CA ILE A 102 -7.70 3.54 21.17
C ILE A 102 -8.80 4.56 20.89
N GLU A 103 -9.58 4.86 21.91
CA GLU A 103 -10.66 5.83 21.77
C GLU A 103 -10.11 7.22 21.54
N GLU A 104 -9.02 7.54 22.23
CA GLU A 104 -8.38 8.84 22.10
C GLU A 104 -7.83 9.03 20.69
N VAL A 105 -6.96 8.12 20.27
CA VAL A 105 -6.35 8.20 18.94
C VAL A 105 -7.39 8.00 17.84
N LYS A 106 -8.48 7.31 18.17
CA LYS A 106 -9.52 7.04 17.18
C LYS A 106 -10.09 8.33 16.59
N GLY A 107 -10.43 9.28 17.46
CA GLY A 107 -10.99 10.55 17.00
C GLY A 107 -9.93 11.45 16.40
N LEU A 108 -8.67 11.23 16.75
CA LEU A 108 -7.60 12.06 16.22
C LEU A 108 -7.45 11.82 14.72
N PHE A 109 -8.03 10.72 14.24
CA PHE A 109 -7.99 10.41 12.83
C PHE A 109 -9.21 11.02 12.15
N LYS A 110 -10.28 11.16 12.94
CA LYS A 110 -11.53 11.73 12.45
C LYS A 110 -11.28 12.79 11.38
N SER A 111 -11.82 12.54 10.19
CA SER A 111 -11.65 13.49 9.09
C SER A 111 -13.01 14.08 8.71
N GLU A 112 -12.99 15.33 8.24
CA GLU A 112 -14.24 16.00 7.86
C GLU A 112 -14.50 15.83 6.36
N ASN A 113 -13.47 15.46 5.61
CA ASN A 113 -13.60 15.27 4.18
C ASN A 113 -13.34 13.81 3.79
N CYS A 114 -13.38 12.93 4.78
CA CYS A 114 -13.15 11.51 4.53
C CYS A 114 -13.89 10.66 5.55
N PRO A 115 -14.26 9.45 5.19
CA PRO A 115 -15.00 8.53 6.11
C PRO A 115 -14.14 8.07 7.29
N LYS A 116 -14.76 7.38 8.24
CA LYS A 116 -14.04 6.89 9.42
C LYS A 116 -12.86 6.03 9.01
N VAL A 117 -11.84 5.99 9.86
CA VAL A 117 -10.64 5.20 9.59
C VAL A 117 -11.01 3.79 9.16
N ILE A 118 -10.24 3.25 8.22
CA ILE A 118 -10.48 1.90 7.72
C ILE A 118 -9.89 0.88 8.69
N SER A 119 -8.70 1.19 9.21
CA SER A 119 -8.03 0.30 10.14
C SER A 119 -7.11 1.09 11.07
N CYS A 120 -7.14 0.75 12.35
CA CYS A 120 -6.30 1.44 13.33
C CYS A 120 -5.66 0.42 14.27
N GLU A 121 -4.33 0.27 14.18
CA GLU A 121 -3.62 -0.69 15.02
C GLU A 121 -2.34 -0.07 15.59
N PHE A 122 -1.89 -0.62 16.71
CA PHE A 122 -0.67 -0.13 17.36
C PHE A 122 0.57 -0.71 16.68
N ALA A 123 1.60 0.12 16.55
CA ALA A 123 2.85 -0.31 15.92
C ALA A 123 4.03 0.51 16.44
N HIS A 124 5.23 -0.04 16.30
CA HIS A 124 6.44 0.64 16.75
C HIS A 124 6.34 1.06 18.21
N ASN A 125 5.48 0.37 18.96
CA ASN A 125 5.30 0.68 20.38
C ASN A 125 5.04 2.17 20.60
N SER A 126 4.63 2.87 19.55
CA SER A 126 4.34 4.29 19.65
C SER A 126 3.68 4.81 18.39
N ASN A 127 4.15 4.35 17.23
CA ASN A 127 3.56 4.81 15.99
C ASN A 127 2.33 3.97 15.67
N TRP A 128 1.20 4.65 15.55
CA TRP A 128 -0.06 4.00 15.25
C TRP A 128 -0.29 3.97 13.75
N TYR A 129 -0.25 2.77 13.18
CA TYR A 129 -0.44 2.61 11.74
C TYR A 129 -1.91 2.57 11.37
N ILE A 130 -2.47 3.73 11.09
CA ILE A 130 -3.88 3.82 10.71
C ILE A 130 -4.01 3.75 9.19
N THR A 131 -4.88 2.87 8.72
CA THR A 131 -5.08 2.70 7.28
C THR A 131 -6.30 3.46 6.80
N PHE A 132 -6.23 3.94 5.55
CA PHE A 132 -7.34 4.68 4.96
C PHE A 132 -7.90 3.92 3.76
N GLN A 133 -8.92 4.48 3.12
CA GLN A 133 -9.52 3.83 1.96
C GLN A 133 -8.80 4.22 0.67
N SER A 134 -8.12 5.37 0.70
CA SER A 134 -7.40 5.84 -0.47
C SER A 134 -6.38 6.91 -0.08
N ASP A 135 -5.36 7.07 -0.91
CA ASP A 135 -4.32 8.07 -0.64
C ASP A 135 -4.91 9.48 -0.72
N THR A 136 -5.54 9.79 -1.85
CA THR A 136 -6.13 11.10 -2.03
C THR A 136 -6.94 11.49 -0.80
N ASP A 137 -7.54 10.50 -0.15
CA ASP A 137 -8.34 10.75 1.04
C ASP A 137 -7.44 10.81 2.27
N ALA A 138 -6.57 9.81 2.42
CA ALA A 138 -5.66 9.78 3.56
C ALA A 138 -4.82 11.05 3.60
N GLN A 139 -4.14 11.33 2.50
CA GLN A 139 -3.30 12.52 2.42
C GLN A 139 -4.11 13.77 2.74
N GLN A 140 -5.26 13.92 2.07
CA GLN A 140 -6.13 15.06 2.32
C GLN A 140 -6.51 15.09 3.79
N ALA A 141 -6.82 13.91 4.33
CA ALA A 141 -7.19 13.80 5.73
C ALA A 141 -6.03 14.28 6.60
N PHE A 142 -4.83 13.81 6.27
CA PHE A 142 -3.65 14.20 7.01
C PHE A 142 -3.58 15.71 7.13
N LYS A 143 -3.93 16.40 6.04
CA LYS A 143 -3.92 17.85 6.03
C LYS A 143 -4.79 18.38 7.17
N TYR A 144 -5.76 17.56 7.57
CA TYR A 144 -6.66 17.92 8.64
C TYR A 144 -6.04 17.60 10.00
N LEU A 145 -5.32 16.48 10.05
CA LEU A 145 -4.68 16.06 11.30
C LEU A 145 -3.71 17.12 11.79
N ARG A 146 -2.88 17.64 10.89
CA ARG A 146 -1.91 18.66 11.25
C ARG A 146 -2.56 19.70 12.15
N GLU A 147 -3.87 19.90 11.98
CA GLU A 147 -4.60 20.87 12.77
C GLU A 147 -5.19 20.21 14.02
N GLU A 148 -5.49 18.92 13.93
CA GLU A 148 -6.07 18.20 15.06
C GLU A 148 -4.98 17.58 15.92
N VAL A 149 -4.15 16.74 15.32
CA VAL A 149 -3.07 16.10 16.06
C VAL A 149 -2.12 17.13 16.65
N LYS A 150 -2.09 18.31 16.04
CA LYS A 150 -1.23 19.38 16.54
C LYS A 150 -1.30 19.42 18.06
N THR A 151 -2.41 18.92 18.58
CA THR A 151 -2.64 18.87 20.03
C THR A 151 -3.92 18.12 20.34
N PHE A 152 -3.96 17.54 21.53
CA PHE A 152 -5.11 16.79 21.98
C PHE A 152 -5.24 16.98 23.48
N GLN A 153 -6.26 17.73 23.89
CA GLN A 153 -6.44 18.01 25.31
C GLN A 153 -5.20 18.77 25.81
N GLY A 154 -4.50 19.38 24.86
CA GLY A 154 -3.30 20.14 25.17
C GLY A 154 -2.04 19.27 25.14
N LYS A 155 -2.11 18.19 24.37
CA LYS A 155 -0.97 17.30 24.25
C LYS A 155 -0.44 17.30 22.82
N PRO A 156 0.54 18.11 22.54
CA PRO A 156 1.11 18.21 21.16
C PRO A 156 1.58 16.85 20.65
N ILE A 157 1.05 16.45 19.50
CA ILE A 157 1.42 15.17 18.91
C ILE A 157 2.06 15.35 17.54
N MET A 158 2.93 14.43 17.17
CA MET A 158 3.60 14.49 15.87
C MET A 158 3.22 13.27 15.05
N ALA A 159 2.95 13.49 13.76
CA ALA A 159 2.55 12.38 12.90
C ALA A 159 3.26 12.46 11.54
N ARG A 160 3.19 11.37 10.80
CA ARG A 160 3.81 11.29 9.49
C ARG A 160 2.92 10.50 8.53
N ILE A 161 2.99 10.84 7.25
CA ILE A 161 2.19 10.14 6.24
C ILE A 161 3.03 9.09 5.53
N LYS A 162 2.58 7.85 5.58
CA LYS A 162 3.31 6.76 4.93
C LYS A 162 2.89 6.64 3.46
N ALA A 163 3.86 6.90 2.58
CA ALA A 163 3.61 6.82 1.15
C ALA A 163 4.75 6.07 0.45
N ILE A 164 4.45 5.44 -0.68
CA ILE A 164 5.47 4.69 -1.40
C ILE A 164 5.51 5.11 -2.88
N ASN A 165 6.70 5.40 -3.38
CA ASN A 165 6.86 5.81 -4.76
C ASN A 165 6.31 7.21 -4.99
N THR A 166 7.20 8.20 -4.96
CA THR A 166 6.79 9.59 -5.18
C THR A 166 7.55 10.19 -6.36
N PHE A 167 7.91 9.34 -7.31
CA PHE A 167 8.64 9.79 -8.49
C PHE A 167 7.76 10.69 -9.36
N PHE A 168 6.47 10.75 -9.02
CA PHE A 168 5.53 11.58 -9.77
C PHE A 168 5.72 13.05 -9.42
N ALA A 169 6.54 13.32 -8.41
CA ALA A 169 6.79 14.69 -7.98
C ALA A 169 8.25 14.87 -7.57
N LYS A 170 8.75 16.08 -7.73
CA LYS A 170 10.13 16.38 -7.37
C LYS A 170 10.32 16.30 -5.85
N ASN A 171 10.76 15.13 -5.39
CA ASN A 171 10.98 14.93 -3.96
C ASN A 171 12.29 15.58 -3.52
N GLY A 172 13.07 16.04 -4.49
CA GLY A 172 14.34 16.69 -4.18
C GLY A 172 14.12 17.93 -3.31
N TYR A 173 12.88 18.41 -3.27
CA TYR A 173 12.55 19.58 -2.49
C TYR A 173 11.60 19.22 -1.35
N ARG A 174 12.11 19.24 -0.12
CA ARG A 174 11.30 18.90 1.04
C ARG A 174 10.47 20.10 1.48
N LEU A 175 10.83 20.69 2.62
CA LEU A 175 10.11 21.84 3.15
C LEU A 175 10.36 23.07 2.27
N MET A 176 9.63 24.14 2.56
CA MET A 176 9.78 25.37 1.78
C MET A 176 9.90 26.57 2.72
N ASP A 177 10.86 27.45 2.44
CA ASP A 177 11.07 28.64 3.25
C ASP A 177 10.61 29.89 2.51
N ASN A 1 -33.73 -11.14 -4.33
CA ASN A 1 -32.38 -11.74 -4.57
C ASN A 1 -31.80 -12.23 -3.25
N SER A 2 -32.68 -12.58 -2.32
CA SER A 2 -32.25 -13.07 -1.01
C SER A 2 -31.74 -14.50 -1.12
N ALA A 3 -30.90 -14.76 -2.12
CA ALA A 3 -30.35 -16.09 -2.32
C ALA A 3 -29.04 -16.03 -3.12
N VAL A 4 -28.03 -16.73 -2.64
CA VAL A 4 -26.74 -16.75 -3.31
C VAL A 4 -26.35 -15.35 -3.77
N SER A 5 -26.41 -14.40 -2.84
CA SER A 5 -26.06 -13.02 -3.16
C SER A 5 -24.59 -12.92 -3.56
N THR A 6 -24.35 -12.50 -4.80
CA THR A 6 -22.98 -12.37 -5.29
C THR A 6 -22.30 -11.14 -4.68
N GLU A 7 -23.12 -10.23 -4.17
CA GLU A 7 -22.59 -9.02 -3.56
C GLU A 7 -21.55 -9.35 -2.51
N ASP A 8 -21.64 -10.56 -1.96
CA ASP A 8 -20.69 -10.99 -0.93
C ASP A 8 -19.42 -11.53 -1.57
N LEU A 9 -19.58 -12.38 -2.58
CA LEU A 9 -18.44 -12.97 -3.26
C LEU A 9 -17.43 -11.90 -3.65
N LYS A 10 -17.87 -10.93 -4.44
CA LYS A 10 -16.98 -9.85 -4.86
C LYS A 10 -16.19 -9.34 -3.67
N GLU A 11 -16.83 -9.38 -2.50
CA GLU A 11 -16.19 -8.92 -1.27
C GLU A 11 -15.28 -10.01 -0.72
N CYS A 12 -15.60 -11.28 -0.99
CA CYS A 12 -14.80 -12.37 -0.49
C CYS A 12 -13.43 -12.41 -1.19
N LEU A 13 -13.41 -12.32 -2.51
CA LEU A 13 -12.14 -12.33 -3.22
C LEU A 13 -11.29 -11.16 -2.72
N LYS A 14 -11.92 -10.01 -2.57
CA LYS A 14 -11.23 -8.82 -2.09
C LYS A 14 -10.36 -9.15 -0.88
N LYS A 15 -10.91 -9.88 0.07
CA LYS A 15 -10.17 -10.21 1.28
C LYS A 15 -8.74 -10.63 0.91
N GLN A 16 -8.58 -11.26 -0.25
CA GLN A 16 -7.27 -11.71 -0.68
C GLN A 16 -6.43 -10.54 -1.19
N LEU A 17 -7.02 -9.70 -2.03
CA LEU A 17 -6.31 -8.56 -2.58
C LEU A 17 -5.62 -7.74 -1.49
N GLU A 18 -6.41 -7.23 -0.55
CA GLU A 18 -5.87 -6.40 0.52
C GLU A 18 -4.73 -7.10 1.27
N PHE A 19 -4.96 -8.34 1.69
CA PHE A 19 -3.94 -9.08 2.43
C PHE A 19 -2.79 -9.53 1.53
N CYS A 20 -3.11 -9.93 0.32
CA CYS A 20 -2.10 -10.40 -0.62
C CYS A 20 -0.89 -9.46 -0.69
N PHE A 21 -1.16 -8.17 -0.85
CA PHE A 21 -0.09 -7.19 -0.96
C PHE A 21 0.30 -6.58 0.38
N SER A 22 0.07 -7.31 1.46
CA SER A 22 0.46 -6.82 2.78
C SER A 22 1.98 -6.95 2.92
N ARG A 23 2.58 -6.13 3.76
CA ARG A 23 4.03 -6.16 3.95
C ARG A 23 4.54 -7.60 4.04
N GLU A 24 3.97 -8.38 4.95
CA GLU A 24 4.41 -9.76 5.15
C GLU A 24 3.81 -10.71 4.11
N ASN A 25 2.57 -10.47 3.72
CA ASN A 25 1.89 -11.35 2.76
C ASN A 25 2.67 -11.49 1.46
N LEU A 26 2.96 -10.37 0.80
CA LEU A 26 3.68 -10.40 -0.46
C LEU A 26 5.12 -10.87 -0.23
N SER A 27 5.83 -10.18 0.65
CA SER A 27 7.21 -10.56 0.94
C SER A 27 7.33 -12.06 1.15
N LYS A 28 6.25 -12.68 1.61
CA LYS A 28 6.25 -14.12 1.85
C LYS A 28 5.34 -14.85 0.86
N ASP A 29 5.15 -14.27 -0.31
CA ASP A 29 4.29 -14.89 -1.32
C ASP A 29 5.14 -15.50 -2.43
N LEU A 30 5.87 -16.55 -2.09
CA LEU A 30 6.71 -17.24 -3.06
C LEU A 30 5.92 -17.61 -4.31
N TYR A 31 4.60 -17.58 -4.21
CA TYR A 31 3.76 -17.93 -5.35
C TYR A 31 3.67 -16.77 -6.35
N LEU A 32 3.32 -15.58 -5.87
CA LEU A 32 3.20 -14.42 -6.73
C LEU A 32 4.56 -13.76 -7.00
N ILE A 33 5.19 -13.27 -5.93
CA ILE A 33 6.48 -12.62 -6.04
C ILE A 33 7.44 -13.38 -6.94
N SER A 34 7.35 -14.71 -6.92
CA SER A 34 8.23 -15.53 -7.74
C SER A 34 7.77 -15.64 -9.19
N GLN A 35 6.47 -15.44 -9.42
CA GLN A 35 5.94 -15.53 -10.78
C GLN A 35 6.09 -14.20 -11.48
N MET A 36 6.25 -13.15 -10.69
CA MET A 36 6.41 -11.81 -11.19
C MET A 36 7.11 -11.76 -12.55
N ASP A 37 6.47 -11.16 -13.55
CA ASP A 37 7.11 -11.03 -14.85
C ASP A 37 8.34 -10.10 -14.72
N SER A 38 8.61 -9.28 -15.74
CA SER A 38 9.81 -8.43 -15.74
C SER A 38 9.78 -7.22 -14.78
N ASP A 39 8.67 -6.49 -14.67
CA ASP A 39 8.62 -5.30 -13.79
C ASP A 39 7.89 -5.58 -12.49
N GLN A 40 8.04 -6.79 -11.98
CA GLN A 40 7.35 -7.17 -10.76
C GLN A 40 5.89 -7.37 -11.11
N PHE A 41 5.63 -7.39 -12.42
CA PHE A 41 4.30 -7.62 -12.89
C PHE A 41 4.01 -9.09 -12.71
N ILE A 42 2.78 -9.46 -12.45
CA ILE A 42 2.47 -10.86 -12.29
C ILE A 42 1.77 -11.34 -13.56
N PRO A 43 2.14 -12.47 -14.13
CA PRO A 43 1.46 -12.91 -15.36
C PRO A 43 -0.01 -12.98 -15.03
N ILE A 44 -0.82 -12.23 -15.72
CA ILE A 44 -2.20 -12.22 -15.39
C ILE A 44 -2.77 -13.63 -15.29
N TRP A 45 -2.19 -14.56 -16.04
CA TRP A 45 -2.66 -15.94 -16.04
C TRP A 45 -2.35 -16.63 -14.72
N THR A 46 -1.11 -16.53 -14.28
CA THR A 46 -0.70 -17.16 -13.03
C THR A 46 -1.65 -16.79 -11.90
N VAL A 47 -2.03 -15.53 -11.84
CA VAL A 47 -2.93 -15.04 -10.80
C VAL A 47 -4.38 -15.33 -11.15
N ALA A 48 -4.77 -14.93 -12.36
CA ALA A 48 -6.14 -15.14 -12.82
C ALA A 48 -6.56 -16.60 -12.62
N ASN A 49 -5.58 -17.46 -12.32
CA ASN A 49 -5.86 -18.87 -12.10
C ASN A 49 -5.44 -19.30 -10.70
N MET A 50 -5.32 -18.34 -9.79
CA MET A 50 -4.93 -18.63 -8.43
C MET A 50 -5.95 -19.53 -7.73
N GLU A 51 -5.52 -20.75 -7.39
CA GLU A 51 -6.41 -21.71 -6.72
C GLU A 51 -7.23 -21.02 -5.65
N GLU A 52 -6.61 -20.10 -4.92
CA GLU A 52 -7.34 -19.39 -3.86
C GLU A 52 -8.57 -18.71 -4.44
N ILE A 53 -8.41 -18.03 -5.58
CA ILE A 53 -9.51 -17.35 -6.21
C ILE A 53 -10.29 -18.32 -7.09
N LYS A 54 -9.61 -19.33 -7.59
CA LYS A 54 -10.25 -20.32 -8.45
C LYS A 54 -11.55 -20.78 -7.80
N LYS A 55 -11.54 -20.85 -6.47
CA LYS A 55 -12.73 -21.24 -5.74
C LYS A 55 -13.73 -20.09 -5.74
N LEU A 56 -13.21 -18.86 -5.67
CA LEU A 56 -14.07 -17.69 -5.66
C LEU A 56 -14.90 -17.62 -6.94
N THR A 57 -14.27 -17.93 -8.07
CA THR A 57 -14.96 -17.89 -9.35
C THR A 57 -14.01 -18.18 -10.50
N THR A 58 -14.55 -18.19 -11.72
CA THR A 58 -13.72 -18.45 -12.88
C THR A 58 -13.85 -17.31 -13.90
N ASP A 59 -13.59 -16.09 -13.44
CA ASP A 59 -13.67 -14.91 -14.31
C ASP A 59 -12.26 -14.51 -14.78
N PRO A 60 -11.83 -14.93 -15.95
CA PRO A 60 -10.46 -14.58 -16.44
C PRO A 60 -10.33 -13.13 -16.86
N ASP A 61 -11.27 -12.71 -17.70
CA ASP A 61 -11.28 -11.33 -18.20
C ASP A 61 -11.93 -10.37 -17.20
N LEU A 62 -12.78 -10.90 -16.35
CA LEU A 62 -13.49 -10.09 -15.37
C LEU A 62 -12.66 -9.80 -14.10
N ILE A 63 -12.01 -10.81 -13.55
CA ILE A 63 -11.22 -10.62 -12.34
C ILE A 63 -10.34 -9.37 -12.38
N LEU A 64 -9.49 -9.23 -13.40
CA LEU A 64 -8.62 -8.06 -13.46
C LEU A 64 -9.43 -6.76 -13.35
N GLU A 65 -10.54 -6.69 -14.07
CA GLU A 65 -11.37 -5.50 -14.02
C GLU A 65 -11.73 -5.17 -12.57
N VAL A 66 -11.77 -6.18 -11.73
CA VAL A 66 -12.09 -5.99 -10.31
C VAL A 66 -10.86 -5.61 -9.51
N LEU A 67 -9.72 -6.17 -9.91
CA LEU A 67 -8.45 -5.89 -9.21
C LEU A 67 -8.29 -4.39 -8.97
N ARG A 68 -8.86 -3.58 -9.85
CA ARG A 68 -8.76 -2.13 -9.72
C ARG A 68 -9.38 -1.66 -8.41
N SER A 69 -10.08 -2.56 -7.73
CA SER A 69 -10.73 -2.22 -6.47
C SER A 69 -9.71 -2.08 -5.35
N SER A 70 -8.43 -2.00 -5.70
CA SER A 70 -7.37 -1.85 -4.71
C SER A 70 -6.48 -0.66 -5.05
N PRO A 71 -6.78 0.51 -4.52
CA PRO A 71 -6.00 1.75 -4.78
C PRO A 71 -4.49 1.55 -4.63
N MET A 72 -4.10 0.75 -3.64
CA MET A 72 -2.67 0.50 -3.41
C MET A 72 -2.14 -0.57 -4.35
N VAL A 73 -2.91 -0.87 -5.39
CA VAL A 73 -2.51 -1.87 -6.36
C VAL A 73 -2.60 -1.30 -7.77
N GLN A 74 -1.69 -1.73 -8.64
CA GLN A 74 -1.68 -1.26 -10.01
C GLN A 74 -1.59 -2.43 -10.97
N VAL A 75 -2.62 -2.56 -11.81
CA VAL A 75 -2.68 -3.65 -12.75
C VAL A 75 -2.56 -3.17 -14.20
N ASP A 76 -1.92 -3.98 -15.03
CA ASP A 76 -1.76 -3.62 -16.43
C ASP A 76 -3.08 -3.18 -17.03
N GLU A 77 -3.03 -2.13 -17.85
CA GLU A 77 -4.24 -1.63 -18.49
C GLU A 77 -4.68 -2.56 -19.61
N LYS A 78 -3.71 -3.25 -20.20
CA LYS A 78 -4.00 -4.18 -21.28
C LYS A 78 -4.68 -5.44 -20.74
N GLY A 79 -4.57 -5.65 -19.44
CA GLY A 79 -5.18 -6.82 -18.81
C GLY A 79 -4.35 -8.08 -19.05
N GLU A 80 -3.04 -7.96 -18.90
CA GLU A 80 -2.16 -9.12 -19.12
C GLU A 80 -1.05 -9.17 -18.07
N LYS A 81 -0.85 -8.08 -17.35
CA LYS A 81 0.18 -8.06 -16.31
C LYS A 81 -0.26 -7.17 -15.15
N VAL A 82 0.48 -7.24 -14.05
CA VAL A 82 0.13 -6.43 -12.86
C VAL A 82 1.18 -6.55 -11.75
N ARG A 83 1.48 -5.44 -11.10
CA ARG A 83 2.43 -5.45 -9.97
C ARG A 83 1.80 -4.80 -8.73
N PRO A 84 1.97 -5.36 -7.56
CA PRO A 84 1.39 -4.77 -6.32
C PRO A 84 2.21 -3.59 -5.82
N SER A 85 1.52 -2.62 -5.23
CA SER A 85 2.19 -1.44 -4.72
C SER A 85 2.33 -1.52 -3.21
N HIS A 86 3.58 -1.62 -2.74
CA HIS A 86 3.85 -1.71 -1.32
C HIS A 86 3.69 -0.34 -0.66
N LYS A 87 4.48 -0.09 0.37
CA LYS A 87 4.43 1.19 1.08
C LYS A 87 5.76 1.49 1.76
N ARG A 88 6.51 2.42 1.17
CA ARG A 88 7.81 2.79 1.71
C ARG A 88 7.95 4.32 1.74
N CYS A 89 6.87 5.02 1.43
CA CYS A 89 6.89 6.48 1.43
C CYS A 89 5.93 7.03 2.46
N ILE A 90 5.68 6.25 3.52
CA ILE A 90 4.77 6.68 4.56
C ILE A 90 5.48 7.53 5.61
N VAL A 91 4.87 8.67 5.94
CA VAL A 91 5.44 9.55 6.94
C VAL A 91 4.82 9.22 8.30
N ILE A 92 5.55 9.47 9.38
CA ILE A 92 5.03 9.14 10.71
C ILE A 92 5.07 10.34 11.65
N LEU A 93 3.90 10.77 12.10
CA LEU A 93 3.80 11.87 13.05
C LEU A 93 3.60 11.28 14.44
N ARG A 94 4.57 11.48 15.31
CA ARG A 94 4.50 10.91 16.65
C ARG A 94 3.95 11.88 17.68
N GLU A 95 3.74 11.35 18.88
CA GLU A 95 3.23 12.13 20.00
C GLU A 95 2.13 13.10 19.59
N ILE A 96 1.15 12.62 18.82
CA ILE A 96 0.04 13.46 18.42
C ILE A 96 -1.12 13.24 19.40
N PRO A 97 -1.41 14.20 20.25
CA PRO A 97 -2.51 14.05 21.25
C PRO A 97 -3.75 13.41 20.66
N GLU A 98 -4.08 12.20 21.14
CA GLU A 98 -5.25 11.50 20.65
C GLU A 98 -6.44 12.45 20.50
N THR A 99 -6.40 13.54 21.27
CA THR A 99 -7.47 14.53 21.21
C THR A 99 -7.23 15.50 20.07
N THR A 100 -6.36 15.11 19.14
CA THR A 100 -6.04 15.96 18.00
C THR A 100 -6.87 15.52 16.78
N PRO A 101 -7.69 16.39 16.22
CA PRO A 101 -8.55 16.04 15.05
C PRO A 101 -7.74 15.88 13.77
N ILE A 102 -8.04 14.82 13.02
CA ILE A 102 -7.34 14.56 11.77
C ILE A 102 -7.14 15.86 11.01
N GLU A 103 -7.98 16.84 11.29
CA GLU A 103 -7.88 18.14 10.63
C GLU A 103 -6.59 18.84 11.05
N GLU A 104 -6.30 18.77 12.34
CA GLU A 104 -5.10 19.40 12.88
C GLU A 104 -3.85 18.86 12.20
N VAL A 105 -3.67 17.55 12.22
CA VAL A 105 -2.49 16.94 11.60
C VAL A 105 -2.54 17.09 10.08
N LYS A 106 -3.72 16.88 9.50
CA LYS A 106 -3.87 16.99 8.06
C LYS A 106 -3.05 18.14 7.49
N GLY A 107 -3.07 19.29 8.16
CA GLY A 107 -2.31 20.44 7.69
C GLY A 107 -0.81 20.25 7.95
N LEU A 108 -0.48 19.73 9.13
CA LEU A 108 0.92 19.51 9.46
C LEU A 108 1.58 18.68 8.36
N PHE A 109 0.75 18.13 7.49
CA PHE A 109 1.22 17.32 6.37
C PHE A 109 1.23 18.15 5.10
N LYS A 110 0.47 19.23 5.11
CA LYS A 110 0.37 20.13 3.97
C LYS A 110 1.75 20.38 3.34
N SER A 111 1.95 19.85 2.14
CA SER A 111 3.22 20.02 1.44
C SER A 111 3.06 21.00 0.29
N GLU A 112 3.78 22.12 0.36
CA GLU A 112 3.70 23.14 -0.69
C GLU A 112 4.39 22.67 -1.97
N ASN A 113 5.04 21.50 -1.89
CA ASN A 113 5.73 20.97 -3.06
C ASN A 113 5.05 19.68 -3.53
N CYS A 114 4.17 19.14 -2.70
CA CYS A 114 3.46 17.92 -3.04
C CYS A 114 1.96 18.08 -2.79
N PRO A 115 1.15 17.33 -3.49
CA PRO A 115 -0.34 17.40 -3.33
C PRO A 115 -0.78 16.99 -1.93
N LYS A 116 -2.06 17.18 -1.64
CA LYS A 116 -2.59 16.83 -0.33
C LYS A 116 -2.34 15.36 -0.03
N VAL A 117 -2.13 15.04 1.24
CA VAL A 117 -1.87 13.67 1.66
C VAL A 117 -2.67 12.68 0.80
N ILE A 118 -2.00 11.62 0.37
CA ILE A 118 -2.65 10.59 -0.44
C ILE A 118 -3.54 9.74 0.45
N SER A 119 -3.03 9.42 1.64
CA SER A 119 -3.76 8.60 2.59
C SER A 119 -3.32 8.94 4.01
N CYS A 120 -4.29 9.08 4.92
CA CYS A 120 -3.98 9.42 6.30
C CYS A 120 -4.72 8.48 7.25
N GLU A 121 -3.98 7.87 8.17
CA GLU A 121 -4.57 6.95 9.13
C GLU A 121 -3.79 6.94 10.44
N PHE A 122 -4.47 6.57 11.52
CA PHE A 122 -3.84 6.51 12.83
C PHE A 122 -3.16 5.16 13.06
N ALA A 123 -2.05 5.18 13.78
CA ALA A 123 -1.29 3.96 14.06
C ALA A 123 -0.51 4.09 15.36
N HIS A 124 -0.10 2.95 15.92
CA HIS A 124 0.66 2.94 17.16
C HIS A 124 -0.02 3.80 18.23
N ASN A 125 -1.35 3.82 18.20
CA ASN A 125 -2.11 4.59 19.17
C ASN A 125 -1.49 5.96 19.41
N SER A 126 -0.65 6.40 18.48
CA SER A 126 0.00 7.71 18.61
C SER A 126 0.68 8.12 17.31
N ASN A 127 1.39 7.19 16.67
CA ASN A 127 2.06 7.52 15.43
C ASN A 127 1.08 7.47 14.27
N TRP A 128 0.96 8.58 13.56
CA TRP A 128 0.05 8.67 12.42
C TRP A 128 0.77 8.27 11.14
N TYR A 129 0.30 7.19 10.52
CA TYR A 129 0.92 6.71 9.28
C TYR A 129 0.28 7.38 8.06
N ILE A 130 0.84 8.52 7.66
CA ILE A 130 0.33 9.22 6.49
C ILE A 130 1.09 8.78 5.24
N THR A 131 0.34 8.36 4.22
CA THR A 131 0.96 7.89 2.99
C THR A 131 1.17 9.02 1.99
N PHE A 132 2.08 8.80 1.05
CA PHE A 132 2.40 9.79 0.03
C PHE A 132 2.30 9.16 -1.36
N GLN A 133 2.57 9.96 -2.39
CA GLN A 133 2.50 9.46 -3.76
C GLN A 133 3.84 8.88 -4.19
N SER A 134 4.92 9.43 -3.67
CA SER A 134 6.26 8.96 -4.01
C SER A 134 7.26 9.33 -2.92
N ASP A 135 8.26 8.49 -2.73
CA ASP A 135 9.28 8.74 -1.72
C ASP A 135 9.97 10.08 -1.97
N THR A 136 10.44 10.29 -3.20
CA THR A 136 11.10 11.53 -3.54
C THR A 136 10.29 12.72 -3.06
N ASP A 137 8.97 12.59 -3.13
CA ASP A 137 8.08 13.65 -2.68
C ASP A 137 7.88 13.58 -1.18
N ALA A 138 7.58 12.39 -0.68
CA ALA A 138 7.37 12.20 0.75
C ALA A 138 8.58 12.69 1.52
N GLN A 139 9.75 12.13 1.21
CA GLN A 139 10.98 12.53 1.87
C GLN A 139 11.18 14.03 1.75
N GLN A 140 11.08 14.54 0.53
CA GLN A 140 11.24 15.97 0.31
C GLN A 140 10.24 16.73 1.19
N ALA A 141 9.02 16.23 1.20
CA ALA A 141 7.97 16.84 2.00
C ALA A 141 8.37 16.80 3.48
N PHE A 142 8.94 15.68 3.89
CA PHE A 142 9.39 15.53 5.27
C PHE A 142 10.32 16.67 5.64
N LYS A 143 11.20 17.02 4.71
CA LYS A 143 12.14 18.11 4.95
C LYS A 143 11.38 19.39 5.30
N TYR A 144 10.13 19.46 4.85
CA TYR A 144 9.29 20.61 5.12
C TYR A 144 8.64 20.47 6.48
N LEU A 145 8.39 19.24 6.90
CA LEU A 145 7.77 18.98 8.18
C LEU A 145 8.69 19.38 9.33
N ARG A 146 9.90 18.81 9.35
CA ARG A 146 10.85 19.13 10.39
C ARG A 146 10.91 20.64 10.61
N GLU A 147 10.46 21.38 9.61
CA GLU A 147 10.45 22.84 9.70
C GLU A 147 9.11 23.33 10.27
N GLU A 148 8.06 22.57 10.03
CA GLU A 148 6.73 22.95 10.52
C GLU A 148 6.36 22.15 11.77
N VAL A 149 6.37 20.83 11.64
CA VAL A 149 6.02 19.96 12.76
C VAL A 149 6.85 20.29 13.99
N LYS A 150 8.03 20.89 13.78
CA LYS A 150 8.88 21.23 14.91
C LYS A 150 8.04 21.79 16.04
N THR A 151 6.92 22.42 15.69
CA THR A 151 6.01 22.97 16.67
C THR A 151 4.65 23.25 16.03
N PHE A 152 3.61 23.21 16.85
CA PHE A 152 2.26 23.45 16.38
C PHE A 152 1.43 23.99 17.53
N GLN A 153 1.05 25.25 17.44
CA GLN A 153 0.30 25.87 18.52
C GLN A 153 1.18 25.86 19.77
N GLY A 154 2.48 25.75 19.53
CA GLY A 154 3.46 25.73 20.60
C GLY A 154 3.59 24.33 21.20
N LYS A 155 3.20 23.33 20.41
CA LYS A 155 3.28 21.96 20.86
C LYS A 155 4.34 21.21 20.04
N PRO A 156 5.55 21.11 20.54
CA PRO A 156 6.65 20.43 19.82
C PRO A 156 6.28 19.00 19.45
N ILE A 157 6.39 18.68 18.16
CA ILE A 157 6.06 17.35 17.68
C ILE A 157 7.26 16.68 17.02
N MET A 158 7.35 15.37 17.18
CA MET A 158 8.44 14.61 16.58
C MET A 158 7.89 13.65 15.53
N ALA A 159 8.55 13.57 14.39
CA ALA A 159 8.07 12.69 13.32
C ALA A 159 9.19 11.79 12.81
N ARG A 160 8.79 10.80 12.00
CA ARG A 160 9.75 9.86 11.44
C ARG A 160 9.38 9.53 10.00
N ILE A 161 10.36 9.13 9.20
CA ILE A 161 10.11 8.78 7.81
C ILE A 161 10.14 7.27 7.63
N LYS A 162 9.05 6.71 7.15
CA LYS A 162 8.95 5.26 6.94
C LYS A 162 9.51 4.89 5.56
N ALA A 163 10.60 4.14 5.56
CA ALA A 163 11.23 3.72 4.32
C ALA A 163 11.54 2.23 4.36
N ILE A 164 10.82 1.46 3.56
CA ILE A 164 11.03 0.01 3.52
C ILE A 164 11.47 -0.43 2.12
N ASN A 165 12.78 -0.62 1.96
CA ASN A 165 13.32 -1.05 0.67
C ASN A 165 13.71 -2.52 0.71
N THR A 166 13.46 -3.22 -0.40
CA THR A 166 13.79 -4.64 -0.47
C THR A 166 15.28 -4.83 -0.71
N PHE A 167 16.07 -3.80 -0.39
CA PHE A 167 17.51 -3.88 -0.57
C PHE A 167 18.17 -4.53 0.64
N PHE A 168 17.59 -4.32 1.81
CA PHE A 168 18.13 -4.89 3.04
C PHE A 168 18.60 -6.33 2.80
N ALA A 169 17.83 -7.06 2.01
CA ALA A 169 18.15 -8.45 1.71
C ALA A 169 17.13 -9.05 0.75
N LYS A 170 17.48 -9.10 -0.53
CA LYS A 170 16.59 -9.65 -1.54
C LYS A 170 16.71 -11.17 -1.59
N ASN A 171 15.64 -11.84 -2.00
CA ASN A 171 15.65 -13.29 -2.10
C ASN A 171 15.99 -13.75 -3.52
N GLY A 172 15.52 -12.98 -4.50
CA GLY A 172 15.78 -13.30 -5.89
C GLY A 172 17.25 -13.56 -6.13
N TYR A 173 18.10 -12.96 -5.30
CA TYR A 173 19.54 -13.12 -5.42
C TYR A 173 19.88 -14.55 -5.84
N ARG A 174 19.46 -15.51 -5.03
CA ARG A 174 19.73 -16.92 -5.33
C ARG A 174 18.95 -17.36 -6.57
N LEU A 175 19.62 -18.08 -7.46
CA LEU A 175 18.99 -18.55 -8.68
C LEU A 175 18.87 -20.08 -8.66
N MET A 176 18.05 -20.61 -9.56
CA MET A 176 17.85 -22.05 -9.63
C MET A 176 18.48 -22.62 -10.90
N ASP A 177 19.32 -23.64 -10.73
CA ASP A 177 19.98 -24.26 -11.88
C ASP A 177 20.52 -25.63 -11.50
N ASN A 1 -15.92 -24.93 -20.60
CA ASN A 1 -15.18 -23.67 -20.31
C ASN A 1 -15.93 -22.89 -19.23
N SER A 2 -16.73 -23.59 -18.43
CA SER A 2 -17.49 -22.95 -17.38
C SER A 2 -17.37 -23.74 -16.08
N ALA A 3 -16.42 -23.34 -15.23
CA ALA A 3 -16.20 -24.02 -13.96
C ALA A 3 -17.44 -23.92 -13.07
N VAL A 4 -17.23 -23.87 -11.77
CA VAL A 4 -18.33 -23.76 -10.82
C VAL A 4 -18.57 -22.30 -10.45
N SER A 5 -17.79 -21.81 -9.48
CA SER A 5 -17.93 -20.44 -9.03
C SER A 5 -16.63 -19.68 -9.27
N THR A 6 -16.68 -18.67 -10.14
CA THR A 6 -15.50 -17.87 -10.45
C THR A 6 -15.14 -16.98 -9.27
N GLU A 7 -16.09 -16.83 -8.34
CA GLU A 7 -15.87 -16.00 -7.17
C GLU A 7 -14.55 -16.35 -6.49
N ASP A 8 -14.27 -17.64 -6.36
CA ASP A 8 -13.05 -18.10 -5.73
C ASP A 8 -11.84 -17.83 -6.64
N LEU A 9 -12.01 -18.10 -7.93
CA LEU A 9 -10.94 -17.89 -8.88
C LEU A 9 -10.43 -16.45 -8.83
N LYS A 10 -11.34 -15.50 -9.06
CA LYS A 10 -10.96 -14.09 -9.04
C LYS A 10 -10.10 -13.79 -7.82
N GLU A 11 -10.39 -14.48 -6.72
CA GLU A 11 -9.63 -14.29 -5.50
C GLU A 11 -8.31 -15.07 -5.55
N CYS A 12 -8.31 -16.17 -6.30
CA CYS A 12 -7.11 -16.99 -6.41
C CYS A 12 -6.01 -16.24 -7.16
N LEU A 13 -6.36 -15.62 -8.29
CA LEU A 13 -5.35 -14.86 -9.03
C LEU A 13 -4.80 -13.76 -8.15
N LYS A 14 -5.69 -13.09 -7.44
CA LYS A 14 -5.29 -12.00 -6.55
C LYS A 14 -4.11 -12.42 -5.67
N LYS A 15 -4.18 -13.62 -5.10
CA LYS A 15 -3.12 -14.09 -4.24
C LYS A 15 -1.75 -13.76 -4.84
N GLN A 16 -1.60 -14.01 -6.14
CA GLN A 16 -0.34 -13.74 -6.82
C GLN A 16 0.02 -12.26 -6.75
N LEU A 17 -0.95 -11.41 -7.06
CA LEU A 17 -0.73 -9.96 -7.05
C LEU A 17 -0.12 -9.49 -5.73
N GLU A 18 -0.81 -9.73 -4.63
CA GLU A 18 -0.33 -9.28 -3.32
C GLU A 18 1.11 -9.75 -3.04
N PHE A 19 1.40 -11.00 -3.37
CA PHE A 19 2.73 -11.54 -3.13
C PHE A 19 3.74 -11.07 -4.18
N CYS A 20 3.29 -10.99 -5.43
CA CYS A 20 4.18 -10.57 -6.50
C CYS A 20 4.94 -9.29 -6.14
N PHE A 21 4.23 -8.28 -5.67
CA PHE A 21 4.86 -7.01 -5.32
C PHE A 21 5.21 -6.91 -3.84
N SER A 22 5.40 -8.06 -3.18
CA SER A 22 5.78 -8.02 -1.78
C SER A 22 7.17 -7.39 -1.68
N ARG A 23 7.45 -6.74 -0.56
CA ARG A 23 8.75 -6.09 -0.39
C ARG A 23 9.87 -6.99 -0.92
N GLU A 24 9.90 -8.23 -0.45
CA GLU A 24 10.93 -9.18 -0.86
C GLU A 24 10.64 -9.80 -2.23
N ASN A 25 9.37 -10.02 -2.52
CA ASN A 25 8.98 -10.65 -3.79
C ASN A 25 9.51 -9.90 -5.01
N LEU A 26 9.17 -8.61 -5.13
CA LEU A 26 9.64 -7.84 -6.28
C LEU A 26 11.15 -7.70 -6.24
N SER A 27 11.67 -7.18 -5.13
CA SER A 27 13.11 -7.02 -5.01
C SER A 27 13.82 -8.28 -5.48
N LYS A 28 13.13 -9.42 -5.36
CA LYS A 28 13.71 -10.71 -5.75
C LYS A 28 12.98 -11.27 -6.98
N ASP A 29 12.39 -10.40 -7.80
CA ASP A 29 11.69 -10.86 -8.99
C ASP A 29 12.45 -10.48 -10.25
N LEU A 30 13.50 -11.24 -10.55
CA LEU A 30 14.31 -11.00 -11.72
C LEU A 30 13.46 -11.04 -12.99
N TYR A 31 12.27 -11.62 -12.88
CA TYR A 31 11.38 -11.74 -14.04
C TYR A 31 10.63 -10.42 -14.29
N LEU A 32 10.00 -9.88 -13.26
CA LEU A 32 9.25 -8.63 -13.40
C LEU A 32 10.16 -7.41 -13.37
N ILE A 33 10.84 -7.22 -12.24
CA ILE A 33 11.72 -6.08 -12.08
C ILE A 33 12.61 -5.89 -13.31
N SER A 34 13.03 -6.98 -13.93
CA SER A 34 13.90 -6.92 -15.09
C SER A 34 13.12 -6.64 -16.38
N GLN A 35 11.85 -7.02 -16.40
CA GLN A 35 11.03 -6.80 -17.59
C GLN A 35 10.53 -5.36 -17.61
N MET A 36 10.54 -4.75 -16.44
CA MET A 36 10.10 -3.38 -16.27
C MET A 36 10.43 -2.50 -17.46
N ASP A 37 9.40 -1.91 -18.07
CA ASP A 37 9.63 -0.99 -19.18
C ASP A 37 10.39 0.24 -18.66
N SER A 38 10.10 1.42 -19.21
CA SER A 38 10.83 2.64 -18.83
C SER A 38 10.54 3.20 -17.42
N ASP A 39 9.27 3.22 -16.99
CA ASP A 39 8.96 3.79 -15.66
C ASP A 39 8.69 2.71 -14.63
N GLN A 40 9.40 1.61 -14.73
CA GLN A 40 9.20 0.49 -13.81
C GLN A 40 7.92 -0.19 -14.19
N PHE A 41 7.39 0.20 -15.35
CA PHE A 41 6.19 -0.41 -15.85
C PHE A 41 6.55 -1.77 -16.39
N ILE A 42 5.74 -2.77 -16.17
CA ILE A 42 6.05 -4.09 -16.68
C ILE A 42 5.21 -4.30 -17.93
N PRO A 43 5.78 -4.81 -19.02
CA PRO A 43 4.97 -5.00 -20.24
C PRO A 43 3.74 -5.76 -19.86
N ILE A 44 2.58 -5.20 -20.13
CA ILE A 44 1.39 -5.88 -19.73
C ILE A 44 1.34 -7.30 -20.26
N TRP A 45 1.91 -7.52 -21.44
CA TRP A 45 1.88 -8.83 -22.07
C TRP A 45 2.74 -9.85 -21.33
N THR A 46 3.85 -9.39 -20.76
CA THR A 46 4.73 -10.29 -20.05
C THR A 46 4.04 -10.88 -18.81
N VAL A 47 3.24 -10.07 -18.13
CA VAL A 47 2.51 -10.53 -16.95
C VAL A 47 1.22 -11.23 -17.34
N ALA A 48 0.41 -10.54 -18.14
CA ALA A 48 -0.86 -11.09 -18.58
C ALA A 48 -0.68 -12.52 -19.09
N ASN A 49 0.57 -12.91 -19.31
CA ASN A 49 0.88 -14.25 -19.83
C ASN A 49 1.69 -15.05 -18.81
N MET A 50 1.63 -14.63 -17.55
CA MET A 50 2.37 -15.31 -16.49
C MET A 50 1.84 -16.73 -16.27
N GLU A 51 2.68 -17.71 -16.59
CA GLU A 51 2.30 -19.11 -16.43
C GLU A 51 1.57 -19.33 -15.11
N GLU A 52 1.87 -18.49 -14.12
CA GLU A 52 1.20 -18.62 -12.83
C GLU A 52 -0.28 -18.31 -13.00
N ILE A 53 -0.60 -17.22 -13.70
CA ILE A 53 -1.99 -16.86 -13.92
C ILE A 53 -2.54 -17.57 -15.15
N LYS A 54 -1.65 -17.95 -16.06
CA LYS A 54 -2.07 -18.64 -17.27
C LYS A 54 -3.01 -19.78 -16.90
N LYS A 55 -2.75 -20.39 -15.75
CA LYS A 55 -3.61 -21.47 -15.26
C LYS A 55 -4.91 -20.87 -14.73
N LEU A 56 -4.81 -19.70 -14.12
CA LEU A 56 -5.99 -19.05 -13.56
C LEU A 56 -7.00 -18.74 -14.67
N THR A 57 -6.50 -18.32 -15.82
CA THR A 57 -7.38 -18.00 -16.94
C THR A 57 -6.58 -17.43 -18.11
N THR A 58 -7.27 -17.16 -19.22
CA THR A 58 -6.62 -16.61 -20.40
C THR A 58 -7.29 -15.31 -20.82
N ASP A 59 -7.42 -14.39 -19.86
CA ASP A 59 -8.05 -13.09 -20.12
C ASP A 59 -6.97 -12.02 -20.33
N PRO A 60 -6.63 -11.70 -21.55
CA PRO A 60 -5.56 -10.69 -21.82
C PRO A 60 -6.01 -9.26 -21.51
N ASP A 61 -7.18 -8.91 -22.05
CA ASP A 61 -7.73 -7.57 -21.86
C ASP A 61 -8.47 -7.47 -20.52
N LEU A 62 -8.94 -8.60 -20.02
CA LEU A 62 -9.72 -8.63 -18.79
C LEU A 62 -8.86 -8.64 -17.51
N ILE A 63 -7.83 -9.47 -17.46
CA ILE A 63 -7.00 -9.53 -16.24
C ILE A 63 -6.66 -8.15 -15.70
N LEU A 64 -5.96 -7.35 -16.49
CA LEU A 64 -5.54 -6.02 -16.03
C LEU A 64 -6.72 -5.30 -15.36
N GLU A 65 -7.88 -5.31 -16.00
CA GLU A 65 -9.04 -4.65 -15.44
C GLU A 65 -9.25 -5.13 -14.00
N VAL A 66 -8.80 -6.36 -13.71
CA VAL A 66 -8.95 -6.93 -12.39
C VAL A 66 -7.79 -6.51 -11.49
N LEU A 67 -6.59 -6.44 -12.08
CA LEU A 67 -5.41 -6.06 -11.32
C LEU A 67 -5.67 -4.81 -10.49
N ARG A 68 -6.54 -3.95 -11.00
CA ARG A 68 -6.89 -2.71 -10.29
C ARG A 68 -7.36 -3.02 -8.88
N SER A 69 -7.62 -4.30 -8.61
CA SER A 69 -8.09 -4.71 -7.28
C SER A 69 -6.96 -4.69 -6.27
N SER A 70 -5.79 -4.19 -6.69
CA SER A 70 -4.65 -4.12 -5.80
C SER A 70 -4.26 -2.67 -5.52
N PRO A 71 -4.87 -2.06 -4.52
CA PRO A 71 -4.58 -0.64 -4.16
C PRO A 71 -3.09 -0.32 -4.11
N MET A 72 -2.31 -1.29 -3.68
CA MET A 72 -0.86 -1.08 -3.58
C MET A 72 -0.21 -1.29 -4.95
N VAL A 73 -1.03 -1.29 -5.99
CA VAL A 73 -0.54 -1.47 -7.35
C VAL A 73 -1.20 -0.45 -8.29
N GLN A 74 -0.45 -0.02 -9.29
CA GLN A 74 -0.96 0.94 -10.26
C GLN A 74 -0.76 0.43 -11.67
N VAL A 75 -1.87 0.09 -12.32
CA VAL A 75 -1.82 -0.43 -13.67
C VAL A 75 -2.01 0.68 -14.70
N ASP A 76 -1.31 0.57 -15.83
CA ASP A 76 -1.44 1.59 -16.88
C ASP A 76 -2.91 1.86 -17.18
N GLU A 77 -3.24 3.13 -17.35
CA GLU A 77 -4.61 3.52 -17.65
C GLU A 77 -4.99 3.06 -19.07
N LYS A 78 -3.97 2.85 -19.90
CA LYS A 78 -4.20 2.42 -21.26
C LYS A 78 -4.35 0.89 -21.33
N GLY A 79 -3.89 0.21 -20.29
CA GLY A 79 -3.98 -1.25 -20.24
C GLY A 79 -2.88 -1.89 -21.08
N GLU A 80 -1.66 -1.37 -20.97
CA GLU A 80 -0.54 -1.93 -21.74
C GLU A 80 0.75 -1.92 -20.93
N LYS A 81 0.73 -1.25 -19.79
CA LYS A 81 1.89 -1.22 -18.92
C LYS A 81 1.45 -1.17 -17.46
N VAL A 82 2.39 -1.33 -16.53
CA VAL A 82 2.03 -1.30 -15.11
C VAL A 82 3.26 -1.40 -14.20
N ARG A 83 3.25 -0.63 -13.13
CA ARG A 83 4.35 -0.69 -12.15
C ARG A 83 3.78 -0.89 -10.74
N PRO A 84 4.38 -1.73 -9.93
CA PRO A 84 3.90 -1.98 -8.55
C PRO A 84 4.13 -0.80 -7.63
N SER A 85 3.30 -0.68 -6.60
CA SER A 85 3.44 0.41 -5.66
C SER A 85 3.67 -0.13 -4.24
N HIS A 86 4.85 0.18 -3.70
CA HIS A 86 5.20 -0.28 -2.36
C HIS A 86 4.67 0.69 -1.30
N LYS A 87 4.22 0.16 -0.17
CA LYS A 87 3.71 1.00 0.90
C LYS A 87 4.80 1.38 1.89
N ARG A 88 4.76 2.61 2.37
CA ARG A 88 5.76 3.07 3.34
C ARG A 88 5.35 4.42 3.91
N CYS A 89 4.16 4.89 3.53
CA CYS A 89 3.66 6.17 4.02
C CYS A 89 2.43 5.96 4.90
N ILE A 90 2.31 4.76 5.46
CA ILE A 90 1.17 4.44 6.32
C ILE A 90 1.43 4.90 7.75
N VAL A 91 0.40 5.48 8.37
CA VAL A 91 0.52 5.92 9.75
C VAL A 91 0.02 4.81 10.66
N ILE A 92 0.55 4.72 11.87
CA ILE A 92 0.15 3.65 12.78
C ILE A 92 -0.28 4.15 14.15
N LEU A 93 -1.58 4.07 14.42
CA LEU A 93 -2.11 4.47 15.72
C LEU A 93 -2.21 3.23 16.59
N ARG A 94 -1.42 3.18 17.65
CA ARG A 94 -1.40 2.01 18.51
C ARG A 94 -2.13 2.24 19.83
N GLU A 95 -2.37 1.15 20.54
CA GLU A 95 -3.05 1.20 21.83
C GLU A 95 -4.45 1.79 21.70
N ILE A 96 -5.06 1.65 20.52
CA ILE A 96 -6.39 2.17 20.32
C ILE A 96 -7.43 1.16 20.84
N PRO A 97 -8.16 1.47 21.88
CA PRO A 97 -9.16 0.51 22.45
C PRO A 97 -10.00 -0.17 21.37
N GLU A 98 -10.17 -1.49 21.52
CA GLU A 98 -10.94 -2.25 20.54
C GLU A 98 -12.35 -1.68 20.43
N THR A 99 -12.71 -0.83 21.39
CA THR A 99 -14.04 -0.21 21.39
C THR A 99 -13.98 1.19 20.78
N THR A 100 -12.80 1.57 20.31
CA THR A 100 -12.62 2.89 19.72
C THR A 100 -13.27 2.91 18.32
N PRO A 101 -14.31 3.69 18.10
CA PRO A 101 -14.98 3.74 16.76
C PRO A 101 -14.15 4.43 15.69
N ILE A 102 -14.21 3.90 14.48
CA ILE A 102 -13.47 4.47 13.36
C ILE A 102 -13.65 5.98 13.31
N GLU A 103 -14.79 6.44 13.83
CA GLU A 103 -15.09 7.85 13.83
C GLU A 103 -14.16 8.59 14.81
N GLU A 104 -13.78 7.91 15.89
CA GLU A 104 -12.88 8.49 16.87
C GLU A 104 -11.47 8.63 16.29
N VAL A 105 -10.93 7.53 15.79
CA VAL A 105 -9.59 7.53 15.23
C VAL A 105 -9.54 8.29 13.90
N LYS A 106 -10.68 8.39 13.22
CA LYS A 106 -10.73 9.08 11.94
C LYS A 106 -10.17 10.49 12.04
N GLY A 107 -10.64 11.25 13.03
CA GLY A 107 -10.18 12.63 13.20
C GLY A 107 -8.74 12.68 13.73
N LEU A 108 -8.34 11.68 14.51
CA LEU A 108 -6.99 11.66 15.05
C LEU A 108 -5.96 11.69 13.92
N PHE A 109 -6.43 11.47 12.69
CA PHE A 109 -5.54 11.52 11.54
C PHE A 109 -5.65 12.90 10.89
N LYS A 110 -6.81 13.51 11.06
CA LYS A 110 -7.08 14.83 10.49
C LYS A 110 -5.81 15.66 10.36
N SER A 111 -5.36 15.83 9.12
CA SER A 111 -4.16 16.62 8.86
C SER A 111 -4.54 17.99 8.32
N GLU A 112 -3.99 19.04 8.92
CA GLU A 112 -4.30 20.41 8.49
C GLU A 112 -3.49 20.79 7.25
N ASN A 113 -2.52 19.96 6.90
CA ASN A 113 -1.69 20.24 5.72
C ASN A 113 -1.81 19.13 4.69
N CYS A 114 -2.83 18.29 4.85
CA CYS A 114 -3.05 17.18 3.92
C CYS A 114 -4.53 16.81 3.88
N PRO A 115 -5.00 16.30 2.77
CA PRO A 115 -6.44 15.90 2.62
C PRO A 115 -6.81 14.78 3.59
N LYS A 116 -8.11 14.47 3.65
CA LYS A 116 -8.58 13.42 4.54
C LYS A 116 -7.89 12.10 4.24
N VAL A 117 -7.62 11.33 5.29
CA VAL A 117 -6.95 10.05 5.14
C VAL A 117 -7.39 9.34 3.87
N ILE A 118 -6.43 8.72 3.19
CA ILE A 118 -6.72 8.01 1.95
C ILE A 118 -7.35 6.66 2.27
N SER A 119 -6.87 6.03 3.34
CA SER A 119 -7.39 4.74 3.75
C SER A 119 -7.15 4.51 5.24
N CYS A 120 -8.17 4.06 5.95
CA CYS A 120 -8.06 3.81 7.38
C CYS A 120 -8.62 2.43 7.73
N GLU A 121 -7.72 1.49 8.02
CA GLU A 121 -8.13 0.13 8.37
C GLU A 121 -7.49 -0.33 9.67
N PHE A 122 -8.15 -1.28 10.33
CA PHE A 122 -7.64 -1.81 11.59
C PHE A 122 -6.59 -2.90 11.35
N ALA A 123 -5.59 -2.96 12.23
CA ALA A 123 -4.53 -3.96 12.11
C ALA A 123 -3.92 -4.26 13.48
N HIS A 124 -3.26 -5.42 13.57
CA HIS A 124 -2.61 -5.83 14.82
C HIS A 124 -3.55 -5.70 16.00
N ASN A 125 -4.85 -5.90 15.75
CA ASN A 125 -5.85 -5.82 16.80
C ASN A 125 -5.62 -4.61 17.71
N SER A 126 -4.87 -3.64 17.22
CA SER A 126 -4.61 -2.44 18.01
C SER A 126 -3.99 -1.36 17.15
N ASN A 127 -3.01 -1.72 16.33
CA ASN A 127 -2.37 -0.74 15.48
C ASN A 127 -3.23 -0.48 14.25
N TRP A 128 -3.63 0.77 14.07
CA TRP A 128 -4.46 1.18 12.94
C TRP A 128 -3.57 1.64 11.80
N TYR A 129 -3.56 0.85 10.72
CA TYR A 129 -2.74 1.18 9.56
C TYR A 129 -3.45 2.17 8.65
N ILE A 130 -3.25 3.46 8.90
CA ILE A 130 -3.87 4.48 8.08
C ILE A 130 -2.94 4.83 6.91
N THR A 131 -3.47 4.80 5.70
CA THR A 131 -2.68 5.10 4.52
C THR A 131 -2.79 6.57 4.12
N PHE A 132 -1.70 7.10 3.58
CA PHE A 132 -1.68 8.49 3.14
C PHE A 132 -1.51 8.56 1.63
N GLN A 133 -1.44 9.76 1.10
CA GLN A 133 -1.28 9.94 -0.34
C GLN A 133 0.20 10.00 -0.72
N SER A 134 1.05 10.22 0.29
CA SER A 134 2.48 10.29 0.05
C SER A 134 3.24 10.39 1.37
N ASP A 135 4.47 9.87 1.39
CA ASP A 135 5.28 9.92 2.61
C ASP A 135 5.55 11.37 3.01
N THR A 136 6.08 12.15 2.08
CA THR A 136 6.38 13.56 2.37
C THR A 136 5.19 14.19 3.09
N ASP A 137 4.00 13.74 2.72
CA ASP A 137 2.77 14.26 3.33
C ASP A 137 2.47 13.52 4.63
N ALA A 138 2.55 12.19 4.58
CA ALA A 138 2.29 11.38 5.76
C ALA A 138 3.23 11.77 6.89
N GLN A 139 4.53 11.69 6.63
CA GLN A 139 5.53 12.03 7.64
C GLN A 139 5.24 13.41 8.21
N GLN A 140 5.07 14.40 7.34
CA GLN A 140 4.78 15.76 7.78
C GLN A 140 3.50 15.76 8.59
N ALA A 141 2.49 15.05 8.09
CA ALA A 141 1.22 14.94 8.78
C ALA A 141 1.44 14.36 10.16
N PHE A 142 2.23 13.28 10.21
CA PHE A 142 2.53 12.65 11.48
C PHE A 142 3.02 13.69 12.48
N LYS A 143 3.93 14.54 12.02
CA LYS A 143 4.48 15.58 12.88
C LYS A 143 3.33 16.35 13.53
N TYR A 144 2.17 16.31 12.89
CA TYR A 144 1.00 16.99 13.41
C TYR A 144 0.28 16.11 14.42
N LEU A 145 0.27 14.81 14.16
CA LEU A 145 -0.38 13.86 15.05
C LEU A 145 0.27 13.88 16.44
N ARG A 146 1.60 13.88 16.46
CA ARG A 146 2.32 13.90 17.71
C ARG A 146 1.73 14.93 18.65
N GLU A 147 1.04 15.91 18.09
CA GLU A 147 0.41 16.96 18.89
C GLU A 147 -1.03 16.59 19.25
N GLU A 148 -1.70 15.89 18.34
CA GLU A 148 -3.08 15.50 18.58
C GLU A 148 -3.16 14.12 19.24
N VAL A 149 -2.60 13.11 18.58
CA VAL A 149 -2.61 11.77 19.15
C VAL A 149 -2.13 11.84 20.59
N LYS A 150 -1.36 12.89 20.86
CA LYS A 150 -0.83 13.11 22.20
C LYS A 150 -1.91 12.82 23.23
N THR A 151 -3.15 13.15 22.87
CA THR A 151 -4.29 12.91 23.75
C THR A 151 -5.60 13.00 22.97
N PHE A 152 -6.61 12.33 23.49
CA PHE A 152 -7.93 12.32 22.86
C PHE A 152 -8.96 12.05 23.93
N GLN A 153 -9.74 13.08 24.26
CA GLN A 153 -10.73 12.95 25.31
C GLN A 153 -10.00 12.69 26.62
N GLY A 154 -8.72 13.08 26.64
CA GLY A 154 -7.89 12.90 27.81
C GLY A 154 -7.29 11.50 27.85
N LYS A 155 -7.23 10.86 26.69
CA LYS A 155 -6.68 9.52 26.59
C LYS A 155 -5.37 9.55 25.81
N PRO A 156 -4.25 9.62 26.49
CA PRO A 156 -2.93 9.66 25.81
C PRO A 156 -2.71 8.46 24.89
N ILE A 157 -2.45 8.74 23.61
CA ILE A 157 -2.23 7.69 22.64
C ILE A 157 -0.83 7.74 22.07
N MET A 158 -0.34 6.58 21.64
CA MET A 158 1.00 6.49 21.05
C MET A 158 0.89 6.02 19.61
N ALA A 159 1.61 6.67 18.71
CA ALA A 159 1.56 6.30 17.30
C ALA A 159 2.95 6.10 16.73
N ARG A 160 3.00 5.50 15.54
CA ARG A 160 4.26 5.24 14.88
C ARG A 160 4.13 5.48 13.37
N ILE A 161 5.24 5.79 12.73
CA ILE A 161 5.24 6.02 11.28
C ILE A 161 5.77 4.78 10.57
N LYS A 162 4.96 4.26 9.64
CA LYS A 162 5.35 3.06 8.91
C LYS A 162 6.17 3.43 7.67
N ALA A 163 7.44 3.03 7.67
CA ALA A 163 8.32 3.32 6.54
C ALA A 163 9.13 2.08 6.17
N ILE A 164 8.67 1.36 5.15
CA ILE A 164 9.36 0.15 4.72
C ILE A 164 10.55 0.49 3.83
N ASN A 165 11.75 0.39 4.39
CA ASN A 165 12.97 0.69 3.65
C ASN A 165 13.09 2.18 3.39
N THR A 166 14.21 2.58 2.79
CA THR A 166 14.45 3.99 2.50
C THR A 166 14.85 4.74 3.77
N PHE A 167 15.48 4.04 4.69
CA PHE A 167 15.91 4.65 5.94
C PHE A 167 17.38 5.06 5.86
N PHE A 168 17.95 4.97 4.66
CA PHE A 168 19.35 5.33 4.46
C PHE A 168 19.54 6.83 4.62
N ALA A 169 18.95 7.59 3.69
CA ALA A 169 19.06 9.05 3.74
C ALA A 169 20.52 9.48 3.75
N LYS A 170 20.77 10.73 3.36
CA LYS A 170 22.14 11.25 3.34
C LYS A 170 22.77 11.17 4.72
N ASN A 171 24.01 10.71 4.76
CA ASN A 171 24.73 10.59 6.03
C ASN A 171 25.51 11.86 6.34
N GLY A 172 25.20 12.93 5.61
CA GLY A 172 25.87 14.20 5.82
C GLY A 172 25.22 14.98 6.96
N TYR A 173 23.90 14.86 7.08
CA TYR A 173 23.18 15.56 8.13
C TYR A 173 23.59 17.02 8.19
N ARG A 174 23.15 17.80 7.21
CA ARG A 174 23.48 19.22 7.16
C ARG A 174 22.24 20.07 7.41
N LEU A 175 22.34 21.00 8.35
CA LEU A 175 21.22 21.87 8.68
C LEU A 175 21.71 23.30 8.93
N MET A 176 20.99 24.27 8.39
CA MET A 176 21.36 25.67 8.57
C MET A 176 20.71 26.24 9.83
N ASP A 177 21.28 27.32 10.34
CA ASP A 177 20.75 27.96 11.54
C ASP A 177 21.60 29.16 11.93
N ASN A 1 -37.23 -6.05 3.17
CA ASN A 1 -37.78 -5.23 2.07
C ASN A 1 -36.64 -4.55 1.33
N SER A 2 -35.43 -4.68 1.86
CA SER A 2 -34.25 -4.07 1.24
C SER A 2 -33.15 -5.10 1.06
N ALA A 3 -33.45 -6.36 1.39
CA ALA A 3 -32.47 -7.43 1.26
C ALA A 3 -31.14 -7.03 1.88
N VAL A 4 -30.06 -7.64 1.40
CA VAL A 4 -28.73 -7.34 1.92
C VAL A 4 -28.25 -5.99 1.41
N SER A 5 -27.85 -5.12 2.33
CA SER A 5 -27.37 -3.78 1.96
C SER A 5 -26.10 -3.90 1.11
N THR A 6 -25.90 -2.91 0.24
CA THR A 6 -24.72 -2.91 -0.62
C THR A 6 -23.49 -2.54 0.19
N GLU A 7 -23.71 -2.01 1.39
CA GLU A 7 -22.62 -1.63 2.27
C GLU A 7 -21.77 -2.84 2.63
N ASP A 8 -22.43 -3.99 2.78
CA ASP A 8 -21.73 -5.21 3.12
C ASP A 8 -20.85 -5.66 1.97
N LEU A 9 -21.38 -5.56 0.75
CA LEU A 9 -20.63 -5.95 -0.44
C LEU A 9 -19.39 -5.09 -0.58
N LYS A 10 -19.58 -3.77 -0.63
CA LYS A 10 -18.45 -2.87 -0.76
C LYS A 10 -17.35 -3.29 0.20
N GLU A 11 -17.76 -3.84 1.34
CA GLU A 11 -16.81 -4.31 2.33
C GLU A 11 -16.18 -5.61 1.87
N CYS A 12 -16.97 -6.47 1.24
CA CYS A 12 -16.47 -7.75 0.77
C CYS A 12 -15.36 -7.53 -0.25
N LEU A 13 -15.58 -6.62 -1.19
CA LEU A 13 -14.56 -6.34 -2.20
C LEU A 13 -13.23 -6.03 -1.52
N LYS A 14 -13.28 -5.19 -0.49
CA LYS A 14 -12.07 -4.81 0.24
C LYS A 14 -11.25 -6.06 0.56
N LYS A 15 -11.84 -6.95 1.36
CA LYS A 15 -11.15 -8.16 1.75
C LYS A 15 -10.38 -8.74 0.58
N GLN A 16 -11.07 -8.99 -0.53
CA GLN A 16 -10.43 -9.54 -1.72
C GLN A 16 -9.22 -8.70 -2.10
N LEU A 17 -9.45 -7.42 -2.30
CA LEU A 17 -8.39 -6.49 -2.68
C LEU A 17 -7.23 -6.52 -1.67
N GLU A 18 -7.54 -6.28 -0.40
CA GLU A 18 -6.52 -6.25 0.64
C GLU A 18 -5.71 -7.55 0.68
N PHE A 19 -6.37 -8.69 0.51
CA PHE A 19 -5.68 -9.97 0.56
C PHE A 19 -4.94 -10.25 -0.74
N CYS A 20 -5.47 -9.74 -1.84
CA CYS A 20 -4.84 -9.96 -3.14
C CYS A 20 -3.42 -9.41 -3.17
N PHE A 21 -3.25 -8.17 -2.71
CA PHE A 21 -1.94 -7.52 -2.71
C PHE A 21 -1.16 -7.78 -1.43
N SER A 22 -1.45 -8.88 -0.75
CA SER A 22 -0.72 -9.21 0.46
C SER A 22 0.63 -9.79 0.07
N ARG A 23 1.67 -9.41 0.79
CA ARG A 23 3.02 -9.89 0.48
C ARG A 23 3.00 -11.37 0.14
N GLU A 24 2.29 -12.16 0.95
CA GLU A 24 2.22 -13.60 0.74
C GLU A 24 1.21 -13.96 -0.37
N ASN A 25 0.25 -13.08 -0.62
CA ASN A 25 -0.78 -13.36 -1.63
C ASN A 25 -0.29 -13.03 -3.04
N LEU A 26 0.14 -11.79 -3.26
CA LEU A 26 0.62 -11.39 -4.58
C LEU A 26 1.86 -12.18 -4.94
N SER A 27 2.87 -12.12 -4.11
CA SER A 27 4.12 -12.85 -4.36
C SER A 27 3.81 -14.29 -4.78
N LYS A 28 2.69 -14.82 -4.31
CA LYS A 28 2.30 -16.19 -4.63
C LYS A 28 1.06 -16.22 -5.53
N ASP A 29 0.86 -15.16 -6.31
CA ASP A 29 -0.30 -15.11 -7.21
C ASP A 29 0.13 -15.32 -8.65
N LEU A 30 0.11 -16.58 -9.09
CA LEU A 30 0.51 -16.91 -10.44
C LEU A 30 -0.48 -16.33 -11.45
N TYR A 31 -1.68 -15.99 -11.00
CA TYR A 31 -2.68 -15.44 -11.90
C TYR A 31 -2.48 -13.94 -12.15
N LEU A 32 -2.26 -13.17 -11.08
CA LEU A 32 -2.09 -11.73 -11.23
C LEU A 32 -0.67 -11.35 -11.64
N ILE A 33 0.29 -11.68 -10.78
CA ILE A 33 1.69 -11.34 -11.04
C ILE A 33 2.14 -11.82 -12.42
N SER A 34 1.63 -12.97 -12.86
CA SER A 34 2.01 -13.51 -14.16
C SER A 34 1.23 -12.88 -15.30
N GLN A 35 0.05 -12.34 -15.01
CA GLN A 35 -0.77 -11.71 -16.05
C GLN A 35 -0.29 -10.29 -16.28
N MET A 36 0.35 -9.75 -15.26
CA MET A 36 0.88 -8.40 -15.30
C MET A 36 1.27 -7.95 -16.70
N ASP A 37 0.67 -6.86 -17.17
CA ASP A 37 1.05 -6.33 -18.47
C ASP A 37 2.52 -5.86 -18.42
N SER A 38 2.85 -4.78 -19.11
CA SER A 38 4.25 -4.31 -19.19
C SER A 38 4.82 -3.66 -17.91
N ASP A 39 4.07 -2.83 -17.20
CA ASP A 39 4.62 -2.16 -15.99
C ASP A 39 4.08 -2.79 -14.71
N GLN A 40 3.90 -4.09 -14.73
CA GLN A 40 3.36 -4.78 -13.56
C GLN A 40 1.89 -4.48 -13.48
N PHE A 41 1.37 -3.87 -14.55
CA PHE A 41 -0.04 -3.57 -14.61
C PHE A 41 -0.75 -4.87 -14.91
N ILE A 42 -1.93 -5.08 -14.38
CA ILE A 42 -2.65 -6.31 -14.68
C ILE A 42 -3.76 -5.96 -15.65
N PRO A 43 -3.98 -6.72 -16.72
CA PRO A 43 -5.05 -6.37 -17.67
C PRO A 43 -6.31 -6.16 -16.89
N ILE A 44 -6.92 -5.00 -17.02
CA ILE A 44 -8.09 -4.75 -16.25
C ILE A 44 -9.15 -5.83 -16.49
N TRP A 45 -9.13 -6.44 -17.67
CA TRP A 45 -10.11 -7.46 -18.02
C TRP A 45 -9.88 -8.75 -17.24
N THR A 46 -8.63 -9.17 -17.14
CA THR A 46 -8.31 -10.40 -16.43
C THR A 46 -8.81 -10.38 -14.98
N VAL A 47 -8.73 -9.22 -14.34
CA VAL A 47 -9.21 -9.10 -12.95
C VAL A 47 -10.71 -8.89 -12.90
N ALA A 48 -11.19 -8.06 -13.80
CA ALA A 48 -12.62 -7.77 -13.85
C ALA A 48 -13.41 -9.06 -13.89
N ASN A 49 -12.71 -10.16 -14.19
CA ASN A 49 -13.35 -11.47 -14.28
C ASN A 49 -12.75 -12.43 -13.25
N MET A 50 -12.13 -11.87 -12.21
CA MET A 50 -11.52 -12.69 -11.16
C MET A 50 -12.58 -13.50 -10.42
N GLU A 51 -12.35 -14.80 -10.31
CA GLU A 51 -13.29 -15.69 -9.63
C GLU A 51 -13.77 -15.11 -8.31
N GLU A 52 -12.85 -14.62 -7.49
CA GLU A 52 -13.22 -14.06 -6.20
C GLU A 52 -14.39 -13.09 -6.36
N ILE A 53 -14.26 -12.15 -7.30
CA ILE A 53 -15.32 -11.18 -7.54
C ILE A 53 -16.34 -11.71 -8.55
N LYS A 54 -15.93 -12.65 -9.37
CA LYS A 54 -16.83 -13.18 -10.38
C LYS A 54 -18.16 -13.55 -9.73
N LYS A 55 -18.11 -13.98 -8.49
CA LYS A 55 -19.33 -14.32 -7.77
C LYS A 55 -20.05 -13.04 -7.36
N LEU A 56 -19.29 -11.95 -7.20
CA LEU A 56 -19.88 -10.67 -6.83
C LEU A 56 -20.79 -10.17 -7.93
N THR A 57 -20.23 -10.05 -9.14
CA THR A 57 -20.99 -9.57 -10.29
C THR A 57 -20.12 -9.54 -11.54
N THR A 58 -20.69 -9.05 -12.63
CA THR A 58 -19.96 -8.95 -13.88
C THR A 58 -19.99 -7.51 -14.39
N ASP A 59 -19.66 -6.57 -13.51
CA ASP A 59 -19.66 -5.17 -13.89
C ASP A 59 -18.22 -4.73 -14.23
N PRO A 60 -17.90 -4.51 -15.48
CA PRO A 60 -16.51 -4.13 -15.90
C PRO A 60 -16.13 -2.71 -15.55
N ASP A 61 -17.01 -1.78 -15.86
CA ASP A 61 -16.74 -0.37 -15.60
C ASP A 61 -16.87 -0.02 -14.11
N LEU A 62 -17.64 -0.82 -13.38
CA LEU A 62 -17.84 -0.55 -11.95
C LEU A 62 -16.72 -1.08 -11.07
N ILE A 63 -16.25 -2.29 -11.31
CA ILE A 63 -15.22 -2.87 -10.46
C ILE A 63 -14.07 -1.90 -10.19
N LEU A 64 -13.42 -1.40 -11.24
CA LEU A 64 -12.29 -0.48 -11.05
C LEU A 64 -12.69 0.75 -10.23
N GLU A 65 -13.94 1.19 -10.36
CA GLU A 65 -14.38 2.36 -9.62
C GLU A 65 -14.25 2.11 -8.12
N VAL A 66 -14.37 0.84 -7.73
CA VAL A 66 -14.28 0.47 -6.32
C VAL A 66 -12.82 0.25 -5.91
N LEU A 67 -12.01 -0.20 -6.87
CA LEU A 67 -10.60 -0.47 -6.60
C LEU A 67 -9.96 0.70 -5.85
N ARG A 68 -10.33 1.92 -6.23
CA ARG A 68 -9.77 3.11 -5.59
C ARG A 68 -9.94 3.03 -4.08
N SER A 69 -10.78 2.10 -3.62
CA SER A 69 -11.02 1.93 -2.19
C SER A 69 -9.81 1.31 -1.50
N SER A 70 -8.73 1.11 -2.26
CA SER A 70 -7.52 0.53 -1.70
C SER A 70 -6.35 1.51 -1.83
N PRO A 71 -6.16 2.36 -0.86
CA PRO A 71 -5.05 3.37 -0.86
C PRO A 71 -3.70 2.76 -1.20
N MET A 72 -3.46 1.54 -0.75
CA MET A 72 -2.20 0.87 -1.01
C MET A 72 -2.19 0.23 -2.39
N VAL A 73 -3.14 0.62 -3.22
CA VAL A 73 -3.23 0.07 -4.57
C VAL A 73 -3.29 1.20 -5.59
N GLN A 74 -2.71 0.97 -6.76
CA GLN A 74 -2.71 1.97 -7.81
C GLN A 74 -3.25 1.39 -9.10
N VAL A 75 -4.40 1.90 -9.51
CA VAL A 75 -5.05 1.42 -10.71
C VAL A 75 -5.07 2.48 -11.81
N ASP A 76 -4.97 2.03 -13.06
CA ASP A 76 -4.97 2.97 -14.19
C ASP A 76 -6.10 3.98 -14.06
N GLU A 77 -5.82 5.21 -14.44
CA GLU A 77 -6.81 6.28 -14.35
C GLU A 77 -7.85 6.13 -15.46
N LYS A 78 -7.47 5.48 -16.56
CA LYS A 78 -8.37 5.29 -17.68
C LYS A 78 -9.25 4.07 -17.44
N GLY A 79 -8.81 3.19 -16.54
CA GLY A 79 -9.59 1.99 -16.22
C GLY A 79 -9.30 0.85 -17.20
N GLU A 80 -8.03 0.65 -17.53
CA GLU A 80 -7.67 -0.43 -18.46
C GLU A 80 -6.46 -1.22 -17.97
N LYS A 81 -5.75 -0.67 -16.99
CA LYS A 81 -4.60 -1.37 -16.43
C LYS A 81 -4.46 -1.05 -14.95
N VAL A 82 -3.61 -1.79 -14.25
CA VAL A 82 -3.43 -1.55 -12.82
C VAL A 82 -2.31 -2.40 -12.23
N ARG A 83 -1.53 -1.81 -11.33
CA ARG A 83 -0.46 -2.54 -10.65
C ARG A 83 -0.58 -2.35 -9.13
N PRO A 84 -0.42 -3.40 -8.34
CA PRO A 84 -0.51 -3.29 -6.87
C PRO A 84 0.73 -2.67 -6.25
N SER A 85 0.54 -1.97 -5.14
CA SER A 85 1.66 -1.33 -4.46
C SER A 85 2.23 -2.25 -3.39
N HIS A 86 3.45 -2.70 -3.61
CA HIS A 86 4.12 -3.58 -2.66
C HIS A 86 4.34 -2.87 -1.32
N LYS A 87 4.34 -3.64 -0.24
CA LYS A 87 4.54 -3.08 1.08
C LYS A 87 5.99 -3.26 1.53
N ARG A 88 6.81 -2.23 1.32
CA ARG A 88 8.21 -2.29 1.70
C ARG A 88 8.79 -0.88 1.82
N CYS A 89 7.97 0.12 1.51
CA CYS A 89 8.40 1.51 1.57
C CYS A 89 7.56 2.29 2.58
N ILE A 90 7.02 1.58 3.56
CA ILE A 90 6.19 2.21 4.57
C ILE A 90 7.02 2.69 5.75
N VAL A 91 6.80 3.95 6.15
CA VAL A 91 7.50 4.50 7.30
C VAL A 91 6.64 4.29 8.54
N ILE A 92 7.28 4.01 9.67
CA ILE A 92 6.52 3.75 10.90
C ILE A 92 6.86 4.77 11.99
N LEU A 93 5.83 5.51 12.41
CA LEU A 93 5.98 6.49 13.48
C LEU A 93 5.41 5.91 14.77
N ARG A 94 6.27 5.70 15.76
CA ARG A 94 5.83 5.11 17.02
C ARG A 94 5.67 6.14 18.11
N GLU A 95 5.05 5.71 19.21
CA GLU A 95 4.84 6.57 20.36
C GLU A 95 4.05 7.83 20.01
N ILE A 96 3.11 7.70 19.07
CA ILE A 96 2.30 8.84 18.68
C ILE A 96 1.02 8.85 19.53
N PRO A 97 0.86 9.80 20.44
CA PRO A 97 -0.34 9.86 21.32
C PRO A 97 -1.63 9.55 20.55
N GLU A 98 -2.47 8.70 21.13
CA GLU A 98 -3.74 8.34 20.50
C GLU A 98 -4.54 9.60 20.20
N THR A 99 -4.13 10.71 20.79
CA THR A 99 -4.83 11.98 20.59
C THR A 99 -4.10 12.85 19.58
N THR A 100 -3.04 12.30 18.98
CA THR A 100 -2.27 13.04 17.99
C THR A 100 -3.06 13.15 16.68
N PRO A 101 -3.45 14.32 16.26
CA PRO A 101 -4.25 14.49 15.01
C PRO A 101 -3.44 14.16 13.75
N ILE A 102 -4.06 13.45 12.82
CA ILE A 102 -3.41 13.07 11.58
C ILE A 102 -2.64 14.26 11.00
N GLU A 103 -3.13 15.46 11.32
CA GLU A 103 -2.51 16.67 10.83
C GLU A 103 -1.15 16.88 11.49
N GLU A 104 -1.04 16.47 12.75
CA GLU A 104 0.20 16.60 13.49
C GLU A 104 1.29 15.74 12.86
N VAL A 105 1.01 14.44 12.73
CA VAL A 105 1.97 13.51 12.16
C VAL A 105 2.17 13.78 10.67
N LYS A 106 1.09 14.08 9.97
CA LYS A 106 1.16 14.33 8.53
C LYS A 106 2.42 15.09 8.15
N GLY A 107 2.72 16.16 8.88
CA GLY A 107 3.92 16.95 8.56
C GLY A 107 5.19 16.21 8.95
N LEU A 108 5.17 15.56 10.11
CA LEU A 108 6.33 14.82 10.57
C LEU A 108 6.83 13.89 9.45
N PHE A 109 6.01 13.76 8.42
CA PHE A 109 6.35 12.91 7.28
C PHE A 109 6.84 13.78 6.12
N LYS A 110 6.42 15.04 6.14
CA LYS A 110 6.80 16.00 5.11
C LYS A 110 8.25 15.79 4.66
N SER A 111 8.45 15.70 3.35
CA SER A 111 9.79 15.52 2.81
C SER A 111 10.14 16.68 1.87
N GLU A 112 11.42 16.93 1.70
CA GLU A 112 11.87 18.02 0.83
C GLU A 112 12.21 17.50 -0.55
N ASN A 113 12.53 16.21 -0.63
CA ASN A 113 12.89 15.60 -1.91
C ASN A 113 11.73 14.75 -2.45
N CYS A 114 10.67 14.66 -1.66
CA CYS A 114 9.50 13.87 -2.06
C CYS A 114 8.20 14.62 -1.75
N PRO A 115 7.15 14.31 -2.46
CA PRO A 115 5.82 14.95 -2.25
C PRO A 115 5.19 14.53 -0.93
N LYS A 116 4.07 15.17 -0.58
CA LYS A 116 3.37 14.83 0.66
C LYS A 116 3.04 13.35 0.71
N VAL A 117 2.96 12.80 1.92
CA VAL A 117 2.67 11.38 2.09
C VAL A 117 1.72 10.88 1.01
N ILE A 118 2.00 9.68 0.52
CA ILE A 118 1.17 9.07 -0.52
C ILE A 118 -0.06 8.44 0.13
N SER A 119 0.13 7.85 1.30
CA SER A 119 -0.95 7.23 2.03
C SER A 119 -0.62 7.19 3.52
N CYS A 120 -1.57 7.61 4.34
CA CYS A 120 -1.35 7.63 5.78
C CYS A 120 -2.51 6.97 6.53
N GLU A 121 -2.17 6.01 7.39
CA GLU A 121 -3.18 5.31 8.18
C GLU A 121 -2.61 4.87 9.52
N PHE A 122 -3.49 4.71 10.51
CA PHE A 122 -3.06 4.29 11.84
C PHE A 122 -3.00 2.77 11.93
N ALA A 123 -2.00 2.26 12.67
CA ALA A 123 -1.85 0.82 12.84
C ALA A 123 -1.51 0.48 14.28
N HIS A 124 -1.94 -0.70 14.73
CA HIS A 124 -1.67 -1.13 16.11
C HIS A 124 -0.23 -0.83 16.51
N ASN A 125 0.09 -1.09 17.77
CA ASN A 125 1.44 -0.86 18.26
C ASN A 125 1.77 0.64 18.21
N SER A 126 0.78 1.47 18.53
CA SER A 126 0.99 2.91 18.51
C SER A 126 1.88 3.30 17.34
N ASN A 127 1.93 2.46 16.32
CA ASN A 127 2.77 2.74 15.15
C ASN A 127 1.90 3.14 13.96
N TRP A 128 2.20 4.30 13.39
CA TRP A 128 1.47 4.80 12.23
C TRP A 128 2.15 4.31 10.96
N TYR A 129 1.39 3.60 10.13
CA TYR A 129 1.93 3.05 8.89
C TYR A 129 1.70 4.00 7.72
N ILE A 130 2.66 4.91 7.49
CA ILE A 130 2.55 5.85 6.39
C ILE A 130 3.25 5.25 5.17
N THR A 131 2.51 5.16 4.06
CA THR A 131 3.06 4.59 2.84
C THR A 131 3.63 5.66 1.92
N PHE A 132 4.57 5.24 1.08
CA PHE A 132 5.20 6.15 0.12
C PHE A 132 4.92 5.69 -1.30
N GLN A 133 5.44 6.42 -2.28
CA GLN A 133 5.21 6.06 -3.67
C GLN A 133 6.29 5.11 -4.16
N SER A 134 7.52 5.35 -3.72
CA SER A 134 8.64 4.50 -4.13
C SER A 134 9.62 4.34 -2.97
N ASP A 135 10.45 3.31 -3.03
CA ASP A 135 11.43 3.06 -1.97
C ASP A 135 12.54 4.11 -2.01
N THR A 136 13.04 4.39 -3.20
CA THR A 136 14.11 5.37 -3.37
C THR A 136 13.69 6.70 -2.76
N ASP A 137 12.40 6.99 -2.79
CA ASP A 137 11.88 8.24 -2.22
C ASP A 137 11.64 8.09 -0.73
N ALA A 138 10.96 7.02 -0.33
CA ALA A 138 10.68 6.78 1.07
C ALA A 138 11.97 6.74 1.88
N GLN A 139 12.80 5.76 1.59
CA GLN A 139 14.06 5.61 2.30
C GLN A 139 14.80 6.94 2.34
N GLN A 140 14.95 7.58 1.18
CA GLN A 140 15.61 8.87 1.12
C GLN A 140 14.90 9.87 2.02
N ALA A 141 13.57 9.86 1.95
CA ALA A 141 12.77 10.75 2.76
C ALA A 141 13.08 10.50 4.23
N PHE A 142 13.06 9.23 4.62
CA PHE A 142 13.35 8.86 5.99
C PHE A 142 14.60 9.58 6.49
N LYS A 143 15.63 9.62 5.64
CA LYS A 143 16.86 10.28 6.00
C LYS A 143 16.57 11.73 6.41
N TYR A 144 15.49 12.29 5.86
CA TYR A 144 15.10 13.65 6.17
C TYR A 144 14.29 13.69 7.45
N LEU A 145 13.41 12.70 7.64
CA LEU A 145 12.58 12.64 8.84
C LEU A 145 13.44 12.70 10.09
N ARG A 146 14.59 12.04 10.04
CA ARG A 146 15.49 12.03 11.18
C ARG A 146 15.61 13.44 11.75
N GLU A 147 15.38 14.43 10.90
CA GLU A 147 15.46 15.83 11.32
C GLU A 147 14.09 16.31 11.77
N GLU A 148 13.04 15.81 11.12
CA GLU A 148 11.68 16.20 11.46
C GLU A 148 11.21 15.41 12.69
N VAL A 149 11.25 14.09 12.58
CA VAL A 149 10.84 13.24 13.69
C VAL A 149 11.73 13.52 14.89
N LYS A 150 12.92 14.04 14.62
CA LYS A 150 13.87 14.35 15.68
C LYS A 150 13.16 15.01 16.86
N THR A 151 11.96 15.53 16.60
CA THR A 151 11.15 16.17 17.64
C THR A 151 9.93 16.85 17.03
N PHE A 152 8.97 17.17 17.90
CA PHE A 152 7.75 17.82 17.48
C PHE A 152 7.11 18.50 18.68
N GLN A 153 6.97 19.83 18.61
CA GLN A 153 6.43 20.57 19.73
C GLN A 153 7.29 20.28 20.96
N GLY A 154 8.52 19.85 20.68
CA GLY A 154 9.47 19.52 21.74
C GLY A 154 9.21 18.13 22.30
N LYS A 155 8.57 17.29 21.49
CA LYS A 155 8.27 15.93 21.89
C LYS A 155 9.10 14.96 21.06
N PRO A 156 10.22 14.51 21.56
CA PRO A 156 11.10 13.58 20.82
C PRO A 156 10.35 12.31 20.42
N ILE A 157 10.35 12.01 19.13
CA ILE A 157 9.66 10.84 18.62
C ILE A 157 10.62 9.89 17.90
N MET A 158 10.28 8.61 17.90
CA MET A 158 11.10 7.60 17.24
C MET A 158 10.36 7.06 16.02
N ALA A 159 11.12 6.65 15.01
CA ALA A 159 10.50 6.12 13.79
C ALA A 159 11.33 4.99 13.21
N ARG A 160 10.69 4.20 12.35
CA ARG A 160 11.36 3.07 11.71
C ARG A 160 10.92 2.95 10.26
N ILE A 161 11.81 2.43 9.42
CA ILE A 161 11.50 2.24 8.01
C ILE A 161 11.13 0.79 7.74
N LYS A 162 9.92 0.58 7.22
CA LYS A 162 9.47 -0.78 6.92
C LYS A 162 9.94 -1.22 5.55
N ALA A 163 10.84 -2.21 5.53
CA ALA A 163 11.38 -2.73 4.28
C ALA A 163 11.42 -4.25 4.32
N ILE A 164 11.80 -4.86 3.20
CA ILE A 164 11.89 -6.31 3.12
C ILE A 164 13.27 -6.80 3.55
N ASN A 165 13.30 -7.79 4.43
CA ASN A 165 14.57 -8.33 4.91
C ASN A 165 14.55 -9.86 4.86
N THR A 166 15.19 -10.42 3.83
CA THR A 166 15.24 -11.87 3.68
C THR A 166 16.67 -12.37 3.82
N PHE A 167 17.01 -12.86 5.02
CA PHE A 167 18.34 -13.36 5.27
C PHE A 167 18.47 -14.82 4.81
N PHE A 168 17.36 -15.39 4.37
CA PHE A 168 17.36 -16.77 3.90
C PHE A 168 17.58 -16.82 2.38
N ALA A 169 16.67 -16.19 1.65
CA ALA A 169 16.78 -16.16 0.19
C ALA A 169 17.77 -15.10 -0.26
N LYS A 170 18.94 -15.54 -0.70
CA LYS A 170 19.97 -14.62 -1.17
C LYS A 170 19.65 -14.11 -2.57
N ASN A 171 19.29 -12.84 -2.66
CA ASN A 171 18.95 -12.23 -3.95
C ASN A 171 20.16 -11.54 -4.54
N GLY A 172 21.15 -11.25 -3.70
CA GLY A 172 22.37 -10.58 -4.16
C GLY A 172 22.97 -11.31 -5.36
N TYR A 173 22.95 -12.64 -5.30
CA TYR A 173 23.49 -13.45 -6.39
C TYR A 173 24.74 -12.79 -6.98
N ARG A 174 25.88 -13.01 -6.33
CA ARG A 174 27.14 -12.44 -6.81
C ARG A 174 27.00 -10.93 -6.98
N LEU A 175 28.03 -10.31 -7.55
CA LEU A 175 28.02 -8.87 -7.78
C LEU A 175 27.96 -8.57 -9.27
N MET A 176 26.93 -7.82 -9.67
CA MET A 176 26.76 -7.46 -11.08
C MET A 176 27.27 -6.04 -11.34
N ASP A 177 27.60 -5.76 -12.59
CA ASP A 177 28.10 -4.44 -12.95
C ASP A 177 29.42 -4.15 -12.27
N ASN A 1 10.34 12.23 -34.67
CA ASN A 1 11.59 11.46 -34.43
C ASN A 1 11.30 10.29 -33.50
N SER A 2 10.41 10.52 -32.54
CA SER A 2 10.06 9.47 -31.58
C SER A 2 8.61 9.05 -31.76
N ALA A 3 7.92 9.72 -32.68
CA ALA A 3 6.52 9.41 -32.94
C ALA A 3 5.65 9.73 -31.73
N VAL A 4 4.69 8.85 -31.44
CA VAL A 4 3.81 9.06 -30.29
C VAL A 4 4.44 8.53 -29.01
N SER A 5 4.37 9.31 -27.95
CA SER A 5 4.94 8.91 -26.67
C SER A 5 4.08 7.82 -26.02
N THR A 6 4.68 6.67 -25.77
CA THR A 6 3.96 5.56 -25.14
C THR A 6 3.76 5.82 -23.67
N GLU A 7 4.69 6.56 -23.07
CA GLU A 7 4.61 6.89 -21.65
C GLU A 7 3.26 7.51 -21.32
N ASP A 8 2.70 8.26 -22.27
CA ASP A 8 1.41 8.90 -22.05
C ASP A 8 0.34 7.88 -21.75
N LEU A 9 0.43 6.72 -22.40
CA LEU A 9 -0.53 5.65 -22.19
C LEU A 9 -0.32 4.98 -20.84
N LYS A 10 0.91 4.57 -20.58
CA LYS A 10 1.23 3.92 -19.32
C LYS A 10 0.58 4.67 -18.16
N GLU A 11 0.50 5.99 -18.31
CA GLU A 11 -0.11 6.83 -17.30
C GLU A 11 -1.63 6.80 -17.42
N CYS A 12 -2.12 6.74 -18.65
CA CYS A 12 -3.57 6.72 -18.87
C CYS A 12 -4.21 5.52 -18.18
N LEU A 13 -3.57 4.35 -18.28
CA LEU A 13 -4.11 3.17 -17.62
C LEU A 13 -4.12 3.38 -16.11
N LYS A 14 -3.01 3.89 -15.59
CA LYS A 14 -2.90 4.13 -14.16
C LYS A 14 -4.14 4.85 -13.63
N LYS A 15 -4.58 5.87 -14.34
CA LYS A 15 -5.73 6.64 -13.89
C LYS A 15 -6.83 5.72 -13.37
N GLN A 16 -6.94 4.53 -13.96
CA GLN A 16 -7.97 3.58 -13.55
C GLN A 16 -7.55 2.87 -12.26
N LEU A 17 -6.29 2.48 -12.18
CA LEU A 17 -5.78 1.76 -11.01
C LEU A 17 -6.14 2.48 -9.71
N GLU A 18 -5.70 3.73 -9.58
CA GLU A 18 -5.95 4.50 -8.37
C GLU A 18 -7.42 4.49 -7.96
N PHE A 19 -8.29 4.82 -8.89
CA PHE A 19 -9.73 4.87 -8.61
C PHE A 19 -10.35 3.48 -8.57
N CYS A 20 -9.81 2.56 -9.36
CA CYS A 20 -10.36 1.19 -9.40
C CYS A 20 -10.55 0.62 -8.00
N PHE A 21 -9.50 0.70 -7.18
CA PHE A 21 -9.56 0.16 -5.83
C PHE A 21 -10.03 1.20 -4.81
N SER A 22 -10.79 2.18 -5.28
CA SER A 22 -11.32 3.18 -4.37
C SER A 22 -12.44 2.54 -3.55
N ARG A 23 -12.51 2.89 -2.26
CA ARG A 23 -13.54 2.30 -1.41
C ARG A 23 -14.87 2.24 -2.13
N GLU A 24 -15.20 3.31 -2.87
CA GLU A 24 -16.46 3.36 -3.61
C GLU A 24 -16.39 2.58 -4.92
N ASN A 25 -15.17 2.41 -5.45
CA ASN A 25 -15.02 1.71 -6.73
C ASN A 25 -15.03 0.19 -6.56
N LEU A 26 -14.13 -0.34 -5.73
CA LEU A 26 -14.09 -1.79 -5.52
C LEU A 26 -15.39 -2.26 -4.88
N SER A 27 -15.73 -1.69 -3.72
CA SER A 27 -16.97 -2.08 -3.05
C SER A 27 -18.11 -2.12 -4.06
N LYS A 28 -17.99 -1.34 -5.13
CA LYS A 28 -19.01 -1.29 -6.16
C LYS A 28 -18.52 -1.90 -7.47
N ASP A 29 -17.55 -2.81 -7.38
CA ASP A 29 -17.02 -3.45 -8.57
C ASP A 29 -17.44 -4.91 -8.64
N LEU A 30 -18.64 -5.14 -9.15
CA LEU A 30 -19.17 -6.50 -9.26
C LEU A 30 -18.29 -7.34 -10.19
N TYR A 31 -17.47 -6.67 -10.99
CA TYR A 31 -16.59 -7.38 -11.92
C TYR A 31 -15.34 -7.92 -11.21
N LEU A 32 -14.67 -7.08 -10.45
CA LEU A 32 -13.46 -7.49 -9.75
C LEU A 32 -13.76 -8.23 -8.45
N ILE A 33 -14.41 -7.53 -7.51
CA ILE A 33 -14.74 -8.10 -6.21
C ILE A 33 -15.39 -9.48 -6.36
N SER A 34 -16.26 -9.63 -7.36
CA SER A 34 -16.96 -10.91 -7.57
C SER A 34 -16.07 -11.95 -8.23
N GLN A 35 -15.01 -11.51 -8.90
CA GLN A 35 -14.11 -12.44 -9.57
C GLN A 35 -13.00 -12.88 -8.61
N MET A 36 -12.77 -12.05 -7.60
CA MET A 36 -11.76 -12.32 -6.60
C MET A 36 -11.55 -13.81 -6.36
N ASP A 37 -10.31 -14.29 -6.53
CA ASP A 37 -10.04 -15.70 -6.26
C ASP A 37 -10.24 -15.99 -4.77
N SER A 38 -9.42 -16.87 -4.19
CA SER A 38 -9.60 -17.28 -2.78
C SER A 38 -9.24 -16.22 -1.71
N ASP A 39 -8.13 -15.50 -1.86
CA ASP A 39 -7.73 -14.51 -0.83
C ASP A 39 -7.99 -13.08 -1.29
N GLN A 40 -9.07 -12.90 -2.04
CA GLN A 40 -9.39 -11.59 -2.56
C GLN A 40 -8.48 -11.28 -3.72
N PHE A 41 -7.77 -12.30 -4.19
CA PHE A 41 -6.91 -12.10 -5.33
C PHE A 41 -7.81 -12.05 -6.52
N ILE A 42 -7.46 -11.31 -7.54
CA ILE A 42 -8.31 -11.23 -8.71
C ILE A 42 -7.70 -12.14 -9.77
N PRO A 43 -8.49 -12.97 -10.44
CA PRO A 43 -7.93 -13.87 -11.44
C PRO A 43 -7.10 -13.05 -12.38
N ILE A 44 -5.85 -13.42 -12.51
CA ILE A 44 -4.95 -12.66 -13.31
C ILE A 44 -5.56 -12.30 -14.68
N TRP A 45 -6.41 -13.19 -15.19
CA TRP A 45 -7.01 -12.99 -16.51
C TRP A 45 -8.21 -12.03 -16.49
N THR A 46 -9.11 -12.21 -15.53
CA THR A 46 -10.30 -11.37 -15.46
C THR A 46 -9.94 -9.88 -15.56
N VAL A 47 -8.90 -9.49 -14.85
CA VAL A 47 -8.46 -8.09 -14.86
C VAL A 47 -7.78 -7.74 -16.18
N ALA A 48 -6.78 -8.52 -16.55
CA ALA A 48 -6.05 -8.28 -17.77
C ALA A 48 -7.01 -8.06 -18.95
N ASN A 49 -8.28 -8.35 -18.72
CA ASN A 49 -9.29 -8.18 -19.78
C ASN A 49 -10.34 -7.13 -19.39
N MET A 50 -9.99 -6.25 -18.45
CA MET A 50 -10.92 -5.21 -18.03
C MET A 50 -11.22 -4.25 -19.18
N GLU A 51 -12.48 -4.25 -19.62
CA GLU A 51 -12.89 -3.37 -20.72
C GLU A 51 -12.27 -1.99 -20.59
N GLU A 52 -12.25 -1.44 -19.39
CA GLU A 52 -11.68 -0.13 -19.18
C GLU A 52 -10.26 -0.08 -19.74
N ILE A 53 -9.44 -1.06 -19.38
CA ILE A 53 -8.08 -1.11 -19.86
C ILE A 53 -7.99 -1.80 -21.21
N LYS A 54 -8.97 -2.65 -21.52
CA LYS A 54 -8.97 -3.35 -22.78
C LYS A 54 -8.69 -2.37 -23.90
N LYS A 55 -9.20 -1.16 -23.75
CA LYS A 55 -8.97 -0.12 -24.75
C LYS A 55 -7.52 0.35 -24.64
N LEU A 56 -7.02 0.43 -23.41
CA LEU A 56 -5.65 0.88 -23.20
C LEU A 56 -4.68 -0.07 -23.88
N THR A 57 -4.89 -1.36 -23.70
CA THR A 57 -4.02 -2.37 -24.30
C THR A 57 -4.55 -3.77 -24.04
N THR A 58 -4.11 -4.73 -24.84
CA THR A 58 -4.55 -6.11 -24.69
C THR A 58 -3.36 -7.02 -24.37
N ASP A 59 -2.46 -6.54 -23.52
CA ASP A 59 -1.29 -7.31 -23.14
C ASP A 59 -1.54 -7.98 -21.78
N PRO A 60 -1.62 -9.29 -21.72
CA PRO A 60 -1.92 -10.02 -20.43
C PRO A 60 -0.75 -10.02 -19.46
N ASP A 61 0.42 -10.38 -19.97
CA ASP A 61 1.62 -10.47 -19.13
C ASP A 61 2.20 -9.10 -18.81
N LEU A 62 1.91 -8.10 -19.62
CA LEU A 62 2.45 -6.76 -19.40
C LEU A 62 1.65 -5.95 -18.38
N ILE A 63 0.33 -6.01 -18.46
CA ILE A 63 -0.50 -5.22 -17.56
C ILE A 63 -0.04 -5.32 -16.10
N LEU A 64 -0.03 -6.53 -15.54
CA LEU A 64 0.37 -6.71 -14.14
C LEU A 64 1.75 -6.11 -13.86
N GLU A 65 2.63 -6.13 -14.84
CA GLU A 65 3.97 -5.59 -14.63
C GLU A 65 3.89 -4.10 -14.29
N VAL A 66 2.87 -3.44 -14.84
CA VAL A 66 2.68 -2.00 -14.59
C VAL A 66 1.88 -1.75 -13.32
N LEU A 67 1.05 -2.72 -12.96
CA LEU A 67 0.21 -2.60 -11.77
C LEU A 67 1.02 -2.10 -10.57
N ARG A 68 2.22 -2.64 -10.41
CA ARG A 68 3.08 -2.25 -9.29
C ARG A 68 3.17 -0.74 -9.18
N SER A 69 2.68 -0.03 -10.19
CA SER A 69 2.72 1.42 -10.20
C SER A 69 1.68 2.00 -9.24
N SER A 70 1.12 1.15 -8.38
CA SER A 70 0.12 1.60 -7.41
C SER A 70 0.51 1.17 -5.99
N PRO A 71 1.22 2.02 -5.27
CA PRO A 71 1.66 1.72 -3.88
C PRO A 71 0.53 1.20 -3.00
N MET A 72 -0.66 1.74 -3.18
CA MET A 72 -1.81 1.32 -2.37
C MET A 72 -2.43 0.04 -2.91
N VAL A 73 -1.69 -0.65 -3.77
CA VAL A 73 -2.17 -1.89 -4.36
C VAL A 73 -1.12 -2.98 -4.23
N GLN A 74 -1.59 -4.23 -4.10
CA GLN A 74 -0.67 -5.36 -3.96
C GLN A 74 -0.97 -6.43 -5.00
N VAL A 75 -0.04 -6.58 -5.93
CA VAL A 75 -0.21 -7.55 -7.01
C VAL A 75 0.93 -8.58 -7.01
N ASP A 76 0.62 -9.82 -7.38
CA ASP A 76 1.66 -10.85 -7.40
C ASP A 76 2.87 -10.34 -8.16
N GLU A 77 4.04 -10.47 -7.55
CA GLU A 77 5.28 -10.01 -8.17
C GLU A 77 5.56 -10.80 -9.45
N LYS A 78 4.93 -11.96 -9.60
CA LYS A 78 5.13 -12.79 -10.77
C LYS A 78 3.99 -12.60 -11.78
N GLY A 79 2.86 -12.10 -11.30
CA GLY A 79 1.71 -11.89 -12.17
C GLY A 79 0.84 -13.14 -12.27
N GLU A 80 0.58 -13.76 -11.11
CA GLU A 80 -0.24 -14.96 -11.09
C GLU A 80 -1.51 -14.72 -10.28
N LYS A 81 -1.46 -13.75 -9.37
CA LYS A 81 -2.61 -13.43 -8.54
C LYS A 81 -2.48 -12.03 -7.95
N VAL A 82 -3.59 -11.34 -7.71
CA VAL A 82 -3.49 -9.99 -7.14
C VAL A 82 -4.72 -9.55 -6.36
N ARG A 83 -4.48 -8.88 -5.23
CA ARG A 83 -5.57 -8.34 -4.41
C ARG A 83 -5.30 -6.86 -4.11
N PRO A 84 -6.30 -6.01 -4.18
CA PRO A 84 -6.10 -4.56 -3.89
C PRO A 84 -5.95 -4.30 -2.40
N SER A 85 -5.19 -3.26 -2.06
CA SER A 85 -4.96 -2.92 -0.67
C SER A 85 -5.71 -1.64 -0.30
N HIS A 86 -6.71 -1.78 0.55
CA HIS A 86 -7.50 -0.63 0.99
C HIS A 86 -6.73 0.19 2.02
N LYS A 87 -7.37 0.44 3.16
CA LYS A 87 -6.72 1.21 4.22
C LYS A 87 -5.37 0.61 4.58
N ARG A 88 -4.42 1.47 4.93
CA ARG A 88 -3.08 1.01 5.29
C ARG A 88 -2.94 0.92 6.81
N CYS A 89 -2.42 -0.20 7.28
CA CYS A 89 -2.22 -0.41 8.71
C CYS A 89 -0.75 -0.59 9.04
N ILE A 90 0.11 -0.03 8.20
CA ILE A 90 1.55 -0.14 8.40
C ILE A 90 2.05 0.96 9.31
N VAL A 91 2.94 0.60 10.23
CA VAL A 91 3.51 1.57 11.15
C VAL A 91 4.82 2.10 10.57
N ILE A 92 5.17 3.34 10.89
CA ILE A 92 6.38 3.93 10.36
C ILE A 92 7.33 4.37 11.46
N LEU A 93 8.52 3.75 11.50
CA LEU A 93 9.53 4.12 12.49
C LEU A 93 10.53 5.05 11.80
N ARG A 94 10.58 6.29 12.26
CA ARG A 94 11.46 7.27 11.64
C ARG A 94 12.79 7.42 12.37
N GLU A 95 13.77 7.94 11.65
CA GLU A 95 15.10 8.19 12.20
C GLU A 95 15.73 6.92 12.76
N ILE A 96 15.71 5.84 11.99
CA ILE A 96 16.32 4.60 12.44
C ILE A 96 17.71 4.47 11.78
N PRO A 97 18.78 4.65 12.54
CA PRO A 97 20.15 4.57 11.98
C PRO A 97 20.33 3.39 11.02
N GLU A 98 20.65 3.69 9.76
CA GLU A 98 20.85 2.65 8.78
C GLU A 98 21.68 1.52 9.37
N THR A 99 22.40 1.82 10.44
CA THR A 99 23.24 0.83 11.10
C THR A 99 22.46 0.13 12.21
N THR A 100 21.14 0.20 12.13
CA THR A 100 20.29 -0.43 13.13
C THR A 100 19.81 -1.80 12.61
N PRO A 101 20.10 -2.88 13.30
CA PRO A 101 19.69 -4.25 12.85
C PRO A 101 18.20 -4.48 13.00
N ILE A 102 17.60 -5.13 12.00
CA ILE A 102 16.18 -5.43 12.03
C ILE A 102 15.79 -5.96 13.40
N GLU A 103 16.74 -6.58 14.10
CA GLU A 103 16.48 -7.12 15.41
C GLU A 103 16.17 -5.99 16.39
N GLU A 104 16.92 -4.90 16.27
CA GLU A 104 16.71 -3.75 17.15
C GLU A 104 15.30 -3.18 17.01
N VAL A 105 14.93 -2.83 15.79
CA VAL A 105 13.60 -2.28 15.54
C VAL A 105 12.52 -3.32 15.78
N LYS A 106 12.77 -4.55 15.34
CA LYS A 106 11.80 -5.63 15.49
C LYS A 106 11.06 -5.55 16.83
N GLY A 107 11.81 -5.36 17.91
CA GLY A 107 11.18 -5.28 19.23
C GLY A 107 10.43 -3.96 19.40
N LEU A 108 11.03 -2.86 18.95
CA LEU A 108 10.38 -1.57 19.06
C LEU A 108 8.97 -1.63 18.50
N PHE A 109 8.68 -2.73 17.81
CA PHE A 109 7.37 -2.94 17.22
C PHE A 109 6.54 -3.87 18.10
N LYS A 110 7.24 -4.65 18.92
CA LYS A 110 6.59 -5.60 19.82
C LYS A 110 5.39 -4.97 20.51
N SER A 111 4.21 -5.55 20.30
CA SER A 111 2.99 -5.05 20.91
C SER A 111 2.50 -6.02 21.98
N GLU A 112 2.57 -5.60 23.24
CA GLU A 112 2.14 -6.45 24.35
C GLU A 112 0.69 -6.89 24.17
N ASN A 113 0.04 -6.40 23.13
CA ASN A 113 -1.35 -6.76 22.87
C ASN A 113 -1.50 -7.39 21.49
N CYS A 114 -0.39 -7.61 20.81
CA CYS A 114 -0.42 -8.21 19.48
C CYS A 114 0.85 -9.04 19.24
N PRO A 115 0.76 -10.10 18.47
CA PRO A 115 1.94 -10.97 18.17
C PRO A 115 3.07 -10.19 17.50
N LYS A 116 4.21 -10.84 17.34
CA LYS A 116 5.36 -10.20 16.71
C LYS A 116 4.98 -9.66 15.33
N VAL A 117 5.67 -8.62 14.89
CA VAL A 117 5.38 -8.02 13.60
C VAL A 117 5.00 -9.09 12.57
N ILE A 118 3.98 -8.78 11.79
CA ILE A 118 3.51 -9.69 10.75
C ILE A 118 4.44 -9.63 9.56
N SER A 119 4.92 -8.42 9.27
CA SER A 119 5.83 -8.20 8.16
C SER A 119 6.65 -6.94 8.43
N CYS A 120 7.95 -7.03 8.24
CA CYS A 120 8.83 -5.89 8.48
C CYS A 120 9.76 -5.66 7.30
N GLU A 121 9.80 -4.43 6.81
CA GLU A 121 10.66 -4.09 5.68
C GLU A 121 11.12 -2.64 5.78
N PHE A 122 12.29 -2.35 5.21
CA PHE A 122 12.82 -0.99 5.24
C PHE A 122 12.28 -0.17 4.08
N ALA A 123 11.93 1.09 4.35
CA ALA A 123 11.41 1.97 3.32
C ALA A 123 12.18 3.28 3.32
N HIS A 124 12.44 3.81 2.13
CA HIS A 124 13.18 5.07 2.00
C HIS A 124 12.69 6.10 3.02
N ASN A 125 13.38 7.23 3.07
CA ASN A 125 13.01 8.30 4.00
C ASN A 125 13.37 7.92 5.43
N SER A 126 14.31 6.98 5.56
CA SER A 126 14.73 6.53 6.88
C SER A 126 13.54 6.03 7.69
N ASN A 127 12.43 5.77 6.99
CA ASN A 127 11.24 5.29 7.67
C ASN A 127 11.03 3.81 7.40
N TRP A 128 10.88 3.03 8.47
CA TRP A 128 10.68 1.59 8.36
C TRP A 128 9.19 1.27 8.27
N TYR A 129 8.80 0.65 7.16
CA TYR A 129 7.40 0.30 6.94
C TYR A 129 7.10 -1.11 7.47
N ILE A 130 6.62 -1.19 8.71
CA ILE A 130 6.27 -2.47 9.30
C ILE A 130 4.77 -2.71 9.13
N THR A 131 4.40 -3.94 8.74
CA THR A 131 3.00 -4.26 8.52
C THR A 131 2.43 -5.13 9.64
N PHE A 132 1.16 -4.90 9.94
CA PHE A 132 0.48 -5.64 10.97
C PHE A 132 -0.54 -6.59 10.33
N GLN A 133 -1.25 -7.35 11.15
CA GLN A 133 -2.22 -8.30 10.62
C GLN A 133 -3.58 -7.62 10.41
N SER A 134 -3.94 -6.74 11.32
CA SER A 134 -5.21 -6.03 11.23
C SER A 134 -5.06 -4.57 11.63
N ASP A 135 -5.91 -3.72 11.07
CA ASP A 135 -5.86 -2.30 11.38
C ASP A 135 -6.20 -2.05 12.85
N THR A 136 -7.27 -2.67 13.31
CA THR A 136 -7.69 -2.52 14.70
C THR A 136 -6.54 -2.85 15.64
N ASP A 137 -5.70 -3.79 15.23
CA ASP A 137 -4.55 -4.20 16.04
C ASP A 137 -3.38 -3.25 15.83
N ALA A 138 -3.16 -2.88 14.56
CA ALA A 138 -2.06 -1.98 14.23
C ALA A 138 -2.25 -0.63 14.91
N GLN A 139 -3.39 0.00 14.64
CA GLN A 139 -3.69 1.30 15.22
C GLN A 139 -3.58 1.24 16.74
N GLN A 140 -4.23 0.25 17.34
CA GLN A 140 -4.19 0.08 18.79
C GLN A 140 -2.76 -0.23 19.23
N ALA A 141 -2.14 -1.17 18.52
CA ALA A 141 -0.77 -1.54 18.82
C ALA A 141 0.13 -0.32 18.81
N PHE A 142 0.05 0.43 17.73
CA PHE A 142 0.84 1.64 17.59
C PHE A 142 0.61 2.56 18.78
N LYS A 143 -0.66 2.84 19.05
CA LYS A 143 -1.00 3.71 20.17
C LYS A 143 -0.21 3.30 21.40
N TYR A 144 0.22 2.04 21.41
CA TYR A 144 1.01 1.52 22.52
C TYR A 144 2.49 1.85 22.33
N LEU A 145 2.93 1.85 21.08
CA LEU A 145 4.31 2.16 20.77
C LEU A 145 4.68 3.55 21.24
N ARG A 146 3.74 4.48 21.13
CA ARG A 146 3.99 5.85 21.56
C ARG A 146 4.69 5.85 22.91
N GLU A 147 4.47 4.77 23.68
CA GLU A 147 5.09 4.64 25.00
C GLU A 147 6.41 3.89 24.90
N GLU A 148 6.48 2.95 23.95
CA GLU A 148 7.69 2.16 23.77
C GLU A 148 8.70 2.88 22.88
N VAL A 149 8.27 3.22 21.67
CA VAL A 149 9.16 3.93 20.74
C VAL A 149 9.61 5.25 21.35
N LYS A 150 8.83 5.76 22.29
CA LYS A 150 9.17 7.02 22.94
C LYS A 150 10.67 7.07 23.22
N THR A 151 11.27 5.91 23.41
CA THR A 151 12.70 5.82 23.68
C THR A 151 13.21 4.40 23.39
N PHE A 152 14.48 4.30 23.03
CA PHE A 152 15.08 3.01 22.74
C PHE A 152 16.46 2.98 23.38
N GLN A 153 16.53 2.45 24.59
CA GLN A 153 17.79 2.41 25.31
C GLN A 153 18.18 3.84 25.66
N GLY A 154 17.16 4.71 25.69
CA GLY A 154 17.37 6.12 26.00
C GLY A 154 17.50 6.96 24.74
N LYS A 155 17.12 6.40 23.60
CA LYS A 155 17.19 7.15 22.35
C LYS A 155 15.78 7.49 21.86
N PRO A 156 15.33 8.70 22.06
CA PRO A 156 13.96 9.11 21.63
C PRO A 156 13.79 8.98 20.11
N ILE A 157 12.76 8.24 19.71
CA ILE A 157 12.49 8.03 18.29
C ILE A 157 11.07 8.49 17.95
N MET A 158 10.87 8.89 16.70
CA MET A 158 9.55 9.33 16.25
C MET A 158 8.95 8.31 15.29
N ALA A 159 7.64 8.13 15.36
CA ALA A 159 6.96 7.18 14.49
C ALA A 159 5.57 7.64 14.13
N ARG A 160 5.05 7.12 13.03
CA ARG A 160 3.72 7.48 12.57
C ARG A 160 2.99 6.26 12.00
N ILE A 161 1.66 6.30 12.04
CA ILE A 161 0.85 5.21 11.51
C ILE A 161 0.54 5.47 10.04
N LYS A 162 0.84 4.49 9.20
CA LYS A 162 0.60 4.63 7.76
C LYS A 162 -0.82 4.25 7.41
N ALA A 163 -1.60 5.23 6.96
CA ALA A 163 -2.99 4.99 6.59
C ALA A 163 -3.28 5.58 5.21
N ILE A 164 -4.47 5.31 4.70
CA ILE A 164 -4.86 5.82 3.39
C ILE A 164 -5.39 7.24 3.50
N ASN A 165 -5.27 7.99 2.40
CA ASN A 165 -5.76 9.37 2.38
C ASN A 165 -7.21 9.42 1.95
N THR A 166 -8.00 10.25 2.64
CA THR A 166 -9.42 10.38 2.31
C THR A 166 -9.71 11.77 1.74
N PHE A 167 -10.99 12.07 1.57
CA PHE A 167 -11.40 13.37 1.04
C PHE A 167 -11.23 14.46 2.09
N PHE A 168 -10.61 14.10 3.21
CA PHE A 168 -10.40 15.06 4.29
C PHE A 168 -9.33 16.08 3.90
N ALA A 169 -8.62 15.80 2.80
CA ALA A 169 -7.58 16.70 2.33
C ALA A 169 -8.01 17.38 1.04
N LYS A 170 -7.85 18.71 1.00
CA LYS A 170 -8.23 19.47 -0.18
C LYS A 170 -7.23 19.23 -1.32
N ASN A 171 -7.76 19.09 -2.54
CA ASN A 171 -6.91 18.86 -3.69
C ASN A 171 -6.39 20.18 -4.26
N GLY A 172 -6.77 21.28 -3.62
CA GLY A 172 -6.33 22.59 -4.07
C GLY A 172 -4.92 22.90 -3.56
N TYR A 173 -4.73 22.74 -2.26
CA TYR A 173 -3.43 23.01 -1.65
C TYR A 173 -3.07 21.90 -0.66
N ARG A 174 -2.19 21.00 -1.08
CA ARG A 174 -1.76 19.90 -0.22
C ARG A 174 -0.39 20.17 0.36
N LEU A 175 0.11 21.39 0.17
CA LEU A 175 1.42 21.77 0.68
C LEU A 175 1.29 22.72 1.86
N MET A 176 1.95 22.38 2.97
CA MET A 176 1.91 23.21 4.16
C MET A 176 2.45 24.61 3.86
N ASP A 177 1.56 25.57 3.71
CA ASP A 177 1.97 26.94 3.43
C ASP A 177 2.17 27.72 4.72
N ASN A 1 -12.76 -28.94 -25.32
CA ASN A 1 -13.57 -29.02 -24.07
C ASN A 1 -13.47 -27.70 -23.32
N SER A 2 -12.45 -26.92 -23.64
CA SER A 2 -12.25 -25.63 -22.98
C SER A 2 -11.83 -24.57 -24.01
N ALA A 3 -12.05 -23.31 -23.66
CA ALA A 3 -11.70 -22.22 -24.56
C ALA A 3 -10.84 -21.19 -23.84
N VAL A 4 -10.45 -20.14 -24.55
CA VAL A 4 -9.62 -19.09 -23.98
C VAL A 4 -10.19 -18.65 -22.63
N SER A 5 -9.42 -18.87 -21.56
CA SER A 5 -9.85 -18.49 -20.22
C SER A 5 -9.57 -17.01 -19.97
N THR A 6 -10.64 -16.24 -19.75
CA THR A 6 -10.51 -14.82 -19.50
C THR A 6 -9.99 -14.58 -18.08
N GLU A 7 -10.10 -15.59 -17.25
CA GLU A 7 -9.64 -15.48 -15.86
C GLU A 7 -8.13 -15.23 -15.82
N ASP A 8 -7.44 -15.65 -16.87
CA ASP A 8 -5.99 -15.47 -16.95
C ASP A 8 -5.65 -14.01 -17.21
N LEU A 9 -6.36 -13.40 -18.14
CA LEU A 9 -6.13 -12.00 -18.48
C LEU A 9 -6.11 -11.14 -17.22
N LYS A 10 -7.16 -11.27 -16.41
CA LYS A 10 -7.23 -10.48 -15.19
C LYS A 10 -5.88 -10.50 -14.48
N GLU A 11 -5.19 -11.63 -14.59
CA GLU A 11 -3.88 -11.78 -13.98
C GLU A 11 -2.81 -11.13 -14.85
N CYS A 12 -3.07 -11.03 -16.15
CA CYS A 12 -2.10 -10.43 -17.07
C CYS A 12 -1.98 -8.92 -16.83
N LEU A 13 -3.11 -8.24 -16.76
CA LEU A 13 -3.07 -6.79 -16.52
C LEU A 13 -2.46 -6.54 -15.15
N LYS A 14 -2.76 -7.44 -14.23
CA LYS A 14 -2.25 -7.35 -12.87
C LYS A 14 -0.72 -7.24 -12.86
N LYS A 15 -0.06 -8.05 -13.68
CA LYS A 15 1.39 -8.02 -13.72
C LYS A 15 1.88 -6.58 -13.72
N GLN A 16 1.28 -5.76 -14.57
CA GLN A 16 1.68 -4.35 -14.69
C GLN A 16 1.49 -3.60 -13.38
N LEU A 17 0.33 -3.78 -12.75
CA LEU A 17 0.03 -3.09 -11.50
C LEU A 17 1.18 -3.22 -10.49
N GLU A 18 1.55 -4.45 -10.15
CA GLU A 18 2.62 -4.68 -9.18
C GLU A 18 3.91 -3.92 -9.54
N PHE A 19 4.41 -4.14 -10.75
CA PHE A 19 5.64 -3.51 -11.19
C PHE A 19 5.45 -2.01 -11.44
N CYS A 20 4.27 -1.64 -11.89
CA CYS A 20 3.99 -0.23 -12.18
C CYS A 20 4.34 0.66 -10.99
N PHE A 21 3.87 0.27 -9.81
CA PHE A 21 4.11 1.05 -8.59
C PHE A 21 5.35 0.58 -7.83
N SER A 22 6.30 -0.03 -8.53
CA SER A 22 7.53 -0.46 -7.88
C SER A 22 8.41 0.76 -7.63
N ARG A 23 9.22 0.70 -6.58
CA ARG A 23 10.09 1.83 -6.25
C ARG A 23 10.75 2.44 -7.49
N GLU A 24 11.40 1.60 -8.28
CA GLU A 24 12.09 2.08 -9.49
C GLU A 24 11.14 2.31 -10.67
N ASN A 25 9.96 1.70 -10.62
CA ASN A 25 9.01 1.83 -11.73
C ASN A 25 8.29 3.18 -11.72
N LEU A 26 7.64 3.50 -10.61
CA LEU A 26 6.90 4.77 -10.53
C LEU A 26 7.87 5.93 -10.47
N SER A 27 8.79 5.91 -9.52
CA SER A 27 9.76 6.99 -9.38
C SER A 27 10.35 7.36 -10.74
N LYS A 28 10.31 6.43 -11.68
CA LYS A 28 10.85 6.68 -13.02
C LYS A 28 9.73 6.74 -14.06
N ASP A 29 8.53 7.11 -13.62
CA ASP A 29 7.40 7.21 -14.54
C ASP A 29 7.02 8.66 -14.78
N LEU A 30 7.83 9.34 -15.59
CA LEU A 30 7.58 10.75 -15.90
C LEU A 30 6.18 10.94 -16.47
N TYR A 31 5.56 9.85 -16.93
CA TYR A 31 4.24 9.94 -17.51
C TYR A 31 3.15 10.03 -16.43
N LEU A 32 3.19 9.11 -15.46
CA LEU A 32 2.20 9.08 -14.39
C LEU A 32 2.54 10.10 -13.29
N ILE A 33 3.69 9.91 -12.66
CA ILE A 33 4.11 10.78 -11.57
C ILE A 33 3.93 12.25 -11.95
N SER A 34 4.07 12.57 -13.23
CA SER A 34 3.94 13.96 -13.69
C SER A 34 2.47 14.35 -13.89
N GLN A 35 1.60 13.36 -14.09
CA GLN A 35 0.18 13.64 -14.29
C GLN A 35 -0.52 13.75 -12.94
N MET A 36 0.08 13.14 -11.94
CA MET A 36 -0.43 13.15 -10.59
C MET A 36 -1.22 14.41 -10.26
N ASP A 37 -2.50 14.24 -9.90
CA ASP A 37 -3.30 15.39 -9.52
C ASP A 37 -2.75 15.99 -8.21
N SER A 38 -3.63 16.48 -7.35
CA SER A 38 -3.19 17.14 -6.10
C SER A 38 -2.62 16.20 -5.02
N ASP A 39 -3.23 15.04 -4.79
CA ASP A 39 -2.73 14.13 -3.74
C ASP A 39 -1.98 12.95 -4.34
N GLN A 40 -1.29 13.19 -5.44
CA GLN A 40 -0.55 12.14 -6.10
C GLN A 40 -1.53 11.25 -6.84
N PHE A 41 -2.77 11.72 -6.91
CA PHE A 41 -3.79 10.97 -7.62
C PHE A 41 -3.54 11.16 -9.10
N ILE A 42 -3.57 10.11 -9.88
CA ILE A 42 -3.35 10.29 -11.30
C ILE A 42 -4.70 10.33 -11.97
N PRO A 43 -4.92 11.21 -12.93
CA PRO A 43 -6.22 11.27 -13.60
C PRO A 43 -6.58 9.86 -13.99
N ILE A 44 -7.71 9.38 -13.54
CA ILE A 44 -8.06 8.03 -13.83
C ILE A 44 -7.96 7.73 -15.34
N TRP A 45 -8.16 8.75 -16.16
CA TRP A 45 -8.15 8.57 -17.61
C TRP A 45 -6.73 8.46 -18.17
N THR A 46 -5.85 9.37 -17.77
CA THR A 46 -4.48 9.36 -18.29
C THR A 46 -3.86 7.97 -18.16
N VAL A 47 -4.19 7.27 -17.08
CA VAL A 47 -3.64 5.92 -16.85
C VAL A 47 -4.48 4.88 -17.59
N ALA A 48 -5.78 4.88 -17.32
CA ALA A 48 -6.68 3.93 -17.96
C ALA A 48 -6.39 3.84 -19.45
N ASN A 49 -5.65 4.81 -19.96
CA ASN A 49 -5.29 4.83 -21.38
C ASN A 49 -3.86 4.33 -21.58
N MET A 50 -3.37 3.57 -20.61
CA MET A 50 -2.02 3.04 -20.67
C MET A 50 -1.88 1.98 -21.76
N GLU A 51 -1.08 2.31 -22.78
CA GLU A 51 -0.85 1.41 -23.90
C GLU A 51 -0.63 -0.03 -23.42
N GLU A 52 0.22 -0.21 -22.43
CA GLU A 52 0.50 -1.53 -21.92
C GLU A 52 -0.79 -2.28 -21.62
N ILE A 53 -1.70 -1.63 -20.89
CA ILE A 53 -2.97 -2.27 -20.54
C ILE A 53 -3.99 -2.07 -21.65
N LYS A 54 -3.77 -1.05 -22.46
CA LYS A 54 -4.69 -0.76 -23.56
C LYS A 54 -4.99 -2.05 -24.31
N LYS A 55 -3.96 -2.87 -24.51
CA LYS A 55 -4.15 -4.15 -25.17
C LYS A 55 -4.97 -5.06 -24.28
N LEU A 56 -4.71 -4.99 -22.97
CA LEU A 56 -5.43 -5.83 -22.02
C LEU A 56 -6.90 -5.45 -22.02
N THR A 57 -7.17 -4.16 -21.87
CA THR A 57 -8.54 -3.68 -21.84
C THR A 57 -8.57 -2.16 -21.75
N THR A 58 -9.64 -1.56 -22.29
CA THR A 58 -9.78 -0.12 -22.27
C THR A 58 -11.09 0.27 -21.59
N ASP A 59 -11.40 -0.41 -20.49
CA ASP A 59 -12.64 -0.13 -19.77
C ASP A 59 -12.46 1.02 -18.79
N PRO A 60 -13.35 1.98 -18.77
CA PRO A 60 -13.27 3.12 -17.83
C PRO A 60 -13.66 2.71 -16.42
N ASP A 61 -14.78 2.00 -16.35
CA ASP A 61 -15.34 1.55 -15.08
C ASP A 61 -14.68 0.26 -14.59
N LEU A 62 -14.22 -0.59 -15.50
CA LEU A 62 -13.62 -1.87 -15.10
C LEU A 62 -12.16 -1.77 -14.66
N ILE A 63 -11.33 -1.05 -15.40
CA ILE A 63 -9.91 -0.97 -15.04
C ILE A 63 -9.70 -0.66 -13.56
N LEU A 64 -10.26 0.43 -13.07
CA LEU A 64 -10.07 0.81 -11.67
C LEU A 64 -10.52 -0.29 -10.73
N GLU A 65 -11.54 -1.04 -11.12
CA GLU A 65 -12.03 -2.12 -10.26
C GLU A 65 -10.95 -3.16 -10.04
N VAL A 66 -10.01 -3.24 -10.99
CA VAL A 66 -8.92 -4.20 -10.89
C VAL A 66 -7.79 -3.59 -10.07
N LEU A 67 -7.57 -2.30 -10.24
CA LEU A 67 -6.51 -1.60 -9.52
C LEU A 67 -6.56 -1.94 -8.03
N ARG A 68 -7.77 -2.23 -7.54
CA ARG A 68 -7.96 -2.57 -6.13
C ARG A 68 -7.25 -3.87 -5.78
N SER A 69 -6.98 -4.69 -6.79
CA SER A 69 -6.31 -5.97 -6.57
C SER A 69 -4.87 -5.75 -6.11
N SER A 70 -4.56 -4.54 -5.66
CA SER A 70 -3.21 -4.22 -5.20
C SER A 70 -3.26 -3.52 -3.84
N PRO A 71 -3.16 -4.26 -2.76
CA PRO A 71 -3.20 -3.69 -1.38
C PRO A 71 -2.30 -2.46 -1.24
N MET A 72 -1.20 -2.47 -1.97
CA MET A 72 -0.26 -1.35 -1.91
C MET A 72 -0.74 -0.20 -2.81
N VAL A 73 -1.96 -0.34 -3.32
CA VAL A 73 -2.53 0.68 -4.20
C VAL A 73 -3.89 1.13 -3.68
N GLN A 74 -4.22 2.39 -3.92
CA GLN A 74 -5.49 2.94 -3.47
C GLN A 74 -6.13 3.77 -4.58
N VAL A 75 -7.25 3.30 -5.09
CA VAL A 75 -7.95 3.99 -6.17
C VAL A 75 -9.10 4.84 -5.64
N ASP A 76 -9.33 5.99 -6.27
CA ASP A 76 -10.42 6.86 -5.83
C ASP A 76 -11.71 6.06 -5.70
N GLU A 77 -12.44 6.32 -4.62
CA GLU A 77 -13.71 5.63 -4.38
C GLU A 77 -14.72 6.02 -5.45
N LYS A 78 -14.58 7.22 -5.99
CA LYS A 78 -15.48 7.72 -7.01
C LYS A 78 -15.13 7.16 -8.38
N GLY A 79 -13.89 6.67 -8.52
CA GLY A 79 -13.44 6.11 -9.79
C GLY A 79 -13.05 7.20 -10.79
N GLU A 80 -12.33 8.21 -10.30
CA GLU A 80 -11.91 9.31 -11.17
C GLU A 80 -10.48 9.73 -10.87
N LYS A 81 -9.94 9.24 -9.75
CA LYS A 81 -8.57 9.54 -9.38
C LYS A 81 -7.95 8.33 -8.68
N VAL A 82 -6.64 8.36 -8.51
CA VAL A 82 -5.95 7.24 -7.85
C VAL A 82 -4.47 7.53 -7.64
N ARG A 83 -3.95 7.11 -6.48
CA ARG A 83 -2.52 7.29 -6.20
C ARG A 83 -1.88 5.96 -5.80
N PRO A 84 -0.71 5.64 -6.31
CA PRO A 84 -0.02 4.37 -5.94
C PRO A 84 0.63 4.47 -4.57
N SER A 85 0.57 3.39 -3.81
CA SER A 85 1.16 3.37 -2.48
C SER A 85 2.39 2.47 -2.46
N HIS A 86 3.54 3.08 -2.20
CA HIS A 86 4.79 2.33 -2.14
C HIS A 86 5.81 3.03 -1.24
N LYS A 87 5.30 3.70 -0.21
CA LYS A 87 6.18 4.41 0.72
C LYS A 87 6.85 3.42 1.69
N ARG A 88 6.72 3.68 2.98
CA ARG A 88 7.31 2.82 3.99
C ARG A 88 6.94 3.31 5.38
N CYS A 89 5.65 3.59 5.57
CA CYS A 89 5.16 4.07 6.86
C CYS A 89 4.12 3.09 7.43
N ILE A 90 4.25 1.83 7.08
CA ILE A 90 3.30 0.82 7.55
C ILE A 90 3.62 0.39 8.98
N VAL A 91 2.59 0.36 9.82
CA VAL A 91 2.76 -0.06 11.20
C VAL A 91 2.47 -1.55 11.30
N ILE A 92 3.44 -2.30 11.78
CA ILE A 92 3.29 -3.75 11.88
C ILE A 92 2.99 -4.20 13.31
N LEU A 93 1.82 -4.82 13.49
CA LEU A 93 1.44 -5.34 14.80
C LEU A 93 1.72 -6.84 14.79
N ARG A 94 2.66 -7.28 15.59
CA ARG A 94 3.04 -8.70 15.62
C ARG A 94 2.41 -9.44 16.78
N GLU A 95 2.50 -10.77 16.70
CA GLU A 95 1.98 -11.65 17.74
C GLU A 95 0.49 -11.43 17.98
N ILE A 96 -0.25 -11.06 16.94
CA ILE A 96 -1.67 -10.85 17.09
C ILE A 96 -2.41 -12.18 16.85
N PRO A 97 -3.02 -12.76 17.86
CA PRO A 97 -3.74 -14.06 17.70
C PRO A 97 -4.57 -14.12 16.43
N GLU A 98 -4.51 -15.27 15.75
CA GLU A 98 -5.28 -15.46 14.52
C GLU A 98 -6.77 -15.27 14.79
N THR A 99 -7.15 -15.33 16.06
CA THR A 99 -8.54 -15.16 16.45
C THR A 99 -8.84 -13.70 16.78
N THR A 100 -7.81 -12.87 16.74
CA THR A 100 -8.00 -11.44 17.05
C THR A 100 -8.83 -10.78 15.95
N PRO A 101 -10.02 -10.30 16.26
CA PRO A 101 -10.89 -9.64 15.25
C PRO A 101 -10.32 -8.30 14.77
N ILE A 102 -10.47 -8.04 13.48
CA ILE A 102 -9.98 -6.80 12.89
C ILE A 102 -10.43 -5.62 13.74
N GLU A 103 -11.53 -5.81 14.45
CA GLU A 103 -12.08 -4.76 15.30
C GLU A 103 -11.20 -4.56 16.52
N GLU A 104 -10.52 -5.61 16.95
CA GLU A 104 -9.64 -5.52 18.11
C GLU A 104 -8.39 -4.72 17.77
N VAL A 105 -7.74 -5.10 16.67
CA VAL A 105 -6.52 -4.44 16.23
C VAL A 105 -6.81 -3.08 15.61
N LYS A 106 -8.01 -2.90 15.08
CA LYS A 106 -8.38 -1.64 14.44
C LYS A 106 -8.08 -0.46 15.35
N GLY A 107 -8.53 -0.54 16.60
CA GLY A 107 -8.31 0.56 17.55
C GLY A 107 -6.85 0.62 18.02
N LEU A 108 -6.23 -0.53 18.24
CA LEU A 108 -4.85 -0.54 18.69
C LEU A 108 -4.00 0.38 17.81
N PHE A 109 -4.57 0.82 16.70
CA PHE A 109 -3.88 1.73 15.79
C PHE A 109 -4.30 3.16 16.11
N LYS A 110 -5.53 3.30 16.61
CA LYS A 110 -6.07 4.60 16.96
C LYS A 110 -4.99 5.53 17.51
N SER A 111 -4.81 6.67 16.84
CA SER A 111 -3.81 7.65 17.26
C SER A 111 -4.43 9.04 17.34
N GLU A 112 -4.83 9.43 18.55
CA GLU A 112 -5.46 10.74 18.75
C GLU A 112 -4.65 11.85 18.09
N ASN A 113 -3.41 11.55 17.71
CA ASN A 113 -2.56 12.54 17.08
C ASN A 113 -2.55 12.37 15.57
N CYS A 114 -2.98 11.20 15.11
CA CYS A 114 -3.01 10.92 13.68
C CYS A 114 -4.40 10.46 13.25
N PRO A 115 -4.72 10.61 11.98
CA PRO A 115 -6.05 10.19 11.43
C PRO A 115 -6.25 8.68 11.49
N LYS A 116 -7.47 8.24 11.20
CA LYS A 116 -7.77 6.82 11.21
C LYS A 116 -6.87 6.06 10.23
N VAL A 117 -6.55 4.82 10.58
CA VAL A 117 -5.71 3.99 9.73
C VAL A 117 -6.16 4.06 8.28
N ILE A 118 -5.22 4.25 7.37
CA ILE A 118 -5.54 4.33 5.95
C ILE A 118 -5.87 2.94 5.41
N SER A 119 -5.14 1.93 5.89
CA SER A 119 -5.36 0.56 5.46
C SER A 119 -4.87 -0.43 6.51
N CYS A 120 -5.71 -1.41 6.82
CA CYS A 120 -5.37 -2.42 7.82
C CYS A 120 -5.62 -3.82 7.26
N GLU A 121 -4.55 -4.54 6.96
CA GLU A 121 -4.68 -5.90 6.41
C GLU A 121 -3.79 -6.89 7.16
N PHE A 122 -4.18 -8.15 7.10
CA PHE A 122 -3.43 -9.21 7.77
C PHE A 122 -2.22 -9.63 6.93
N ALA A 123 -1.12 -9.94 7.61
CA ALA A 123 0.11 -10.36 6.93
C ALA A 123 0.95 -11.25 7.84
N HIS A 124 1.85 -12.02 7.23
CA HIS A 124 2.73 -12.91 7.99
C HIS A 124 1.92 -13.78 8.97
N ASN A 125 0.70 -14.11 8.58
CA ASN A 125 -0.16 -14.94 9.43
C ASN A 125 -0.11 -14.50 10.89
N SER A 126 0.33 -13.27 11.13
CA SER A 126 0.41 -12.75 12.49
C SER A 126 0.70 -11.26 12.49
N ASN A 127 1.59 -10.83 11.60
CA ASN A 127 1.93 -9.42 11.53
C ASN A 127 0.90 -8.67 10.71
N TRP A 128 0.27 -7.68 11.32
CA TRP A 128 -0.75 -6.88 10.65
C TRP A 128 -0.11 -5.66 10.00
N TYR A 129 -0.12 -5.64 8.67
CA TYR A 129 0.47 -4.53 7.92
C TYR A 129 -0.50 -3.36 7.80
N ILE A 130 -0.47 -2.46 8.77
CA ILE A 130 -1.34 -1.29 8.75
C ILE A 130 -0.63 -0.13 8.06
N THR A 131 -1.28 0.44 7.06
CA THR A 131 -0.70 1.55 6.30
C THR A 131 -1.13 2.90 6.86
N PHE A 132 -0.32 3.92 6.59
CA PHE A 132 -0.60 5.27 7.05
C PHE A 132 -0.63 6.23 5.86
N GLN A 133 -0.87 7.51 6.14
CA GLN A 133 -0.91 8.51 5.09
C GLN A 133 0.45 9.20 4.95
N SER A 134 1.17 9.30 6.06
CA SER A 134 2.48 9.94 6.04
C SER A 134 3.37 9.33 7.12
N ASP A 135 4.67 9.23 6.82
CA ASP A 135 5.62 8.69 7.78
C ASP A 135 5.64 9.52 9.06
N THR A 136 5.82 10.82 8.90
CA THR A 136 5.86 11.72 10.05
C THR A 136 4.66 11.47 10.96
N ASP A 137 3.56 10.99 10.36
CA ASP A 137 2.36 10.71 11.13
C ASP A 137 2.43 9.31 11.75
N ALA A 138 2.75 8.32 10.92
CA ALA A 138 2.85 6.94 11.40
C ALA A 138 3.90 6.85 12.50
N GLN A 139 5.11 7.28 12.18
CA GLN A 139 6.20 7.25 13.16
C GLN A 139 5.76 7.88 14.47
N GLN A 140 5.27 9.11 14.39
CA GLN A 140 4.81 9.81 15.59
C GLN A 140 3.74 8.97 16.28
N ALA A 141 2.76 8.54 15.50
CA ALA A 141 1.68 7.72 16.02
C ALA A 141 2.27 6.53 16.77
N PHE A 142 3.20 5.84 16.13
CA PHE A 142 3.84 4.69 16.74
C PHE A 142 4.30 5.03 18.15
N LYS A 143 4.96 6.18 18.29
CA LYS A 143 5.44 6.62 19.59
C LYS A 143 4.33 6.55 20.61
N TYR A 144 3.10 6.65 20.13
CA TYR A 144 1.93 6.59 20.99
C TYR A 144 1.54 5.14 21.26
N LEU A 145 1.79 4.27 20.29
CA LEU A 145 1.46 2.87 20.42
C LEU A 145 2.31 2.21 21.50
N ARG A 146 3.62 2.40 21.43
CA ARG A 146 4.52 1.82 22.41
C ARG A 146 3.96 1.99 23.81
N GLU A 147 3.07 2.96 23.97
CA GLU A 147 2.46 3.22 25.26
C GLU A 147 1.13 2.46 25.40
N GLU A 148 0.47 2.24 24.27
CA GLU A 148 -0.82 1.55 24.29
C GLU A 148 -0.66 0.07 23.94
N VAL A 149 -0.10 -0.21 22.78
CA VAL A 149 0.09 -1.61 22.36
C VAL A 149 0.90 -2.38 23.39
N LYS A 150 1.70 -1.66 24.17
CA LYS A 150 2.51 -2.31 25.19
C LYS A 150 1.67 -3.38 25.89
N THR A 151 0.36 -3.14 25.90
CA THR A 151 -0.58 -4.08 26.52
C THR A 151 -1.99 -3.76 26.07
N PHE A 152 -2.82 -4.79 25.94
CA PHE A 152 -4.20 -4.61 25.54
C PHE A 152 -5.06 -5.56 26.32
N GLN A 153 -5.84 -5.01 27.25
CA GLN A 153 -6.67 -5.85 28.10
C GLN A 153 -5.76 -6.77 28.89
N GLY A 154 -4.50 -6.36 29.00
CA GLY A 154 -3.50 -7.13 29.73
C GLY A 154 -2.80 -8.13 28.82
N LYS A 155 -2.85 -7.87 27.51
CA LYS A 155 -2.20 -8.75 26.55
C LYS A 155 -1.02 -8.04 25.90
N PRO A 156 0.18 -8.25 26.40
CA PRO A 156 1.40 -7.60 25.85
C PRO A 156 1.58 -7.91 24.37
N ILE A 157 1.69 -6.88 23.55
CA ILE A 157 1.86 -7.06 22.11
C ILE A 157 3.16 -6.43 21.64
N MET A 158 3.76 -7.01 20.62
CA MET A 158 5.00 -6.49 20.06
C MET A 158 4.74 -5.89 18.69
N ALA A 159 5.51 -4.86 18.34
CA ALA A 159 5.33 -4.20 17.06
C ALA A 159 6.61 -3.52 16.62
N ARG A 160 6.77 -3.37 15.31
CA ARG A 160 7.95 -2.72 14.76
C ARG A 160 7.58 -1.84 13.57
N ILE A 161 7.94 -0.57 13.65
CA ILE A 161 7.65 0.37 12.58
C ILE A 161 8.37 -0.06 11.30
N LYS A 162 7.62 -0.11 10.20
CA LYS A 162 8.19 -0.51 8.93
C LYS A 162 8.80 0.70 8.20
N ALA A 163 10.11 0.68 8.06
CA ALA A 163 10.82 1.77 7.39
C ALA A 163 11.85 1.21 6.41
N ILE A 164 11.39 0.88 5.21
CA ILE A 164 12.28 0.32 4.20
C ILE A 164 13.21 1.39 3.65
N ASN A 165 14.49 1.29 4.02
CA ASN A 165 15.49 2.25 3.56
C ASN A 165 16.71 1.52 3.00
N THR A 166 16.53 0.26 2.64
CA THR A 166 17.62 -0.54 2.09
C THR A 166 18.87 -0.36 2.94
N PHE A 167 18.75 -0.67 4.23
CA PHE A 167 19.88 -0.55 5.14
C PHE A 167 21.11 -1.25 4.58
N PHE A 168 20.92 -2.45 4.06
CA PHE A 168 22.03 -3.21 3.49
C PHE A 168 22.99 -2.29 2.76
N ALA A 169 22.46 -1.42 1.93
CA ALA A 169 23.28 -0.48 1.18
C ALA A 169 23.46 0.82 1.96
N LYS A 170 24.68 1.04 2.45
CA LYS A 170 24.97 2.25 3.21
C LYS A 170 24.72 3.49 2.38
N ASN A 171 23.59 4.15 2.63
CA ASN A 171 23.25 5.36 1.89
C ASN A 171 24.31 6.43 2.11
N GLY A 172 25.29 6.12 2.95
CA GLY A 172 26.37 7.07 3.24
C GLY A 172 27.32 7.19 2.06
N TYR A 173 27.20 6.26 1.12
CA TYR A 173 28.08 6.27 -0.05
C TYR A 173 27.37 5.64 -1.25
N ARG A 174 26.49 6.41 -1.89
CA ARG A 174 25.76 5.90 -3.05
C ARG A 174 26.37 6.44 -4.34
N LEU A 175 26.53 7.76 -4.41
CA LEU A 175 27.12 8.38 -5.60
C LEU A 175 28.63 8.22 -5.59
N MET A 176 29.11 7.12 -6.16
CA MET A 176 30.54 6.86 -6.22
C MET A 176 31.26 7.97 -6.98
N ASP A 177 32.58 7.94 -6.95
CA ASP A 177 33.37 8.95 -7.64
C ASP A 177 34.51 8.31 -8.43
N ASN A 1 -31.53 -10.10 -11.63
CA ASN A 1 -32.85 -10.45 -11.03
C ASN A 1 -33.29 -11.81 -11.54
N SER A 2 -33.43 -11.92 -12.85
CA SER A 2 -33.85 -13.18 -13.46
C SER A 2 -32.83 -14.27 -13.22
N ALA A 3 -32.67 -15.17 -14.19
CA ALA A 3 -31.72 -16.25 -14.08
C ALA A 3 -30.30 -15.71 -13.83
N VAL A 4 -29.68 -16.18 -12.75
CA VAL A 4 -28.33 -15.74 -12.42
C VAL A 4 -28.28 -14.22 -12.28
N SER A 5 -27.41 -13.74 -11.38
CA SER A 5 -27.27 -12.30 -11.16
C SER A 5 -25.82 -11.87 -11.30
N THR A 6 -25.60 -10.75 -11.96
CA THR A 6 -24.24 -10.23 -12.16
C THR A 6 -23.70 -9.65 -10.86
N GLU A 7 -24.60 -9.32 -9.94
CA GLU A 7 -24.20 -8.74 -8.67
C GLU A 7 -23.21 -9.67 -7.96
N ASP A 8 -23.26 -10.95 -8.30
CA ASP A 8 -22.35 -11.92 -7.68
C ASP A 8 -20.92 -11.69 -8.16
N LEU A 9 -20.76 -11.49 -9.47
CA LEU A 9 -19.45 -11.27 -10.04
C LEU A 9 -18.86 -9.97 -9.52
N LYS A 10 -19.68 -8.93 -9.46
CA LYS A 10 -19.22 -7.63 -8.99
C LYS A 10 -18.39 -7.83 -7.72
N GLU A 11 -18.79 -8.81 -6.92
CA GLU A 11 -18.08 -9.11 -5.68
C GLU A 11 -16.73 -9.75 -5.99
N CYS A 12 -16.73 -10.69 -6.93
CA CYS A 12 -15.49 -11.37 -7.29
C CYS A 12 -14.43 -10.36 -7.72
N LEU A 13 -14.78 -9.45 -8.61
CA LEU A 13 -13.82 -8.44 -9.07
C LEU A 13 -13.12 -7.84 -7.86
N LYS A 14 -13.90 -7.36 -6.90
CA LYS A 14 -13.34 -6.75 -5.69
C LYS A 14 -12.18 -7.59 -5.17
N LYS A 15 -12.49 -8.81 -4.74
CA LYS A 15 -11.47 -9.69 -4.19
C LYS A 15 -10.18 -9.60 -5.00
N GLN A 16 -10.29 -9.82 -6.31
CA GLN A 16 -9.14 -9.78 -7.19
C GLN A 16 -8.35 -8.49 -7.01
N LEU A 17 -9.03 -7.36 -7.15
CA LEU A 17 -8.39 -6.06 -7.03
C LEU A 17 -7.56 -5.94 -5.74
N GLU A 18 -8.20 -6.10 -4.59
CA GLU A 18 -7.48 -5.99 -3.32
C GLU A 18 -6.26 -6.91 -3.29
N PHE A 19 -6.50 -8.19 -3.53
CA PHE A 19 -5.41 -9.17 -3.51
C PHE A 19 -4.39 -8.88 -4.61
N CYS A 20 -4.85 -8.41 -5.75
CA CYS A 20 -3.95 -8.13 -6.87
C CYS A 20 -2.80 -7.22 -6.44
N PHE A 21 -3.12 -6.10 -5.79
CA PHE A 21 -2.10 -5.16 -5.36
C PHE A 21 -1.61 -5.46 -3.94
N SER A 22 -1.95 -6.63 -3.43
CA SER A 22 -1.48 -6.99 -2.10
C SER A 22 0.03 -6.95 -2.10
N ARG A 23 0.61 -6.24 -1.15
CA ARG A 23 2.07 -6.13 -1.09
C ARG A 23 2.70 -7.49 -1.40
N GLU A 24 1.98 -8.55 -1.09
CA GLU A 24 2.46 -9.90 -1.34
C GLU A 24 2.26 -10.32 -2.80
N ASN A 25 1.19 -9.84 -3.42
CA ASN A 25 0.89 -10.22 -4.80
C ASN A 25 1.67 -9.39 -5.83
N LEU A 26 1.52 -8.07 -5.79
CA LEU A 26 2.22 -7.22 -6.75
C LEU A 26 3.70 -7.50 -6.72
N SER A 27 4.32 -7.36 -5.56
CA SER A 27 5.74 -7.63 -5.44
C SER A 27 6.07 -8.93 -6.15
N LYS A 28 5.14 -9.86 -6.14
CA LYS A 28 5.33 -11.16 -6.78
C LYS A 28 4.42 -11.33 -8.00
N ASP A 29 4.01 -10.22 -8.61
CA ASP A 29 3.15 -10.29 -9.79
C ASP A 29 3.92 -9.97 -11.06
N LEU A 30 4.44 -11.01 -11.70
CA LEU A 30 5.21 -10.82 -12.93
C LEU A 30 4.30 -10.31 -14.04
N TYR A 31 3.00 -10.47 -13.85
CA TYR A 31 2.03 -10.03 -14.86
C TYR A 31 1.77 -8.52 -14.78
N LEU A 32 1.49 -8.00 -13.58
CA LEU A 32 1.21 -6.58 -13.42
C LEU A 32 2.49 -5.75 -13.35
N ILE A 33 3.29 -5.99 -12.33
CA ILE A 33 4.53 -5.23 -12.13
C ILE A 33 5.38 -5.19 -13.40
N SER A 34 5.48 -6.32 -14.09
CA SER A 34 6.31 -6.40 -15.30
C SER A 34 5.62 -5.80 -16.52
N GLN A 35 4.31 -5.62 -16.45
CA GLN A 35 3.58 -5.04 -17.58
C GLN A 35 3.51 -3.53 -17.42
N MET A 36 3.78 -3.07 -16.21
CA MET A 36 3.76 -1.66 -15.88
C MET A 36 4.24 -0.76 -17.03
N ASP A 37 3.38 0.14 -17.49
CA ASP A 37 3.78 1.07 -18.53
C ASP A 37 4.89 1.98 -17.98
N SER A 38 4.90 3.25 -18.38
CA SER A 38 5.97 4.18 -17.98
C SER A 38 5.93 4.65 -16.50
N ASP A 39 4.77 4.97 -15.95
CA ASP A 39 4.70 5.47 -14.55
C ASP A 39 4.21 4.40 -13.59
N GLN A 40 4.57 3.16 -13.85
CA GLN A 40 4.13 2.05 -13.02
C GLN A 40 2.67 1.81 -13.32
N PHE A 41 2.20 2.45 -14.37
CA PHE A 41 0.84 2.26 -14.80
C PHE A 41 0.81 0.93 -15.50
N ILE A 42 -0.27 0.20 -15.40
CA ILE A 42 -0.33 -1.08 -16.08
C ILE A 42 -1.22 -0.92 -17.29
N PRO A 43 -0.83 -1.42 -18.44
CA PRO A 43 -1.68 -1.27 -19.64
C PRO A 43 -3.05 -1.76 -19.29
N ILE A 44 -4.05 -0.91 -19.43
CA ILE A 44 -5.36 -1.32 -19.05
C ILE A 44 -5.79 -2.61 -19.75
N TRP A 45 -5.25 -2.85 -20.94
CA TRP A 45 -5.62 -4.04 -21.71
C TRP A 45 -4.99 -5.31 -21.13
N THR A 46 -3.75 -5.21 -20.70
CA THR A 46 -3.04 -6.37 -20.16
C THR A 46 -3.82 -7.02 -19.01
N VAL A 47 -4.44 -6.21 -18.16
CA VAL A 47 -5.21 -6.75 -17.03
C VAL A 47 -6.61 -7.13 -17.47
N ALA A 48 -7.25 -6.27 -18.24
CA ALA A 48 -8.60 -6.55 -18.73
C ALA A 48 -8.69 -7.98 -19.24
N ASN A 49 -7.53 -8.55 -19.55
CA ASN A 49 -7.47 -9.92 -20.06
C ASN A 49 -6.99 -10.90 -18.99
N MET A 50 -6.41 -10.37 -17.92
CA MET A 50 -5.91 -11.21 -16.83
C MET A 50 -6.80 -12.44 -16.63
N GLU A 51 -6.16 -13.61 -16.60
CA GLU A 51 -6.87 -14.88 -16.43
C GLU A 51 -7.97 -14.79 -15.37
N GLU A 52 -7.60 -14.37 -14.16
CA GLU A 52 -8.59 -14.28 -13.10
C GLU A 52 -9.87 -13.62 -13.60
N ILE A 53 -9.75 -12.50 -14.32
CA ILE A 53 -10.92 -11.82 -14.84
C ILE A 53 -11.31 -12.39 -16.19
N LYS A 54 -10.35 -12.97 -16.89
CA LYS A 54 -10.64 -13.55 -18.20
C LYS A 54 -11.88 -14.41 -18.07
N LYS A 55 -12.06 -14.97 -16.89
CA LYS A 55 -13.23 -15.80 -16.62
C LYS A 55 -14.45 -14.91 -16.49
N LEU A 56 -14.25 -13.69 -15.99
CA LEU A 56 -15.33 -12.73 -15.85
C LEU A 56 -15.93 -12.38 -17.21
N THR A 57 -15.07 -11.91 -18.12
CA THR A 57 -15.50 -11.52 -19.46
C THR A 57 -14.42 -10.70 -20.14
N THR A 58 -14.74 -10.14 -21.30
CA THR A 58 -13.79 -9.32 -22.04
C THR A 58 -14.37 -7.94 -22.30
N ASP A 59 -14.77 -7.26 -21.23
CA ASP A 59 -15.35 -5.92 -21.36
C ASP A 59 -14.26 -4.85 -21.24
N PRO A 60 -13.90 -4.17 -22.32
CA PRO A 60 -12.83 -3.14 -22.29
C PRO A 60 -13.27 -1.83 -21.63
N ASP A 61 -14.43 -1.36 -22.02
CA ASP A 61 -14.96 -0.10 -21.49
C ASP A 61 -15.59 -0.26 -20.11
N LEU A 62 -16.02 -1.48 -19.78
CA LEU A 62 -16.68 -1.73 -18.49
C LEU A 62 -15.71 -1.97 -17.33
N ILE A 63 -14.91 -3.01 -17.43
CA ILE A 63 -14.05 -3.38 -16.33
C ILE A 63 -13.37 -2.19 -15.65
N LEU A 64 -12.75 -1.32 -16.43
CA LEU A 64 -12.05 -0.17 -15.85
C LEU A 64 -13.02 0.69 -15.03
N GLU A 65 -14.27 0.73 -15.45
CA GLU A 65 -15.27 1.54 -14.73
C GLU A 65 -15.52 0.95 -13.35
N VAL A 66 -15.28 -0.33 -13.20
CA VAL A 66 -15.46 -1.01 -11.92
C VAL A 66 -14.22 -0.85 -11.06
N LEU A 67 -13.07 -0.84 -11.73
CA LEU A 67 -11.79 -0.69 -11.05
C LEU A 67 -11.83 0.46 -10.05
N ARG A 68 -12.65 1.47 -10.34
CA ARG A 68 -12.77 2.62 -9.46
C ARG A 68 -13.08 2.20 -8.03
N SER A 69 -13.72 1.03 -7.90
CA SER A 69 -14.08 0.51 -6.58
C SER A 69 -12.84 0.08 -5.81
N SER A 70 -11.69 0.62 -6.20
CA SER A 70 -10.42 0.27 -5.56
C SER A 70 -9.82 1.49 -4.83
N PRO A 71 -10.15 1.68 -3.56
CA PRO A 71 -9.64 2.83 -2.74
C PRO A 71 -8.11 2.90 -2.63
N MET A 72 -7.48 1.78 -2.27
CA MET A 72 -6.03 1.75 -2.10
C MET A 72 -5.34 1.60 -3.45
N VAL A 73 -6.03 2.02 -4.49
CA VAL A 73 -5.51 1.92 -5.85
C VAL A 73 -5.98 3.14 -6.64
N GLN A 74 -5.17 3.57 -7.60
CA GLN A 74 -5.51 4.72 -8.42
C GLN A 74 -5.53 4.36 -9.90
N VAL A 75 -6.71 4.37 -10.49
CA VAL A 75 -6.86 4.01 -11.90
C VAL A 75 -6.91 5.25 -12.78
N ASP A 76 -6.34 5.16 -13.99
CA ASP A 76 -6.36 6.29 -14.90
C ASP A 76 -7.77 6.86 -15.04
N GLU A 77 -7.87 8.18 -15.08
CA GLU A 77 -9.17 8.82 -15.22
C GLU A 77 -9.70 8.64 -16.63
N LYS A 78 -8.79 8.37 -17.56
CA LYS A 78 -9.16 8.17 -18.95
C LYS A 78 -9.58 6.71 -19.21
N GLY A 79 -9.16 5.81 -18.31
CA GLY A 79 -9.51 4.41 -18.45
C GLY A 79 -8.60 3.71 -19.46
N GLU A 80 -7.30 3.98 -19.39
CA GLU A 80 -6.35 3.35 -20.31
C GLU A 80 -5.07 2.96 -19.60
N LYS A 81 -4.89 3.43 -18.36
CA LYS A 81 -3.71 3.07 -17.59
C LYS A 81 -4.03 3.04 -16.11
N VAL A 82 -3.12 2.51 -15.31
CA VAL A 82 -3.37 2.45 -13.86
C VAL A 82 -2.17 1.90 -13.09
N ARG A 83 -1.90 2.50 -11.94
CA ARG A 83 -0.81 2.04 -11.07
C ARG A 83 -1.37 1.78 -9.66
N PRO A 84 -0.99 0.71 -9.01
CA PRO A 84 -1.47 0.41 -7.64
C PRO A 84 -0.82 1.29 -6.58
N SER A 85 -1.62 1.70 -5.61
CA SER A 85 -1.13 2.55 -4.54
C SER A 85 -1.02 1.76 -3.23
N HIS A 86 0.21 1.55 -2.78
CA HIS A 86 0.42 0.82 -1.54
C HIS A 86 -0.10 1.61 -0.36
N LYS A 87 -0.59 0.91 0.66
CA LYS A 87 -1.13 1.57 1.84
C LYS A 87 -0.07 1.62 2.94
N ARG A 88 0.34 0.45 3.41
CA ARG A 88 1.35 0.37 4.46
C ARG A 88 2.46 1.38 4.21
N CYS A 89 2.29 2.59 4.75
CA CYS A 89 3.27 3.64 4.58
C CYS A 89 3.86 4.05 5.93
N ILE A 90 3.87 3.11 6.87
CA ILE A 90 4.38 3.38 8.20
C ILE A 90 5.86 3.06 8.32
N VAL A 91 6.62 3.97 8.90
CA VAL A 91 8.05 3.76 9.12
C VAL A 91 8.23 3.24 10.54
N ILE A 92 9.21 2.36 10.74
CA ILE A 92 9.43 1.79 12.07
C ILE A 92 10.83 2.07 12.58
N LEU A 93 10.91 2.79 13.70
CA LEU A 93 12.18 3.09 14.33
C LEU A 93 12.36 2.13 15.50
N ARG A 94 13.35 1.26 15.42
CA ARG A 94 13.56 0.26 16.47
C ARG A 94 14.58 0.70 17.51
N GLU A 95 14.46 0.09 18.69
CA GLU A 95 15.36 0.37 19.80
C GLU A 95 15.44 1.85 20.16
N ILE A 96 14.28 2.48 20.35
CA ILE A 96 14.27 3.88 20.73
C ILE A 96 14.06 3.98 22.24
N PRO A 97 15.07 4.31 23.01
CA PRO A 97 14.95 4.40 24.49
C PRO A 97 13.66 5.10 24.94
N GLU A 98 12.92 4.44 25.83
CA GLU A 98 11.68 5.01 26.33
C GLU A 98 11.94 6.41 26.87
N THR A 99 13.18 6.68 27.21
CA THR A 99 13.56 7.99 27.74
C THR A 99 13.76 8.96 26.58
N THR A 100 13.44 8.51 25.37
CA THR A 100 13.58 9.36 24.19
C THR A 100 12.27 10.12 23.95
N PRO A 101 12.29 11.44 24.03
CA PRO A 101 11.04 12.24 23.81
C PRO A 101 10.57 12.21 22.37
N ILE A 102 9.26 12.12 22.20
CA ILE A 102 8.67 12.09 20.86
C ILE A 102 9.25 13.21 20.01
N GLU A 103 9.68 14.27 20.69
CA GLU A 103 10.24 15.42 20.00
C GLU A 103 11.61 15.06 19.41
N GLU A 104 12.27 14.09 20.03
CA GLU A 104 13.56 13.65 19.56
C GLU A 104 13.42 12.89 18.23
N VAL A 105 12.63 11.82 18.27
CA VAL A 105 12.42 11.01 17.06
C VAL A 105 11.67 11.82 16.00
N LYS A 106 10.68 12.59 16.42
CA LYS A 106 9.91 13.39 15.50
C LYS A 106 10.79 13.98 14.40
N GLY A 107 11.94 14.50 14.78
CA GLY A 107 12.84 15.09 13.79
C GLY A 107 13.50 14.02 12.95
N LEU A 108 13.85 12.89 13.57
CA LEU A 108 14.47 11.81 12.83
C LEU A 108 13.57 11.38 11.67
N PHE A 109 12.34 11.88 11.69
CA PHE A 109 11.37 11.58 10.64
C PHE A 109 11.28 12.75 9.67
N LYS A 110 11.85 13.88 10.09
CA LYS A 110 11.84 15.08 9.27
C LYS A 110 12.32 14.78 7.86
N SER A 111 11.38 14.61 6.93
CA SER A 111 11.74 14.31 5.54
C SER A 111 12.18 15.59 4.83
N GLU A 112 12.93 15.43 3.75
CA GLU A 112 13.42 16.58 2.99
C GLU A 112 12.53 16.84 1.78
N ASN A 113 11.80 15.82 1.36
CA ASN A 113 10.92 15.96 0.20
C ASN A 113 9.47 15.66 0.59
N CYS A 114 9.20 15.66 1.89
CA CYS A 114 7.85 15.38 2.38
C CYS A 114 7.54 16.22 3.62
N PRO A 115 6.29 16.45 3.90
CA PRO A 115 5.85 17.25 5.08
C PRO A 115 6.12 16.52 6.40
N LYS A 116 5.91 17.23 7.50
CA LYS A 116 6.13 16.65 8.82
C LYS A 116 5.28 15.39 9.00
N VAL A 117 5.75 14.49 9.87
CA VAL A 117 5.03 13.25 10.13
C VAL A 117 3.53 13.49 10.20
N ILE A 118 2.76 12.64 9.53
CA ILE A 118 1.31 12.75 9.55
C ILE A 118 0.76 12.29 10.89
N SER A 119 1.37 11.25 11.43
CA SER A 119 0.95 10.71 12.72
C SER A 119 2.08 9.88 13.33
N CYS A 120 2.39 10.11 14.60
CA CYS A 120 3.45 9.37 15.26
C CYS A 120 2.93 8.72 16.55
N GLU A 121 3.34 7.48 16.78
CA GLU A 121 2.91 6.76 17.99
C GLU A 121 3.92 5.66 18.33
N PHE A 122 3.95 5.28 19.60
CA PHE A 122 4.87 4.25 20.07
C PHE A 122 4.26 2.86 19.85
N ALA A 123 5.13 1.88 19.58
CA ALA A 123 4.68 0.51 19.35
C ALA A 123 5.76 -0.50 19.74
N HIS A 124 5.35 -1.75 19.92
CA HIS A 124 6.29 -2.81 20.31
C HIS A 124 7.16 -2.37 21.47
N ASN A 125 6.59 -1.59 22.38
CA ASN A 125 7.32 -1.11 23.54
C ASN A 125 8.75 -0.72 23.17
N SER A 126 8.98 -0.46 21.88
CA SER A 126 10.31 -0.06 21.42
C SER A 126 10.25 0.45 19.98
N ASN A 127 9.52 -0.27 19.13
CA ASN A 127 9.42 0.14 17.73
C ASN A 127 8.38 1.26 17.60
N TRP A 128 8.81 2.38 17.06
CA TRP A 128 7.92 3.52 16.87
C TRP A 128 7.23 3.46 15.52
N TYR A 129 5.90 3.36 15.53
CA TYR A 129 5.14 3.29 14.29
C TYR A 129 4.74 4.69 13.83
N ILE A 130 5.53 5.26 12.92
CA ILE A 130 5.25 6.59 12.41
C ILE A 130 4.59 6.49 11.03
N THR A 131 3.37 7.02 10.93
CA THR A 131 2.63 6.97 9.68
C THR A 131 2.95 8.16 8.79
N PHE A 132 2.88 7.94 7.48
CA PHE A 132 3.14 8.99 6.50
C PHE A 132 1.87 9.33 5.73
N GLN A 133 1.96 10.27 4.80
CA GLN A 133 0.79 10.66 4.02
C GLN A 133 0.67 9.81 2.75
N SER A 134 1.80 9.41 2.18
CA SER A 134 1.79 8.59 0.98
C SER A 134 2.96 7.61 0.98
N ASP A 135 2.73 6.41 0.45
CA ASP A 135 3.78 5.40 0.38
C ASP A 135 4.95 5.92 -0.45
N THR A 136 4.66 6.36 -1.68
CA THR A 136 5.69 6.88 -2.55
C THR A 136 6.56 7.88 -1.80
N ASP A 137 5.94 8.58 -0.85
CA ASP A 137 6.65 9.57 -0.05
C ASP A 137 7.36 8.90 1.13
N ALA A 138 6.63 8.05 1.85
CA ALA A 138 7.19 7.35 2.99
C ALA A 138 8.43 6.56 2.57
N GLN A 139 8.24 5.64 1.63
CA GLN A 139 9.35 4.85 1.14
C GLN A 139 10.51 5.73 0.71
N GLN A 140 10.22 6.72 -0.14
CA GLN A 140 11.25 7.64 -0.60
C GLN A 140 11.89 8.32 0.61
N ALA A 141 11.05 8.78 1.52
CA ALA A 141 11.53 9.42 2.72
C ALA A 141 12.49 8.48 3.45
N PHE A 142 12.09 7.21 3.53
CA PHE A 142 12.91 6.21 4.18
C PHE A 142 14.32 6.25 3.59
N LYS A 143 14.38 6.45 2.27
CA LYS A 143 15.66 6.52 1.58
C LYS A 143 16.50 7.66 2.16
N TYR A 144 15.81 8.68 2.65
CA TYR A 144 16.49 9.83 3.24
C TYR A 144 16.90 9.52 4.68
N LEU A 145 16.12 8.67 5.34
CA LEU A 145 16.41 8.28 6.71
C LEU A 145 17.71 7.49 6.78
N ARG A 146 17.81 6.45 5.96
CA ARG A 146 19.00 5.62 5.93
C ARG A 146 20.26 6.50 5.93
N GLU A 147 20.08 7.75 5.50
CA GLU A 147 21.20 8.69 5.45
C GLU A 147 21.30 9.49 6.74
N GLU A 148 20.17 9.71 7.41
CA GLU A 148 20.16 10.47 8.65
C GLU A 148 20.08 9.55 9.86
N VAL A 149 19.03 8.75 9.95
CA VAL A 149 18.88 7.83 11.07
C VAL A 149 20.20 7.12 11.29
N LYS A 150 21.01 7.09 10.24
CA LYS A 150 22.32 6.46 10.31
C LYS A 150 22.97 6.79 11.65
N THR A 151 22.56 7.91 12.23
CA THR A 151 23.09 8.35 13.52
C THR A 151 22.29 9.55 14.03
N PHE A 152 22.22 9.65 15.35
CA PHE A 152 21.50 10.76 15.98
C PHE A 152 22.21 11.13 17.27
N GLN A 153 22.72 12.35 17.33
CA GLN A 153 23.45 12.77 18.51
C GLN A 153 24.55 11.75 18.78
N GLY A 154 24.90 11.01 17.73
CA GLY A 154 25.92 9.98 17.82
C GLY A 154 25.34 8.66 18.28
N LYS A 155 24.04 8.49 18.09
CA LYS A 155 23.38 7.26 18.48
C LYS A 155 22.90 6.49 17.25
N PRO A 156 23.67 5.56 16.76
CA PRO A 156 23.30 4.76 15.56
C PRO A 156 21.96 4.05 15.75
N ILE A 157 21.04 4.29 14.83
CA ILE A 157 19.72 3.70 14.91
C ILE A 157 19.39 2.89 13.66
N MET A 158 18.52 1.90 13.83
CA MET A 158 18.11 1.04 12.72
C MET A 158 16.59 1.12 12.53
N ALA A 159 16.14 0.93 11.30
CA ALA A 159 14.71 0.99 11.01
C ALA A 159 14.34 0.07 9.86
N ARG A 160 13.06 -0.27 9.78
CA ARG A 160 12.56 -1.14 8.71
C ARG A 160 11.20 -0.68 8.22
N ILE A 161 11.14 -0.30 6.95
CA ILE A 161 9.87 0.17 6.37
C ILE A 161 8.78 -0.88 6.57
N LYS A 162 7.61 -0.43 7.02
CA LYS A 162 6.50 -1.35 7.24
C LYS A 162 5.70 -1.55 5.96
N ALA A 163 5.77 -2.75 5.41
CA ALA A 163 5.05 -3.09 4.20
C ALA A 163 4.43 -4.48 4.31
N ILE A 164 3.25 -4.56 4.93
CA ILE A 164 2.59 -5.86 5.08
C ILE A 164 1.13 -5.69 5.49
N ASN A 165 0.26 -6.50 4.89
CA ASN A 165 -1.17 -6.45 5.20
C ASN A 165 -1.67 -5.00 5.20
N THR A 166 -2.96 -4.84 5.47
CA THR A 166 -3.55 -3.51 5.50
C THR A 166 -4.33 -3.30 6.80
N PHE A 167 -5.12 -2.24 6.86
CA PHE A 167 -5.91 -1.95 8.05
C PHE A 167 -7.19 -2.77 8.05
N PHE A 168 -7.50 -3.37 6.90
CA PHE A 168 -8.70 -4.19 6.78
C PHE A 168 -8.34 -5.67 6.81
N ALA A 169 -7.06 -5.97 7.01
CA ALA A 169 -6.60 -7.36 7.07
C ALA A 169 -6.96 -7.98 8.41
N LYS A 170 -7.78 -7.29 9.18
CA LYS A 170 -8.18 -7.80 10.49
C LYS A 170 -8.82 -9.18 10.35
N ASN A 171 -8.07 -10.21 10.74
CA ASN A 171 -8.57 -11.58 10.65
C ASN A 171 -9.27 -11.98 11.94
N GLY A 172 -9.58 -11.00 12.78
CA GLY A 172 -10.25 -11.27 14.05
C GLY A 172 -11.58 -11.96 13.81
N TYR A 173 -12.19 -11.69 12.66
CA TYR A 173 -13.48 -12.30 12.32
C TYR A 173 -14.35 -12.48 13.57
N ARG A 174 -14.33 -11.47 14.44
CA ARG A 174 -15.12 -11.52 15.66
C ARG A 174 -16.37 -10.67 15.53
N LEU A 175 -17.40 -11.23 14.90
CA LEU A 175 -18.65 -10.51 14.71
C LEU A 175 -19.29 -10.17 16.05
N MET A 176 -19.20 -8.91 16.45
CA MET A 176 -19.77 -8.48 17.73
C MET A 176 -21.26 -8.18 17.55
N ASP A 177 -22.01 -8.31 18.63
CA ASP A 177 -23.45 -8.04 18.60
C ASP A 177 -23.72 -6.56 18.38
N ASN A 1 -18.39 -5.03 -30.11
CA ASN A 1 -18.68 -4.53 -31.48
C ASN A 1 -18.29 -5.60 -32.50
N SER A 2 -17.22 -6.31 -32.20
CA SER A 2 -16.75 -7.37 -33.11
C SER A 2 -16.83 -8.73 -32.42
N ALA A 3 -16.58 -9.79 -33.19
CA ALA A 3 -16.62 -11.14 -32.65
C ALA A 3 -15.62 -11.30 -31.50
N VAL A 4 -15.74 -12.40 -30.78
CA VAL A 4 -14.83 -12.66 -29.66
C VAL A 4 -13.39 -12.36 -30.05
N SER A 5 -12.80 -11.36 -29.41
CA SER A 5 -11.42 -10.98 -29.70
C SER A 5 -10.59 -10.97 -28.42
N THR A 6 -9.27 -10.91 -28.59
CA THR A 6 -8.36 -10.89 -27.44
C THR A 6 -8.40 -9.53 -26.76
N GLU A 7 -8.95 -8.53 -27.47
CA GLU A 7 -9.04 -7.18 -26.92
C GLU A 7 -9.82 -7.18 -25.61
N ASP A 8 -10.82 -8.05 -25.54
CA ASP A 8 -11.65 -8.14 -24.34
C ASP A 8 -10.84 -8.69 -23.18
N LEU A 9 -10.11 -9.77 -23.42
CA LEU A 9 -9.29 -10.38 -22.39
C LEU A 9 -8.41 -9.33 -21.71
N LYS A 10 -7.77 -8.49 -22.52
CA LYS A 10 -6.90 -7.45 -21.98
C LYS A 10 -7.60 -6.75 -20.82
N GLU A 11 -8.78 -6.21 -21.10
CA GLU A 11 -9.55 -5.52 -20.08
C GLU A 11 -9.87 -6.45 -18.92
N CYS A 12 -10.02 -7.74 -19.21
CA CYS A 12 -10.33 -8.72 -18.17
C CYS A 12 -9.16 -8.87 -17.20
N LEU A 13 -7.94 -9.01 -17.73
CA LEU A 13 -6.79 -9.15 -16.84
C LEU A 13 -6.86 -8.11 -15.75
N LYS A 14 -7.28 -6.90 -16.11
CA LYS A 14 -7.39 -5.82 -15.14
C LYS A 14 -8.11 -6.28 -13.89
N LYS A 15 -9.36 -6.72 -14.04
CA LYS A 15 -10.14 -7.15 -12.91
C LYS A 15 -9.29 -8.00 -11.96
N GLN A 16 -8.69 -9.05 -12.51
CA GLN A 16 -7.84 -9.93 -11.71
C GLN A 16 -6.79 -9.12 -10.97
N LEU A 17 -6.07 -8.28 -11.71
CA LEU A 17 -5.03 -7.44 -11.16
C LEU A 17 -5.55 -6.54 -10.03
N GLU A 18 -6.54 -5.71 -10.34
CA GLU A 18 -7.09 -4.79 -9.36
C GLU A 18 -7.51 -5.48 -8.07
N PHE A 19 -8.01 -6.70 -8.19
CA PHE A 19 -8.46 -7.46 -7.02
C PHE A 19 -7.28 -8.07 -6.27
N CYS A 20 -6.34 -8.64 -7.03
CA CYS A 20 -5.18 -9.28 -6.43
C CYS A 20 -4.53 -8.38 -5.37
N PHE A 21 -4.29 -7.13 -5.74
CA PHE A 21 -3.67 -6.18 -4.83
C PHE A 21 -4.70 -5.55 -3.89
N SER A 22 -5.79 -6.27 -3.66
CA SER A 22 -6.82 -5.80 -2.75
C SER A 22 -6.42 -6.20 -1.33
N ARG A 23 -6.50 -5.27 -0.39
CA ARG A 23 -6.12 -5.57 0.97
C ARG A 23 -6.63 -6.95 1.36
N GLU A 24 -7.66 -7.41 0.66
CA GLU A 24 -8.25 -8.71 0.93
C GLU A 24 -7.45 -9.86 0.30
N ASN A 25 -7.05 -9.69 -0.96
CA ASN A 25 -6.31 -10.75 -1.67
C ASN A 25 -4.82 -10.76 -1.34
N LEU A 26 -4.13 -9.65 -1.58
CA LEU A 26 -2.69 -9.60 -1.31
C LEU A 26 -2.42 -9.94 0.16
N SER A 27 -2.98 -9.15 1.06
CA SER A 27 -2.79 -9.41 2.48
C SER A 27 -3.08 -10.87 2.81
N LYS A 28 -3.91 -11.50 1.98
CA LYS A 28 -4.28 -12.90 2.19
C LYS A 28 -3.69 -13.78 1.10
N ASP A 29 -2.59 -13.35 0.50
CA ASP A 29 -1.97 -14.14 -0.56
C ASP A 29 -0.71 -14.82 -0.04
N LEU A 30 -0.90 -15.89 0.72
CA LEU A 30 0.23 -16.63 1.27
C LEU A 30 1.14 -17.14 0.16
N TYR A 31 0.63 -17.17 -1.07
CA TYR A 31 1.42 -17.65 -2.19
C TYR A 31 2.38 -16.57 -2.71
N LEU A 32 1.85 -15.36 -2.94
CA LEU A 32 2.66 -14.26 -3.43
C LEU A 32 3.44 -13.57 -2.31
N ILE A 33 2.71 -13.01 -1.36
CA ILE A 33 3.33 -12.29 -0.25
C ILE A 33 4.46 -13.12 0.38
N SER A 34 4.38 -14.44 0.26
CA SER A 34 5.41 -15.30 0.84
C SER A 34 6.63 -15.42 -0.07
N GLN A 35 6.46 -15.08 -1.34
CA GLN A 35 7.57 -15.15 -2.29
C GLN A 35 8.28 -13.82 -2.37
N MET A 36 7.58 -12.78 -1.95
CA MET A 36 8.12 -11.44 -1.96
C MET A 36 9.62 -11.41 -1.67
N ASP A 37 10.41 -10.96 -2.63
CA ASP A 37 11.85 -10.87 -2.40
C ASP A 37 12.12 -9.77 -1.35
N SER A 38 13.24 -9.06 -1.48
CA SER A 38 13.62 -8.05 -0.49
C SER A 38 12.72 -6.81 -0.43
N ASP A 39 12.29 -6.27 -1.58
CA ASP A 39 11.46 -5.06 -1.58
C ASP A 39 9.98 -5.37 -1.80
N GLN A 40 9.52 -6.48 -1.27
CA GLN A 40 8.13 -6.87 -1.47
C GLN A 40 7.99 -7.27 -2.92
N PHE A 41 9.13 -7.44 -3.55
CA PHE A 41 9.18 -7.84 -4.93
C PHE A 41 8.82 -9.29 -5.05
N ILE A 42 7.93 -9.64 -5.94
CA ILE A 42 7.62 -11.04 -6.11
C ILE A 42 8.46 -11.53 -7.28
N PRO A 43 9.02 -12.73 -7.19
CA PRO A 43 9.83 -13.23 -8.30
C PRO A 43 9.08 -12.97 -9.56
N ILE A 44 9.72 -12.31 -10.48
CA ILE A 44 9.06 -11.93 -11.69
C ILE A 44 8.21 -13.07 -12.27
N TRP A 45 8.72 -14.30 -12.17
CA TRP A 45 8.05 -15.46 -12.76
C TRP A 45 6.90 -16.04 -11.91
N THR A 46 7.12 -16.20 -10.61
CA THR A 46 6.09 -16.80 -9.75
C THR A 46 4.73 -16.15 -9.97
N VAL A 47 4.72 -14.88 -10.31
CA VAL A 47 3.48 -14.15 -10.52
C VAL A 47 2.94 -14.40 -11.93
N ALA A 48 3.80 -14.21 -12.92
CA ALA A 48 3.41 -14.42 -14.31
C ALA A 48 2.63 -15.71 -14.46
N ASN A 49 2.75 -16.59 -13.48
CA ASN A 49 2.05 -17.88 -13.51
C ASN A 49 0.83 -17.86 -12.60
N MET A 50 0.34 -16.67 -12.28
CA MET A 50 -0.82 -16.53 -11.41
C MET A 50 -2.01 -17.33 -11.95
N GLU A 51 -2.53 -18.23 -11.13
CA GLU A 51 -3.66 -19.07 -11.53
C GLU A 51 -4.71 -18.28 -12.30
N GLU A 52 -5.10 -17.12 -11.78
CA GLU A 52 -6.12 -16.32 -12.47
C GLU A 52 -5.72 -16.10 -13.93
N ILE A 53 -4.46 -15.73 -14.18
CA ILE A 53 -3.99 -15.52 -15.52
C ILE A 53 -3.55 -16.83 -16.16
N LYS A 54 -3.14 -17.77 -15.33
CA LYS A 54 -2.70 -19.07 -15.83
C LYS A 54 -3.73 -19.58 -16.82
N LYS A 55 -4.98 -19.23 -16.58
CA LYS A 55 -6.06 -19.61 -17.46
C LYS A 55 -5.96 -18.82 -18.76
N LEU A 56 -5.45 -17.59 -18.65
CA LEU A 56 -5.29 -16.73 -19.80
C LEU A 56 -4.28 -17.33 -20.77
N THR A 57 -3.09 -17.59 -20.26
CA THR A 57 -2.01 -18.15 -21.07
C THR A 57 -0.71 -18.16 -20.27
N THR A 58 0.40 -18.44 -20.94
CA THR A 58 1.70 -18.49 -20.27
C THR A 58 2.68 -17.53 -20.92
N ASP A 59 2.47 -16.23 -20.72
CA ASP A 59 3.33 -15.20 -21.30
C ASP A 59 4.29 -14.65 -20.24
N PRO A 60 5.54 -15.06 -20.20
CA PRO A 60 6.50 -14.54 -19.19
C PRO A 60 6.88 -13.08 -19.42
N ASP A 61 7.25 -12.79 -20.66
CA ASP A 61 7.67 -11.43 -21.03
C ASP A 61 6.47 -10.53 -21.35
N LEU A 62 5.37 -11.13 -21.78
CA LEU A 62 4.19 -10.36 -22.18
C LEU A 62 3.28 -9.93 -21.03
N ILE A 63 2.96 -10.82 -20.10
CA ILE A 63 2.05 -10.44 -19.02
C ILE A 63 2.42 -9.08 -18.44
N LEU A 64 3.62 -8.97 -17.87
CA LEU A 64 4.04 -7.71 -17.26
C LEU A 64 3.73 -6.53 -18.17
N GLU A 65 4.07 -6.64 -19.45
CA GLU A 65 3.79 -5.55 -20.39
C GLU A 65 2.34 -5.11 -20.23
N VAL A 66 1.50 -6.03 -19.78
CA VAL A 66 0.08 -5.74 -19.58
C VAL A 66 -0.13 -5.10 -18.20
N LEU A 67 0.51 -5.66 -17.19
CA LEU A 67 0.38 -5.15 -15.83
C LEU A 67 0.55 -3.63 -15.82
N ARG A 68 1.33 -3.13 -16.76
CA ARG A 68 1.60 -1.70 -16.88
C ARG A 68 0.28 -0.91 -16.90
N SER A 69 -0.82 -1.61 -17.09
CA SER A 69 -2.13 -0.96 -17.15
C SER A 69 -2.75 -0.85 -15.75
N SER A 70 -1.92 -1.00 -14.73
CA SER A 70 -2.40 -0.92 -13.36
C SER A 70 -1.65 0.15 -12.58
N PRO A 71 -2.07 1.39 -12.67
CA PRO A 71 -1.42 2.53 -11.96
C PRO A 71 -1.19 2.25 -10.48
N MET A 72 -2.13 1.56 -9.85
CA MET A 72 -2.01 1.24 -8.43
C MET A 72 -1.12 0.03 -8.22
N VAL A 73 -0.33 -0.29 -9.24
CA VAL A 73 0.59 -1.42 -9.16
C VAL A 73 1.98 -1.02 -9.63
N GLN A 74 3.00 -1.62 -9.03
CA GLN A 74 4.37 -1.30 -9.41
C GLN A 74 5.11 -2.55 -9.88
N VAL A 75 5.39 -2.59 -11.18
CA VAL A 75 6.12 -3.71 -11.77
C VAL A 75 7.33 -3.20 -12.51
N ASP A 76 8.44 -3.93 -12.42
CA ASP A 76 9.65 -3.48 -13.12
C ASP A 76 9.34 -3.14 -14.57
N GLU A 77 9.89 -2.03 -15.03
CA GLU A 77 9.66 -1.59 -16.41
C GLU A 77 10.36 -2.52 -17.39
N LYS A 78 11.37 -3.24 -16.89
CA LYS A 78 12.12 -4.16 -17.74
C LYS A 78 11.62 -5.59 -17.57
N GLY A 79 10.88 -5.85 -16.50
CA GLY A 79 10.36 -7.19 -16.25
C GLY A 79 11.38 -8.05 -15.51
N GLU A 80 12.00 -7.47 -14.49
CA GLU A 80 13.00 -8.19 -13.72
C GLU A 80 12.66 -8.14 -12.22
N LYS A 81 11.67 -7.33 -11.87
CA LYS A 81 11.27 -7.18 -10.47
C LYS A 81 9.86 -6.58 -10.34
N VAL A 82 9.02 -7.10 -9.41
CA VAL A 82 7.68 -6.47 -9.26
C VAL A 82 7.10 -6.61 -7.85
N ARG A 83 6.49 -5.52 -7.39
CA ARG A 83 5.81 -5.46 -6.10
C ARG A 83 4.47 -4.70 -6.24
N PRO A 84 3.39 -5.13 -5.62
CA PRO A 84 2.10 -4.42 -5.74
C PRO A 84 1.98 -3.24 -4.79
N SER A 85 1.27 -2.21 -5.22
CA SER A 85 1.10 -1.02 -4.39
C SER A 85 -0.34 -0.90 -3.89
N HIS A 86 -0.50 -1.04 -2.59
CA HIS A 86 -1.82 -0.94 -1.97
C HIS A 86 -1.72 -0.30 -0.59
N LYS A 87 -0.50 0.12 -0.23
CA LYS A 87 -0.28 0.75 1.06
C LYS A 87 -0.23 2.27 0.91
N ARG A 88 -1.14 2.96 1.60
CA ARG A 88 -1.19 4.41 1.52
C ARG A 88 -2.05 4.98 2.65
N CYS A 89 -2.43 4.13 3.58
CA CYS A 89 -3.25 4.56 4.71
C CYS A 89 -2.54 4.31 6.03
N ILE A 90 -1.21 4.30 5.98
CA ILE A 90 -0.43 4.06 7.19
C ILE A 90 0.04 5.38 7.82
N VAL A 91 -0.28 5.57 9.09
CA VAL A 91 0.13 6.76 9.80
C VAL A 91 1.43 6.48 10.53
N ILE A 92 2.24 7.51 10.76
CA ILE A 92 3.53 7.31 11.41
C ILE A 92 3.72 8.25 12.61
N LEU A 93 3.88 7.65 13.80
CA LEU A 93 4.12 8.42 15.00
C LEU A 93 5.62 8.33 15.31
N ARG A 94 6.30 9.46 15.23
CA ARG A 94 7.75 9.46 15.44
C ARG A 94 8.15 9.77 16.88
N GLU A 95 9.41 9.47 17.19
CA GLU A 95 9.97 9.70 18.50
C GLU A 95 9.03 9.27 19.63
N ILE A 96 8.59 8.01 19.58
CA ILE A 96 7.73 7.50 20.62
C ILE A 96 8.57 6.69 21.61
N PRO A 97 8.83 7.20 22.80
CA PRO A 97 9.67 6.48 23.79
C PRO A 97 9.36 4.99 23.86
N GLU A 98 10.30 4.17 23.41
CA GLU A 98 10.11 2.73 23.43
C GLU A 98 9.42 2.30 24.72
N THR A 99 9.72 3.00 25.81
CA THR A 99 9.12 2.70 27.09
C THR A 99 7.64 3.05 27.08
N THR A 100 7.12 3.33 25.90
CA THR A 100 5.71 3.69 25.77
C THR A 100 4.90 2.46 25.33
N PRO A 101 3.91 2.04 26.11
CA PRO A 101 3.09 0.84 25.76
C PRO A 101 2.15 1.10 24.60
N ILE A 102 2.05 0.13 23.70
CA ILE A 102 1.17 0.27 22.56
C ILE A 102 -0.17 0.86 23.00
N GLU A 103 -0.47 0.69 24.28
CA GLU A 103 -1.71 1.22 24.85
C GLU A 103 -1.67 2.74 24.84
N GLU A 104 -0.51 3.29 25.17
CA GLU A 104 -0.34 4.74 25.21
C GLU A 104 -0.65 5.35 23.84
N VAL A 105 0.08 4.91 22.83
CA VAL A 105 -0.10 5.43 21.48
C VAL A 105 -1.46 5.04 20.92
N LYS A 106 -1.87 3.81 21.16
CA LYS A 106 -3.16 3.32 20.67
C LYS A 106 -4.23 4.40 20.77
N GLY A 107 -4.26 5.11 21.90
CA GLY A 107 -5.26 6.15 22.08
C GLY A 107 -4.93 7.38 21.24
N LEU A 108 -3.64 7.74 21.17
CA LEU A 108 -3.23 8.88 20.37
C LEU A 108 -3.73 8.70 18.95
N PHE A 109 -4.20 7.50 18.66
CA PHE A 109 -4.72 7.16 17.34
C PHE A 109 -6.24 7.14 17.37
N LYS A 110 -6.79 7.09 18.57
CA LYS A 110 -8.24 7.06 18.76
C LYS A 110 -8.92 8.08 17.84
N SER A 111 -9.62 7.59 16.82
CA SER A 111 -10.32 8.48 15.88
C SER A 111 -11.81 8.48 16.17
N GLU A 112 -12.33 9.64 16.60
CA GLU A 112 -13.75 9.76 16.90
C GLU A 112 -14.58 9.67 15.62
N ASN A 113 -13.90 9.62 14.48
CA ASN A 113 -14.59 9.53 13.20
C ASN A 113 -14.39 8.15 12.58
N CYS A 114 -13.53 7.35 13.20
CA CYS A 114 -13.27 6.00 12.69
C CYS A 114 -13.03 5.04 13.85
N PRO A 115 -13.30 3.78 13.66
CA PRO A 115 -13.12 2.74 14.72
C PRO A 115 -11.67 2.70 15.20
N LYS A 116 -11.42 1.93 16.25
CA LYS A 116 -10.08 1.81 16.80
C LYS A 116 -9.09 1.35 15.72
N VAL A 117 -7.83 1.74 15.88
CA VAL A 117 -6.80 1.36 14.91
C VAL A 117 -7.06 -0.01 14.31
N ILE A 118 -6.96 -0.09 12.99
CA ILE A 118 -7.18 -1.35 12.28
C ILE A 118 -6.02 -2.29 12.53
N SER A 119 -4.83 -1.71 12.64
CA SER A 119 -3.62 -2.49 12.89
C SER A 119 -2.50 -1.58 13.36
N CYS A 120 -1.85 -1.96 14.46
CA CYS A 120 -0.77 -1.15 15.01
C CYS A 120 0.52 -1.95 15.11
N GLU A 121 1.63 -1.34 14.71
CA GLU A 121 2.92 -2.02 14.77
C GLU A 121 4.07 -1.01 14.87
N PHE A 122 5.19 -1.45 15.42
CA PHE A 122 6.35 -0.58 15.58
C PHE A 122 7.26 -0.64 14.37
N ALA A 123 7.94 0.47 14.08
CA ALA A 123 8.84 0.53 12.94
C ALA A 123 9.94 1.58 13.18
N HIS A 124 11.03 1.45 12.43
CA HIS A 124 12.14 2.38 12.55
C HIS A 124 12.57 2.55 14.01
N ASN A 125 12.36 1.51 14.80
CA ASN A 125 12.74 1.55 16.22
C ASN A 125 12.32 2.87 16.86
N SER A 126 11.39 3.57 16.23
CA SER A 126 10.90 4.84 16.76
C SER A 126 9.59 5.23 16.09
N ASN A 127 9.54 5.09 14.76
CA ASN A 127 8.33 5.45 14.04
C ASN A 127 7.33 4.29 14.10
N TRP A 128 6.14 4.58 14.62
CA TRP A 128 5.10 3.57 14.75
C TRP A 128 4.21 3.57 13.51
N TYR A 129 4.23 2.46 12.79
CA TYR A 129 3.41 2.33 11.58
C TYR A 129 2.01 1.85 11.93
N ILE A 130 1.10 2.78 12.22
CA ILE A 130 -0.27 2.40 12.54
C ILE A 130 -1.11 2.39 11.27
N THR A 131 -1.52 1.20 10.86
CA THR A 131 -2.31 1.04 9.64
C THR A 131 -3.78 1.42 9.88
N PHE A 132 -4.46 1.75 8.78
CA PHE A 132 -5.87 2.11 8.84
C PHE A 132 -6.66 1.21 7.90
N GLN A 133 -7.97 1.43 7.82
CA GLN A 133 -8.82 0.61 6.96
C GLN A 133 -8.89 1.22 5.57
N SER A 134 -8.68 2.54 5.50
CA SER A 134 -8.72 3.24 4.22
C SER A 134 -8.06 4.60 4.33
N ASP A 135 -7.60 5.14 3.21
CA ASP A 135 -6.94 6.44 3.19
C ASP A 135 -7.91 7.52 3.65
N THR A 136 -9.10 7.54 3.05
CA THR A 136 -10.10 8.54 3.40
C THR A 136 -10.27 8.61 4.91
N ASP A 137 -10.12 7.46 5.58
CA ASP A 137 -10.26 7.40 7.02
C ASP A 137 -8.95 7.78 7.71
N ALA A 138 -7.86 7.18 7.26
CA ALA A 138 -6.55 7.47 7.84
C ALA A 138 -6.25 8.96 7.76
N GLN A 139 -6.23 9.48 6.53
CA GLN A 139 -5.95 10.90 6.33
C GLN A 139 -6.89 11.75 7.18
N GLN A 140 -8.19 11.50 7.07
CA GLN A 140 -9.17 12.24 7.83
C GLN A 140 -8.83 12.15 9.31
N ALA A 141 -8.48 10.94 9.75
CA ALA A 141 -8.10 10.72 11.13
C ALA A 141 -6.87 11.57 11.46
N PHE A 142 -5.91 11.58 10.55
CA PHE A 142 -4.71 12.37 10.75
C PHE A 142 -5.08 13.80 11.12
N LYS A 143 -6.07 14.34 10.41
CA LYS A 143 -6.52 15.69 10.68
C LYS A 143 -6.89 15.83 12.15
N TYR A 144 -7.26 14.71 12.76
CA TYR A 144 -7.64 14.70 14.16
C TYR A 144 -6.40 14.57 15.04
N LEU A 145 -5.44 13.77 14.60
CA LEU A 145 -4.21 13.57 15.36
C LEU A 145 -3.47 14.89 15.56
N ARG A 146 -3.31 15.65 14.48
CA ARG A 146 -2.63 16.94 14.56
C ARG A 146 -3.12 17.71 15.77
N GLU A 147 -4.34 17.41 16.21
CA GLU A 147 -4.92 18.08 17.37
C GLU A 147 -4.64 17.29 18.64
N GLU A 148 -4.48 15.98 18.50
CA GLU A 148 -4.21 15.13 19.65
C GLU A 148 -2.71 14.94 19.83
N VAL A 149 -2.04 14.45 18.80
CA VAL A 149 -0.59 14.23 18.87
C VAL A 149 0.13 15.53 19.15
N LYS A 150 -0.51 16.65 18.82
CA LYS A 150 0.09 17.96 19.05
C LYS A 150 0.74 18.00 20.44
N THR A 151 0.38 17.02 21.27
CA THR A 151 0.94 16.92 22.62
C THR A 151 0.25 15.79 23.38
N PHE A 152 0.97 15.21 24.33
CA PHE A 152 0.43 14.11 25.12
C PHE A 152 1.07 14.13 26.51
N GLN A 153 0.25 14.22 27.54
CA GLN A 153 0.79 14.29 28.88
C GLN A 153 1.85 15.38 28.91
N GLY A 154 1.75 16.29 27.94
CA GLY A 154 2.69 17.39 27.83
C GLY A 154 3.95 16.96 27.09
N LYS A 155 3.82 15.94 26.25
CA LYS A 155 4.93 15.45 25.48
C LYS A 155 4.70 15.71 23.99
N PRO A 156 5.20 16.82 23.49
CA PRO A 156 5.01 17.18 22.06
C PRO A 156 5.49 16.07 21.13
N ILE A 157 4.61 15.61 20.25
CA ILE A 157 4.94 14.54 19.33
C ILE A 157 4.72 14.97 17.87
N MET A 158 5.48 14.36 16.97
CA MET A 158 5.36 14.66 15.55
C MET A 158 5.01 13.39 14.79
N ALA A 159 4.18 13.53 13.76
CA ALA A 159 3.78 12.37 12.97
C ALA A 159 3.85 12.66 11.48
N ARG A 160 3.75 11.59 10.68
CA ARG A 160 3.79 11.72 9.23
C ARG A 160 2.79 10.77 8.59
N ILE A 161 2.15 11.23 7.52
CA ILE A 161 1.16 10.42 6.83
C ILE A 161 1.80 9.73 5.61
N LYS A 162 1.82 8.41 5.63
CA LYS A 162 2.41 7.64 4.53
C LYS A 162 1.37 7.42 3.43
N ALA A 163 1.62 8.03 2.28
CA ALA A 163 0.71 7.91 1.14
C ALA A 163 1.50 7.66 -0.15
N ILE A 164 1.43 6.43 -0.65
CA ILE A 164 2.14 6.08 -1.87
C ILE A 164 1.23 6.22 -3.09
N ASN A 165 1.79 6.73 -4.18
CA ASN A 165 1.02 6.91 -5.41
C ASN A 165 1.81 6.39 -6.61
N THR A 166 2.58 7.27 -7.24
CA THR A 166 3.37 6.89 -8.40
C THR A 166 4.65 7.72 -8.47
N PHE A 167 5.71 7.12 -9.00
CA PHE A 167 6.99 7.81 -9.12
C PHE A 167 6.78 9.25 -9.55
N PHE A 168 5.74 9.48 -10.34
CA PHE A 168 5.43 10.82 -10.83
C PHE A 168 5.41 11.81 -9.67
N ALA A 169 4.75 11.43 -8.59
CA ALA A 169 4.65 12.29 -7.42
C ALA A 169 4.07 13.65 -7.80
N LYS A 170 3.55 14.36 -6.81
CA LYS A 170 2.98 15.68 -7.06
C LYS A 170 4.09 16.72 -7.25
N ASN A 171 4.16 17.28 -8.46
CA ASN A 171 5.17 18.27 -8.76
C ASN A 171 4.80 19.62 -8.16
N GLY A 172 3.81 19.61 -7.26
CA GLY A 172 3.36 20.84 -6.62
C GLY A 172 4.49 21.47 -5.80
N TYR A 173 5.35 20.62 -5.24
CA TYR A 173 6.46 21.09 -4.44
C TYR A 173 7.20 22.21 -5.16
N ARG A 174 7.66 23.20 -4.40
CA ARG A 174 8.37 24.33 -4.97
C ARG A 174 9.88 24.12 -4.85
N LEU A 175 10.57 24.12 -5.99
CA LEU A 175 12.02 23.93 -6.00
C LEU A 175 12.71 25.09 -5.29
N MET A 176 13.24 24.81 -4.09
CA MET A 176 13.94 25.83 -3.32
C MET A 176 15.44 25.76 -3.57
N ASP A 177 16.13 26.87 -3.30
CA ASP A 177 17.58 26.92 -3.50
C ASP A 177 18.25 25.71 -2.85
N ASN A 1 -7.42 -26.89 4.90
CA ASN A 1 -7.71 -28.35 4.75
C ASN A 1 -9.17 -28.53 4.36
N SER A 2 -10.02 -27.59 4.77
CA SER A 2 -11.43 -27.66 4.47
C SER A 2 -11.72 -27.10 3.08
N ALA A 3 -12.01 -27.98 2.13
CA ALA A 3 -12.30 -27.56 0.76
C ALA A 3 -11.15 -26.72 0.21
N VAL A 4 -11.41 -26.03 -0.89
CA VAL A 4 -10.38 -25.18 -1.51
C VAL A 4 -10.09 -23.97 -0.63
N SER A 5 -8.83 -23.56 -0.60
CA SER A 5 -8.42 -22.41 0.20
C SER A 5 -8.51 -21.13 -0.63
N THR A 6 -9.55 -20.34 -0.37
CA THR A 6 -9.73 -19.08 -1.09
C THR A 6 -8.75 -18.04 -0.59
N GLU A 7 -8.17 -18.30 0.57
CA GLU A 7 -7.20 -17.37 1.15
C GLU A 7 -6.01 -17.17 0.22
N ASP A 8 -5.71 -18.20 -0.57
CA ASP A 8 -4.59 -18.13 -1.51
C ASP A 8 -4.96 -17.28 -2.72
N LEU A 9 -6.09 -17.60 -3.33
CA LEU A 9 -6.56 -16.87 -4.50
C LEU A 9 -6.75 -15.40 -4.16
N LYS A 10 -7.56 -15.14 -3.14
CA LYS A 10 -7.81 -13.75 -2.73
C LYS A 10 -6.49 -12.99 -2.69
N GLU A 11 -5.44 -13.69 -2.30
CA GLU A 11 -4.12 -13.07 -2.24
C GLU A 11 -3.48 -13.04 -3.62
N CYS A 12 -3.89 -13.95 -4.49
CA CYS A 12 -3.34 -14.00 -5.84
C CYS A 12 -3.76 -12.77 -6.63
N LEU A 13 -5.04 -12.43 -6.60
CA LEU A 13 -5.51 -11.25 -7.31
C LEU A 13 -4.82 -10.01 -6.76
N LYS A 14 -4.65 -10.00 -5.44
CA LYS A 14 -4.01 -8.89 -4.77
C LYS A 14 -2.65 -8.57 -5.40
N LYS A 15 -1.87 -9.60 -5.69
CA LYS A 15 -0.55 -9.39 -6.26
C LYS A 15 -0.59 -8.33 -7.36
N GLN A 16 -1.68 -8.33 -8.14
CA GLN A 16 -1.82 -7.37 -9.23
C GLN A 16 -2.12 -5.97 -8.68
N LEU A 17 -3.02 -5.91 -7.71
CA LEU A 17 -3.43 -4.65 -7.11
C LEU A 17 -2.23 -3.81 -6.65
N GLU A 18 -1.42 -4.36 -5.76
CA GLU A 18 -0.27 -3.62 -5.22
C GLU A 18 0.65 -3.11 -6.33
N PHE A 19 0.92 -3.94 -7.32
CA PHE A 19 1.82 -3.54 -8.41
C PHE A 19 1.10 -2.65 -9.41
N CYS A 20 -0.19 -2.88 -9.61
CA CYS A 20 -0.96 -2.09 -10.57
C CYS A 20 -0.85 -0.59 -10.26
N PHE A 21 -1.09 -0.23 -9.01
CA PHE A 21 -1.03 1.17 -8.59
C PHE A 21 0.40 1.60 -8.25
N SER A 22 1.37 0.92 -8.84
CA SER A 22 2.76 1.28 -8.62
C SER A 22 3.06 2.54 -9.43
N ARG A 23 4.00 3.34 -8.98
CA ARG A 23 4.32 4.58 -9.68
C ARG A 23 4.39 4.35 -11.19
N GLU A 24 5.09 3.29 -11.60
CA GLU A 24 5.25 3.00 -13.03
C GLU A 24 4.02 2.29 -13.63
N ASN A 25 3.53 1.25 -12.96
CA ASN A 25 2.39 0.49 -13.47
C ASN A 25 1.22 1.38 -13.86
N LEU A 26 0.75 2.19 -12.92
CA LEU A 26 -0.37 3.09 -13.18
C LEU A 26 0.06 4.20 -14.14
N SER A 27 1.07 4.97 -13.73
CA SER A 27 1.55 6.05 -14.59
C SER A 27 1.78 5.55 -16.01
N LYS A 28 1.98 4.24 -16.15
CA LYS A 28 2.22 3.63 -17.46
C LYS A 28 1.04 2.76 -17.87
N ASP A 29 -0.15 3.07 -17.38
CA ASP A 29 -1.33 2.28 -17.73
C ASP A 29 -2.22 3.07 -18.68
N LEU A 30 -1.69 3.35 -19.87
CA LEU A 30 -2.44 4.09 -20.87
C LEU A 30 -3.84 3.52 -21.04
N TYR A 31 -4.06 2.31 -20.56
CA TYR A 31 -5.37 1.68 -20.69
C TYR A 31 -6.33 2.18 -19.60
N LEU A 32 -5.89 2.16 -18.35
CA LEU A 32 -6.72 2.61 -17.25
C LEU A 32 -6.71 4.13 -17.12
N ILE A 33 -5.52 4.68 -16.92
CA ILE A 33 -5.37 6.12 -16.77
C ILE A 33 -6.12 6.87 -17.87
N SER A 34 -6.33 6.21 -19.01
CA SER A 34 -7.04 6.84 -20.12
C SER A 34 -8.56 6.76 -19.95
N GLN A 35 -9.02 5.80 -19.16
CA GLN A 35 -10.45 5.63 -18.93
C GLN A 35 -10.92 6.49 -17.78
N MET A 36 -9.98 6.79 -16.89
CA MET A 36 -10.25 7.60 -15.73
C MET A 36 -11.38 8.59 -15.92
N ASP A 37 -12.45 8.46 -15.14
CA ASP A 37 -13.55 9.40 -15.25
C ASP A 37 -13.08 10.80 -14.80
N SER A 38 -13.96 11.57 -14.15
CA SER A 38 -13.63 12.94 -13.74
C SER A 38 -12.58 13.06 -12.61
N ASP A 39 -12.66 12.23 -11.57
CA ASP A 39 -11.71 12.34 -10.45
C ASP A 39 -10.68 11.23 -10.47
N GLN A 40 -10.26 10.83 -11.66
CA GLN A 40 -9.29 9.76 -11.80
C GLN A 40 -9.98 8.44 -11.53
N PHE A 41 -11.30 8.48 -11.49
CA PHE A 41 -12.05 7.28 -11.27
C PHE A 41 -12.02 6.45 -12.53
N ILE A 42 -11.72 5.18 -12.44
CA ILE A 42 -11.71 4.36 -13.63
C ILE A 42 -13.04 3.64 -13.69
N PRO A 43 -13.66 3.52 -14.85
CA PRO A 43 -14.96 2.85 -14.92
C PRO A 43 -14.85 1.56 -14.17
N ILE A 44 -15.70 1.35 -13.20
CA ILE A 44 -15.59 0.19 -12.41
C ILE A 44 -15.60 -1.08 -13.28
N TRP A 45 -16.26 -1.01 -14.43
CA TRP A 45 -16.38 -2.16 -15.31
C TRP A 45 -15.11 -2.40 -16.13
N THR A 46 -14.55 -1.35 -16.69
CA THR A 46 -13.35 -1.49 -17.52
C THR A 46 -12.28 -2.31 -16.79
N VAL A 47 -12.17 -2.13 -15.48
CA VAL A 47 -11.18 -2.87 -14.69
C VAL A 47 -11.70 -4.25 -14.33
N ALA A 48 -12.91 -4.30 -13.79
CA ALA A 48 -13.51 -5.58 -13.40
C ALA A 48 -13.30 -6.62 -14.48
N ASN A 49 -13.04 -6.16 -15.70
CA ASN A 49 -12.83 -7.07 -16.83
C ASN A 49 -11.34 -7.23 -17.14
N MET A 50 -10.50 -6.92 -16.15
CA MET A 50 -9.05 -7.02 -16.34
C MET A 50 -8.65 -8.47 -16.59
N GLU A 51 -8.26 -8.76 -17.82
CA GLU A 51 -7.86 -10.11 -18.20
C GLU A 51 -6.99 -10.76 -17.12
N GLU A 52 -6.04 -10.01 -16.58
CA GLU A 52 -5.18 -10.56 -15.54
C GLU A 52 -6.03 -11.14 -14.42
N ILE A 53 -7.01 -10.36 -13.96
CA ILE A 53 -7.87 -10.80 -12.89
C ILE A 53 -9.04 -11.63 -13.43
N LYS A 54 -9.39 -11.40 -14.68
CA LYS A 54 -10.50 -12.13 -15.28
C LYS A 54 -10.33 -13.62 -15.02
N LYS A 55 -9.09 -14.06 -15.00
CA LYS A 55 -8.80 -15.46 -14.71
C LYS A 55 -9.01 -15.73 -13.23
N LEU A 56 -8.64 -14.75 -12.40
CA LEU A 56 -8.79 -14.88 -10.96
C LEU A 56 -10.27 -15.02 -10.61
N THR A 57 -11.09 -14.19 -11.23
CA THR A 57 -12.52 -14.21 -10.97
C THR A 57 -13.26 -13.32 -11.97
N THR A 58 -14.47 -13.71 -12.31
CA THR A 58 -15.27 -12.93 -13.25
C THR A 58 -16.49 -12.36 -12.56
N ASP A 59 -16.33 -11.96 -11.29
CA ASP A 59 -17.43 -11.40 -10.53
C ASP A 59 -17.35 -9.86 -10.55
N PRO A 60 -18.37 -9.18 -11.01
CA PRO A 60 -18.36 -7.69 -11.09
C PRO A 60 -18.52 -7.01 -9.74
N ASP A 61 -19.50 -7.47 -8.99
CA ASP A 61 -19.80 -6.87 -7.69
C ASP A 61 -18.84 -7.35 -6.60
N LEU A 62 -18.22 -8.50 -6.79
CA LEU A 62 -17.30 -9.03 -5.77
C LEU A 62 -15.89 -8.43 -5.86
N ILE A 63 -15.37 -8.26 -7.07
CA ILE A 63 -14.02 -7.73 -7.22
C ILE A 63 -13.78 -6.50 -6.36
N LEU A 64 -14.58 -5.44 -6.55
CA LEU A 64 -14.39 -4.21 -5.77
C LEU A 64 -14.46 -4.47 -4.27
N GLU A 65 -15.25 -5.44 -3.85
CA GLU A 65 -15.38 -5.73 -2.42
C GLU A 65 -14.02 -6.13 -1.85
N VAL A 66 -13.19 -6.74 -2.68
CA VAL A 66 -11.86 -7.17 -2.26
C VAL A 66 -10.84 -6.03 -2.38
N LEU A 67 -11.08 -5.15 -3.34
CA LEU A 67 -10.16 -4.03 -3.58
C LEU A 67 -9.81 -3.34 -2.26
N ARG A 68 -10.75 -3.34 -1.32
CA ARG A 68 -10.53 -2.70 -0.03
C ARG A 68 -9.29 -3.27 0.66
N SER A 69 -8.84 -4.43 0.19
CA SER A 69 -7.66 -5.06 0.77
C SER A 69 -6.41 -4.25 0.50
N SER A 70 -6.59 -3.12 -0.20
CA SER A 70 -5.46 -2.25 -0.53
C SER A 70 -5.66 -0.86 0.08
N PRO A 71 -5.18 -0.65 1.28
CA PRO A 71 -5.32 0.66 1.98
C PRO A 71 -4.93 1.85 1.10
N MET A 72 -3.94 1.65 0.25
CA MET A 72 -3.48 2.72 -0.63
C MET A 72 -4.38 2.81 -1.88
N VAL A 73 -5.52 2.15 -1.82
CA VAL A 73 -6.46 2.16 -2.94
C VAL A 73 -7.85 2.55 -2.45
N GLN A 74 -8.61 3.22 -3.31
CA GLN A 74 -9.96 3.65 -2.95
C GLN A 74 -10.94 3.32 -4.07
N VAL A 75 -11.95 2.54 -3.72
CA VAL A 75 -12.97 2.14 -4.68
C VAL A 75 -14.30 2.82 -4.37
N ASP A 76 -15.05 3.15 -5.41
CA ASP A 76 -16.35 3.80 -5.20
C ASP A 76 -17.16 3.02 -4.17
N GLU A 77 -17.91 3.75 -3.35
CA GLU A 77 -18.74 3.12 -2.34
C GLU A 77 -19.94 2.41 -2.97
N LYS A 78 -20.41 2.96 -4.09
CA LYS A 78 -21.56 2.38 -4.77
C LYS A 78 -21.13 1.25 -5.70
N GLY A 79 -19.84 1.22 -6.05
CA GLY A 79 -19.32 0.18 -6.93
C GLY A 79 -19.50 0.54 -8.40
N GLU A 80 -19.22 1.79 -8.75
CA GLU A 80 -19.35 2.23 -10.14
C GLU A 80 -18.15 3.05 -10.59
N LYS A 81 -17.29 3.40 -9.64
CA LYS A 81 -16.09 4.16 -9.97
C LYS A 81 -14.96 3.79 -8.99
N VAL A 82 -13.75 4.20 -9.31
CA VAL A 82 -12.60 3.90 -8.45
C VAL A 82 -11.34 4.60 -8.93
N ARG A 83 -10.55 5.09 -7.99
CA ARG A 83 -9.29 5.74 -8.33
C ARG A 83 -8.16 5.22 -7.43
N PRO A 84 -7.01 4.88 -7.99
CA PRO A 84 -5.87 4.37 -7.17
C PRO A 84 -5.09 5.49 -6.50
N SER A 85 -4.59 5.21 -5.31
CA SER A 85 -3.83 6.21 -4.57
C SER A 85 -2.41 5.73 -4.34
N HIS A 86 -1.45 6.45 -4.94
CA HIS A 86 -0.04 6.09 -4.80
C HIS A 86 0.31 5.89 -3.33
N LYS A 87 1.60 5.71 -3.04
CA LYS A 87 2.05 5.50 -1.67
C LYS A 87 3.45 6.07 -1.47
N ARG A 88 3.65 6.74 -0.34
CA ARG A 88 4.95 7.34 -0.02
C ARG A 88 4.97 7.84 1.41
N CYS A 89 3.84 7.69 2.09
CA CYS A 89 3.72 8.13 3.48
C CYS A 89 3.53 6.93 4.39
N ILE A 90 4.03 5.78 3.95
CA ILE A 90 3.89 4.55 4.73
C ILE A 90 5.13 4.32 5.58
N VAL A 91 4.90 3.94 6.84
CA VAL A 91 6.01 3.65 7.75
C VAL A 91 6.33 2.17 7.67
N ILE A 92 7.57 1.81 7.95
CA ILE A 92 7.96 0.41 7.86
C ILE A 92 8.71 -0.07 9.09
N LEU A 93 8.08 -0.97 9.85
CA LEU A 93 8.70 -1.54 11.03
C LEU A 93 9.26 -2.90 10.64
N ARG A 94 10.58 -3.05 10.69
CA ARG A 94 11.22 -4.29 10.27
C ARG A 94 11.62 -5.16 11.46
N GLU A 95 11.93 -6.42 11.15
CA GLU A 95 12.36 -7.38 12.15
C GLU A 95 11.37 -7.50 13.29
N ILE A 96 10.07 -7.43 12.98
CA ILE A 96 9.06 -7.55 14.01
C ILE A 96 8.66 -9.02 14.16
N PRO A 97 8.99 -9.67 15.25
CA PRO A 97 8.65 -11.11 15.45
C PRO A 97 7.22 -11.43 15.00
N GLU A 98 7.10 -12.47 14.17
CA GLU A 98 5.79 -12.88 13.67
C GLU A 98 4.83 -13.14 14.83
N THR A 99 5.40 -13.28 16.02
CA THR A 99 4.59 -13.54 17.20
C THR A 99 4.23 -12.23 17.91
N THR A 100 4.58 -11.12 17.29
CA THR A 100 4.29 -9.81 17.88
C THR A 100 2.84 -9.44 17.57
N PRO A 101 2.02 -9.17 18.57
CA PRO A 101 0.58 -8.81 18.35
C PRO A 101 0.41 -7.41 17.78
N ILE A 102 -0.47 -7.28 16.81
CA ILE A 102 -0.73 -5.98 16.20
C ILE A 102 -0.84 -4.93 17.28
N GLU A 103 -1.19 -5.36 18.49
CA GLU A 103 -1.33 -4.43 19.61
C GLU A 103 0.04 -3.86 19.97
N GLU A 104 1.05 -4.71 19.93
CA GLU A 104 2.41 -4.30 20.26
C GLU A 104 2.91 -3.24 19.28
N VAL A 105 2.88 -3.57 17.99
CA VAL A 105 3.34 -2.65 16.96
C VAL A 105 2.42 -1.45 16.81
N LYS A 106 1.16 -1.63 17.22
CA LYS A 106 0.19 -0.54 17.11
C LYS A 106 0.66 0.71 17.83
N GLY A 107 1.11 0.57 19.07
CA GLY A 107 1.57 1.71 19.85
C GLY A 107 2.94 2.19 19.40
N LEU A 108 3.70 1.34 18.72
CA LEU A 108 5.02 1.74 18.25
C LEU A 108 4.90 2.82 17.17
N PHE A 109 3.69 2.96 16.63
CA PHE A 109 3.44 3.99 15.61
C PHE A 109 2.95 5.25 16.31
N LYS A 110 2.31 5.04 17.46
CA LYS A 110 1.77 6.13 18.26
C LYS A 110 2.56 7.42 18.07
N SER A 111 1.91 8.41 17.45
CA SER A 111 2.57 9.70 17.22
C SER A 111 2.14 10.68 18.30
N GLU A 112 2.94 11.73 18.50
CA GLU A 112 2.64 12.72 19.52
C GLU A 112 2.04 13.98 18.88
N ASN A 113 2.40 14.24 17.63
CA ASN A 113 1.89 15.41 16.92
C ASN A 113 1.08 15.00 15.70
N CYS A 114 0.71 13.72 15.66
CA CYS A 114 -0.08 13.20 14.54
C CYS A 114 -1.17 12.27 15.06
N PRO A 115 -2.23 12.11 14.30
CA PRO A 115 -3.37 11.23 14.70
C PRO A 115 -2.98 9.75 14.65
N LYS A 116 -3.88 8.90 15.15
CA LYS A 116 -3.63 7.47 15.18
C LYS A 116 -3.39 6.93 13.76
N VAL A 117 -2.63 5.85 13.67
CA VAL A 117 -2.34 5.25 12.37
C VAL A 117 -3.61 5.12 11.54
N ILE A 118 -3.49 5.40 10.24
CA ILE A 118 -4.63 5.30 9.34
C ILE A 118 -4.85 3.85 8.93
N SER A 119 -3.75 3.12 8.75
CA SER A 119 -3.84 1.72 8.36
C SER A 119 -2.56 0.98 8.77
N CYS A 120 -2.73 -0.17 9.40
CA CYS A 120 -1.60 -0.97 9.84
C CYS A 120 -1.76 -2.42 9.38
N GLU A 121 -0.88 -2.86 8.48
CA GLU A 121 -0.96 -4.22 7.97
C GLU A 121 0.43 -4.86 7.88
N PHE A 122 0.45 -6.18 7.92
CA PHE A 122 1.71 -6.92 7.86
C PHE A 122 2.19 -7.06 6.41
N ALA A 123 3.51 -7.03 6.24
CA ALA A 123 4.10 -7.15 4.91
C ALA A 123 5.51 -7.73 5.01
N HIS A 124 6.00 -8.28 3.90
CA HIS A 124 7.33 -8.87 3.87
C HIS A 124 7.53 -9.84 5.04
N ASN A 125 6.47 -10.51 5.44
CA ASN A 125 6.54 -11.46 6.55
C ASN A 125 7.41 -10.93 7.68
N SER A 126 7.62 -9.62 7.72
CA SER A 126 8.43 -9.02 8.77
C SER A 126 8.26 -7.50 8.78
N ASN A 127 8.30 -6.88 7.60
CA ASN A 127 8.16 -5.44 7.53
C ASN A 127 6.68 -5.06 7.59
N TRP A 128 6.33 -4.25 8.59
CA TRP A 128 4.96 -3.81 8.78
C TRP A 128 4.72 -2.50 8.05
N TYR A 129 3.88 -2.56 7.02
CA TYR A 129 3.56 -1.38 6.22
C TYR A 129 2.42 -0.58 6.84
N ILE A 130 2.76 0.42 7.66
CA ILE A 130 1.75 1.26 8.29
C ILE A 130 1.53 2.51 7.44
N THR A 131 0.27 2.80 7.13
CA THR A 131 -0.05 3.95 6.31
C THR A 131 -0.45 5.16 7.16
N PHE A 132 -0.25 6.35 6.60
CA PHE A 132 -0.60 7.58 7.29
C PHE A 132 -1.57 8.39 6.44
N GLN A 133 -1.99 9.54 6.93
CA GLN A 133 -2.92 10.39 6.19
C GLN A 133 -2.18 11.39 5.31
N SER A 134 -0.95 11.72 5.71
CA SER A 134 -0.14 12.67 4.94
C SER A 134 1.35 12.43 5.20
N ASP A 135 2.16 12.68 4.19
CA ASP A 135 3.61 12.50 4.31
C ASP A 135 4.17 13.42 5.40
N THR A 136 3.87 14.72 5.27
CA THR A 136 4.35 15.68 6.25
C THR A 136 4.12 15.16 7.66
N ASP A 137 3.02 14.44 7.85
CA ASP A 137 2.70 13.88 9.16
C ASP A 137 3.45 12.58 9.37
N ALA A 138 3.39 11.69 8.39
CA ALA A 138 4.08 10.41 8.49
C ALA A 138 5.56 10.63 8.75
N GLN A 139 6.22 11.31 7.82
CA GLN A 139 7.64 11.59 7.96
C GLN A 139 7.93 12.20 9.32
N GLN A 140 7.19 13.27 9.66
CA GLN A 140 7.37 13.92 10.94
C GLN A 140 7.17 12.91 12.06
N ALA A 141 6.12 12.11 11.93
CA ALA A 141 5.82 11.08 12.92
C ALA A 141 7.02 10.15 13.05
N PHE A 142 7.56 9.75 11.90
CA PHE A 142 8.72 8.86 11.89
C PHE A 142 9.81 9.42 12.80
N LYS A 143 9.93 10.74 12.81
CA LYS A 143 10.93 11.39 13.64
C LYS A 143 10.66 11.08 15.11
N TYR A 144 9.40 10.84 15.44
CA TYR A 144 9.00 10.52 16.80
C TYR A 144 9.21 9.04 17.09
N LEU A 145 9.12 8.22 16.04
CA LEU A 145 9.30 6.78 16.19
C LEU A 145 10.74 6.46 16.60
N ARG A 146 11.70 7.11 15.92
CA ARG A 146 13.10 6.88 16.23
C ARG A 146 13.29 6.88 17.75
N GLU A 147 12.38 7.54 18.44
CA GLU A 147 12.45 7.60 19.91
C GLU A 147 11.65 6.46 20.52
N GLU A 148 10.51 6.14 19.92
CA GLU A 148 9.67 5.07 20.43
C GLU A 148 10.21 3.72 19.98
N VAL A 149 10.35 3.54 18.67
CA VAL A 149 10.86 2.29 18.12
C VAL A 149 12.26 2.03 18.64
N LYS A 150 12.94 3.10 19.06
CA LYS A 150 14.29 2.99 19.58
C LYS A 150 14.38 1.78 20.51
N THR A 151 13.22 1.30 20.95
CA THR A 151 13.15 0.12 21.82
C THR A 151 11.72 -0.12 22.26
N PHE A 152 11.41 -1.37 22.58
CA PHE A 152 10.07 -1.73 23.01
C PHE A 152 10.17 -2.89 23.99
N GLN A 153 9.65 -2.70 25.19
CA GLN A 153 9.75 -3.75 26.19
C GLN A 153 11.22 -4.11 26.32
N GLY A 154 12.09 -3.18 25.88
CA GLY A 154 13.53 -3.38 25.95
C GLY A 154 14.05 -4.10 24.71
N LYS A 155 13.25 -4.14 23.66
CA LYS A 155 13.68 -4.80 22.44
C LYS A 155 13.98 -3.77 21.34
N PRO A 156 15.23 -3.48 21.09
CA PRO A 156 15.61 -2.49 20.05
C PRO A 156 15.09 -2.89 18.67
N ILE A 157 14.34 -1.99 18.05
CA ILE A 157 13.76 -2.26 16.73
C ILE A 157 14.25 -1.24 15.71
N MET A 158 14.32 -1.68 14.45
CA MET A 158 14.76 -0.80 13.38
C MET A 158 13.59 -0.50 12.46
N ALA A 159 13.54 0.71 11.92
CA ALA A 159 12.44 1.07 11.03
C ALA A 159 12.92 1.96 9.89
N ARG A 160 12.10 2.04 8.85
CA ARG A 160 12.43 2.86 7.69
C ARG A 160 11.17 3.56 7.17
N ILE A 161 11.37 4.65 6.45
CA ILE A 161 10.24 5.39 5.89
C ILE A 161 10.08 5.06 4.41
N LYS A 162 8.86 4.69 4.02
CA LYS A 162 8.59 4.35 2.63
C LYS A 162 8.26 5.61 1.83
N ALA A 163 9.14 5.95 0.88
CA ALA A 163 8.94 7.12 0.05
C ALA A 163 9.03 6.76 -1.43
N ILE A 164 8.76 7.74 -2.28
CA ILE A 164 8.80 7.52 -3.72
C ILE A 164 10.19 7.86 -4.27
N ASN A 165 10.74 6.96 -5.08
CA ASN A 165 12.06 7.18 -5.67
C ASN A 165 11.99 8.22 -6.77
N THR A 166 11.93 9.49 -6.39
CA THR A 166 11.86 10.57 -7.37
C THR A 166 13.00 10.45 -8.38
N PHE A 167 12.63 10.32 -9.65
CA PHE A 167 13.64 10.19 -10.70
C PHE A 167 14.36 11.51 -10.92
N PHE A 168 14.31 12.39 -9.91
CA PHE A 168 14.98 13.68 -10.01
C PHE A 168 16.01 13.84 -8.90
N ALA A 169 16.21 12.77 -8.13
CA ALA A 169 17.18 12.82 -7.04
C ALA A 169 18.31 11.82 -7.26
N LYS A 170 18.39 11.29 -8.48
CA LYS A 170 19.43 10.32 -8.82
C LYS A 170 20.81 10.95 -8.66
N ASN A 171 21.51 10.57 -7.58
CA ASN A 171 22.84 11.10 -7.32
C ASN A 171 23.88 10.33 -8.11
N GLY A 172 23.60 9.07 -8.40
CA GLY A 172 24.52 8.23 -9.15
C GLY A 172 24.82 8.84 -10.52
N TYR A 173 23.91 9.68 -11.00
CA TYR A 173 24.08 10.35 -12.28
C TYR A 173 25.53 10.79 -12.47
N ARG A 174 26.06 10.61 -13.68
CA ARG A 174 27.43 11.00 -13.97
C ARG A 174 27.55 11.47 -15.41
N LEU A 175 27.36 12.78 -15.63
CA LEU A 175 27.46 13.34 -16.97
C LEU A 175 28.54 14.42 -17.02
N MET A 176 29.14 14.58 -18.19
CA MET A 176 30.19 15.59 -18.36
C MET A 176 29.59 16.91 -18.80
N ASP A 177 29.72 17.93 -17.96
CA ASP A 177 29.19 19.26 -18.28
C ASP A 177 27.75 19.15 -18.75
N ASN A 1 14.47 -17.27 -31.27
CA ASN A 1 14.86 -15.93 -31.80
C ASN A 1 15.82 -15.26 -30.82
N SER A 2 16.40 -16.06 -29.92
CA SER A 2 17.33 -15.54 -28.94
C SER A 2 16.71 -14.35 -28.19
N ALA A 3 15.66 -14.62 -27.43
CA ALA A 3 14.99 -13.58 -26.67
C ALA A 3 15.90 -13.05 -25.57
N VAL A 4 15.29 -12.45 -24.55
CA VAL A 4 16.06 -11.89 -23.44
C VAL A 4 15.98 -12.81 -22.23
N SER A 5 16.18 -12.24 -21.04
CA SER A 5 16.14 -13.01 -19.81
C SER A 5 14.92 -12.63 -18.98
N THR A 6 14.66 -13.39 -17.92
CA THR A 6 13.52 -13.12 -17.06
C THR A 6 13.79 -11.90 -16.19
N GLU A 7 15.08 -11.63 -15.96
CA GLU A 7 15.46 -10.49 -15.13
C GLU A 7 14.81 -9.21 -15.65
N ASP A 8 14.72 -9.09 -16.97
CA ASP A 8 14.12 -7.92 -17.59
C ASP A 8 12.63 -7.86 -17.28
N LEU A 9 12.00 -9.03 -17.19
CA LEU A 9 10.58 -9.10 -16.90
C LEU A 9 10.31 -8.70 -15.46
N LYS A 10 11.24 -9.02 -14.57
CA LYS A 10 11.08 -8.66 -13.16
C LYS A 10 10.61 -7.21 -13.06
N GLU A 11 11.38 -6.32 -13.67
CA GLU A 11 11.05 -4.90 -13.65
C GLU A 11 9.69 -4.68 -14.31
N CYS A 12 9.36 -5.50 -15.31
CA CYS A 12 8.08 -5.35 -16.00
C CYS A 12 6.92 -5.64 -15.05
N LEU A 13 7.02 -6.72 -14.28
CA LEU A 13 5.94 -7.04 -13.35
C LEU A 13 5.55 -5.80 -12.58
N LYS A 14 6.54 -5.00 -12.19
CA LYS A 14 6.29 -3.78 -11.45
C LYS A 14 5.19 -2.95 -12.08
N LYS A 15 5.40 -2.54 -13.34
CA LYS A 15 4.43 -1.72 -14.02
C LYS A 15 3.01 -2.21 -13.75
N GLN A 16 2.82 -3.52 -13.81
CA GLN A 16 1.51 -4.11 -13.57
C GLN A 16 1.04 -3.81 -12.14
N LEU A 17 1.95 -3.99 -11.19
CA LEU A 17 1.65 -3.77 -9.78
C LEU A 17 1.21 -2.33 -9.50
N GLU A 18 2.08 -1.37 -9.83
CA GLU A 18 1.79 0.03 -9.57
C GLU A 18 0.44 0.43 -10.15
N PHE A 19 0.14 -0.01 -11.36
CA PHE A 19 -1.12 0.35 -12.01
C PHE A 19 -2.29 -0.51 -11.50
N CYS A 20 -2.02 -1.78 -11.23
CA CYS A 20 -3.08 -2.68 -10.76
C CYS A 20 -3.87 -2.08 -9.60
N PHE A 21 -3.16 -1.59 -8.58
CA PHE A 21 -3.81 -1.02 -7.41
C PHE A 21 -3.93 0.49 -7.49
N SER A 22 -3.95 1.04 -8.70
CA SER A 22 -4.10 2.47 -8.85
C SER A 22 -5.52 2.87 -8.45
N ARG A 23 -5.66 4.05 -7.88
CA ARG A 23 -6.98 4.50 -7.43
C ARG A 23 -8.05 4.17 -8.48
N GLU A 24 -7.75 4.49 -9.73
CA GLU A 24 -8.68 4.26 -10.82
C GLU A 24 -8.68 2.80 -11.28
N ASN A 25 -7.55 2.11 -11.10
CA ASN A 25 -7.44 0.72 -11.54
C ASN A 25 -8.23 -0.24 -10.66
N LEU A 26 -7.95 -0.24 -9.36
CA LEU A 26 -8.67 -1.12 -8.45
C LEU A 26 -10.13 -0.73 -8.37
N SER A 27 -10.39 0.52 -8.02
CA SER A 27 -11.77 0.99 -7.92
C SER A 27 -12.56 0.53 -9.14
N LYS A 28 -11.87 0.35 -10.26
CA LYS A 28 -12.52 -0.08 -11.50
C LYS A 28 -12.10 -1.50 -11.89
N ASP A 29 -11.71 -2.30 -10.90
CA ASP A 29 -11.30 -3.68 -11.18
C ASP A 29 -12.36 -4.66 -10.70
N LEU A 30 -13.43 -4.78 -11.48
CA LEU A 30 -14.51 -5.68 -11.14
C LEU A 30 -13.99 -7.11 -10.98
N TYR A 31 -12.79 -7.36 -11.49
CA TYR A 31 -12.20 -8.69 -11.41
C TYR A 31 -11.57 -8.95 -10.03
N LEU A 32 -10.73 -8.02 -9.57
CA LEU A 32 -10.07 -8.17 -8.27
C LEU A 32 -10.97 -7.76 -7.12
N ILE A 33 -11.36 -6.48 -7.10
CA ILE A 33 -12.19 -5.94 -6.04
C ILE A 33 -13.40 -6.85 -5.76
N SER A 34 -13.97 -7.43 -6.82
CA SER A 34 -15.13 -8.29 -6.67
C SER A 34 -14.76 -9.70 -6.23
N GLN A 35 -13.50 -10.08 -6.46
CA GLN A 35 -13.04 -11.41 -6.09
C GLN A 35 -12.55 -11.39 -4.64
N MET A 36 -12.22 -10.20 -4.18
CA MET A 36 -11.75 -10.00 -2.84
C MET A 36 -12.33 -10.99 -1.84
N ASP A 37 -11.46 -11.76 -1.18
CA ASP A 37 -11.94 -12.70 -0.17
C ASP A 37 -12.58 -11.92 1.00
N SER A 38 -12.41 -12.41 2.23
CA SER A 38 -13.06 -11.77 3.39
C SER A 38 -12.51 -10.40 3.83
N ASP A 39 -11.20 -10.21 3.87
CA ASP A 39 -10.65 -8.91 4.33
C ASP A 39 -10.08 -8.10 3.18
N GLN A 40 -10.71 -8.21 2.03
CA GLN A 40 -10.24 -7.50 0.85
C GLN A 40 -9.06 -8.23 0.26
N PHE A 41 -8.81 -9.44 0.76
CA PHE A 41 -7.73 -10.23 0.21
C PHE A 41 -8.24 -10.76 -1.09
N ILE A 42 -7.40 -10.93 -2.07
CA ILE A 42 -7.87 -11.46 -3.33
C ILE A 42 -7.49 -12.92 -3.38
N PRO A 43 -8.39 -13.79 -3.82
CA PRO A 43 -8.06 -15.23 -3.87
C PRO A 43 -6.79 -15.36 -4.65
N ILE A 44 -5.79 -15.96 -4.04
CA ILE A 44 -4.52 -16.05 -4.68
C ILE A 44 -4.61 -16.75 -6.04
N TRP A 45 -5.58 -17.63 -6.20
CA TRP A 45 -5.72 -18.36 -7.45
C TRP A 45 -6.32 -17.47 -8.54
N THR A 46 -7.23 -16.58 -8.16
CA THR A 46 -7.87 -15.69 -9.12
C THR A 46 -6.86 -14.77 -9.80
N VAL A 47 -5.86 -14.30 -9.03
CA VAL A 47 -4.85 -13.40 -9.56
C VAL A 47 -3.75 -14.19 -10.24
N ALA A 48 -3.20 -15.17 -9.54
CA ALA A 48 -2.14 -15.99 -10.09
C ALA A 48 -2.45 -16.43 -11.52
N ASN A 49 -3.69 -16.21 -11.94
CA ASN A 49 -4.10 -16.58 -13.29
C ASN A 49 -4.37 -15.33 -14.14
N MET A 50 -3.81 -14.20 -13.73
CA MET A 50 -4.01 -12.96 -14.46
C MET A 50 -3.31 -13.00 -15.83
N GLU A 51 -4.11 -12.95 -16.88
CA GLU A 51 -3.58 -13.00 -18.24
C GLU A 51 -2.32 -12.13 -18.37
N GLU A 52 -2.30 -11.00 -17.68
CA GLU A 52 -1.14 -10.12 -17.75
C GLU A 52 0.12 -10.90 -17.36
N ILE A 53 0.07 -11.63 -16.24
CA ILE A 53 1.20 -12.40 -15.81
C ILE A 53 1.19 -13.78 -16.47
N LYS A 54 0.01 -14.28 -16.78
CA LYS A 54 -0.08 -15.58 -17.42
C LYS A 54 0.87 -15.62 -18.60
N LYS A 55 1.19 -14.44 -19.11
CA LYS A 55 2.12 -14.33 -20.23
C LYS A 55 3.55 -14.44 -19.70
N LEU A 56 3.74 -14.00 -18.46
CA LEU A 56 5.05 -14.05 -17.82
C LEU A 56 5.52 -15.51 -17.74
N THR A 57 4.70 -16.37 -17.13
CA THR A 57 5.04 -17.79 -17.00
C THR A 57 3.98 -18.51 -16.17
N THR A 58 4.31 -19.70 -15.68
CA THR A 58 3.36 -20.47 -14.89
C THR A 58 3.93 -20.84 -13.51
N ASP A 59 4.51 -19.86 -12.83
CA ASP A 59 5.08 -20.11 -11.51
C ASP A 59 4.08 -19.63 -10.44
N PRO A 60 3.38 -20.54 -9.76
CA PRO A 60 2.36 -20.16 -8.75
C PRO A 60 2.92 -19.61 -7.45
N ASP A 61 3.91 -20.28 -6.91
CA ASP A 61 4.52 -19.87 -5.65
C ASP A 61 5.49 -18.70 -5.84
N LEU A 62 5.99 -18.53 -7.06
CA LEU A 62 6.95 -17.46 -7.33
C LEU A 62 6.28 -16.11 -7.59
N ILE A 63 5.21 -16.11 -8.36
CA ILE A 63 4.54 -14.86 -8.71
C ILE A 63 4.30 -13.95 -7.49
N LEU A 64 3.64 -14.47 -6.46
CA LEU A 64 3.38 -13.66 -5.27
C LEU A 64 4.65 -13.16 -4.61
N GLU A 65 5.72 -13.96 -4.68
CA GLU A 65 6.98 -13.57 -4.06
C GLU A 65 7.50 -12.25 -4.64
N VAL A 66 7.15 -11.99 -5.89
CA VAL A 66 7.58 -10.77 -6.55
C VAL A 66 6.62 -9.63 -6.25
N LEU A 67 5.35 -9.96 -6.11
CA LEU A 67 4.32 -8.97 -5.82
C LEU A 67 4.76 -8.06 -4.68
N ARG A 68 5.55 -8.61 -3.76
CA ARG A 68 6.04 -7.86 -2.61
C ARG A 68 6.83 -6.62 -3.05
N SER A 69 7.14 -6.56 -4.34
CA SER A 69 7.90 -5.44 -4.87
C SER A 69 7.06 -4.15 -4.88
N SER A 70 6.00 -4.11 -4.08
CA SER A 70 5.14 -2.94 -4.03
C SER A 70 4.88 -2.52 -2.58
N PRO A 71 5.62 -1.55 -2.09
CA PRO A 71 5.45 -1.04 -0.68
C PRO A 71 4.00 -0.74 -0.33
N MET A 72 3.26 -0.20 -1.29
CA MET A 72 1.86 0.15 -1.06
C MET A 72 0.97 -1.08 -1.19
N VAL A 73 1.57 -2.26 -1.11
CA VAL A 73 0.84 -3.51 -1.23
C VAL A 73 1.35 -4.51 -0.19
N GLN A 74 0.45 -5.34 0.31
CA GLN A 74 0.83 -6.34 1.32
C GLN A 74 0.30 -7.70 0.95
N VAL A 75 1.21 -8.58 0.56
CA VAL A 75 0.86 -9.92 0.15
C VAL A 75 1.12 -10.94 1.25
N ASP A 76 0.29 -11.99 1.31
CA ASP A 76 0.49 -13.01 2.33
C ASP A 76 1.94 -13.47 2.34
N GLU A 77 2.48 -13.71 3.53
CA GLU A 77 3.86 -14.15 3.66
C GLU A 77 4.07 -15.52 3.02
N LYS A 78 2.97 -16.26 2.85
CA LYS A 78 3.07 -17.59 2.24
C LYS A 78 2.51 -17.57 0.82
N GLY A 79 1.71 -16.55 0.51
CA GLY A 79 1.14 -16.44 -0.83
C GLY A 79 -0.20 -17.18 -0.94
N GLU A 80 -1.07 -17.02 0.07
CA GLU A 80 -2.36 -17.68 0.05
C GLU A 80 -3.49 -16.66 0.10
N LYS A 81 -3.16 -15.41 0.42
CA LYS A 81 -4.16 -14.34 0.47
C LYS A 81 -3.49 -12.97 0.40
N VAL A 82 -4.08 -12.02 -0.34
CA VAL A 82 -3.46 -10.69 -0.43
C VAL A 82 -4.45 -9.57 -0.73
N ARG A 83 -4.22 -8.43 -0.08
CA ARG A 83 -5.05 -7.25 -0.29
C ARG A 83 -4.15 -6.05 -0.65
N PRO A 84 -4.54 -5.22 -1.59
CA PRO A 84 -3.72 -4.04 -1.99
C PRO A 84 -3.82 -2.92 -0.96
N SER A 85 -2.71 -2.23 -0.75
CA SER A 85 -2.68 -1.15 0.23
C SER A 85 -2.84 0.19 -0.46
N HIS A 86 -3.96 0.84 -0.20
CA HIS A 86 -4.26 2.15 -0.79
C HIS A 86 -5.50 2.77 -0.16
N LYS A 87 -5.64 2.59 1.15
CA LYS A 87 -6.79 3.14 1.86
C LYS A 87 -6.47 4.52 2.42
N ARG A 88 -7.48 5.17 2.99
CA ARG A 88 -7.31 6.51 3.56
C ARG A 88 -7.02 6.42 5.05
N CYS A 89 -6.59 5.24 5.50
CA CYS A 89 -6.30 5.04 6.91
C CYS A 89 -4.80 4.87 7.12
N ILE A 90 -4.00 5.45 6.23
CA ILE A 90 -2.55 5.34 6.34
C ILE A 90 -1.93 6.64 6.83
N VAL A 91 -1.15 6.55 7.90
CA VAL A 91 -0.47 7.71 8.44
C VAL A 91 0.93 7.76 7.86
N ILE A 92 1.49 8.96 7.74
CA ILE A 92 2.82 9.10 7.17
C ILE A 92 3.78 9.85 8.09
N LEU A 93 4.85 9.18 8.48
CA LEU A 93 5.85 9.79 9.34
C LEU A 93 7.04 10.14 8.45
N ARG A 94 7.31 11.43 8.29
CA ARG A 94 8.40 11.86 7.41
C ARG A 94 9.65 12.26 8.18
N GLU A 95 10.75 12.38 7.44
CA GLU A 95 12.03 12.77 8.02
C GLU A 95 12.47 11.81 9.11
N ILE A 96 12.18 10.52 8.93
CA ILE A 96 12.58 9.53 9.91
C ILE A 96 13.95 8.97 9.51
N PRO A 97 14.99 9.26 10.26
CA PRO A 97 16.36 8.76 9.92
C PRO A 97 16.36 7.30 9.52
N GLU A 98 16.98 7.00 8.38
CA GLU A 98 17.05 5.63 7.89
C GLU A 98 17.62 4.71 8.97
N THR A 99 18.31 5.31 9.93
CA THR A 99 18.90 4.53 11.02
C THR A 99 17.93 4.42 12.20
N THR A 100 16.69 4.85 11.97
CA THR A 100 15.67 4.78 13.02
C THR A 100 15.04 3.38 13.04
N PRO A 101 15.13 2.65 14.13
CA PRO A 101 14.56 1.28 14.21
C PRO A 101 13.03 1.29 14.28
N ILE A 102 12.41 0.41 13.51
CA ILE A 102 10.95 0.32 13.48
C ILE A 102 10.39 0.43 14.89
N GLU A 103 11.22 0.09 15.88
CA GLU A 103 10.80 0.16 17.27
C GLU A 103 10.61 1.61 17.69
N GLU A 104 11.54 2.47 17.27
CA GLU A 104 11.46 3.89 17.59
C GLU A 104 10.15 4.50 17.09
N VAL A 105 9.88 4.35 15.81
CA VAL A 105 8.67 4.91 15.23
C VAL A 105 7.42 4.18 15.72
N LYS A 106 7.51 2.86 15.82
CA LYS A 106 6.38 2.04 16.25
C LYS A 106 5.61 2.73 17.38
N GLY A 107 6.33 3.30 18.35
CA GLY A 107 5.66 3.97 19.46
C GLY A 107 5.08 5.30 19.01
N LEU A 108 5.86 6.08 18.26
CA LEU A 108 5.38 7.37 17.77
C LEU A 108 4.00 7.22 17.17
N PHE A 109 3.60 5.97 16.94
CA PHE A 109 2.29 5.66 16.38
C PHE A 109 1.32 5.27 17.48
N LYS A 110 1.88 4.76 18.57
CA LYS A 110 1.08 4.33 19.72
C LYS A 110 -0.09 5.28 19.95
N SER A 111 -1.31 4.78 19.77
CA SER A 111 -2.50 5.59 19.98
C SER A 111 -3.14 5.26 21.32
N GLU A 112 -3.96 6.18 21.82
CA GLU A 112 -4.63 5.98 23.10
C GLU A 112 -6.07 5.54 22.89
N ASN A 113 -6.68 6.02 21.82
CA ASN A 113 -8.07 5.68 21.51
C ASN A 113 -8.12 4.55 20.49
N CYS A 114 -6.97 3.95 20.21
CA CYS A 114 -6.90 2.85 19.25
C CYS A 114 -5.76 1.89 19.62
N PRO A 115 -5.86 0.66 19.17
CA PRO A 115 -4.82 -0.38 19.45
C PRO A 115 -3.52 -0.10 18.71
N LYS A 116 -2.49 -0.88 19.01
CA LYS A 116 -1.20 -0.70 18.36
C LYS A 116 -1.34 -0.77 16.84
N VAL A 117 -0.45 -0.09 16.14
CA VAL A 117 -0.48 -0.06 14.67
C VAL A 117 -0.99 -1.38 14.11
N ILE A 118 -1.74 -1.27 13.02
CA ILE A 118 -2.31 -2.44 12.36
C ILE A 118 -1.29 -3.00 11.37
N SER A 119 -0.59 -2.10 10.70
CA SER A 119 0.44 -2.49 9.73
C SER A 119 1.44 -1.36 9.57
N CYS A 120 2.73 -1.70 9.65
CA CYS A 120 3.78 -0.69 9.53
C CYS A 120 4.77 -1.06 8.43
N GLU A 121 5.15 -0.08 7.62
CA GLU A 121 6.09 -0.31 6.53
C GLU A 121 6.79 0.98 6.13
N PHE A 122 7.98 0.85 5.55
CA PHE A 122 8.75 2.01 5.12
C PHE A 122 8.41 2.42 3.69
N ALA A 123 8.47 3.72 3.42
CA ALA A 123 8.16 4.24 2.09
C ALA A 123 8.90 5.56 1.85
N HIS A 124 9.04 5.91 0.58
CA HIS A 124 9.72 7.16 0.21
C HIS A 124 11.06 7.30 0.95
N ASN A 125 11.74 6.17 1.15
CA ASN A 125 13.03 6.18 1.82
C ASN A 125 13.05 7.17 2.99
N SER A 126 11.87 7.55 3.47
CA SER A 126 11.78 8.48 4.59
C SER A 126 10.38 8.50 5.18
N ASN A 127 9.37 8.54 4.31
CA ASN A 127 8.00 8.55 4.80
C ASN A 127 7.55 7.14 5.13
N TRP A 128 7.17 6.93 6.38
CA TRP A 128 6.72 5.62 6.85
C TRP A 128 5.21 5.50 6.71
N TYR A 129 4.79 4.54 5.88
CA TYR A 129 3.37 4.32 5.64
C TYR A 129 2.79 3.34 6.66
N ILE A 130 2.29 3.86 7.77
CA ILE A 130 1.69 3.02 8.80
C ILE A 130 0.18 2.92 8.57
N THR A 131 -0.30 1.72 8.28
CA THR A 131 -1.72 1.50 8.02
C THR A 131 -2.51 1.29 9.30
N PHE A 132 -3.79 1.62 9.25
CA PHE A 132 -4.68 1.45 10.40
C PHE A 132 -5.83 0.53 10.03
N GLN A 133 -6.59 0.09 11.03
CA GLN A 133 -7.71 -0.80 10.77
C GLN A 133 -8.87 -0.03 10.14
N SER A 134 -9.04 1.22 10.56
CA SER A 134 -10.11 2.05 10.03
C SER A 134 -9.67 3.52 9.97
N ASP A 135 -10.33 4.29 9.11
CA ASP A 135 -10.01 5.71 8.98
C ASP A 135 -10.39 6.47 10.24
N THR A 136 -11.64 6.35 10.64
CA THR A 136 -12.11 7.03 11.84
C THR A 136 -11.12 6.83 12.97
N ASP A 137 -10.44 5.69 12.97
CA ASP A 137 -9.46 5.38 13.99
C ASP A 137 -8.12 6.04 13.65
N ALA A 138 -7.66 5.84 12.42
CA ALA A 138 -6.40 6.43 11.98
C ALA A 138 -6.43 7.94 12.16
N GLN A 139 -7.40 8.58 11.52
CA GLN A 139 -7.54 10.03 11.63
C GLN A 139 -7.56 10.47 13.08
N GLN A 140 -8.46 9.88 13.87
CA GLN A 140 -8.55 10.20 15.28
C GLN A 140 -7.18 10.01 15.92
N ALA A 141 -6.56 8.88 15.62
CA ALA A 141 -5.24 8.58 16.16
C ALA A 141 -4.28 9.69 15.78
N PHE A 142 -4.36 10.13 14.52
CA PHE A 142 -3.49 11.20 14.05
C PHE A 142 -3.64 12.41 14.97
N LYS A 143 -4.86 12.71 15.35
CA LYS A 143 -5.13 13.82 16.24
C LYS A 143 -4.27 13.70 17.50
N TYR A 144 -3.91 12.47 17.83
CA TYR A 144 -3.09 12.20 18.99
C TYR A 144 -1.61 12.35 18.65
N LEU A 145 -1.22 11.91 17.47
CA LEU A 145 0.18 12.00 17.03
C LEU A 145 0.66 13.45 17.06
N ARG A 146 -0.20 14.37 16.65
CA ARG A 146 0.17 15.77 16.64
C ARG A 146 0.89 16.12 17.95
N GLU A 147 0.57 15.38 18.99
CA GLU A 147 1.18 15.60 20.30
C GLU A 147 2.41 14.72 20.47
N GLU A 148 2.38 13.54 19.85
CA GLU A 148 3.50 12.61 19.95
C GLU A 148 4.58 12.95 18.92
N VAL A 149 4.19 12.97 17.64
CA VAL A 149 5.13 13.29 16.59
C VAL A 149 5.72 14.68 16.82
N LYS A 150 4.98 15.50 17.55
CA LYS A 150 5.42 16.85 17.85
C LYS A 150 6.91 16.86 18.20
N THR A 151 7.43 15.69 18.57
CA THR A 151 8.84 15.55 18.92
C THR A 151 9.13 14.16 19.46
N PHE A 152 10.39 13.78 19.47
CA PHE A 152 10.80 12.47 19.97
C PHE A 152 12.27 12.54 20.39
N GLN A 153 12.51 12.35 21.68
CA GLN A 153 13.87 12.44 22.18
C GLN A 153 14.42 13.82 21.84
N GLY A 154 13.51 14.74 21.59
CA GLY A 154 13.88 16.11 21.23
C GLY A 154 14.14 16.23 19.74
N LYS A 155 13.56 15.33 18.96
CA LYS A 155 13.74 15.35 17.52
C LYS A 155 12.41 15.68 16.84
N PRO A 156 12.19 16.93 16.54
CA PRO A 156 10.92 17.36 15.89
C PRO A 156 10.67 16.62 14.58
N ILE A 157 9.52 15.96 14.49
CA ILE A 157 9.18 15.20 13.29
C ILE A 157 7.90 15.73 12.65
N MET A 158 7.79 15.55 11.33
CA MET A 158 6.61 16.00 10.60
C MET A 158 5.85 14.80 10.05
N ALA A 159 4.53 14.94 9.93
CA ALA A 159 3.71 13.85 9.42
C ALA A 159 2.42 14.37 8.79
N ARG A 160 1.85 13.57 7.91
CA ARG A 160 0.60 13.94 7.24
C ARG A 160 -0.30 12.72 7.09
N ILE A 161 -1.61 12.95 7.12
CA ILE A 161 -2.57 11.85 7.00
C ILE A 161 -2.88 11.57 5.54
N LYS A 162 -2.74 10.31 5.14
CA LYS A 162 -3.02 9.91 3.76
C LYS A 162 -4.49 9.58 3.60
N ALA A 163 -5.18 10.38 2.80
CA ALA A 163 -6.60 10.17 2.57
C ALA A 163 -6.90 10.13 1.07
N ILE A 164 -8.15 9.85 0.72
CA ILE A 164 -8.55 9.79 -0.68
C ILE A 164 -9.14 11.12 -1.13
N ASN A 165 -8.91 11.46 -2.40
CA ASN A 165 -9.41 12.72 -2.94
C ASN A 165 -10.07 12.49 -4.29
N THR A 166 -10.71 13.54 -4.82
CA THR A 166 -11.37 13.44 -6.12
C THR A 166 -12.34 12.26 -6.15
N PHE A 167 -12.90 11.94 -4.98
CA PHE A 167 -13.84 10.83 -4.89
C PHE A 167 -14.84 10.88 -6.04
N PHE A 168 -15.37 12.07 -6.30
CA PHE A 168 -16.34 12.25 -7.38
C PHE A 168 -15.61 12.48 -8.71
N ALA A 169 -14.46 13.13 -8.64
CA ALA A 169 -13.67 13.41 -9.84
C ALA A 169 -14.26 14.60 -10.61
N LYS A 170 -13.55 15.04 -11.63
CA LYS A 170 -14.01 16.17 -12.43
C LYS A 170 -14.78 15.69 -13.66
N ASN A 171 -16.10 15.88 -13.64
CA ASN A 171 -16.94 15.46 -14.75
C ASN A 171 -16.66 16.32 -15.99
N GLY A 172 -15.85 17.35 -15.81
CA GLY A 172 -15.50 18.23 -16.92
C GLY A 172 -14.54 17.55 -17.89
N TYR A 173 -13.68 16.70 -17.35
CA TYR A 173 -12.71 15.98 -18.18
C TYR A 173 -11.97 16.95 -19.08
N ARG A 174 -11.77 18.17 -18.60
CA ARG A 174 -11.07 19.19 -19.37
C ARG A 174 -9.79 18.62 -19.98
N LEU A 175 -9.00 17.94 -19.16
CA LEU A 175 -7.75 17.35 -19.62
C LEU A 175 -7.98 16.54 -20.90
N MET A 176 -7.57 17.10 -22.04
CA MET A 176 -7.74 16.42 -23.31
C MET A 176 -7.26 14.97 -23.22
N ASP A 177 -8.07 14.05 -23.71
CA ASP A 177 -7.71 12.64 -23.68
C ASP A 177 -6.26 12.44 -24.10
N ASN A 1 0.86 -14.23 -40.09
CA ASN A 1 0.45 -12.81 -40.27
C ASN A 1 0.04 -12.22 -38.93
N SER A 2 0.73 -12.64 -37.86
CA SER A 2 0.42 -12.15 -36.52
C SER A 2 0.04 -10.69 -36.57
N ALA A 3 -1.26 -10.42 -36.57
CA ALA A 3 -1.75 -9.05 -36.61
C ALA A 3 -2.80 -8.81 -35.53
N VAL A 4 -2.67 -7.68 -34.84
CA VAL A 4 -3.62 -7.33 -33.77
C VAL A 4 -4.05 -8.59 -33.02
N SER A 5 -3.38 -8.86 -31.91
CA SER A 5 -3.71 -10.03 -31.09
C SER A 5 -4.59 -9.62 -29.91
N THR A 6 -5.10 -10.61 -29.19
CA THR A 6 -5.95 -10.35 -28.03
C THR A 6 -5.12 -9.84 -26.86
N GLU A 7 -3.81 -10.03 -26.97
CA GLU A 7 -2.90 -9.59 -25.91
C GLU A 7 -3.16 -8.13 -25.54
N ASP A 8 -3.55 -7.33 -26.53
CA ASP A 8 -3.82 -5.92 -26.30
C ASP A 8 -4.88 -5.75 -25.21
N LEU A 9 -6.00 -6.43 -25.35
CA LEU A 9 -7.06 -6.35 -24.37
C LEU A 9 -6.53 -6.61 -22.98
N LYS A 10 -5.93 -7.77 -22.78
CA LYS A 10 -5.37 -8.12 -21.47
C LYS A 10 -4.57 -6.93 -20.94
N GLU A 11 -3.71 -6.39 -21.79
CA GLU A 11 -2.90 -5.25 -21.40
C GLU A 11 -3.78 -4.04 -21.11
N CYS A 12 -4.88 -3.90 -21.84
CA CYS A 12 -5.78 -2.78 -21.64
C CYS A 12 -6.38 -2.83 -20.23
N LEU A 13 -6.87 -3.99 -19.82
CA LEU A 13 -7.47 -4.10 -18.50
C LEU A 13 -6.54 -3.46 -17.47
N LYS A 14 -5.24 -3.71 -17.63
CA LYS A 14 -4.25 -3.16 -16.71
C LYS A 14 -4.47 -1.68 -16.46
N LYS A 15 -4.46 -0.89 -17.54
CA LYS A 15 -4.63 0.54 -17.41
C LYS A 15 -5.74 0.86 -16.41
N GLN A 16 -6.84 0.11 -16.50
CA GLN A 16 -7.96 0.33 -15.60
C GLN A 16 -7.54 0.10 -14.15
N LEU A 17 -6.75 -0.95 -13.93
CA LEU A 17 -6.29 -1.30 -12.60
C LEU A 17 -5.40 -0.20 -12.00
N GLU A 18 -4.30 0.13 -12.67
CA GLU A 18 -3.38 1.14 -12.16
C GLU A 18 -4.10 2.46 -11.85
N PHE A 19 -5.03 2.86 -12.70
CA PHE A 19 -5.76 4.10 -12.49
C PHE A 19 -6.88 3.94 -11.46
N CYS A 20 -7.55 2.80 -11.49
CA CYS A 20 -8.65 2.54 -10.56
C CYS A 20 -8.26 2.88 -9.12
N PHE A 21 -7.12 2.37 -8.68
CA PHE A 21 -6.67 2.59 -7.31
C PHE A 21 -5.69 3.76 -7.19
N SER A 22 -5.76 4.70 -8.12
CA SER A 22 -4.88 5.86 -8.06
C SER A 22 -5.31 6.73 -6.89
N ARG A 23 -4.36 7.43 -6.29
CA ARG A 23 -4.67 8.29 -5.15
C ARG A 23 -5.96 9.07 -5.40
N GLU A 24 -6.05 9.71 -6.56
CA GLU A 24 -7.22 10.51 -6.91
C GLU A 24 -8.40 9.64 -7.38
N ASN A 25 -8.11 8.42 -7.83
CA ASN A 25 -9.17 7.55 -8.34
C ASN A 25 -9.99 6.88 -7.23
N LEU A 26 -9.34 6.15 -6.34
CA LEU A 26 -10.07 5.47 -5.26
C LEU A 26 -10.68 6.49 -4.32
N SER A 27 -9.84 7.35 -3.74
CA SER A 27 -10.35 8.37 -2.84
C SER A 27 -11.59 9.03 -3.43
N LYS A 28 -11.66 9.03 -4.77
CA LYS A 28 -12.79 9.65 -5.46
C LYS A 28 -13.66 8.60 -6.16
N ASP A 29 -13.66 7.36 -5.64
CA ASP A 29 -14.47 6.30 -6.24
C ASP A 29 -15.64 5.96 -5.34
N LEU A 30 -16.52 6.93 -5.11
CA LEU A 30 -17.68 6.72 -4.28
C LEU A 30 -18.38 5.41 -4.65
N TYR A 31 -18.07 4.87 -5.82
CA TYR A 31 -18.68 3.63 -6.27
C TYR A 31 -18.02 2.41 -5.61
N LEU A 32 -16.69 2.34 -5.67
CA LEU A 32 -15.98 1.22 -5.09
C LEU A 32 -15.79 1.41 -3.58
N ILE A 33 -15.09 2.47 -3.20
CA ILE A 33 -14.83 2.75 -1.80
C ILE A 33 -16.10 2.57 -0.96
N SER A 34 -17.24 2.97 -1.51
CA SER A 34 -18.51 2.85 -0.79
C SER A 34 -19.09 1.44 -0.90
N GLN A 35 -18.71 0.71 -1.95
CA GLN A 35 -19.21 -0.65 -2.12
C GLN A 35 -18.39 -1.61 -1.29
N MET A 36 -17.16 -1.21 -1.02
CA MET A 36 -16.24 -1.99 -0.23
C MET A 36 -16.94 -2.90 0.78
N ASP A 37 -16.64 -4.21 0.75
CA ASP A 37 -17.23 -5.11 1.72
C ASP A 37 -16.72 -4.75 3.13
N SER A 38 -16.51 -5.74 3.99
CA SER A 38 -16.10 -5.48 5.37
C SER A 38 -14.64 -5.02 5.56
N ASP A 39 -13.68 -5.61 4.86
CA ASP A 39 -12.27 -5.23 5.04
C ASP A 39 -11.76 -4.42 3.86
N GLN A 40 -12.62 -3.60 3.29
CA GLN A 40 -12.24 -2.79 2.15
C GLN A 40 -12.24 -3.64 0.90
N PHE A 41 -12.81 -4.83 0.96
CA PHE A 41 -12.88 -5.68 -0.20
C PHE A 41 -14.00 -5.13 -1.07
N ILE A 42 -13.88 -5.17 -2.36
CA ILE A 42 -14.94 -4.67 -3.20
C ILE A 42 -15.76 -5.84 -3.67
N PRO A 43 -17.09 -5.73 -3.69
CA PRO A 43 -17.93 -6.86 -4.10
C PRO A 43 -17.41 -7.42 -5.39
N ILE A 44 -17.15 -8.70 -5.38
CA ILE A 44 -16.58 -9.32 -6.54
C ILE A 44 -17.39 -9.01 -7.81
N TRP A 45 -18.70 -8.85 -7.65
CA TRP A 45 -19.58 -8.61 -8.79
C TRP A 45 -19.57 -7.16 -9.27
N THR A 46 -19.61 -6.22 -8.35
CA THR A 46 -19.62 -4.81 -8.71
C THR A 46 -18.51 -4.48 -9.71
N VAL A 47 -17.37 -5.14 -9.57
CA VAL A 47 -16.24 -4.89 -10.48
C VAL A 47 -16.39 -5.70 -11.76
N ALA A 48 -16.70 -6.97 -11.61
CA ALA A 48 -16.87 -7.85 -12.75
C ALA A 48 -17.83 -7.24 -13.77
N ASN A 49 -18.61 -6.26 -13.32
CA ASN A 49 -19.57 -5.61 -14.20
C ASN A 49 -19.22 -4.14 -14.42
N MET A 50 -18.04 -3.74 -13.95
CA MET A 50 -17.60 -2.35 -14.09
C MET A 50 -17.75 -1.89 -15.53
N GLU A 51 -18.53 -0.84 -15.74
CA GLU A 51 -18.75 -0.30 -17.07
C GLU A 51 -17.47 -0.31 -17.90
N GLU A 52 -16.34 -0.02 -17.25
CA GLU A 52 -15.07 -0.02 -17.97
C GLU A 52 -14.83 -1.40 -18.60
N ILE A 53 -15.04 -2.46 -17.81
CA ILE A 53 -14.86 -3.81 -18.33
C ILE A 53 -16.13 -4.31 -19.02
N LYS A 54 -17.26 -3.78 -18.60
CA LYS A 54 -18.53 -4.19 -19.20
C LYS A 54 -18.38 -4.15 -20.71
N LYS A 55 -17.51 -3.26 -21.17
CA LYS A 55 -17.26 -3.13 -22.59
C LYS A 55 -16.37 -4.28 -23.05
N LEU A 56 -15.52 -4.76 -22.15
CA LEU A 56 -14.64 -5.87 -22.44
C LEU A 56 -15.44 -7.12 -22.75
N THR A 57 -16.29 -7.52 -21.80
CA THR A 57 -17.11 -8.72 -21.95
C THR A 57 -17.74 -9.09 -20.61
N THR A 58 -18.29 -10.30 -20.50
CA THR A 58 -18.91 -10.73 -19.26
C THR A 58 -18.30 -12.03 -18.73
N ASP A 59 -17.05 -11.95 -18.30
CA ASP A 59 -16.35 -13.12 -17.77
C ASP A 59 -16.39 -13.07 -16.23
N PRO A 60 -17.20 -13.89 -15.59
CA PRO A 60 -17.31 -13.87 -14.10
C PRO A 60 -16.10 -14.48 -13.41
N ASP A 61 -15.74 -15.67 -13.85
CA ASP A 61 -14.60 -16.39 -13.28
C ASP A 61 -13.27 -15.95 -13.90
N LEU A 62 -13.33 -15.47 -15.13
CA LEU A 62 -12.10 -15.06 -15.84
C LEU A 62 -11.63 -13.64 -15.47
N ILE A 63 -12.55 -12.69 -15.43
CA ILE A 63 -12.17 -11.30 -15.14
C ILE A 63 -11.21 -11.18 -13.95
N LEU A 64 -11.48 -11.88 -12.85
CA LEU A 64 -10.59 -11.80 -11.70
C LEU A 64 -9.23 -12.45 -11.99
N GLU A 65 -9.25 -13.60 -12.65
CA GLU A 65 -8.01 -14.29 -12.98
C GLU A 65 -7.01 -13.34 -13.61
N VAL A 66 -7.53 -12.32 -14.28
CA VAL A 66 -6.68 -11.33 -14.92
C VAL A 66 -6.19 -10.34 -13.89
N LEU A 67 -7.11 -9.88 -13.05
CA LEU A 67 -6.79 -8.93 -12.00
C LEU A 67 -5.72 -9.49 -11.07
N ARG A 68 -5.68 -10.81 -10.97
CA ARG A 68 -4.71 -11.47 -10.09
C ARG A 68 -3.31 -10.89 -10.29
N SER A 69 -3.03 -10.43 -11.50
CA SER A 69 -1.72 -9.83 -11.79
C SER A 69 -1.61 -8.45 -11.14
N SER A 70 -2.61 -8.13 -10.31
CA SER A 70 -2.64 -6.84 -9.62
C SER A 70 -1.31 -6.53 -8.93
N PRO A 71 -0.51 -5.63 -9.45
CA PRO A 71 0.80 -5.26 -8.83
C PRO A 71 0.62 -4.65 -7.43
N MET A 72 0.20 -3.38 -7.38
CA MET A 72 0.00 -2.70 -6.11
C MET A 72 -1.38 -2.98 -5.54
N VAL A 73 -2.04 -4.00 -6.06
CA VAL A 73 -3.37 -4.37 -5.60
C VAL A 73 -3.37 -5.85 -5.20
N GLN A 74 -4.38 -6.27 -4.44
CA GLN A 74 -4.46 -7.66 -4.00
C GLN A 74 -5.88 -8.18 -4.14
N VAL A 75 -6.08 -9.11 -5.06
CA VAL A 75 -7.40 -9.69 -5.28
C VAL A 75 -7.49 -11.10 -4.73
N ASP A 76 -8.66 -11.48 -4.22
CA ASP A 76 -8.80 -12.83 -3.68
C ASP A 76 -8.28 -13.85 -4.68
N GLU A 77 -7.52 -14.83 -4.18
CA GLU A 77 -6.96 -15.85 -5.05
C GLU A 77 -8.06 -16.69 -5.69
N LYS A 78 -9.24 -16.68 -5.08
CA LYS A 78 -10.36 -17.45 -5.61
C LYS A 78 -11.36 -16.57 -6.34
N GLY A 79 -11.24 -15.25 -6.17
CA GLY A 79 -12.15 -14.34 -6.84
C GLY A 79 -13.45 -14.20 -6.06
N GLU A 80 -13.34 -14.05 -4.75
CA GLU A 80 -14.52 -13.92 -3.90
C GLU A 80 -14.55 -12.56 -3.21
N LYS A 81 -13.39 -11.94 -3.07
CA LYS A 81 -13.30 -10.64 -2.42
C LYS A 81 -11.98 -9.94 -2.76
N VAL A 82 -11.99 -8.62 -2.96
CA VAL A 82 -10.73 -7.94 -3.29
C VAL A 82 -10.66 -6.50 -2.77
N ARG A 83 -9.49 -6.13 -2.26
CA ARG A 83 -9.26 -4.76 -1.78
C ARG A 83 -7.97 -4.19 -2.40
N PRO A 84 -7.95 -2.95 -2.81
CA PRO A 84 -6.74 -2.33 -3.40
C PRO A 84 -5.69 -2.02 -2.35
N SER A 85 -4.43 -2.27 -2.67
CA SER A 85 -3.35 -2.00 -1.73
C SER A 85 -2.66 -0.67 -2.06
N HIS A 86 -2.83 0.29 -1.17
CA HIS A 86 -2.23 1.60 -1.36
C HIS A 86 -0.71 1.51 -1.45
N LYS A 87 -0.02 2.01 -0.43
CA LYS A 87 1.43 1.97 -0.41
C LYS A 87 1.95 1.65 0.99
N ARG A 88 3.26 1.47 1.11
CA ARG A 88 3.87 1.17 2.39
C ARG A 88 4.59 2.39 2.95
N CYS A 89 3.89 3.14 3.79
CA CYS A 89 4.45 4.34 4.39
C CYS A 89 4.52 4.20 5.90
N ILE A 90 4.61 2.95 6.37
CA ILE A 90 4.66 2.69 7.81
C ILE A 90 6.08 2.75 8.34
N VAL A 91 6.25 3.41 9.47
CA VAL A 91 7.55 3.50 10.11
C VAL A 91 7.65 2.38 11.14
N ILE A 92 8.85 1.85 11.35
CA ILE A 92 9.01 0.75 12.28
C ILE A 92 10.05 1.06 13.36
N LEU A 93 9.60 1.16 14.61
CA LEU A 93 10.48 1.42 15.73
C LEU A 93 10.79 0.09 16.41
N ARG A 94 12.04 -0.34 16.37
CA ARG A 94 12.42 -1.61 16.95
C ARG A 94 13.11 -1.46 18.30
N GLU A 95 13.24 -2.57 19.01
CA GLU A 95 13.90 -2.60 20.30
C GLU A 95 13.21 -1.68 21.32
N ILE A 96 11.91 -1.50 21.18
CA ILE A 96 11.18 -0.66 22.10
C ILE A 96 10.72 -1.51 23.30
N PRO A 97 11.24 -1.28 24.49
CA PRO A 97 10.86 -2.08 25.68
C PRO A 97 9.36 -2.31 25.76
N GLU A 98 8.97 -3.55 26.06
CA GLU A 98 7.55 -3.89 26.17
C GLU A 98 6.87 -3.00 27.21
N THR A 99 7.69 -2.33 28.02
CA THR A 99 7.15 -1.46 29.06
C THR A 99 7.11 -0.01 28.57
N THR A 100 7.59 0.22 27.35
CA THR A 100 7.60 1.55 26.77
C THR A 100 6.16 2.00 26.47
N PRO A 101 5.65 3.03 27.14
CA PRO A 101 4.26 3.50 26.91
C PRO A 101 4.08 4.20 25.57
N ILE A 102 2.90 4.05 24.98
CA ILE A 102 2.61 4.68 23.70
C ILE A 102 2.98 6.15 23.73
N GLU A 103 2.93 6.74 24.93
CA GLU A 103 3.27 8.15 25.08
C GLU A 103 4.74 8.37 24.77
N GLU A 104 5.58 7.43 25.19
CA GLU A 104 7.01 7.53 24.95
C GLU A 104 7.32 7.46 23.45
N VAL A 105 6.84 6.41 22.80
CA VAL A 105 7.09 6.23 21.37
C VAL A 105 6.31 7.24 20.54
N LYS A 106 5.19 7.73 21.08
CA LYS A 106 4.36 8.69 20.37
C LYS A 106 5.19 9.87 19.84
N GLY A 107 5.97 10.48 20.73
CA GLY A 107 6.78 11.63 20.33
C GLY A 107 7.98 11.21 19.49
N LEU A 108 8.54 10.03 19.75
CA LEU A 108 9.69 9.59 18.99
C LEU A 108 9.38 9.62 17.49
N PHE A 109 8.11 9.77 17.15
CA PHE A 109 7.70 9.86 15.75
C PHE A 109 7.62 11.32 15.35
N LYS A 110 7.34 12.17 16.35
CA LYS A 110 7.22 13.61 16.14
C LYS A 110 8.12 14.08 14.99
N SER A 111 7.49 14.61 13.94
CA SER A 111 8.22 15.11 12.78
C SER A 111 8.18 16.63 12.75
N GLU A 112 9.11 17.23 12.02
CA GLU A 112 9.17 18.68 11.92
C GLU A 112 8.62 19.17 10.58
N ASN A 113 8.67 18.31 9.57
CA ASN A 113 8.18 18.66 8.25
C ASN A 113 6.97 17.82 7.88
N CYS A 114 6.36 17.18 8.89
CA CYS A 114 5.20 16.34 8.66
C CYS A 114 4.23 16.44 9.84
N PRO A 115 2.96 16.20 9.61
CA PRO A 115 1.92 16.26 10.68
C PRO A 115 2.08 15.13 11.69
N LYS A 116 1.31 15.20 12.77
CA LYS A 116 1.37 14.17 13.80
C LYS A 116 1.07 12.80 13.21
N VAL A 117 1.71 11.77 13.76
CA VAL A 117 1.50 10.41 13.27
C VAL A 117 0.04 10.20 12.89
N ILE A 118 -0.17 9.60 11.72
CA ILE A 118 -1.52 9.32 11.25
C ILE A 118 -2.12 8.17 12.04
N SER A 119 -1.29 7.20 12.36
CA SER A 119 -1.75 6.04 13.11
C SER A 119 -0.55 5.36 13.78
N CYS A 120 -0.68 5.08 15.07
CA CYS A 120 0.41 4.43 15.81
C CYS A 120 -0.11 3.18 16.53
N GLU A 121 0.46 2.03 16.19
CA GLU A 121 0.05 0.77 16.81
C GLU A 121 1.25 -0.15 16.99
N PHE A 122 1.15 -1.05 17.96
CA PHE A 122 2.22 -2.00 18.24
C PHE A 122 2.17 -3.19 17.30
N ALA A 123 3.33 -3.76 17.01
CA ALA A 123 3.41 -4.92 16.14
C ALA A 123 4.42 -5.93 16.68
N HIS A 124 4.27 -7.19 16.29
CA HIS A 124 5.17 -8.24 16.75
C HIS A 124 6.62 -7.89 16.43
N ASN A 125 7.55 -8.64 17.01
CA ASN A 125 8.97 -8.42 16.77
C ASN A 125 9.42 -7.09 17.40
N SER A 126 8.86 -6.79 18.57
CA SER A 126 9.21 -5.56 19.26
C SER A 126 9.28 -4.38 18.28
N ASN A 127 8.46 -4.44 17.23
CA ASN A 127 8.46 -3.37 16.25
C ASN A 127 7.11 -2.65 16.25
N TRP A 128 7.17 -1.33 16.41
CA TRP A 128 5.98 -0.50 16.42
C TRP A 128 5.66 -0.03 15.01
N TYR A 129 4.52 -0.46 14.48
CA TYR A 129 4.12 -0.09 13.12
C TYR A 129 3.36 1.24 13.11
N ILE A 130 4.09 2.33 12.96
CA ILE A 130 3.47 3.65 12.90
C ILE A 130 3.14 3.98 11.45
N THR A 131 1.85 4.22 11.19
CA THR A 131 1.41 4.52 9.83
C THR A 131 1.39 6.02 9.55
N PHE A 132 1.90 6.39 8.39
CA PHE A 132 1.92 7.77 7.97
C PHE A 132 0.90 7.97 6.86
N GLN A 133 0.70 9.21 6.43
CA GLN A 133 -0.29 9.47 5.39
C GLN A 133 0.30 9.28 4.00
N SER A 134 1.60 9.54 3.87
CA SER A 134 2.27 9.39 2.58
C SER A 134 3.72 8.98 2.76
N ASP A 135 4.23 8.19 1.82
CA ASP A 135 5.62 7.74 1.89
C ASP A 135 6.57 8.93 1.87
N THR A 136 6.43 9.78 0.85
CA THR A 136 7.28 10.94 0.72
C THR A 136 7.38 11.66 2.07
N ASP A 137 6.30 11.62 2.84
CA ASP A 137 6.28 12.25 4.14
C ASP A 137 6.90 11.34 5.18
N ALA A 138 6.46 10.08 5.19
CA ALA A 138 6.99 9.11 6.15
C ALA A 138 8.50 9.02 6.02
N GLN A 139 8.97 8.72 4.82
CA GLN A 139 10.41 8.60 4.57
C GLN A 139 11.13 9.89 5.01
N GLN A 140 10.65 11.03 4.51
CA GLN A 140 11.27 12.31 4.88
C GLN A 140 11.29 12.43 6.39
N ALA A 141 10.19 12.01 7.02
CA ALA A 141 10.08 12.06 8.46
C ALA A 141 11.12 11.13 9.07
N PHE A 142 11.23 9.92 8.52
CA PHE A 142 12.19 8.96 9.01
C PHE A 142 13.58 9.60 9.09
N LYS A 143 13.95 10.33 8.04
CA LYS A 143 15.23 11.00 7.99
C LYS A 143 15.43 11.86 9.24
N TYR A 144 14.31 12.30 9.81
CA TYR A 144 14.35 13.14 11.00
C TYR A 144 14.44 12.26 12.26
N LEU A 145 13.83 11.08 12.20
CA LEU A 145 13.85 10.17 13.33
C LEU A 145 15.27 9.71 13.65
N ARG A 146 15.93 9.14 12.65
CA ARG A 146 17.30 8.66 12.85
C ARG A 146 18.13 9.68 13.61
N GLU A 147 17.70 10.94 13.54
CA GLU A 147 18.42 12.00 14.23
C GLU A 147 17.90 12.17 15.65
N GLU A 148 16.63 11.85 15.86
CA GLU A 148 16.02 11.97 17.18
C GLU A 148 15.94 10.61 17.86
N VAL A 149 15.26 9.66 17.22
CA VAL A 149 15.14 8.33 17.78
C VAL A 149 16.51 7.77 18.10
N LYS A 150 17.51 8.27 17.40
CA LYS A 150 18.88 7.82 17.62
C LYS A 150 19.14 7.67 19.12
N THR A 151 18.34 8.38 19.92
CA THR A 151 18.45 8.33 21.37
C THR A 151 17.18 8.84 22.02
N PHE A 152 16.86 8.29 23.19
CA PHE A 152 15.68 8.70 23.94
C PHE A 152 15.98 8.51 25.42
N GLN A 153 16.12 9.61 26.13
CA GLN A 153 16.45 9.54 27.54
C GLN A 153 17.82 8.90 27.67
N GLY A 154 18.58 8.97 26.56
CA GLY A 154 19.91 8.39 26.51
C GLY A 154 19.87 6.90 26.19
N LYS A 155 18.75 6.45 25.62
CA LYS A 155 18.60 5.05 25.26
C LYS A 155 18.58 4.90 23.75
N PRO A 156 19.69 4.59 23.14
CA PRO A 156 19.79 4.43 21.66
C PRO A 156 18.80 3.40 21.14
N ILE A 157 17.97 3.82 20.20
CA ILE A 157 16.96 2.93 19.63
C ILE A 157 17.25 2.66 18.16
N MET A 158 16.86 1.47 17.69
CA MET A 158 17.05 1.10 16.31
C MET A 158 15.71 1.11 15.59
N ALA A 159 15.65 1.82 14.47
CA ALA A 159 14.40 1.91 13.72
C ALA A 159 14.59 1.48 12.28
N ARG A 160 13.47 1.15 11.64
CA ARG A 160 13.48 0.71 10.25
C ARG A 160 12.27 1.28 9.52
N ILE A 161 12.40 1.44 8.20
CA ILE A 161 11.29 1.98 7.40
C ILE A 161 10.58 0.85 6.67
N LYS A 162 9.26 0.97 6.59
CA LYS A 162 8.49 -0.01 5.86
C LYS A 162 8.08 0.57 4.51
N ALA A 163 8.69 0.07 3.45
CA ALA A 163 8.39 0.56 2.10
C ALA A 163 8.25 -0.63 1.14
N ILE A 164 7.88 -0.32 -0.10
CA ILE A 164 7.71 -1.36 -1.12
C ILE A 164 9.06 -1.90 -1.57
N ASN A 165 9.12 -3.21 -1.83
CA ASN A 165 10.36 -3.83 -2.28
C ASN A 165 10.13 -4.56 -3.60
N THR A 166 10.38 -3.86 -4.71
CA THR A 166 10.20 -4.46 -6.03
C THR A 166 10.88 -5.82 -6.11
N PHE A 167 10.30 -6.72 -6.90
CA PHE A 167 10.86 -8.06 -7.05
C PHE A 167 11.82 -8.11 -8.24
N PHE A 168 11.51 -7.33 -9.27
CA PHE A 168 12.34 -7.29 -10.46
C PHE A 168 13.49 -6.30 -10.28
N ALA A 169 13.16 -5.01 -10.30
CA ALA A 169 14.17 -3.97 -10.14
C ALA A 169 15.09 -4.30 -8.96
N LYS A 170 16.38 -4.40 -9.25
CA LYS A 170 17.35 -4.71 -8.21
C LYS A 170 17.63 -3.48 -7.35
N ASN A 171 17.28 -3.57 -6.08
CA ASN A 171 17.49 -2.45 -5.16
C ASN A 171 18.95 -2.39 -4.72
N GLY A 172 19.77 -3.28 -5.25
CA GLY A 172 21.18 -3.32 -4.90
C GLY A 172 21.85 -1.98 -5.18
N TYR A 173 21.55 -1.40 -6.34
CA TYR A 173 22.13 -0.11 -6.71
C TYR A 173 21.21 0.62 -7.67
N ARG A 174 21.73 1.67 -8.31
CA ARG A 174 20.95 2.44 -9.27
C ARG A 174 21.64 2.48 -10.62
N LEU A 175 21.31 1.52 -11.48
CA LEU A 175 21.90 1.46 -12.81
C LEU A 175 21.18 2.41 -13.76
N MET A 176 21.94 3.35 -14.32
CA MET A 176 21.37 4.31 -15.25
C MET A 176 21.79 3.99 -16.69
N ASP A 177 21.02 4.47 -17.65
CA ASP A 177 21.32 4.22 -19.05
C ASP A 177 22.03 5.43 -19.66
N ASN A 1 -35.71 -1.50 -13.96
CA ASN A 1 -37.03 -2.11 -13.61
C ASN A 1 -36.80 -3.46 -12.94
N SER A 2 -35.99 -4.29 -13.58
CA SER A 2 -35.71 -5.62 -13.05
C SER A 2 -35.39 -5.55 -11.55
N ALA A 3 -35.39 -6.70 -10.90
CA ALA A 3 -35.11 -6.74 -9.46
C ALA A 3 -35.94 -5.71 -8.71
N VAL A 4 -35.59 -5.47 -7.46
CA VAL A 4 -36.32 -4.50 -6.64
C VAL A 4 -35.44 -3.30 -6.32
N SER A 5 -34.15 -3.55 -6.10
CA SER A 5 -33.22 -2.47 -5.80
C SER A 5 -31.82 -2.79 -6.32
N THR A 6 -31.21 -1.83 -6.99
CA THR A 6 -29.87 -2.02 -7.54
C THR A 6 -28.82 -2.00 -6.43
N GLU A 7 -29.23 -1.51 -5.26
CA GLU A 7 -28.32 -1.44 -4.12
C GLU A 7 -27.74 -2.81 -3.80
N ASP A 8 -28.56 -3.85 -3.97
CA ASP A 8 -28.11 -5.21 -3.69
C ASP A 8 -26.83 -5.52 -4.47
N LEU A 9 -26.87 -5.27 -5.78
CA LEU A 9 -25.72 -5.52 -6.63
C LEU A 9 -24.55 -4.62 -6.24
N LYS A 10 -24.81 -3.32 -6.18
CA LYS A 10 -23.75 -2.38 -5.82
C LYS A 10 -22.97 -2.94 -4.63
N GLU A 11 -23.68 -3.65 -3.76
CA GLU A 11 -23.06 -4.24 -2.59
C GLU A 11 -22.35 -5.55 -2.95
N CYS A 12 -22.82 -6.21 -4.00
CA CYS A 12 -22.23 -7.48 -4.41
C CYS A 12 -20.87 -7.28 -5.07
N LEU A 13 -20.73 -6.20 -5.85
CA LEU A 13 -19.46 -5.93 -6.53
C LEU A 13 -18.40 -5.50 -5.52
N LYS A 14 -18.77 -4.59 -4.62
CA LYS A 14 -17.82 -4.09 -3.63
C LYS A 14 -17.12 -5.23 -2.89
N LYS A 15 -17.83 -6.33 -2.63
CA LYS A 15 -17.22 -7.45 -1.93
C LYS A 15 -15.81 -7.70 -2.45
N GLN A 16 -15.70 -7.92 -3.76
CA GLN A 16 -14.41 -8.18 -4.38
C GLN A 16 -13.41 -7.07 -4.07
N LEU A 17 -13.82 -5.83 -4.26
CA LEU A 17 -12.96 -4.69 -4.02
C LEU A 17 -12.26 -4.76 -2.66
N GLU A 18 -13.05 -4.82 -1.58
CA GLU A 18 -12.48 -4.85 -0.23
C GLU A 18 -11.45 -5.98 -0.07
N PHE A 19 -11.86 -7.20 -0.36
CA PHE A 19 -10.98 -8.35 -0.22
C PHE A 19 -9.86 -8.36 -1.25
N CYS A 20 -10.16 -7.86 -2.45
CA CYS A 20 -9.17 -7.85 -3.53
C CYS A 20 -7.85 -7.20 -3.08
N PHE A 21 -7.95 -6.02 -2.47
CA PHE A 21 -6.76 -5.30 -2.04
C PHE A 21 -6.32 -5.71 -0.64
N SER A 22 -6.67 -6.92 -0.24
CA SER A 22 -6.25 -7.42 1.06
C SER A 22 -4.82 -7.91 0.94
N ARG A 23 -3.96 -7.49 1.86
CA ARG A 23 -2.56 -7.89 1.80
C ARG A 23 -2.44 -9.37 1.43
N GLU A 24 -3.47 -10.14 1.76
CA GLU A 24 -3.47 -11.56 1.47
C GLU A 24 -3.84 -11.84 0.00
N ASN A 25 -4.81 -11.11 -0.54
CA ASN A 25 -5.26 -11.35 -1.91
C ASN A 25 -4.37 -10.65 -2.94
N LEU A 26 -4.21 -9.32 -2.82
CA LEU A 26 -3.38 -8.60 -3.78
C LEU A 26 -2.00 -9.24 -3.86
N SER A 27 -1.32 -9.31 -2.73
CA SER A 27 0.00 -9.92 -2.69
C SER A 27 -0.02 -11.27 -3.40
N LYS A 28 -1.18 -11.92 -3.38
CA LYS A 28 -1.33 -13.22 -4.01
C LYS A 28 -2.25 -13.13 -5.24
N ASP A 29 -2.31 -11.94 -5.85
CA ASP A 29 -3.15 -11.76 -7.02
C ASP A 29 -2.29 -11.64 -8.27
N LEU A 30 -1.77 -12.77 -8.73
CA LEU A 30 -0.94 -12.80 -9.92
C LEU A 30 -1.68 -12.24 -11.13
N TYR A 31 -3.00 -12.13 -11.04
CA TYR A 31 -3.79 -11.62 -12.14
C TYR A 31 -3.75 -10.09 -12.18
N LEU A 32 -4.00 -9.45 -11.05
CA LEU A 32 -4.00 -7.99 -10.98
C LEU A 32 -2.58 -7.44 -10.83
N ILE A 33 -1.92 -7.79 -9.73
CA ILE A 33 -0.58 -7.31 -9.46
C ILE A 33 0.34 -7.47 -10.67
N SER A 34 0.18 -8.56 -11.41
CA SER A 34 1.01 -8.81 -12.58
C SER A 34 0.53 -8.06 -13.81
N GLN A 35 -0.76 -7.73 -13.87
CA GLN A 35 -1.29 -7.01 -15.02
C GLN A 35 -1.02 -5.52 -14.86
N MET A 36 -0.77 -5.13 -13.62
CA MET A 36 -0.48 -3.76 -13.29
C MET A 36 0.22 -3.01 -14.43
N ASP A 37 -0.36 -1.88 -14.86
CA ASP A 37 0.29 -1.09 -15.90
C ASP A 37 1.63 -0.54 -15.36
N SER A 38 1.98 0.69 -15.76
CA SER A 38 3.29 1.26 -15.36
C SER A 38 3.40 1.71 -13.89
N ASP A 39 2.39 2.35 -13.31
CA ASP A 39 2.50 2.82 -11.92
C ASP A 39 1.69 1.97 -10.96
N GLN A 40 1.64 0.68 -11.25
CA GLN A 40 0.86 -0.23 -10.41
C GLN A 40 -0.61 -0.06 -10.74
N PHE A 41 -0.88 0.66 -11.82
CA PHE A 41 -2.25 0.82 -12.23
C PHE A 41 -2.66 -0.47 -12.88
N ILE A 42 -3.90 -0.85 -12.80
CA ILE A 42 -4.32 -2.09 -13.41
C ILE A 42 -5.00 -1.74 -14.72
N PRO A 43 -4.70 -2.44 -15.81
CA PRO A 43 -5.33 -2.10 -17.10
C PRO A 43 -6.81 -2.10 -16.89
N ILE A 44 -7.43 -0.99 -17.22
CA ILE A 44 -8.83 -0.86 -16.99
C ILE A 44 -9.61 -2.07 -17.52
N TRP A 45 -9.10 -2.70 -18.56
CA TRP A 45 -9.78 -3.83 -19.18
C TRP A 45 -9.57 -5.15 -18.43
N THR A 46 -8.33 -5.42 -18.04
CA THR A 46 -8.03 -6.68 -17.36
C THR A 46 -8.97 -6.93 -16.18
N VAL A 47 -9.36 -5.86 -15.51
CA VAL A 47 -10.26 -5.98 -14.35
C VAL A 47 -11.71 -6.05 -14.79
N ALA A 48 -12.15 -5.06 -15.54
CA ALA A 48 -13.52 -5.01 -16.02
C ALA A 48 -13.98 -6.37 -16.53
N ASN A 49 -13.03 -7.28 -16.72
CA ASN A 49 -13.35 -8.61 -17.23
C ASN A 49 -13.09 -9.68 -16.17
N MET A 50 -12.35 -9.32 -15.12
CA MET A 50 -12.03 -10.27 -14.06
C MET A 50 -13.19 -11.24 -13.82
N GLU A 51 -12.87 -12.53 -13.79
CA GLU A 51 -13.87 -13.56 -13.56
C GLU A 51 -14.86 -13.18 -12.47
N GLU A 52 -14.35 -12.74 -11.33
CA GLU A 52 -15.22 -12.36 -10.23
C GLU A 52 -16.35 -11.48 -10.75
N ILE A 53 -16.00 -10.45 -11.51
CA ILE A 53 -16.99 -9.54 -12.05
C ILE A 53 -17.56 -10.07 -13.36
N LYS A 54 -16.78 -10.87 -14.07
CA LYS A 54 -17.26 -11.42 -15.33
C LYS A 54 -18.64 -12.00 -15.11
N LYS A 55 -18.88 -12.43 -13.87
CA LYS A 55 -20.18 -12.98 -13.50
C LYS A 55 -21.19 -11.83 -13.41
N LEU A 56 -20.73 -10.67 -12.94
CA LEU A 56 -21.60 -9.52 -12.82
C LEU A 56 -22.01 -9.04 -14.22
N THR A 57 -21.02 -8.81 -15.06
CA THR A 57 -21.26 -8.34 -16.43
C THR A 57 -19.96 -7.87 -17.07
N THR A 58 -20.06 -7.28 -18.25
CA THR A 58 -18.90 -6.77 -18.96
C THR A 58 -19.07 -5.29 -19.27
N ASP A 59 -19.42 -4.51 -18.25
CA ASP A 59 -19.63 -3.08 -18.43
C ASP A 59 -18.30 -2.32 -18.32
N PRO A 60 -17.77 -1.78 -19.40
CA PRO A 60 -16.46 -1.06 -19.38
C PRO A 60 -16.53 0.33 -18.74
N ASP A 61 -17.52 1.09 -19.16
CA ASP A 61 -17.68 2.46 -18.68
C ASP A 61 -18.36 2.51 -17.30
N LEU A 62 -19.10 1.47 -16.96
CA LEU A 62 -19.83 1.43 -15.68
C LEU A 62 -18.98 1.00 -14.50
N ILE A 63 -18.44 -0.21 -14.58
CA ILE A 63 -17.71 -0.75 -13.45
C ILE A 63 -16.79 0.27 -12.78
N LEU A 64 -15.84 0.82 -13.53
CA LEU A 64 -14.90 1.79 -12.96
C LEU A 64 -15.64 2.91 -12.21
N GLU A 65 -16.86 3.24 -12.66
CA GLU A 65 -17.62 4.29 -12.02
C GLU A 65 -18.08 3.85 -10.63
N VAL A 66 -18.21 2.54 -10.46
CA VAL A 66 -18.63 1.98 -9.17
C VAL A 66 -17.42 1.81 -8.26
N LEU A 67 -16.28 1.55 -8.87
CA LEU A 67 -15.03 1.36 -8.14
C LEU A 67 -14.84 2.47 -7.11
N ARG A 68 -15.38 3.64 -7.39
CA ARG A 68 -15.24 4.79 -6.49
C ARG A 68 -15.59 4.37 -5.06
N SER A 69 -16.36 3.30 -4.92
CA SER A 69 -16.76 2.82 -3.59
C SER A 69 -15.58 2.18 -2.89
N SER A 70 -14.37 2.52 -3.32
CA SER A 70 -13.16 1.96 -2.73
C SER A 70 -12.29 3.05 -2.10
N PRO A 71 -12.57 3.41 -0.87
CA PRO A 71 -11.81 4.48 -0.13
C PRO A 71 -10.32 4.15 0.06
N MET A 72 -10.03 2.94 0.54
CA MET A 72 -8.64 2.54 0.78
C MET A 72 -7.98 2.11 -0.52
N VAL A 73 -8.52 2.60 -1.62
CA VAL A 73 -8.00 2.28 -2.94
C VAL A 73 -8.02 3.52 -3.81
N GLN A 74 -7.09 3.58 -4.76
CA GLN A 74 -7.01 4.72 -5.65
C GLN A 74 -7.32 4.30 -7.08
N VAL A 75 -8.44 4.78 -7.62
CA VAL A 75 -8.83 4.44 -8.98
C VAL A 75 -9.05 5.68 -9.82
N ASP A 76 -8.72 5.61 -11.10
CA ASP A 76 -8.92 6.75 -11.98
C ASP A 76 -10.38 7.18 -11.95
N GLU A 77 -10.61 8.46 -11.67
CA GLU A 77 -11.96 8.99 -11.61
C GLU A 77 -12.65 8.89 -12.95
N LYS A 78 -11.86 8.73 -14.01
CA LYS A 78 -12.42 8.63 -15.36
C LYS A 78 -12.57 7.19 -15.80
N GLY A 79 -11.92 6.27 -15.07
CA GLY A 79 -12.00 4.86 -15.41
C GLY A 79 -11.02 4.52 -16.53
N GLU A 80 -9.80 5.02 -16.41
CA GLU A 80 -8.78 4.77 -17.42
C GLU A 80 -7.61 4.00 -16.83
N LYS A 81 -7.39 4.16 -15.53
CA LYS A 81 -6.30 3.46 -14.86
C LYS A 81 -6.53 3.41 -13.35
N VAL A 82 -6.10 2.33 -12.69
CA VAL A 82 -6.31 2.24 -11.23
C VAL A 82 -5.26 1.39 -10.52
N ARG A 83 -4.84 1.87 -9.34
CA ARG A 83 -3.89 1.12 -8.51
C ARG A 83 -4.45 1.01 -7.08
N PRO A 84 -4.35 -0.15 -6.44
CA PRO A 84 -4.86 -0.31 -5.06
C PRO A 84 -3.92 0.28 -4.01
N SER A 85 -4.50 0.79 -2.94
CA SER A 85 -3.71 1.38 -1.87
C SER A 85 -3.81 0.54 -0.60
N HIS A 86 -2.69 -0.06 -0.20
CA HIS A 86 -2.66 -0.88 1.00
C HIS A 86 -2.27 -0.07 2.22
N LYS A 87 -2.29 1.25 2.08
CA LYS A 87 -1.95 2.14 3.19
C LYS A 87 -0.47 1.99 3.54
N ARG A 88 0.33 2.98 3.15
CA ARG A 88 1.76 2.95 3.43
C ARG A 88 2.04 3.20 4.90
N CYS A 89 2.23 2.12 5.66
CA CYS A 89 2.50 2.23 7.09
C CYS A 89 3.86 1.60 7.42
N ILE A 90 4.74 1.58 6.43
CA ILE A 90 6.07 0.99 6.62
C ILE A 90 7.02 1.98 7.29
N VAL A 91 7.82 1.49 8.22
CA VAL A 91 8.80 2.34 8.90
C VAL A 91 10.13 2.20 8.15
N ILE A 92 10.83 3.32 7.99
CA ILE A 92 12.09 3.29 7.25
C ILE A 92 13.27 3.66 8.14
N LEU A 93 14.20 2.71 8.30
CA LEU A 93 15.40 2.94 9.09
C LEU A 93 16.57 3.18 8.15
N ARG A 94 17.14 4.38 8.19
CA ARG A 94 18.23 4.73 7.28
C ARG A 94 19.59 4.67 7.97
N GLU A 95 20.63 4.71 7.14
CA GLU A 95 22.01 4.69 7.63
C GLU A 95 22.31 3.44 8.45
N ILE A 96 21.70 2.32 8.07
CA ILE A 96 21.93 1.07 8.77
C ILE A 96 23.12 0.34 8.13
N PRO A 97 24.24 0.22 8.81
CA PRO A 97 25.44 -0.45 8.24
C PRO A 97 25.09 -1.73 7.49
N GLU A 98 25.64 -1.87 6.29
CA GLU A 98 25.38 -3.04 5.46
C GLU A 98 25.71 -4.32 6.23
N THR A 99 26.44 -4.15 7.33
CA THR A 99 26.83 -5.30 8.14
C THR A 99 25.94 -5.42 9.37
N THR A 100 24.88 -4.61 9.42
CA THR A 100 23.96 -4.65 10.55
C THR A 100 23.06 -5.88 10.43
N PRO A 101 23.09 -6.79 11.38
CA PRO A 101 22.24 -8.02 11.32
C PRO A 101 20.77 -7.71 11.56
N ILE A 102 19.91 -8.28 10.74
CA ILE A 102 18.48 -8.06 10.88
C ILE A 102 18.10 -8.13 12.35
N GLU A 103 18.91 -8.83 13.14
CA GLU A 103 18.65 -8.97 14.56
C GLU A 103 18.85 -7.62 15.26
N GLU A 104 19.86 -6.88 14.81
CA GLU A 104 20.16 -5.58 15.40
C GLU A 104 18.99 -4.63 15.21
N VAL A 105 18.61 -4.41 13.96
CA VAL A 105 17.51 -3.50 13.64
C VAL A 105 16.20 -4.01 14.22
N LYS A 106 16.01 -5.32 14.20
CA LYS A 106 14.78 -5.93 14.72
C LYS A 106 14.46 -5.37 16.11
N GLY A 107 15.48 -5.25 16.95
CA GLY A 107 15.27 -4.73 18.30
C GLY A 107 14.96 -3.24 18.26
N LEU A 108 15.47 -2.55 17.25
CA LEU A 108 15.23 -1.12 17.11
C LEU A 108 13.79 -0.87 16.69
N PHE A 109 13.30 -1.71 15.79
CA PHE A 109 11.93 -1.59 15.32
C PHE A 109 10.97 -2.01 16.43
N LYS A 110 11.54 -2.62 17.45
CA LYS A 110 10.78 -3.10 18.60
C LYS A 110 9.97 -1.97 19.23
N SER A 111 8.65 -2.01 19.05
CA SER A 111 7.77 -1.00 19.61
C SER A 111 7.57 -1.21 21.10
N GLU A 112 6.90 -0.27 21.74
CA GLU A 112 6.65 -0.38 23.17
C GLU A 112 5.19 -0.77 23.43
N ASN A 113 4.30 -0.39 22.52
CA ASN A 113 2.89 -0.71 22.67
C ASN A 113 2.37 -1.50 21.48
N CYS A 114 3.28 -1.97 20.63
CA CYS A 114 2.88 -2.74 19.46
C CYS A 114 3.65 -4.06 19.41
N PRO A 115 3.11 -5.04 18.71
CA PRO A 115 3.75 -6.37 18.57
C PRO A 115 5.01 -6.32 17.70
N LYS A 116 5.73 -7.44 17.65
CA LYS A 116 6.95 -7.52 16.86
C LYS A 116 6.67 -7.19 15.40
N VAL A 117 7.69 -6.68 14.71
CA VAL A 117 7.54 -6.32 13.30
C VAL A 117 6.80 -7.41 12.54
N ILE A 118 5.91 -6.99 11.64
CA ILE A 118 5.14 -7.93 10.84
C ILE A 118 5.97 -8.39 9.64
N SER A 119 6.71 -7.45 9.06
CA SER A 119 7.57 -7.75 7.92
C SER A 119 8.77 -6.82 7.93
N CYS A 120 9.95 -7.40 7.77
CA CYS A 120 11.18 -6.62 7.76
C CYS A 120 12.08 -7.02 6.61
N GLU A 121 12.26 -6.11 5.66
CA GLU A 121 13.11 -6.39 4.49
C GLU A 121 14.01 -5.19 4.19
N PHE A 122 15.13 -5.46 3.53
CA PHE A 122 16.07 -4.40 3.19
C PHE A 122 15.69 -3.75 1.87
N ALA A 123 16.00 -2.47 1.74
CA ALA A 123 15.68 -1.73 0.52
C ALA A 123 16.81 -0.75 0.19
N HIS A 124 16.99 -0.47 -1.09
CA HIS A 124 18.05 0.45 -1.53
C HIS A 124 18.00 1.74 -0.72
N ASN A 125 18.98 2.61 -0.95
CA ASN A 125 19.04 3.87 -0.24
C ASN A 125 19.34 3.65 1.24
N SER A 126 20.06 2.58 1.53
CA SER A 126 20.40 2.25 2.91
C SER A 126 19.19 2.38 3.82
N ASN A 127 18.00 2.23 3.25
CA ASN A 127 16.77 2.33 4.04
C ASN A 127 16.10 0.97 4.18
N TRP A 128 15.84 0.59 5.42
CA TRP A 128 15.19 -0.68 5.73
C TRP A 128 13.67 -0.51 5.75
N TYR A 129 12.99 -1.20 4.84
CA TYR A 129 11.53 -1.10 4.77
C TYR A 129 10.87 -2.13 5.68
N ILE A 130 10.38 -1.67 6.83
CA ILE A 130 9.71 -2.55 7.78
C ILE A 130 8.22 -2.27 7.76
N THR A 131 7.42 -3.32 7.50
CA THR A 131 5.97 -3.17 7.44
C THR A 131 5.33 -3.54 8.77
N PHE A 132 4.39 -2.70 9.22
CA PHE A 132 3.70 -2.92 10.46
C PHE A 132 2.33 -3.56 10.22
N GLN A 133 1.60 -3.79 11.31
CA GLN A 133 0.27 -4.41 11.20
C GLN A 133 -0.78 -3.38 10.78
N SER A 134 -0.63 -2.15 11.24
CA SER A 134 -1.60 -1.11 10.89
C SER A 134 -0.95 0.28 10.92
N ASP A 135 -1.62 1.24 10.30
CA ASP A 135 -1.10 2.61 10.26
C ASP A 135 -1.18 3.24 11.65
N THR A 136 -2.37 3.22 12.24
CA THR A 136 -2.54 3.80 13.57
C THR A 136 -1.54 3.20 14.55
N ASP A 137 -1.17 1.95 14.31
CA ASP A 137 -0.21 1.28 15.17
C ASP A 137 1.22 1.62 14.76
N ALA A 138 1.49 1.57 13.46
CA ALA A 138 2.81 1.89 12.96
C ALA A 138 3.21 3.31 13.34
N GLN A 139 2.36 4.27 12.98
CA GLN A 139 2.63 5.66 13.31
C GLN A 139 2.83 5.85 14.80
N GLN A 140 1.89 5.33 15.59
CA GLN A 140 1.98 5.43 17.04
C GLN A 140 3.23 4.71 17.52
N ALA A 141 3.42 3.49 17.01
CA ALA A 141 4.57 2.69 17.36
C ALA A 141 5.84 3.46 17.06
N PHE A 142 5.96 3.88 15.81
CA PHE A 142 7.13 4.63 15.39
C PHE A 142 7.34 5.83 16.31
N LYS A 143 6.29 6.61 16.50
CA LYS A 143 6.36 7.76 17.38
C LYS A 143 7.11 7.40 18.65
N TYR A 144 7.08 6.11 18.98
CA TYR A 144 7.75 5.62 20.17
C TYR A 144 9.22 5.34 19.88
N LEU A 145 9.50 4.92 18.66
CA LEU A 145 10.88 4.63 18.25
C LEU A 145 11.74 5.89 18.29
N ARG A 146 11.15 7.02 17.95
CA ARG A 146 11.89 8.28 17.97
C ARG A 146 12.70 8.39 19.25
N GLU A 147 12.27 7.66 20.27
CA GLU A 147 12.96 7.66 21.55
C GLU A 147 13.97 6.53 21.61
N GLU A 148 13.66 5.42 20.96
CA GLU A 148 14.55 4.27 20.94
C GLU A 148 15.59 4.41 19.84
N VAL A 149 15.13 4.58 18.60
CA VAL A 149 16.03 4.74 17.47
C VAL A 149 16.92 5.95 17.69
N LYS A 150 16.45 6.88 18.52
CA LYS A 150 17.22 8.08 18.80
C LYS A 150 18.69 7.73 19.00
N THR A 151 18.95 6.45 19.25
CA THR A 151 20.32 5.98 19.44
C THR A 151 20.36 4.46 19.48
N PHE A 152 21.53 3.91 19.18
CA PHE A 152 21.71 2.48 19.19
C PHE A 152 23.13 2.18 19.63
N GLN A 153 23.29 1.83 20.90
CA GLN A 153 24.61 1.58 21.43
C GLN A 153 25.40 2.88 21.42
N GLY A 154 24.64 3.99 21.39
CA GLY A 154 25.24 5.31 21.37
C GLY A 154 25.45 5.79 19.93
N LYS A 155 24.73 5.18 19.00
CA LYS A 155 24.85 5.55 17.60
C LYS A 155 23.56 6.19 17.13
N PRO A 156 23.49 7.50 17.11
CA PRO A 156 22.27 8.22 16.66
C PRO A 156 21.84 7.79 15.27
N ILE A 157 20.60 7.34 15.15
CA ILE A 157 20.08 6.89 13.86
C ILE A 157 18.87 7.73 13.45
N MET A 158 18.66 7.85 12.14
CA MET A 158 17.54 8.63 11.62
C MET A 158 16.53 7.71 10.95
N ALA A 159 15.26 8.09 11.01
CA ALA A 159 14.20 7.30 10.41
C ALA A 159 13.03 8.16 9.98
N ARG A 160 12.27 7.68 9.01
CA ARG A 160 11.11 8.43 8.52
C ARG A 160 9.96 7.49 8.20
N ILE A 161 8.83 7.70 8.86
CA ILE A 161 7.65 6.88 8.63
C ILE A 161 7.24 6.95 7.17
N LYS A 162 6.96 5.78 6.59
CA LYS A 162 6.56 5.72 5.19
C LYS A 162 5.05 5.91 5.05
N ALA A 163 4.67 7.03 4.43
CA ALA A 163 3.26 7.34 4.23
C ALA A 163 2.99 7.67 2.77
N ILE A 164 1.72 7.89 2.45
CA ILE A 164 1.33 8.21 1.07
C ILE A 164 1.66 9.67 0.75
N ASN A 165 2.62 9.88 -0.13
CA ASN A 165 3.02 11.22 -0.53
C ASN A 165 3.47 11.25 -1.99
N THR A 166 2.88 12.16 -2.76
CA THR A 166 3.23 12.28 -4.17
C THR A 166 3.85 13.64 -4.47
N PHE A 167 4.82 14.02 -3.64
CA PHE A 167 5.49 15.31 -3.83
C PHE A 167 6.61 15.18 -4.86
N PHE A 168 7.45 14.16 -4.70
CA PHE A 168 8.54 13.93 -5.62
C PHE A 168 8.06 14.03 -7.07
N ALA A 169 7.21 13.09 -7.46
CA ALA A 169 6.67 13.08 -8.83
C ALA A 169 7.77 12.76 -9.83
N LYS A 170 7.48 12.97 -11.11
CA LYS A 170 8.45 12.71 -12.17
C LYS A 170 9.66 13.62 -12.02
N ASN A 171 10.85 13.08 -12.29
CA ASN A 171 12.07 13.85 -12.18
C ASN A 171 12.35 14.60 -13.48
N GLY A 172 11.45 14.47 -14.43
CA GLY A 172 11.61 15.14 -15.72
C GLY A 172 11.51 16.66 -15.56
N TYR A 173 11.01 17.09 -14.42
CA TYR A 173 10.86 18.52 -14.15
C TYR A 173 11.78 18.96 -13.02
N ARG A 174 13.09 18.88 -13.27
CA ARG A 174 14.07 19.27 -12.27
C ARG A 174 14.22 20.79 -12.24
N LEU A 175 13.46 21.44 -11.37
CA LEU A 175 13.53 22.89 -11.25
C LEU A 175 14.67 23.31 -10.34
N MET A 176 15.84 23.54 -10.92
CA MET A 176 17.01 23.93 -10.15
C MET A 176 17.31 25.42 -10.37
N ASP A 177 17.14 26.21 -9.31
CA ASP A 177 17.40 27.64 -9.40
C ASP A 177 17.85 28.19 -8.06
N ASN A 1 -29.23 3.95 -7.86
CA ASN A 1 -29.57 5.38 -7.65
C ASN A 1 -29.57 6.11 -9.01
N SER A 2 -28.84 5.55 -9.96
CA SER A 2 -28.75 6.15 -11.29
C SER A 2 -28.80 5.08 -12.38
N ALA A 3 -29.17 5.47 -13.58
CA ALA A 3 -29.24 4.54 -14.70
C ALA A 3 -27.89 3.89 -14.94
N VAL A 4 -27.53 3.74 -16.21
CA VAL A 4 -26.26 3.14 -16.57
C VAL A 4 -25.27 4.19 -17.06
N SER A 5 -24.12 4.27 -16.41
CA SER A 5 -23.10 5.24 -16.80
C SER A 5 -21.71 4.72 -16.46
N THR A 6 -20.69 5.43 -16.93
CA THR A 6 -19.31 5.02 -16.68
C THR A 6 -18.93 5.33 -15.23
N GLU A 7 -19.66 6.26 -14.63
CA GLU A 7 -19.39 6.65 -13.25
C GLU A 7 -19.59 5.46 -12.32
N ASP A 8 -20.58 4.63 -12.63
CA ASP A 8 -20.87 3.46 -11.82
C ASP A 8 -19.76 2.41 -11.97
N LEU A 9 -19.33 2.20 -13.21
CA LEU A 9 -18.28 1.22 -13.49
C LEU A 9 -16.95 1.72 -12.95
N LYS A 10 -16.66 3.00 -13.14
CA LYS A 10 -15.41 3.57 -12.64
C LYS A 10 -15.17 3.10 -11.22
N GLU A 11 -16.18 3.26 -10.38
CA GLU A 11 -16.09 2.84 -9.00
C GLU A 11 -15.87 1.33 -8.91
N CYS A 12 -16.46 0.59 -9.85
CA CYS A 12 -16.32 -0.86 -9.86
C CYS A 12 -14.86 -1.25 -10.10
N LEU A 13 -14.22 -0.63 -11.08
CA LEU A 13 -12.83 -0.97 -11.36
C LEU A 13 -12.04 -0.99 -10.06
N LYS A 14 -12.34 -0.04 -9.18
CA LYS A 14 -11.66 0.04 -7.89
C LYS A 14 -11.62 -1.31 -7.20
N LYS A 15 -12.80 -1.87 -6.92
CA LYS A 15 -12.87 -3.13 -6.23
C LYS A 15 -11.82 -4.11 -6.76
N GLN A 16 -11.73 -4.20 -8.09
CA GLN A 16 -10.77 -5.09 -8.72
C GLN A 16 -9.36 -4.81 -8.19
N LEU A 17 -8.96 -3.55 -8.24
CA LEU A 17 -7.64 -3.14 -7.80
C LEU A 17 -7.38 -3.55 -6.33
N GLU A 18 -8.22 -3.06 -5.43
CA GLU A 18 -8.06 -3.36 -4.01
C GLU A 18 -7.93 -4.87 -3.75
N PHE A 19 -8.74 -5.66 -4.44
CA PHE A 19 -8.71 -7.12 -4.24
C PHE A 19 -7.55 -7.76 -5.00
N CYS A 20 -7.29 -7.28 -6.21
CA CYS A 20 -6.22 -7.84 -7.02
C CYS A 20 -4.92 -8.01 -6.23
N PHE A 21 -4.50 -6.96 -5.54
CA PHE A 21 -3.27 -7.01 -4.77
C PHE A 21 -3.50 -7.27 -3.30
N SER A 22 -4.60 -7.92 -2.95
CA SER A 22 -4.84 -8.24 -1.56
C SER A 22 -3.79 -9.24 -1.12
N ARG A 23 -3.27 -9.09 0.09
CA ARG A 23 -2.24 -10.00 0.57
C ARG A 23 -2.59 -11.43 0.17
N GLU A 24 -3.86 -11.78 0.30
CA GLU A 24 -4.33 -13.12 -0.03
C GLU A 24 -4.55 -13.27 -1.54
N ASN A 25 -4.72 -12.15 -2.24
CA ASN A 25 -4.98 -12.21 -3.69
C ASN A 25 -3.71 -12.38 -4.52
N LEU A 26 -2.75 -11.47 -4.36
CA LEU A 26 -1.52 -11.56 -5.15
C LEU A 26 -0.74 -12.81 -4.77
N SER A 27 -0.38 -12.93 -3.50
CA SER A 27 0.36 -14.10 -3.05
C SER A 27 -0.29 -15.37 -3.60
N LYS A 28 -1.57 -15.29 -3.91
CA LYS A 28 -2.30 -16.45 -4.43
C LYS A 28 -2.69 -16.25 -5.90
N ASP A 29 -1.94 -15.42 -6.63
CA ASP A 29 -2.25 -15.18 -8.04
C ASP A 29 -1.16 -15.77 -8.92
N LEU A 30 -0.97 -17.08 -8.82
CA LEU A 30 0.03 -17.76 -9.62
C LEU A 30 -0.03 -17.30 -11.06
N TYR A 31 -1.15 -16.69 -11.44
CA TYR A 31 -1.31 -16.21 -12.82
C TYR A 31 -0.60 -14.88 -13.02
N LEU A 32 -0.91 -13.89 -12.18
CA LEU A 32 -0.30 -12.57 -12.30
C LEU A 32 1.14 -12.59 -11.79
N ILE A 33 1.32 -12.94 -10.53
CA ILE A 33 2.64 -12.99 -9.94
C ILE A 33 3.62 -13.70 -10.88
N SER A 34 3.09 -14.56 -11.74
CA SER A 34 3.91 -15.31 -12.68
C SER A 34 4.23 -14.49 -13.93
N GLN A 35 3.39 -13.50 -14.23
CA GLN A 35 3.62 -12.67 -15.41
C GLN A 35 4.61 -11.57 -15.08
N MET A 36 4.72 -11.29 -13.80
CA MET A 36 5.62 -10.28 -13.29
C MET A 36 6.91 -10.20 -14.10
N ASP A 37 7.16 -9.07 -14.75
CA ASP A 37 8.41 -8.92 -15.49
C ASP A 37 9.58 -8.90 -14.49
N SER A 38 10.62 -8.12 -14.76
CA SER A 38 11.83 -8.10 -13.91
C SER A 38 11.64 -7.46 -12.51
N ASP A 39 10.91 -6.34 -12.43
CA ASP A 39 10.74 -5.66 -11.12
C ASP A 39 9.39 -5.96 -10.50
N GLN A 40 8.92 -7.18 -10.66
CA GLN A 40 7.61 -7.53 -10.13
C GLN A 40 6.60 -6.79 -10.96
N PHE A 41 7.09 -6.21 -12.04
CA PHE A 41 6.26 -5.47 -12.94
C PHE A 41 5.40 -6.44 -13.69
N ILE A 42 4.12 -6.19 -13.81
CA ILE A 42 3.30 -7.07 -14.58
C ILE A 42 3.17 -6.43 -15.96
N PRO A 43 3.32 -7.19 -17.02
CA PRO A 43 3.21 -6.60 -18.36
C PRO A 43 1.92 -5.83 -18.42
N ILE A 44 1.99 -4.56 -18.73
CA ILE A 44 0.81 -3.78 -18.70
C ILE A 44 -0.29 -4.39 -19.58
N TRP A 45 0.11 -5.12 -20.62
CA TRP A 45 -0.86 -5.72 -21.55
C TRP A 45 -1.54 -6.95 -20.95
N THR A 46 -0.77 -7.82 -20.32
CA THR A 46 -1.31 -9.05 -19.75
C THR A 46 -2.54 -8.76 -18.87
N VAL A 47 -2.51 -7.65 -18.15
CA VAL A 47 -3.63 -7.29 -17.28
C VAL A 47 -4.75 -6.65 -18.07
N ALA A 48 -4.37 -5.81 -19.03
CA ALA A 48 -5.36 -5.15 -19.87
C ALA A 48 -6.38 -6.16 -20.38
N ASN A 49 -5.90 -7.37 -20.63
CA ASN A 49 -6.78 -8.44 -21.13
C ASN A 49 -7.37 -9.22 -19.96
N MET A 50 -7.38 -8.62 -18.78
CA MET A 50 -7.92 -9.27 -17.60
C MET A 50 -9.43 -9.45 -17.71
N GLU A 51 -9.87 -10.70 -17.66
CA GLU A 51 -11.29 -11.01 -17.77
C GLU A 51 -12.15 -10.04 -16.95
N GLU A 52 -11.79 -9.84 -15.69
CA GLU A 52 -12.56 -8.93 -14.85
C GLU A 52 -12.86 -7.63 -15.60
N ILE A 53 -11.84 -7.04 -16.25
CA ILE A 53 -12.03 -5.82 -16.99
C ILE A 53 -12.49 -6.13 -18.41
N LYS A 54 -12.10 -7.27 -18.94
CA LYS A 54 -12.51 -7.64 -20.28
C LYS A 54 -14.01 -7.44 -20.41
N LYS A 55 -14.68 -7.50 -19.27
CA LYS A 55 -16.12 -7.29 -19.24
C LYS A 55 -16.41 -5.80 -19.31
N LEU A 56 -15.49 -5.00 -18.76
CA LEU A 56 -15.63 -3.55 -18.78
C LEU A 56 -15.70 -3.05 -20.22
N THR A 57 -14.68 -3.39 -21.01
CA THR A 57 -14.63 -2.96 -22.41
C THR A 57 -13.28 -3.34 -23.01
N THR A 58 -12.99 -2.77 -24.17
CA THR A 58 -11.72 -3.05 -24.84
C THR A 58 -10.94 -1.76 -25.10
N ASP A 59 -10.82 -0.93 -24.07
CA ASP A 59 -10.10 0.33 -24.18
C ASP A 59 -8.68 0.14 -23.63
N PRO A 60 -7.68 0.00 -24.49
CA PRO A 60 -6.27 -0.24 -24.04
C PRO A 60 -5.61 0.96 -23.41
N ASP A 61 -5.73 2.09 -24.07
CA ASP A 61 -5.10 3.32 -23.59
C ASP A 61 -5.84 3.90 -22.38
N LEU A 62 -7.12 3.55 -22.25
CA LEU A 62 -7.92 4.08 -21.15
C LEU A 62 -7.77 3.31 -19.83
N ILE A 63 -7.80 1.99 -19.89
CA ILE A 63 -7.73 1.19 -18.67
C ILE A 63 -6.62 1.64 -17.72
N LEU A 64 -5.41 1.81 -18.24
CA LEU A 64 -4.30 2.24 -17.39
C LEU A 64 -4.51 3.65 -16.83
N GLU A 65 -5.16 4.50 -17.61
CA GLU A 65 -5.40 5.87 -17.18
C GLU A 65 -6.19 5.89 -15.87
N VAL A 66 -6.97 4.83 -15.64
CA VAL A 66 -7.76 4.74 -14.42
C VAL A 66 -6.91 4.17 -13.28
N LEU A 67 -6.09 3.18 -13.64
CA LEU A 67 -5.21 2.54 -12.67
C LEU A 67 -4.42 3.58 -11.88
N ARG A 68 -4.17 4.73 -12.50
CA ARG A 68 -3.41 5.79 -11.85
C ARG A 68 -3.93 6.05 -10.44
N SER A 69 -5.24 5.92 -10.26
CA SER A 69 -5.84 6.13 -8.95
C SER A 69 -5.40 5.03 -7.99
N SER A 70 -4.50 4.18 -8.46
CA SER A 70 -3.98 3.06 -7.65
C SER A 70 -3.53 3.55 -6.27
N PRO A 71 -4.29 3.28 -5.21
CA PRO A 71 -3.90 3.72 -3.83
C PRO A 71 -2.59 3.06 -3.36
N MET A 72 -2.67 1.79 -2.97
CA MET A 72 -1.49 1.07 -2.48
C MET A 72 -0.76 0.38 -3.63
N VAL A 73 -1.05 0.80 -4.86
CA VAL A 73 -0.41 0.22 -6.02
C VAL A 73 0.32 1.29 -6.81
N GLN A 74 1.32 0.88 -7.59
CA GLN A 74 2.10 1.82 -8.40
C GLN A 74 2.17 1.33 -9.83
N VAL A 75 1.54 2.08 -10.73
CA VAL A 75 1.52 1.72 -12.13
C VAL A 75 2.29 2.74 -12.97
N ASP A 76 2.93 2.26 -14.03
CA ASP A 76 3.71 3.15 -14.90
C ASP A 76 2.89 4.37 -15.29
N GLU A 77 3.54 5.53 -15.34
CA GLU A 77 2.86 6.76 -15.70
C GLU A 77 2.59 6.79 -17.20
N LYS A 78 3.33 5.97 -17.95
CA LYS A 78 3.15 5.92 -19.39
C LYS A 78 2.19 4.80 -19.78
N GLY A 79 2.00 3.84 -18.88
CA GLY A 79 1.10 2.73 -19.14
C GLY A 79 1.81 1.57 -19.85
N GLU A 80 3.00 1.22 -19.38
CA GLU A 80 3.75 0.12 -20.00
C GLU A 80 4.51 -0.71 -18.96
N LYS A 81 4.32 -0.37 -17.69
CA LYS A 81 4.99 -1.11 -16.61
C LYS A 81 4.26 -0.91 -15.29
N VAL A 82 4.09 -1.97 -14.49
CA VAL A 82 3.40 -1.79 -13.20
C VAL A 82 3.63 -2.95 -12.22
N ARG A 83 3.83 -2.60 -10.96
CA ARG A 83 4.00 -3.59 -9.89
C ARG A 83 3.18 -3.17 -8.67
N PRO A 84 2.51 -4.08 -7.99
CA PRO A 84 1.69 -3.74 -6.81
C PRO A 84 2.53 -3.52 -5.55
N SER A 85 2.16 -2.50 -4.78
CA SER A 85 2.90 -2.19 -3.56
C SER A 85 2.10 -2.64 -2.33
N HIS A 86 2.63 -3.65 -1.63
CA HIS A 86 1.97 -4.16 -0.45
C HIS A 86 2.13 -3.19 0.73
N LYS A 87 2.35 -3.74 1.91
CA LYS A 87 2.53 -2.92 3.10
C LYS A 87 3.87 -3.21 3.78
N ARG A 88 4.66 -2.16 3.97
CA ARG A 88 5.97 -2.31 4.59
C ARG A 88 6.59 -0.94 4.85
N CYS A 89 5.90 0.11 4.42
CA CYS A 89 6.39 1.47 4.60
C CYS A 89 5.50 2.22 5.58
N ILE A 90 4.78 1.47 6.41
CA ILE A 90 3.89 2.07 7.39
C ILE A 90 4.60 2.28 8.72
N VAL A 91 4.47 3.48 9.28
CA VAL A 91 5.08 3.77 10.57
C VAL A 91 4.04 3.50 11.66
N ILE A 92 4.46 2.81 12.71
CA ILE A 92 3.52 2.47 13.78
C ILE A 92 3.83 3.19 15.08
N LEU A 93 2.88 4.01 15.52
CA LEU A 93 3.01 4.73 16.78
C LEU A 93 2.18 3.99 17.82
N ARG A 94 2.83 3.43 18.83
CA ARG A 94 2.13 2.65 19.85
C ARG A 94 1.91 3.45 21.13
N GLU A 95 0.94 2.98 21.92
CA GLU A 95 0.61 3.60 23.19
C GLU A 95 0.21 5.06 23.02
N ILE A 96 -0.63 5.35 22.02
CA ILE A 96 -1.08 6.70 21.79
C ILE A 96 -2.46 6.88 22.45
N PRO A 97 -2.55 7.60 23.55
CA PRO A 97 -3.84 7.80 24.25
C PRO A 97 -5.00 8.07 23.28
N GLU A 98 -6.01 7.21 23.36
CA GLU A 98 -7.17 7.37 22.48
C GLU A 98 -7.70 8.80 22.53
N THR A 99 -7.33 9.51 23.60
CA THR A 99 -7.77 10.89 23.76
C THR A 99 -6.82 11.83 23.02
N THR A 100 -5.94 11.25 22.21
CA THR A 100 -4.97 12.04 21.45
C THR A 100 -5.57 12.36 20.07
N PRO A 101 -5.71 13.63 19.72
CA PRO A 101 -6.30 14.00 18.40
C PRO A 101 -5.37 13.71 17.23
N ILE A 102 -5.92 13.10 16.19
CA ILE A 102 -5.15 12.76 15.01
C ILE A 102 -4.19 13.90 14.67
N GLU A 103 -4.54 15.10 15.13
CA GLU A 103 -3.70 16.27 14.87
C GLU A 103 -2.40 16.17 15.65
N GLU A 104 -2.49 15.71 16.88
CA GLU A 104 -1.32 15.56 17.74
C GLU A 104 -0.29 14.62 17.11
N VAL A 105 -0.72 13.40 16.79
CA VAL A 105 0.19 12.43 16.19
C VAL A 105 0.61 12.86 14.78
N LYS A 106 -0.36 13.35 14.01
CA LYS A 106 -0.09 13.78 12.65
C LYS A 106 1.27 14.45 12.53
N GLY A 107 1.59 15.35 13.46
CA GLY A 107 2.87 16.04 13.41
C GLY A 107 4.01 15.10 13.81
N LEU A 108 3.79 14.29 14.84
CA LEU A 108 4.81 13.35 15.29
C LEU A 108 5.33 12.55 14.09
N PHE A 109 4.62 12.65 12.98
CA PHE A 109 5.01 11.96 11.76
C PHE A 109 5.73 12.93 10.82
N LYS A 110 5.45 14.21 11.01
CA LYS A 110 6.05 15.26 10.19
C LYS A 110 7.51 14.92 9.87
N SER A 111 7.79 14.64 8.60
CA SER A 111 9.15 14.31 8.17
C SER A 111 9.82 15.55 7.57
N GLU A 112 11.15 15.55 7.59
CA GLU A 112 11.90 16.68 7.05
C GLU A 112 12.41 16.37 5.64
N ASN A 113 12.57 15.08 5.34
CA ASN A 113 13.05 14.68 4.04
C ASN A 113 11.93 14.01 3.23
N CYS A 114 10.70 14.18 3.70
CA CYS A 114 9.55 13.59 3.02
C CYS A 114 8.30 14.44 3.25
N PRO A 115 7.35 14.39 2.34
CA PRO A 115 6.09 15.17 2.44
C PRO A 115 5.25 14.75 3.64
N LYS A 116 4.17 15.49 3.91
CA LYS A 116 3.29 15.19 5.02
C LYS A 116 2.76 13.77 4.92
N VAL A 117 2.42 13.18 6.07
CA VAL A 117 1.91 11.81 6.09
C VAL A 117 1.06 11.51 4.85
N ILE A 118 1.25 10.33 4.29
CA ILE A 118 0.50 9.92 3.12
C ILE A 118 -0.88 9.42 3.53
N SER A 119 -0.91 8.63 4.60
CA SER A 119 -2.17 8.10 5.12
C SER A 119 -2.04 7.82 6.61
N CYS A 120 -3.01 8.29 7.38
CA CYS A 120 -2.98 8.08 8.83
C CYS A 120 -4.29 7.47 9.31
N GLU A 121 -4.19 6.40 10.09
CA GLU A 121 -5.38 5.73 10.61
C GLU A 121 -5.07 5.01 11.92
N PHE A 122 -6.11 4.81 12.72
CA PHE A 122 -5.97 4.14 14.01
C PHE A 122 -6.01 2.62 13.84
N ALA A 123 -5.24 1.91 14.65
CA ALA A 123 -5.20 0.44 14.59
C ALA A 123 -4.81 -0.15 15.95
N HIS A 124 -5.27 -1.37 16.20
CA HIS A 124 -4.97 -2.05 17.46
C HIS A 124 -5.45 -1.23 18.65
N ASN A 125 -6.37 -0.30 18.39
CA ASN A 125 -6.91 0.55 19.45
C ASN A 125 -5.78 1.25 20.21
N SER A 126 -4.61 1.32 19.60
CA SER A 126 -3.47 1.98 20.22
C SER A 126 -2.37 2.24 19.20
N ASN A 127 -2.12 1.26 18.34
CA ASN A 127 -1.08 1.43 17.33
C ASN A 127 -1.63 2.17 16.13
N TRP A 128 -1.02 3.30 15.81
CA TRP A 128 -1.44 4.11 14.67
C TRP A 128 -0.67 3.71 13.42
N TYR A 129 -1.40 3.21 12.43
CA TYR A 129 -0.77 2.78 11.18
C TYR A 129 -0.69 3.94 10.17
N ILE A 130 0.42 4.66 10.20
CA ILE A 130 0.62 5.77 9.27
C ILE A 130 1.38 5.28 8.04
N THR A 131 0.81 5.51 6.86
CA THR A 131 1.44 5.08 5.62
C THR A 131 2.33 6.17 5.03
N PHE A 132 3.23 5.77 4.15
CA PHE A 132 4.15 6.70 3.50
C PHE A 132 4.07 6.55 1.99
N GLN A 133 4.88 7.33 1.28
CA GLN A 133 4.89 7.28 -0.18
C GLN A 133 5.98 6.36 -0.69
N SER A 134 6.85 5.90 0.20
CA SER A 134 7.93 5.01 -0.19
C SER A 134 8.68 4.50 1.04
N ASP A 135 9.11 3.24 0.99
CA ASP A 135 9.84 2.65 2.11
C ASP A 135 11.13 3.43 2.36
N THR A 136 11.95 3.56 1.33
CA THR A 136 13.21 4.28 1.46
C THR A 136 12.97 5.62 2.14
N ASP A 137 11.78 6.17 1.95
CA ASP A 137 11.41 7.44 2.55
C ASP A 137 10.89 7.22 3.97
N ALA A 138 9.95 6.29 4.12
CA ALA A 138 9.38 6.01 5.43
C ALA A 138 10.48 5.66 6.42
N GLN A 139 11.21 4.59 6.14
CA GLN A 139 12.30 4.16 7.01
C GLN A 139 13.20 5.34 7.34
N GLN A 140 13.68 6.03 6.30
CA GLN A 140 14.54 7.18 6.51
C GLN A 140 13.83 8.21 7.38
N ALA A 141 12.55 8.44 7.08
CA ALA A 141 11.75 9.37 7.85
C ALA A 141 11.72 8.93 9.31
N PHE A 142 11.56 7.63 9.51
CA PHE A 142 11.52 7.08 10.86
C PHE A 142 12.78 7.48 11.61
N LYS A 143 13.91 7.42 10.93
CA LYS A 143 15.18 7.79 11.56
C LYS A 143 15.09 9.21 12.09
N TYR A 144 14.15 9.97 11.54
CA TYR A 144 13.93 11.35 11.96
C TYR A 144 13.01 11.37 13.17
N LEU A 145 12.09 10.42 13.22
CA LEU A 145 11.14 10.33 14.33
C LEU A 145 11.86 9.97 15.62
N ARG A 146 12.75 9.00 15.55
CA ARG A 146 13.48 8.57 16.73
C ARG A 146 13.96 9.79 17.52
N GLU A 147 14.08 10.91 16.82
CA GLU A 147 14.51 12.15 17.46
C GLU A 147 13.31 12.98 17.92
N GLU A 148 12.17 12.78 17.27
CA GLU A 148 10.96 13.53 17.61
C GLU A 148 10.03 12.70 18.51
N VAL A 149 9.61 11.54 18.03
CA VAL A 149 8.72 10.68 18.80
C VAL A 149 9.33 10.29 20.14
N LYS A 150 10.66 10.32 20.21
CA LYS A 150 11.33 9.96 21.46
C LYS A 150 10.56 10.57 22.64
N THR A 151 9.89 11.69 22.39
CA THR A 151 9.10 12.36 23.40
C THR A 151 8.15 13.35 22.74
N PHE A 152 7.05 13.65 23.43
CA PHE A 152 6.07 14.59 22.90
C PHE A 152 5.40 15.31 24.05
N GLN A 153 5.66 16.61 24.17
CA GLN A 153 5.11 17.38 25.26
C GLN A 153 5.56 16.74 26.57
N GLY A 154 6.65 15.98 26.46
CA GLY A 154 7.22 15.29 27.62
C GLY A 154 6.54 13.94 27.83
N LYS A 155 5.94 13.41 26.77
CA LYS A 155 5.27 12.13 26.85
C LYS A 155 6.02 11.10 26.01
N PRO A 156 6.90 10.34 26.62
CA PRO A 156 7.69 9.31 25.90
C PRO A 156 6.80 8.30 25.19
N ILE A 157 7.01 8.16 23.88
CA ILE A 157 6.22 7.24 23.08
C ILE A 157 7.10 6.17 22.43
N MET A 158 6.50 5.02 22.17
CA MET A 158 7.23 3.92 21.54
C MET A 158 6.74 3.74 20.11
N ALA A 159 7.63 3.25 19.24
CA ALA A 159 7.26 3.05 17.84
C ALA A 159 8.12 1.97 17.20
N ARG A 160 7.54 1.28 16.24
CA ARG A 160 8.25 0.22 15.52
C ARG A 160 7.88 0.25 14.04
N ILE A 161 8.86 0.53 13.20
CA ILE A 161 8.62 0.58 11.76
C ILE A 161 7.98 -0.73 11.29
N LYS A 162 6.93 -0.60 10.48
CA LYS A 162 6.24 -1.78 9.96
C LYS A 162 6.93 -2.28 8.70
N ALA A 163 7.51 -3.46 8.78
CA ALA A 163 8.20 -4.05 7.64
C ALA A 163 7.68 -5.46 7.36
N ILE A 164 7.17 -5.67 6.15
CA ILE A 164 6.65 -6.97 5.76
C ILE A 164 7.37 -7.50 4.53
N ASN A 165 7.58 -8.82 4.49
CA ASN A 165 8.26 -9.43 3.37
C ASN A 165 8.17 -10.95 3.46
N THR A 166 9.33 -11.61 3.49
CA THR A 166 9.37 -13.06 3.59
C THR A 166 9.08 -13.69 2.22
N PHE A 167 9.27 -12.91 1.17
CA PHE A 167 9.03 -13.40 -0.18
C PHE A 167 10.35 -13.79 -0.85
N PHE A 168 11.45 -13.30 -0.30
CA PHE A 168 12.76 -13.60 -0.84
C PHE A 168 13.39 -14.78 -0.09
N ALA A 169 12.55 -15.57 0.55
CA ALA A 169 13.02 -16.73 1.30
C ALA A 169 12.03 -17.89 1.20
N LYS A 170 11.99 -18.71 2.24
CA LYS A 170 11.07 -19.85 2.25
C LYS A 170 9.78 -19.50 3.00
N ASN A 171 8.66 -19.96 2.48
CA ASN A 171 7.37 -19.69 3.10
C ASN A 171 7.13 -20.63 4.28
N GLY A 172 7.82 -21.77 4.26
CA GLY A 172 7.68 -22.75 5.34
C GLY A 172 8.64 -22.45 6.48
N TYR A 173 9.75 -21.80 6.16
CA TYR A 173 10.75 -21.46 7.16
C TYR A 173 10.87 -22.57 8.19
N ARG A 174 10.59 -23.80 7.77
CA ARG A 174 10.67 -24.95 8.66
C ARG A 174 11.86 -25.83 8.31
N LEU A 175 12.47 -26.44 9.32
CA LEU A 175 13.62 -27.29 9.10
C LEU A 175 13.23 -28.50 8.26
N MET A 176 14.23 -29.23 7.76
CA MET A 176 13.98 -30.41 6.94
C MET A 176 13.54 -31.58 7.81
N ASP A 177 12.45 -32.24 7.41
CA ASP A 177 11.94 -33.38 8.15
C ASP A 177 12.73 -34.64 7.81
N ASN A 1 10.30 -26.47 -34.77
CA ASN A 1 11.37 -25.51 -34.37
C ASN A 1 11.36 -25.34 -32.86
N SER A 2 10.18 -25.06 -32.31
CA SER A 2 10.04 -24.87 -30.87
C SER A 2 8.59 -24.61 -30.49
N ALA A 3 8.35 -24.38 -29.21
CA ALA A 3 6.99 -24.13 -28.73
C ALA A 3 6.95 -22.87 -27.87
N VAL A 4 5.79 -22.23 -27.82
CA VAL A 4 5.64 -21.01 -27.03
C VAL A 4 6.31 -21.17 -25.68
N SER A 5 6.52 -20.04 -24.99
CA SER A 5 7.15 -20.07 -23.68
C SER A 5 6.17 -19.65 -22.59
N THR A 6 6.21 -20.34 -21.46
CA THR A 6 5.33 -20.03 -20.34
C THR A 6 5.77 -18.76 -19.64
N GLU A 7 7.00 -18.34 -19.91
CA GLU A 7 7.54 -17.13 -19.30
C GLU A 7 6.67 -15.92 -19.60
N ASP A 8 5.99 -15.95 -20.76
CA ASP A 8 5.12 -14.86 -21.15
C ASP A 8 3.92 -14.74 -20.20
N LEU A 9 3.26 -15.87 -19.96
CA LEU A 9 2.11 -15.89 -19.09
C LEU A 9 2.45 -15.36 -17.70
N LYS A 10 3.47 -15.93 -17.08
CA LYS A 10 3.87 -15.51 -15.75
C LYS A 10 3.90 -13.98 -15.69
N GLU A 11 4.44 -13.36 -16.74
CA GLU A 11 4.52 -11.91 -16.81
C GLU A 11 3.12 -11.32 -16.98
N CYS A 12 2.27 -12.02 -17.72
CA CYS A 12 0.91 -11.54 -17.95
C CYS A 12 0.17 -11.42 -16.63
N LEU A 13 0.33 -12.42 -15.77
CA LEU A 13 -0.34 -12.38 -14.47
C LEU A 13 -0.04 -11.05 -13.78
N LYS A 14 1.26 -10.73 -13.69
CA LYS A 14 1.68 -9.49 -13.04
C LYS A 14 0.77 -8.33 -13.43
N LYS A 15 0.73 -8.02 -14.73
CA LYS A 15 -0.07 -6.91 -15.20
C LYS A 15 -1.42 -6.86 -14.48
N GLN A 16 -1.97 -8.03 -14.15
CA GLN A 16 -3.25 -8.09 -13.47
C GLN A 16 -3.12 -7.67 -12.00
N LEU A 17 -2.02 -8.07 -11.38
CA LEU A 17 -1.79 -7.73 -9.97
C LEU A 17 -1.67 -6.22 -9.77
N GLU A 18 -0.70 -5.60 -10.44
CA GLU A 18 -0.49 -4.17 -10.31
C GLU A 18 -1.77 -3.38 -10.58
N PHE A 19 -2.52 -3.81 -11.59
CA PHE A 19 -3.76 -3.12 -11.95
C PHE A 19 -4.90 -3.51 -11.01
N CYS A 20 -5.02 -4.79 -10.71
CA CYS A 20 -6.09 -5.27 -9.85
C CYS A 20 -6.24 -4.41 -8.59
N PHE A 21 -5.12 -4.18 -7.90
CA PHE A 21 -5.16 -3.40 -6.66
C PHE A 21 -4.76 -1.94 -6.89
N SER A 22 -4.95 -1.44 -8.11
CA SER A 22 -4.64 -0.05 -8.37
C SER A 22 -5.58 0.83 -7.56
N ARG A 23 -5.15 2.05 -7.26
CA ARG A 23 -5.98 2.95 -6.48
C ARG A 23 -7.43 2.91 -6.96
N GLU A 24 -7.62 3.11 -8.25
CA GLU A 24 -8.96 3.10 -8.83
C GLU A 24 -9.51 1.69 -9.07
N ASN A 25 -8.64 0.78 -9.51
CA ASN A 25 -9.08 -0.59 -9.81
C ASN A 25 -9.83 -1.25 -8.67
N LEU A 26 -9.23 -1.33 -7.49
CA LEU A 26 -9.91 -1.95 -6.35
C LEU A 26 -11.11 -1.13 -5.95
N SER A 27 -10.90 0.14 -5.64
CA SER A 27 -11.99 1.01 -5.25
C SER A 27 -13.18 0.82 -6.20
N LYS A 28 -12.89 0.36 -7.41
CA LYS A 28 -13.93 0.13 -8.41
C LYS A 28 -14.11 -1.35 -8.71
N ASP A 29 -13.77 -2.21 -7.75
CA ASP A 29 -13.93 -3.65 -7.95
C ASP A 29 -15.06 -4.19 -7.09
N LEU A 30 -16.29 -3.92 -7.51
CA LEU A 30 -17.46 -4.38 -6.78
C LEU A 30 -17.43 -5.90 -6.62
N TYR A 31 -16.62 -6.57 -7.43
CA TYR A 31 -16.54 -8.03 -7.36
C TYR A 31 -15.65 -8.48 -6.20
N LEU A 32 -14.45 -7.91 -6.09
CA LEU A 32 -13.52 -8.26 -5.04
C LEU A 32 -13.84 -7.55 -3.73
N ILE A 33 -13.78 -6.23 -3.75
CA ILE A 33 -14.05 -5.43 -2.56
C ILE A 33 -15.33 -5.90 -1.86
N SER A 34 -16.31 -6.35 -2.63
CA SER A 34 -17.58 -6.79 -2.06
C SER A 34 -17.51 -8.22 -1.53
N GLN A 35 -16.63 -9.05 -2.10
CA GLN A 35 -16.52 -10.43 -1.65
C GLN A 35 -15.64 -10.50 -0.42
N MET A 36 -14.79 -9.49 -0.27
CA MET A 36 -13.89 -9.39 0.84
C MET A 36 -14.41 -10.10 2.10
N ASP A 37 -13.67 -11.08 2.58
CA ASP A 37 -14.07 -11.76 3.81
C ASP A 37 -14.03 -10.76 4.98
N SER A 38 -13.66 -11.23 6.17
CA SER A 38 -13.66 -10.36 7.37
C SER A 38 -12.56 -9.27 7.41
N ASP A 39 -11.32 -9.60 7.05
CA ASP A 39 -10.23 -8.61 7.12
C ASP A 39 -9.89 -8.03 5.77
N GLN A 40 -10.91 -7.83 4.94
CA GLN A 40 -10.71 -7.33 3.60
C GLN A 40 -10.05 -8.42 2.80
N PHE A 41 -10.01 -9.60 3.40
CA PHE A 41 -9.46 -10.75 2.73
C PHE A 41 -10.45 -11.14 1.67
N ILE A 42 -9.99 -11.62 0.54
CA ILE A 42 -10.90 -12.02 -0.50
C ILE A 42 -11.00 -13.53 -0.49
N PRO A 43 -12.19 -14.11 -0.52
CA PRO A 43 -12.27 -15.59 -0.48
C PRO A 43 -11.43 -16.09 -1.62
N ILE A 44 -10.41 -16.86 -1.33
CA ILE A 44 -9.56 -17.30 -2.38
C ILE A 44 -10.34 -17.87 -3.55
N TRP A 45 -11.52 -18.44 -3.26
CA TRP A 45 -12.35 -19.04 -4.29
C TRP A 45 -12.93 -17.98 -5.22
N THR A 46 -13.54 -16.96 -4.64
CA THR A 46 -14.15 -15.89 -5.42
C THR A 46 -13.17 -15.35 -6.46
N VAL A 47 -11.94 -15.11 -6.03
CA VAL A 47 -10.91 -14.58 -6.93
C VAL A 47 -10.35 -15.68 -7.82
N ALA A 48 -9.94 -16.79 -7.21
CA ALA A 48 -9.39 -17.90 -7.97
C ALA A 48 -10.26 -18.21 -9.19
N ASN A 49 -11.51 -17.75 -9.15
CA ASN A 49 -12.44 -17.99 -10.25
C ASN A 49 -12.60 -16.74 -11.11
N MET A 50 -11.62 -15.84 -11.03
CA MET A 50 -11.67 -14.60 -11.78
C MET A 50 -11.47 -14.87 -13.27
N GLU A 51 -12.50 -14.59 -14.06
CA GLU A 51 -12.45 -14.81 -15.49
C GLU A 51 -11.10 -14.37 -16.06
N GLU A 52 -10.47 -13.39 -15.42
CA GLU A 52 -9.19 -12.92 -15.92
C GLU A 52 -8.16 -14.07 -15.88
N ILE A 53 -8.10 -14.78 -14.76
CA ILE A 53 -7.18 -15.90 -14.65
C ILE A 53 -7.84 -17.17 -15.17
N LYS A 54 -9.15 -17.25 -15.08
CA LYS A 54 -9.85 -18.44 -15.56
C LYS A 54 -9.36 -18.76 -16.96
N LYS A 55 -8.85 -17.73 -17.64
CA LYS A 55 -8.29 -17.90 -18.97
C LYS A 55 -6.89 -18.48 -18.86
N LEU A 56 -6.20 -18.14 -17.77
CA LEU A 56 -4.86 -18.64 -17.53
C LEU A 56 -4.87 -20.17 -17.48
N THR A 57 -5.68 -20.72 -16.59
CA THR A 57 -5.79 -22.18 -16.43
C THR A 57 -6.67 -22.50 -15.23
N THR A 58 -6.58 -23.73 -14.73
CA THR A 58 -7.39 -24.15 -13.59
C THR A 58 -6.52 -24.64 -12.44
N ASP A 59 -5.50 -23.87 -12.08
CA ASP A 59 -4.62 -24.23 -10.99
C ASP A 59 -5.05 -23.46 -9.72
N PRO A 60 -5.74 -24.09 -8.80
CA PRO A 60 -6.25 -23.39 -7.58
C PRO A 60 -5.17 -23.06 -6.56
N ASP A 61 -4.33 -24.03 -6.27
CA ASP A 61 -3.27 -23.85 -5.28
C ASP A 61 -2.09 -23.03 -5.84
N LEU A 62 -1.96 -23.04 -7.17
CA LEU A 62 -0.84 -22.33 -7.81
C LEU A 62 -1.09 -20.83 -8.00
N ILE A 63 -2.29 -20.48 -8.45
CA ILE A 63 -2.60 -19.08 -8.72
C ILE A 63 -2.17 -18.15 -7.58
N LEU A 64 -2.65 -18.42 -6.37
CA LEU A 64 -2.33 -17.57 -5.23
C LEU A 64 -0.82 -17.53 -4.96
N GLU A 65 -0.12 -18.61 -5.25
CA GLU A 65 1.32 -18.66 -5.00
C GLU A 65 2.04 -17.60 -5.83
N VAL A 66 1.47 -17.25 -6.97
CA VAL A 66 2.07 -16.24 -7.84
C VAL A 66 1.66 -14.85 -7.40
N LEU A 67 0.43 -14.73 -6.93
CA LEU A 67 -0.09 -13.45 -6.47
C LEU A 67 0.90 -12.75 -5.54
N ARG A 68 1.69 -13.55 -4.82
CA ARG A 68 2.67 -13.00 -3.90
C ARG A 68 3.74 -12.20 -4.64
N SER A 69 3.74 -12.31 -5.96
CA SER A 69 4.72 -11.60 -6.77
C SER A 69 4.46 -10.10 -6.74
N SER A 70 3.65 -9.66 -5.77
CA SER A 70 3.33 -8.24 -5.64
C SER A 70 3.62 -7.76 -4.21
N PRO A 71 4.78 -7.24 -3.95
CA PRO A 71 5.17 -6.74 -2.59
C PRO A 71 4.08 -5.87 -1.98
N MET A 72 3.37 -5.14 -2.83
CA MET A 72 2.30 -4.27 -2.35
C MET A 72 1.02 -5.07 -2.12
N VAL A 73 1.15 -6.38 -2.14
CA VAL A 73 0.01 -7.27 -1.94
C VAL A 73 0.35 -8.33 -0.90
N GLN A 74 -0.68 -8.82 -0.20
CA GLN A 74 -0.48 -9.84 0.83
C GLN A 74 -1.56 -10.90 0.76
N VAL A 75 -1.15 -12.13 0.48
CA VAL A 75 -2.10 -13.23 0.37
C VAL A 75 -2.01 -14.16 1.57
N ASP A 76 -3.14 -14.74 1.96
CA ASP A 76 -3.16 -15.65 3.11
C ASP A 76 -2.06 -16.69 2.97
N GLU A 77 -1.39 -16.97 4.09
CA GLU A 77 -0.31 -17.95 4.09
C GLU A 77 -0.88 -19.35 3.93
N LYS A 78 -2.10 -19.56 4.42
CA LYS A 78 -2.73 -20.85 4.33
C LYS A 78 -3.24 -21.12 2.91
N GLY A 79 -3.40 -20.06 2.13
CA GLY A 79 -3.87 -20.20 0.75
C GLY A 79 -5.38 -20.32 0.68
N GLU A 80 -6.09 -19.48 1.42
CA GLU A 80 -7.55 -19.52 1.43
C GLU A 80 -8.15 -18.13 1.47
N LYS A 81 -7.32 -17.13 1.78
CA LYS A 81 -7.79 -15.75 1.82
C LYS A 81 -6.69 -14.79 1.36
N VAL A 82 -7.05 -13.53 1.17
CA VAL A 82 -6.06 -12.53 0.72
C VAL A 82 -6.62 -11.12 0.67
N ARG A 83 -5.80 -10.15 1.07
CA ARG A 83 -6.21 -8.75 1.01
C ARG A 83 -5.11 -7.92 0.35
N PRO A 84 -5.45 -6.99 -0.52
CA PRO A 84 -4.44 -6.14 -1.20
C PRO A 84 -3.88 -5.06 -0.28
N SER A 85 -2.61 -4.74 -0.46
CA SER A 85 -1.98 -3.71 0.35
C SER A 85 -1.90 -2.40 -0.41
N HIS A 86 -2.63 -1.40 0.08
CA HIS A 86 -2.64 -0.09 -0.57
C HIS A 86 -1.68 0.87 0.11
N LYS A 87 -0.65 0.33 0.75
CA LYS A 87 0.34 1.16 1.43
C LYS A 87 0.85 2.25 0.50
N ARG A 88 0.46 3.50 0.76
CA ARG A 88 0.87 4.61 -0.07
C ARG A 88 0.53 5.95 0.59
N CYS A 89 -0.16 5.88 1.72
CA CYS A 89 -0.56 7.09 2.44
C CYS A 89 0.05 7.11 3.83
N ILE A 90 1.18 6.43 4.00
CA ILE A 90 1.85 6.37 5.30
C ILE A 90 2.78 7.56 5.49
N VAL A 91 2.78 8.13 6.69
CA VAL A 91 3.66 9.24 7.00
C VAL A 91 4.94 8.71 7.62
N ILE A 92 6.03 9.43 7.46
CA ILE A 92 7.31 8.97 7.99
C ILE A 92 8.02 10.03 8.82
N LEU A 93 8.16 9.75 10.13
CA LEU A 93 8.85 10.66 11.04
C LEU A 93 10.26 10.14 11.26
N ARG A 94 11.25 10.92 10.83
CA ARG A 94 12.65 10.49 10.98
C ARG A 94 13.35 11.17 12.14
N GLU A 95 14.49 10.60 12.51
CA GLU A 95 15.31 11.15 13.58
C GLU A 95 14.53 11.27 14.88
N ILE A 96 13.68 10.28 15.17
CA ILE A 96 12.91 10.30 16.40
C ILE A 96 13.72 9.62 17.51
N PRO A 97 14.16 10.34 18.52
CA PRO A 97 14.96 9.76 19.63
C PRO A 97 14.41 8.41 20.09
N GLU A 98 15.22 7.37 19.95
CA GLU A 98 14.79 6.04 20.37
C GLU A 98 14.11 6.10 21.73
N THR A 99 14.26 7.22 22.42
CA THR A 99 13.66 7.40 23.73
C THR A 99 12.43 8.30 23.63
N THR A 100 11.84 8.35 22.43
CA THR A 100 10.66 9.17 22.22
C THR A 100 9.40 8.32 22.43
N PRO A 101 8.63 8.56 23.48
CA PRO A 101 7.41 7.76 23.75
C PRO A 101 6.36 7.95 22.66
N ILE A 102 5.74 6.84 22.25
CA ILE A 102 4.72 6.90 21.23
C ILE A 102 3.79 8.08 21.50
N GLU A 103 3.69 8.47 22.77
CA GLU A 103 2.84 9.58 23.16
C GLU A 103 3.36 10.88 22.58
N GLU A 104 4.68 11.02 22.51
CA GLU A 104 5.28 12.22 21.97
C GLU A 104 4.92 12.40 20.51
N VAL A 105 5.25 11.40 19.70
CA VAL A 105 4.97 11.47 18.27
C VAL A 105 3.48 11.32 17.96
N LYS A 106 2.75 10.62 18.82
CA LYS A 106 1.33 10.41 18.61
C LYS A 106 0.63 11.70 18.19
N GLY A 107 0.95 12.79 18.88
CA GLY A 107 0.33 14.07 18.58
C GLY A 107 0.96 14.76 17.36
N LEU A 108 2.28 14.60 17.19
CA LEU A 108 2.96 15.22 16.07
C LEU A 108 2.24 14.94 14.76
N PHE A 109 1.46 13.85 14.74
CA PHE A 109 0.70 13.49 13.55
C PHE A 109 -0.64 14.22 13.53
N LYS A 110 -1.09 14.61 14.72
CA LYS A 110 -2.38 15.31 14.86
C LYS A 110 -2.48 16.50 13.91
N SER A 111 -3.31 16.36 12.87
CA SER A 111 -3.50 17.46 11.92
C SER A 111 -4.89 18.05 12.11
N GLU A 112 -4.93 19.37 12.29
CA GLU A 112 -6.20 20.07 12.51
C GLU A 112 -7.25 19.67 11.46
N ASN A 113 -6.80 19.20 10.31
CA ASN A 113 -7.70 18.81 9.24
C ASN A 113 -7.74 17.29 9.08
N CYS A 114 -7.24 16.57 10.07
CA CYS A 114 -7.22 15.12 10.00
C CYS A 114 -7.55 14.50 11.37
N PRO A 115 -8.12 13.31 11.37
CA PRO A 115 -8.47 12.59 12.62
C PRO A 115 -7.24 11.98 13.29
N LYS A 116 -7.41 11.44 14.49
CA LYS A 116 -6.30 10.82 15.21
C LYS A 116 -5.66 9.74 14.34
N VAL A 117 -4.35 9.57 14.47
CA VAL A 117 -3.64 8.57 13.68
C VAL A 117 -4.46 7.30 13.54
N ILE A 118 -4.47 6.75 12.34
CA ILE A 118 -5.20 5.53 12.06
C ILE A 118 -4.39 4.34 12.56
N SER A 119 -3.08 4.43 12.38
CA SER A 119 -2.17 3.38 12.83
C SER A 119 -0.77 3.96 12.99
N CYS A 120 -0.15 3.70 14.13
CA CYS A 120 1.19 4.21 14.41
C CYS A 120 2.11 3.08 14.88
N GLU A 121 3.15 2.82 14.12
CA GLU A 121 4.09 1.76 14.47
C GLU A 121 5.52 2.15 14.08
N PHE A 122 6.47 1.76 14.91
CA PHE A 122 7.87 2.06 14.65
C PHE A 122 8.40 1.22 13.49
N ALA A 123 9.34 1.79 12.73
CA ALA A 123 9.93 1.08 11.61
C ALA A 123 11.42 1.39 11.50
N HIS A 124 12.19 0.41 11.04
CA HIS A 124 13.64 0.59 10.90
C HIS A 124 13.97 1.96 10.31
N ASN A 125 15.25 2.31 10.36
CA ASN A 125 15.70 3.60 9.82
C ASN A 125 15.19 4.75 10.68
N SER A 126 15.17 4.54 12.00
CA SER A 126 14.69 5.56 12.93
C SER A 126 13.48 6.28 12.35
N ASN A 127 12.81 5.64 11.39
CA ASN A 127 11.64 6.24 10.78
C ASN A 127 10.36 5.58 11.28
N TRP A 128 9.45 6.39 11.80
CA TRP A 128 8.16 5.91 12.30
C TRP A 128 7.14 5.90 11.17
N TYR A 129 6.65 4.71 10.84
CA TYR A 129 5.67 4.57 9.76
C TYR A 129 4.24 4.71 10.28
N ILE A 130 3.73 5.94 10.30
CA ILE A 130 2.37 6.19 10.75
C ILE A 130 1.42 6.09 9.55
N THR A 131 0.36 5.31 9.71
CA THR A 131 -0.61 5.12 8.62
C THR A 131 -1.86 5.97 8.82
N PHE A 132 -2.42 6.43 7.70
CA PHE A 132 -3.61 7.23 7.72
C PHE A 132 -4.77 6.46 7.10
N GLN A 133 -5.94 7.07 7.04
CA GLN A 133 -7.11 6.40 6.49
C GLN A 133 -7.28 6.73 5.01
N SER A 134 -6.76 7.88 4.59
CA SER A 134 -6.89 8.28 3.20
C SER A 134 -5.69 9.12 2.76
N ASP A 135 -5.38 9.07 1.47
CA ASP A 135 -4.26 9.84 0.93
C ASP A 135 -4.56 11.33 1.02
N THR A 136 -5.77 11.71 0.60
CA THR A 136 -6.18 13.11 0.64
C THR A 136 -6.01 13.66 2.05
N ASP A 137 -6.15 12.79 3.03
CA ASP A 137 -6.01 13.18 4.43
C ASP A 137 -4.55 13.17 4.85
N ALA A 138 -3.87 12.07 4.57
CA ALA A 138 -2.45 11.94 4.92
C ALA A 138 -1.64 13.08 4.33
N GLN A 139 -1.63 13.17 3.01
CA GLN A 139 -0.89 14.22 2.33
C GLN A 139 -1.23 15.58 2.92
N GLN A 140 -2.52 15.90 2.98
CA GLN A 140 -2.95 17.18 3.54
C GLN A 140 -2.44 17.30 4.96
N ALA A 141 -2.61 16.23 5.74
CA ALA A 141 -2.14 16.22 7.11
C ALA A 141 -0.66 16.56 7.14
N PHE A 142 0.10 15.91 6.24
CA PHE A 142 1.53 16.15 6.17
C PHE A 142 1.79 17.65 6.04
N LYS A 143 1.08 18.29 5.12
CA LYS A 143 1.25 19.72 4.91
C LYS A 143 1.18 20.46 6.25
N TYR A 144 0.50 19.84 7.21
CA TYR A 144 0.37 20.42 8.53
C TYR A 144 1.58 20.07 9.40
N LEU A 145 2.04 18.83 9.27
CA LEU A 145 3.19 18.38 10.04
C LEU A 145 4.38 19.30 9.82
N ARG A 146 4.60 19.70 8.59
CA ARG A 146 5.72 20.59 8.27
C ARG A 146 5.77 21.72 9.29
N GLU A 147 4.61 22.06 9.85
CA GLU A 147 4.54 23.12 10.85
C GLU A 147 4.67 22.53 12.25
N GLU A 148 4.24 21.28 12.42
CA GLU A 148 4.33 20.62 13.72
C GLU A 148 5.67 19.93 13.89
N VAL A 149 6.00 19.03 12.96
CA VAL A 149 7.27 18.32 13.04
C VAL A 149 8.43 19.31 13.04
N LYS A 150 8.18 20.48 12.49
CA LYS A 150 9.21 21.52 12.44
C LYS A 150 9.94 21.57 13.78
N THR A 151 9.21 21.21 14.84
CA THR A 151 9.78 21.20 16.19
C THR A 151 8.78 20.61 17.17
N PHE A 152 9.32 20.08 18.27
CA PHE A 152 8.50 19.49 19.31
C PHE A 152 9.21 19.68 20.64
N GLN A 153 8.64 20.53 21.49
CA GLN A 153 9.27 20.82 22.77
C GLN A 153 10.63 21.43 22.50
N GLY A 154 10.78 21.95 21.28
CA GLY A 154 12.03 22.58 20.86
C GLY A 154 12.98 21.56 20.26
N LYS A 155 12.41 20.48 19.71
CA LYS A 155 13.21 19.44 19.10
C LYS A 155 12.92 19.38 17.59
N PRO A 156 13.71 20.03 16.79
CA PRO A 156 13.50 20.03 15.32
C PRO A 156 13.49 18.62 14.75
N ILE A 157 12.39 18.27 14.09
CA ILE A 157 12.26 16.93 13.52
C ILE A 157 12.07 16.98 12.01
N MET A 158 12.49 15.92 11.34
CA MET A 158 12.35 15.82 9.89
C MET A 158 11.39 14.68 9.55
N ALA A 159 10.52 14.92 8.57
CA ALA A 159 9.55 13.91 8.19
C ALA A 159 9.41 13.82 6.68
N ARG A 160 8.86 12.71 6.23
CA ARG A 160 8.64 12.47 4.81
C ARG A 160 7.32 11.76 4.58
N ILE A 161 6.76 11.92 3.38
CA ILE A 161 5.50 11.26 3.04
C ILE A 161 5.78 10.01 2.23
N LYS A 162 5.19 8.88 2.66
CA LYS A 162 5.41 7.63 1.97
C LYS A 162 4.41 7.47 0.83
N ALA A 163 4.94 7.49 -0.40
CA ALA A 163 4.11 7.35 -1.58
C ALA A 163 4.75 6.40 -2.59
N ILE A 164 4.45 5.11 -2.46
CA ILE A 164 5.01 4.12 -3.36
C ILE A 164 4.36 4.22 -4.74
N ASN A 165 5.18 4.14 -5.79
CA ASN A 165 4.68 4.22 -7.16
C ASN A 165 5.58 3.45 -8.10
N THR A 166 5.58 3.85 -9.37
CA THR A 166 6.40 3.19 -10.38
C THR A 166 7.82 3.75 -10.37
N PHE A 167 8.75 2.97 -10.88
CA PHE A 167 10.15 3.40 -10.93
C PHE A 167 10.46 4.08 -12.26
N PHE A 168 9.42 4.33 -13.05
CA PHE A 168 9.60 4.98 -14.34
C PHE A 168 9.12 6.43 -14.29
N ALA A 169 7.85 6.63 -13.94
CA ALA A 169 7.29 7.97 -13.84
C ALA A 169 7.61 8.58 -12.48
N LYS A 170 8.63 9.42 -12.44
CA LYS A 170 9.02 10.07 -11.19
C LYS A 170 8.11 11.25 -10.89
N ASN A 171 7.41 11.18 -9.77
CA ASN A 171 6.50 12.25 -9.37
C ASN A 171 7.28 13.55 -9.14
N GLY A 172 8.60 13.46 -9.22
CA GLY A 172 9.45 14.64 -9.03
C GLY A 172 9.34 15.59 -10.22
N TYR A 173 9.25 15.03 -11.42
CA TYR A 173 9.14 15.85 -12.62
C TYR A 173 8.47 15.07 -13.75
N ARG A 174 7.82 15.79 -14.65
CA ARG A 174 7.15 15.17 -15.78
C ARG A 174 6.78 16.22 -16.82
N LEU A 175 7.44 17.37 -16.74
CA LEU A 175 7.18 18.45 -17.69
C LEU A 175 8.29 18.54 -18.72
N MET A 176 7.92 18.63 -19.99
CA MET A 176 8.90 18.72 -21.07
C MET A 176 9.34 20.17 -21.27
N ASP A 177 10.43 20.35 -22.00
CA ASP A 177 10.96 21.69 -22.26
C ASP A 177 11.24 22.41 -20.95
N ASN A 1 -16.72 -30.21 -27.06
CA ASN A 1 -15.89 -29.02 -26.75
C ASN A 1 -16.41 -28.36 -25.47
N SER A 2 -16.85 -29.17 -24.53
CA SER A 2 -17.38 -28.66 -23.27
C SER A 2 -16.61 -29.22 -22.08
N ALA A 3 -15.34 -29.56 -22.31
CA ALA A 3 -14.50 -30.11 -21.25
C ALA A 3 -13.45 -29.10 -20.81
N VAL A 4 -13.59 -27.88 -21.31
CA VAL A 4 -12.66 -26.82 -20.96
C VAL A 4 -13.37 -25.48 -20.86
N SER A 5 -13.58 -25.02 -19.63
CA SER A 5 -14.27 -23.75 -19.40
C SER A 5 -13.30 -22.74 -18.78
N THR A 6 -13.66 -21.46 -18.88
CA THR A 6 -12.83 -20.40 -18.33
C THR A 6 -12.93 -20.38 -16.81
N GLU A 7 -13.94 -21.06 -16.29
CA GLU A 7 -14.14 -21.10 -14.84
C GLU A 7 -12.86 -21.47 -14.12
N ASP A 8 -12.15 -22.47 -14.65
CA ASP A 8 -10.89 -22.91 -14.05
C ASP A 8 -9.87 -21.79 -14.08
N LEU A 9 -9.71 -21.17 -15.25
CA LEU A 9 -8.76 -20.08 -15.41
C LEU A 9 -9.11 -18.92 -14.50
N LYS A 10 -10.40 -18.59 -14.43
CA LYS A 10 -10.83 -17.48 -13.58
C LYS A 10 -10.16 -17.58 -12.21
N GLU A 11 -10.12 -18.80 -11.68
CA GLU A 11 -9.50 -19.03 -10.39
C GLU A 11 -7.99 -18.82 -10.49
N CYS A 12 -7.41 -19.28 -11.60
CA CYS A 12 -5.97 -19.14 -11.80
C CYS A 12 -5.58 -17.67 -11.67
N LEU A 13 -6.34 -16.78 -12.31
CA LEU A 13 -6.04 -15.36 -12.24
C LEU A 13 -5.85 -14.95 -10.79
N LYS A 14 -6.83 -15.31 -9.95
CA LYS A 14 -6.77 -14.96 -8.53
C LYS A 14 -5.41 -15.27 -7.93
N LYS A 15 -5.02 -16.54 -7.97
CA LYS A 15 -3.75 -16.95 -7.39
C LYS A 15 -2.65 -15.94 -7.71
N GLN A 16 -2.60 -15.51 -8.96
CA GLN A 16 -1.58 -14.55 -9.38
C GLN A 16 -1.78 -13.20 -8.68
N LEU A 17 -3.02 -12.74 -8.67
CA LEU A 17 -3.36 -11.46 -8.05
C LEU A 17 -2.98 -11.42 -6.57
N GLU A 18 -3.53 -12.34 -5.79
CA GLU A 18 -3.26 -12.39 -4.34
C GLU A 18 -1.77 -12.46 -4.04
N PHE A 19 -1.04 -13.29 -4.78
CA PHE A 19 0.39 -13.44 -4.54
C PHE A 19 1.20 -12.29 -5.14
N CYS A 20 0.71 -11.71 -6.22
CA CYS A 20 1.43 -10.62 -6.87
C CYS A 20 1.61 -9.43 -5.93
N PHE A 21 0.52 -8.99 -5.31
CA PHE A 21 0.57 -7.84 -4.40
C PHE A 21 0.98 -8.26 -2.99
N SER A 22 1.72 -9.36 -2.88
CA SER A 22 2.19 -9.81 -1.58
C SER A 22 3.39 -8.94 -1.17
N ARG A 23 3.67 -8.89 0.12
CA ARG A 23 4.77 -8.08 0.62
C ARG A 23 6.02 -8.24 -0.25
N GLU A 24 6.45 -9.47 -0.46
CA GLU A 24 7.66 -9.74 -1.23
C GLU A 24 7.43 -9.69 -2.75
N ASN A 25 6.32 -10.24 -3.22
CA ASN A 25 6.05 -10.30 -4.66
C ASN A 25 6.13 -8.92 -5.32
N LEU A 26 5.35 -7.96 -4.83
CA LEU A 26 5.35 -6.61 -5.41
C LEU A 26 6.64 -5.89 -5.06
N SER A 27 6.92 -5.75 -3.77
CA SER A 27 8.14 -5.08 -3.34
C SER A 27 9.34 -5.59 -4.14
N LYS A 28 9.26 -6.82 -4.61
CA LYS A 28 10.36 -7.41 -5.38
C LYS A 28 9.98 -7.60 -6.85
N ASP A 29 9.06 -6.79 -7.35
CA ASP A 29 8.64 -6.91 -8.75
C ASP A 29 9.31 -5.84 -9.59
N LEU A 30 10.61 -6.00 -9.82
CA LEU A 30 11.37 -5.04 -10.61
C LEU A 30 10.72 -4.83 -11.98
N TYR A 31 9.85 -5.75 -12.38
CA TYR A 31 9.20 -5.64 -13.68
C TYR A 31 8.02 -4.66 -13.63
N LEU A 32 7.13 -4.85 -12.65
CA LEU A 32 5.97 -3.98 -12.51
C LEU A 32 6.32 -2.68 -11.80
N ILE A 33 6.76 -2.79 -10.55
CA ILE A 33 7.11 -1.64 -9.76
C ILE A 33 7.96 -0.65 -10.57
N SER A 34 8.69 -1.16 -11.54
CA SER A 34 9.55 -0.31 -12.38
C SER A 34 8.76 0.36 -13.51
N GLN A 35 7.65 -0.24 -13.90
CA GLN A 35 6.83 0.31 -14.99
C GLN A 35 5.84 1.33 -14.43
N MET A 36 5.53 1.18 -13.15
CA MET A 36 4.62 2.07 -12.47
C MET A 36 4.59 3.46 -13.06
N ASP A 37 3.43 3.88 -13.56
CA ASP A 37 3.30 5.23 -14.09
C ASP A 37 3.48 6.25 -12.94
N SER A 38 2.75 7.37 -13.00
CA SER A 38 2.91 8.43 -12.00
C SER A 38 2.39 8.10 -10.58
N ASP A 39 1.22 7.46 -10.46
CA ASP A 39 0.68 7.17 -9.12
C ASP A 39 0.86 5.71 -8.74
N GLN A 40 1.97 5.13 -9.16
CA GLN A 40 2.23 3.73 -8.88
C GLN A 40 1.33 2.91 -9.75
N PHE A 41 0.71 3.59 -10.72
CA PHE A 41 -0.15 2.91 -11.65
C PHE A 41 0.72 2.17 -12.64
N ILE A 42 0.41 0.95 -12.97
CA ILE A 42 1.24 0.22 -13.92
C ILE A 42 0.54 0.29 -15.27
N PRO A 43 1.26 0.51 -16.35
CA PRO A 43 0.60 0.58 -17.65
C PRO A 43 -0.26 -0.65 -17.78
N ILE A 44 -1.55 -0.46 -17.99
CA ILE A 44 -2.42 -1.59 -18.05
C ILE A 44 -1.89 -2.65 -19.02
N TRP A 45 -1.16 -2.21 -20.04
CA TRP A 45 -0.65 -3.12 -21.06
C TRP A 45 0.52 -3.95 -20.55
N THR A 46 1.52 -3.30 -19.94
CA THR A 46 2.69 -4.00 -19.44
C THR A 46 2.29 -5.20 -18.58
N VAL A 47 1.22 -5.05 -17.79
CA VAL A 47 0.75 -6.13 -16.93
C VAL A 47 -0.17 -7.07 -17.70
N ALA A 48 -1.21 -6.49 -18.28
CA ALA A 48 -2.18 -7.27 -19.04
C ALA A 48 -1.47 -8.25 -19.99
N ASN A 49 -0.16 -8.07 -20.15
CA ASN A 49 0.61 -8.93 -21.04
C ASN A 49 1.67 -9.72 -20.27
N MET A 50 1.85 -9.39 -18.99
CA MET A 50 2.83 -10.08 -18.17
C MET A 50 2.87 -11.57 -18.51
N GLU A 51 4.08 -12.09 -18.67
CA GLU A 51 4.27 -13.50 -19.01
C GLU A 51 3.33 -14.40 -18.21
N GLU A 52 3.09 -14.06 -16.96
CA GLU A 52 2.21 -14.88 -16.14
C GLU A 52 0.84 -14.99 -16.80
N ILE A 53 0.28 -13.85 -17.21
CA ILE A 53 -1.02 -13.85 -17.87
C ILE A 53 -0.88 -14.06 -19.38
N LYS A 54 0.29 -13.74 -19.92
CA LYS A 54 0.50 -13.88 -21.34
C LYS A 54 0.02 -15.24 -21.81
N LYS A 55 0.20 -16.25 -20.95
CA LYS A 55 -0.26 -17.58 -21.28
C LYS A 55 -1.78 -17.65 -21.18
N LEU A 56 -2.36 -16.78 -20.35
CA LEU A 56 -3.81 -16.74 -20.20
C LEU A 56 -4.45 -16.30 -21.51
N THR A 57 -4.04 -15.13 -22.01
CA THR A 57 -4.57 -14.58 -23.26
C THR A 57 -4.28 -13.09 -23.34
N THR A 58 -4.85 -12.43 -24.34
CA THR A 58 -4.66 -11.00 -24.52
C THR A 58 -6.01 -10.29 -24.56
N ASP A 59 -6.71 -10.30 -23.43
CA ASP A 59 -8.01 -9.65 -23.35
C ASP A 59 -7.88 -8.22 -22.80
N PRO A 60 -8.09 -7.20 -23.61
CA PRO A 60 -7.94 -5.78 -23.16
C PRO A 60 -9.08 -5.30 -22.27
N ASP A 61 -10.30 -5.57 -22.70
CA ASP A 61 -11.49 -5.13 -21.98
C ASP A 61 -11.83 -6.05 -20.80
N LEU A 62 -11.39 -7.30 -20.89
CA LEU A 62 -11.69 -8.28 -19.84
C LEU A 62 -10.75 -8.21 -18.65
N ILE A 63 -9.48 -8.43 -18.90
CA ILE A 63 -8.50 -8.51 -17.83
C ILE A 63 -8.70 -7.45 -16.75
N LEU A 64 -8.83 -6.19 -17.12
CA LEU A 64 -9.01 -5.12 -16.12
C LEU A 64 -10.28 -5.34 -15.29
N GLU A 65 -11.29 -5.97 -15.90
CA GLU A 65 -12.56 -6.20 -15.20
C GLU A 65 -12.38 -7.24 -14.08
N VAL A 66 -11.57 -8.25 -14.34
CA VAL A 66 -11.33 -9.30 -13.34
C VAL A 66 -10.34 -8.82 -12.29
N LEU A 67 -9.32 -8.11 -12.77
CA LEU A 67 -8.28 -7.59 -11.89
C LEU A 67 -8.90 -6.81 -10.73
N ARG A 68 -10.07 -6.24 -10.96
CA ARG A 68 -10.76 -5.46 -9.93
C ARG A 68 -11.38 -6.38 -8.88
N SER A 69 -11.44 -7.67 -9.19
CA SER A 69 -12.03 -8.64 -8.26
C SER A 69 -11.15 -8.81 -7.02
N SER A 70 -10.23 -7.87 -6.82
CA SER A 70 -9.34 -7.93 -5.68
C SER A 70 -9.52 -6.68 -4.79
N PRO A 71 -10.30 -6.78 -3.73
CA PRO A 71 -10.56 -5.64 -2.81
C PRO A 71 -9.30 -4.90 -2.38
N MET A 72 -8.24 -5.65 -2.13
CA MET A 72 -6.98 -5.04 -1.70
C MET A 72 -6.20 -4.52 -2.90
N VAL A 73 -6.89 -4.37 -4.02
CA VAL A 73 -6.26 -3.88 -5.24
C VAL A 73 -7.12 -2.78 -5.86
N GLN A 74 -6.46 -1.83 -6.51
CA GLN A 74 -7.18 -0.72 -7.14
C GLN A 74 -6.71 -0.51 -8.57
N VAL A 75 -7.63 -0.69 -9.51
CA VAL A 75 -7.32 -0.53 -10.93
C VAL A 75 -7.99 0.71 -11.50
N ASP A 76 -7.31 1.35 -12.46
CA ASP A 76 -7.87 2.54 -13.08
C ASP A 76 -9.30 2.30 -13.53
N GLU A 77 -10.16 3.29 -13.32
CA GLU A 77 -11.55 3.17 -13.71
C GLU A 77 -11.67 3.29 -15.23
N LYS A 78 -10.71 3.98 -15.84
CA LYS A 78 -10.70 4.16 -17.28
C LYS A 78 -10.26 2.88 -17.97
N GLY A 79 -9.59 1.99 -17.23
CA GLY A 79 -9.12 0.73 -17.80
C GLY A 79 -7.84 0.93 -18.60
N GLU A 80 -6.91 1.71 -18.06
CA GLU A 80 -5.64 1.95 -18.75
C GLU A 80 -4.48 2.02 -17.77
N LYS A 81 -4.79 2.11 -16.48
CA LYS A 81 -3.74 2.15 -15.47
C LYS A 81 -4.20 1.39 -14.22
N VAL A 82 -3.28 1.14 -13.30
CA VAL A 82 -3.63 0.41 -12.08
C VAL A 82 -2.46 0.33 -11.11
N ARG A 83 -2.75 0.48 -9.82
CA ARG A 83 -1.73 0.37 -8.79
C ARG A 83 -2.17 -0.61 -7.71
N PRO A 84 -1.31 -1.50 -7.26
CA PRO A 84 -1.69 -2.47 -6.20
C PRO A 84 -1.63 -1.87 -4.81
N SER A 85 -2.61 -2.20 -3.98
CA SER A 85 -2.66 -1.68 -2.63
C SER A 85 -2.32 -2.77 -1.62
N HIS A 86 -1.19 -2.61 -0.95
CA HIS A 86 -0.75 -3.58 0.05
C HIS A 86 -0.93 -3.02 1.45
N LYS A 87 -1.19 -1.72 1.54
CA LYS A 87 -1.37 -1.06 2.83
C LYS A 87 -0.03 -0.73 3.45
N ARG A 88 0.35 0.54 3.40
CA ARG A 88 1.61 0.98 3.96
C ARG A 88 1.71 2.51 3.96
N CYS A 89 0.73 3.15 4.58
CA CYS A 89 0.69 4.61 4.64
C CYS A 89 0.71 5.09 6.10
N ILE A 90 1.29 4.27 6.97
CA ILE A 90 1.36 4.64 8.39
C ILE A 90 2.79 4.93 8.83
N VAL A 91 2.96 6.04 9.55
CA VAL A 91 4.27 6.41 10.07
C VAL A 91 4.31 6.05 11.55
N ILE A 92 5.48 5.64 12.04
CA ILE A 92 5.60 5.25 13.43
C ILE A 92 6.52 6.17 14.22
N LEU A 93 5.95 6.86 15.22
CA LEU A 93 6.74 7.73 16.07
C LEU A 93 6.99 6.97 17.37
N ARG A 94 8.24 6.64 17.63
CA ARG A 94 8.58 5.85 18.82
C ARG A 94 9.11 6.71 19.96
N GLU A 95 9.04 6.15 21.15
CA GLU A 95 9.53 6.82 22.36
C GLU A 95 8.85 8.17 22.57
N ILE A 96 7.54 8.23 22.38
CA ILE A 96 6.81 9.47 22.58
C ILE A 96 6.26 9.49 24.01
N PRO A 97 6.79 10.31 24.90
CA PRO A 97 6.34 10.36 26.31
C PRO A 97 4.81 10.28 26.44
N GLU A 98 4.35 9.35 27.25
CA GLU A 98 2.91 9.19 27.46
C GLU A 98 2.26 10.52 27.81
N THR A 99 3.04 11.40 28.43
CA THR A 99 2.54 12.71 28.82
C THR A 99 2.51 13.65 27.62
N THR A 100 2.71 13.10 26.42
CA THR A 100 2.70 13.91 25.21
C THR A 100 1.29 13.94 24.62
N PRO A 101 0.65 15.09 24.53
CA PRO A 101 -0.72 15.18 23.97
C PRO A 101 -0.77 14.97 22.46
N ILE A 102 -1.78 14.26 21.99
CA ILE A 102 -1.92 14.00 20.57
C ILE A 102 -1.67 15.28 19.78
N GLU A 103 -1.91 16.42 20.43
CA GLU A 103 -1.71 17.71 19.79
C GLU A 103 -0.23 17.91 19.48
N GLU A 104 0.62 17.51 20.41
CA GLU A 104 2.07 17.65 20.24
C GLU A 104 2.55 16.88 19.01
N VAL A 105 2.27 15.58 18.98
CA VAL A 105 2.70 14.75 17.87
C VAL A 105 1.94 15.11 16.58
N LYS A 106 0.65 15.42 16.73
CA LYS A 106 -0.17 15.78 15.58
C LYS A 106 0.60 16.63 14.57
N GLY A 107 1.23 17.70 15.05
CA GLY A 107 1.98 18.58 14.15
C GLY A 107 3.21 17.89 13.60
N LEU A 108 3.92 17.15 14.45
CA LEU A 108 5.12 16.45 14.01
C LEU A 108 4.83 15.66 12.73
N PHE A 109 3.55 15.55 12.41
CA PHE A 109 3.12 14.83 11.21
C PHE A 109 2.75 15.82 10.11
N LYS A 110 2.45 17.05 10.52
CA LYS A 110 2.08 18.11 9.58
C LYS A 110 2.91 18.02 8.30
N SER A 111 2.25 17.67 7.20
CA SER A 111 2.94 17.55 5.92
C SER A 111 2.67 18.80 5.08
N GLU A 112 3.74 19.41 4.57
CA GLU A 112 3.61 20.62 3.76
C GLU A 112 3.17 20.27 2.33
N ASN A 113 3.18 18.98 2.01
CA ASN A 113 2.78 18.54 0.68
C ASN A 113 1.57 17.62 0.76
N CYS A 114 0.98 17.53 1.94
CA CYS A 114 -0.20 16.68 2.13
C CYS A 114 -1.08 17.25 3.24
N PRO A 115 -2.35 16.93 3.22
CA PRO A 115 -3.31 17.42 4.25
C PRO A 115 -2.99 16.89 5.64
N LYS A 116 -3.70 17.42 6.65
CA LYS A 116 -3.48 16.99 8.02
C LYS A 116 -3.67 15.49 8.16
N VAL A 117 -2.98 14.90 9.13
CA VAL A 117 -3.08 13.46 9.37
C VAL A 117 -4.50 12.97 9.13
N ILE A 118 -4.63 11.86 8.42
CA ILE A 118 -5.93 11.28 8.13
C ILE A 118 -6.46 10.54 9.35
N SER A 119 -5.56 9.88 10.07
CA SER A 119 -5.94 9.14 11.27
C SER A 119 -4.74 8.98 12.19
N CYS A 120 -4.94 9.29 13.46
CA CYS A 120 -3.87 9.18 14.44
C CYS A 120 -4.33 8.39 15.66
N GLU A 121 -3.46 7.52 16.15
CA GLU A 121 -3.79 6.70 17.32
C GLU A 121 -2.53 6.19 18.01
N PHE A 122 -2.65 5.90 19.29
CA PHE A 122 -1.52 5.40 20.07
C PHE A 122 -1.36 3.90 19.92
N ALA A 123 -0.12 3.42 19.90
CA ALA A 123 0.15 2.00 19.75
C ALA A 123 1.47 1.62 20.41
N HIS A 124 1.64 0.33 20.67
CA HIS A 124 2.86 -0.17 21.31
C HIS A 124 3.21 0.65 22.55
N ASN A 125 2.18 1.12 23.25
CA ASN A 125 2.38 1.90 24.46
C ASN A 125 3.53 2.90 24.30
N SER A 126 3.88 3.20 23.05
CA SER A 126 4.96 4.15 22.80
C SER A 126 5.00 4.53 21.32
N ASN A 127 4.78 3.55 20.45
CA ASN A 127 4.81 3.84 19.01
C ASN A 127 3.46 4.35 18.56
N TRP A 128 3.47 5.54 17.97
CA TRP A 128 2.23 6.16 17.48
C TRP A 128 2.01 5.79 16.02
N TYR A 129 0.90 5.10 15.75
CA TYR A 129 0.57 4.71 14.39
C TYR A 129 -0.30 5.78 13.72
N ILE A 130 0.33 6.63 12.93
CA ILE A 130 -0.40 7.70 12.24
C ILE A 130 -0.58 7.35 10.76
N THR A 131 -1.84 7.21 10.34
CA THR A 131 -2.15 6.85 8.96
C THR A 131 -2.18 8.09 8.06
N PHE A 132 -2.11 7.84 6.75
CA PHE A 132 -2.13 8.92 5.77
C PHE A 132 -3.19 8.63 4.70
N GLN A 133 -3.31 9.54 3.73
CA GLN A 133 -4.30 9.37 2.67
C GLN A 133 -3.79 8.39 1.59
N SER A 134 -2.50 8.44 1.32
CA SER A 134 -1.91 7.56 0.31
C SER A 134 -0.48 7.20 0.66
N ASP A 135 -0.04 6.03 0.21
CA ASP A 135 1.32 5.58 0.47
C ASP A 135 2.32 6.56 -0.12
N THR A 136 2.16 6.88 -1.40
CA THR A 136 3.05 7.81 -2.07
C THR A 136 3.17 9.10 -1.27
N ASP A 137 2.05 9.54 -0.70
CA ASP A 137 2.04 10.77 0.09
C ASP A 137 2.62 10.50 1.48
N ALA A 138 2.26 9.38 2.07
CA ALA A 138 2.76 9.02 3.39
C ALA A 138 4.28 8.90 3.36
N GLN A 139 4.78 8.13 2.40
CA GLN A 139 6.21 7.93 2.25
C GLN A 139 6.91 9.26 1.98
N GLN A 140 6.43 9.99 0.97
CA GLN A 140 7.02 11.28 0.65
C GLN A 140 6.90 12.21 1.85
N ALA A 141 5.69 12.26 2.40
CA ALA A 141 5.44 13.07 3.58
C ALA A 141 6.49 12.79 4.64
N PHE A 142 6.63 11.51 4.98
CA PHE A 142 7.60 11.10 5.97
C PHE A 142 8.97 11.64 5.61
N LYS A 143 9.39 11.38 4.37
CA LYS A 143 10.68 11.85 3.89
C LYS A 143 10.88 13.30 4.31
N TYR A 144 9.77 14.00 4.53
CA TYR A 144 9.82 15.39 4.95
C TYR A 144 10.00 15.49 6.46
N LEU A 145 9.34 14.59 7.19
CA LEU A 145 9.43 14.57 8.64
C LEU A 145 10.88 14.38 9.10
N ARG A 146 11.66 13.66 8.30
CA ARG A 146 13.05 13.43 8.65
C ARG A 146 13.69 14.74 9.12
N GLU A 147 13.17 15.85 8.60
CA GLU A 147 13.67 17.16 8.97
C GLU A 147 12.90 17.73 10.14
N GLU A 148 11.61 17.39 10.21
CA GLU A 148 10.76 17.86 11.30
C GLU A 148 10.97 17.03 12.56
N VAL A 149 10.77 15.72 12.45
CA VAL A 149 10.95 14.83 13.59
C VAL A 149 12.40 14.90 14.06
N LYS A 150 13.30 15.29 13.17
CA LYS A 150 14.70 15.38 13.52
C LYS A 150 14.83 15.99 14.92
N THR A 151 13.79 16.71 15.32
CA THR A 151 13.74 17.33 16.64
C THR A 151 12.40 17.99 16.88
N PHE A 152 12.03 18.12 18.14
CA PHE A 152 10.77 18.75 18.50
C PHE A 152 10.96 19.54 19.77
N GLN A 153 11.06 20.86 19.64
CA GLN A 153 11.29 21.71 20.79
C GLN A 153 12.65 21.35 21.39
N GLY A 154 13.49 20.74 20.56
CA GLY A 154 14.82 20.32 20.98
C GLY A 154 14.80 18.90 21.52
N LYS A 155 13.82 18.12 21.07
CA LYS A 155 13.70 16.74 21.51
C LYS A 155 13.89 15.80 20.33
N PRO A 156 15.08 15.31 20.12
CA PRO A 156 15.38 14.39 18.99
C PRO A 156 14.51 13.13 19.06
N ILE A 157 13.76 12.87 18.00
CA ILE A 157 12.90 11.70 17.94
C ILE A 157 13.24 10.80 16.77
N MET A 158 12.96 9.51 16.92
CA MET A 158 13.24 8.55 15.87
C MET A 158 11.94 7.97 15.32
N ALA A 159 11.88 7.79 14.01
CA ALA A 159 10.67 7.25 13.39
C ALA A 159 11.00 6.35 12.21
N ARG A 160 10.08 5.45 11.90
CA ARG A 160 10.27 4.53 10.78
C ARG A 160 8.94 4.30 10.05
N ILE A 161 8.95 4.51 8.74
CA ILE A 161 7.74 4.32 7.94
C ILE A 161 7.24 2.89 8.09
N LYS A 162 5.96 2.75 8.46
CA LYS A 162 5.36 1.44 8.65
C LYS A 162 4.81 0.91 7.34
N ALA A 163 5.42 -0.16 6.84
CA ALA A 163 4.98 -0.76 5.59
C ALA A 163 4.96 -2.28 5.69
N ILE A 164 3.83 -2.82 6.16
CA ILE A 164 3.70 -4.26 6.31
C ILE A 164 2.26 -4.64 6.66
N ASN A 165 1.80 -5.77 6.12
CA ASN A 165 0.45 -6.23 6.36
C ASN A 165 0.22 -7.61 5.75
N THR A 166 -0.43 -8.49 6.50
CA THR A 166 -0.70 -9.84 6.02
C THR A 166 -1.54 -9.80 4.75
N PHE A 167 -1.36 -10.81 3.90
CA PHE A 167 -2.11 -10.89 2.65
C PHE A 167 -3.61 -10.80 2.92
N PHE A 168 -4.09 -11.60 3.87
CA PHE A 168 -5.50 -11.59 4.21
C PHE A 168 -5.90 -10.26 4.85
N ALA A 169 -5.32 -9.98 6.02
CA ALA A 169 -5.62 -8.74 6.72
C ALA A 169 -7.13 -8.60 6.95
N LYS A 170 -7.63 -9.25 7.99
CA LYS A 170 -9.04 -9.19 8.31
C LYS A 170 -9.39 -7.90 9.03
N ASN A 171 -10.43 -7.22 8.57
CA ASN A 171 -10.84 -5.96 9.18
C ASN A 171 -11.55 -6.22 10.51
N GLY A 172 -12.14 -7.40 10.64
CA GLY A 172 -12.84 -7.76 11.86
C GLY A 172 -11.89 -7.80 13.04
N TYR A 173 -10.76 -8.48 12.87
CA TYR A 173 -9.77 -8.59 13.93
C TYR A 173 -8.42 -8.06 13.45
N ARG A 174 -7.98 -6.95 14.05
CA ARG A 174 -6.71 -6.34 13.69
C ARG A 174 -5.60 -6.85 14.58
N LEU A 175 -4.91 -5.93 15.26
CA LEU A 175 -3.83 -6.29 16.16
C LEU A 175 -4.35 -6.55 17.57
N MET A 176 -3.63 -7.36 18.32
CA MET A 176 -4.04 -7.67 19.70
C MET A 176 -4.26 -6.38 20.49
N ASP A 177 -5.30 -6.37 21.32
CA ASP A 177 -5.61 -5.20 22.13
C ASP A 177 -4.59 -5.05 23.25
N ASN A 1 -3.87 -41.27 -16.27
CA ASN A 1 -5.35 -41.19 -16.34
C ASN A 1 -5.83 -39.95 -15.61
N SER A 2 -5.07 -38.86 -15.72
CA SER A 2 -5.42 -37.62 -15.06
C SER A 2 -5.80 -36.56 -16.10
N ALA A 3 -6.48 -35.51 -15.63
CA ALA A 3 -6.91 -34.44 -16.52
C ALA A 3 -6.80 -33.09 -15.82
N VAL A 4 -6.91 -32.01 -16.60
CA VAL A 4 -6.84 -30.67 -16.03
C VAL A 4 -7.62 -30.60 -14.73
N SER A 5 -6.90 -30.71 -13.61
CA SER A 5 -7.54 -30.66 -12.30
C SER A 5 -7.56 -29.22 -11.77
N THR A 6 -8.21 -29.02 -10.63
CA THR A 6 -8.30 -27.70 -10.02
C THR A 6 -6.95 -27.31 -9.40
N GLU A 7 -6.13 -28.31 -9.11
CA GLU A 7 -4.83 -28.07 -8.50
C GLU A 7 -4.01 -27.11 -9.37
N ASP A 8 -4.18 -27.21 -10.68
CA ASP A 8 -3.46 -26.35 -11.61
C ASP A 8 -3.99 -24.92 -11.54
N LEU A 9 -5.31 -24.78 -11.62
CA LEU A 9 -5.93 -23.47 -11.57
C LEU A 9 -5.47 -22.71 -10.34
N LYS A 10 -5.59 -23.34 -9.17
CA LYS A 10 -5.18 -22.69 -7.94
C LYS A 10 -3.81 -22.03 -8.14
N GLU A 11 -2.95 -22.71 -8.88
CA GLU A 11 -1.62 -22.18 -9.17
C GLU A 11 -1.72 -20.97 -10.07
N CYS A 12 -2.65 -21.00 -11.01
CA CYS A 12 -2.82 -19.88 -11.94
C CYS A 12 -3.27 -18.63 -11.19
N LEU A 13 -4.28 -18.76 -10.33
CA LEU A 13 -4.77 -17.61 -9.59
C LEU A 13 -3.61 -16.83 -8.97
N LYS A 14 -2.67 -17.55 -8.36
CA LYS A 14 -1.52 -16.90 -7.74
C LYS A 14 -0.94 -15.89 -8.67
N LYS A 15 -0.46 -16.43 -9.76
CA LYS A 15 0.19 -15.62 -10.77
C LYS A 15 -0.58 -14.32 -11.00
N GLN A 16 -1.90 -14.39 -10.95
CA GLN A 16 -2.72 -13.21 -11.16
C GLN A 16 -2.69 -12.31 -9.92
N LEU A 17 -3.06 -12.88 -8.78
CA LEU A 17 -3.10 -12.14 -7.53
C LEU A 17 -1.75 -11.44 -7.26
N GLU A 18 -0.68 -12.22 -7.19
CA GLU A 18 0.64 -11.67 -6.91
C GLU A 18 0.99 -10.50 -7.83
N PHE A 19 0.78 -10.68 -9.13
CA PHE A 19 1.09 -9.64 -10.10
C PHE A 19 0.04 -8.54 -10.12
N CYS A 20 -1.21 -8.91 -9.90
CA CYS A 20 -2.30 -7.93 -9.93
C CYS A 20 -1.99 -6.70 -9.09
N PHE A 21 -1.55 -6.93 -7.85
CA PHE A 21 -1.24 -5.81 -6.95
C PHE A 21 0.23 -5.41 -7.03
N SER A 22 0.87 -5.69 -8.16
CA SER A 22 2.26 -5.30 -8.33
C SER A 22 2.31 -3.78 -8.49
N ARG A 23 3.30 -3.15 -7.86
CA ARG A 23 3.41 -1.70 -7.94
C ARG A 23 3.12 -1.24 -9.37
N GLU A 24 3.58 -2.02 -10.34
CA GLU A 24 3.37 -1.69 -11.74
C GLU A 24 1.97 -2.07 -12.22
N ASN A 25 1.36 -3.08 -11.60
CA ASN A 25 0.04 -3.53 -12.03
C ASN A 25 -1.07 -2.65 -11.47
N LEU A 26 -1.14 -2.51 -10.15
CA LEU A 26 -2.19 -1.70 -9.54
C LEU A 26 -2.05 -0.25 -9.98
N SER A 27 -0.90 0.34 -9.72
CA SER A 27 -0.68 1.73 -10.11
C SER A 27 -1.16 1.95 -11.54
N LYS A 28 -1.14 0.89 -12.34
CA LYS A 28 -1.57 0.98 -13.73
C LYS A 28 -2.87 0.19 -13.97
N ASP A 29 -3.68 0.04 -12.92
CA ASP A 29 -4.94 -0.70 -13.06
C ASP A 29 -6.13 0.25 -12.98
N LEU A 30 -6.34 1.02 -14.03
CA LEU A 30 -7.45 1.97 -14.07
C LEU A 30 -8.77 1.25 -13.79
N TYR A 31 -8.76 -0.07 -13.91
CA TYR A 31 -9.97 -0.85 -13.67
C TYR A 31 -10.22 -1.07 -12.18
N LEU A 32 -9.19 -1.53 -11.46
CA LEU A 32 -9.33 -1.78 -10.03
C LEU A 32 -9.20 -0.50 -9.22
N ILE A 33 -8.04 0.12 -9.29
CA ILE A 33 -7.77 1.34 -8.55
C ILE A 33 -8.93 2.33 -8.67
N SER A 34 -9.60 2.35 -9.82
CA SER A 34 -10.70 3.28 -10.04
C SER A 34 -12.01 2.77 -9.45
N GLN A 35 -12.15 1.46 -9.30
CA GLN A 35 -13.36 0.89 -8.74
C GLN A 35 -13.31 0.94 -7.22
N MET A 36 -12.10 1.05 -6.71
CA MET A 36 -11.86 1.12 -5.29
C MET A 36 -12.98 1.82 -4.53
N ASP A 37 -13.64 1.10 -3.63
CA ASP A 37 -14.69 1.71 -2.83
C ASP A 37 -14.07 2.81 -1.93
N SER A 38 -14.59 2.97 -0.71
CA SER A 38 -14.11 4.04 0.18
C SER A 38 -12.69 3.87 0.77
N ASP A 39 -12.32 2.66 1.21
CA ASP A 39 -10.99 2.46 1.82
C ASP A 39 -10.04 1.76 0.87
N GLN A 40 -10.14 2.07 -0.40
CA GLN A 40 -9.31 1.44 -1.40
C GLN A 40 -9.79 0.02 -1.58
N PHE A 41 -10.95 -0.25 -1.00
CA PHE A 41 -11.55 -1.55 -1.12
C PHE A 41 -12.10 -1.65 -2.52
N ILE A 42 -11.97 -2.78 -3.17
CA ILE A 42 -12.50 -2.90 -4.51
C ILE A 42 -13.81 -3.65 -4.43
N PRO A 43 -14.86 -3.19 -5.09
CA PRO A 43 -16.15 -3.89 -4.99
C PRO A 43 -15.91 -5.36 -5.28
N ILE A 44 -16.28 -6.21 -4.36
CA ILE A 44 -16.01 -7.60 -4.57
C ILE A 44 -16.58 -8.08 -5.91
N TRP A 45 -17.65 -7.44 -6.37
CA TRP A 45 -18.30 -7.84 -7.62
C TRP A 45 -17.46 -7.46 -8.83
N THR A 46 -16.99 -6.22 -8.86
CA THR A 46 -16.19 -5.73 -9.98
C THR A 46 -15.05 -6.70 -10.32
N VAL A 47 -14.45 -7.30 -9.30
CA VAL A 47 -13.34 -8.24 -9.52
C VAL A 47 -13.87 -9.62 -9.83
N ALA A 48 -14.85 -10.06 -9.06
CA ALA A 48 -15.43 -11.38 -9.25
C ALA A 48 -15.87 -11.55 -10.70
N ASN A 49 -15.90 -10.45 -11.43
CA ASN A 49 -16.31 -10.48 -12.84
C ASN A 49 -15.17 -10.04 -13.76
N MET A 50 -13.97 -9.91 -13.20
CA MET A 50 -12.82 -9.49 -14.00
C MET A 50 -12.50 -10.53 -15.06
N GLU A 51 -12.38 -10.08 -16.30
CA GLU A 51 -12.08 -10.97 -17.42
C GLU A 51 -11.01 -11.99 -17.06
N GLU A 52 -9.91 -11.55 -16.48
CA GLU A 52 -8.84 -12.47 -16.12
C GLU A 52 -9.41 -13.70 -15.42
N ILE A 53 -10.23 -13.48 -14.40
CA ILE A 53 -10.82 -14.59 -13.67
C ILE A 53 -12.14 -15.04 -14.32
N LYS A 54 -12.78 -14.15 -15.04
CA LYS A 54 -14.05 -14.50 -15.67
C LYS A 54 -13.93 -15.84 -16.38
N LYS A 55 -12.73 -16.13 -16.88
CA LYS A 55 -12.50 -17.39 -17.55
C LYS A 55 -12.36 -18.49 -16.51
N LEU A 56 -11.92 -18.13 -15.31
CA LEU A 56 -11.78 -19.10 -14.23
C LEU A 56 -13.14 -19.64 -13.85
N THR A 57 -14.07 -18.74 -13.50
CA THR A 57 -15.41 -19.13 -13.11
C THR A 57 -16.17 -17.92 -12.56
N THR A 58 -17.35 -18.18 -11.99
CA THR A 58 -18.16 -17.11 -11.43
C THR A 58 -18.46 -17.40 -9.96
N ASP A 59 -17.54 -18.10 -9.31
CA ASP A 59 -17.71 -18.46 -7.90
C ASP A 59 -17.67 -17.19 -7.03
N PRO A 60 -18.79 -16.81 -6.42
CA PRO A 60 -18.85 -15.58 -5.57
C PRO A 60 -18.17 -15.72 -4.22
N ASP A 61 -18.48 -16.81 -3.54
CA ASP A 61 -17.95 -17.06 -2.21
C ASP A 61 -16.50 -17.58 -2.24
N LEU A 62 -16.10 -18.14 -3.37
CA LEU A 62 -14.76 -18.72 -3.50
C LEU A 62 -13.66 -17.71 -3.84
N ILE A 63 -13.80 -17.05 -4.98
CA ILE A 63 -12.74 -16.15 -5.45
C ILE A 63 -12.17 -15.28 -4.33
N LEU A 64 -13.02 -14.63 -3.54
CA LEU A 64 -12.51 -13.77 -2.46
C LEU A 64 -11.65 -14.58 -1.49
N GLU A 65 -11.99 -15.85 -1.31
CA GLU A 65 -11.23 -16.70 -0.40
C GLU A 65 -9.82 -16.94 -0.95
N VAL A 66 -9.69 -16.86 -2.26
CA VAL A 66 -8.38 -17.05 -2.90
C VAL A 66 -7.59 -15.75 -2.85
N LEU A 67 -8.30 -14.64 -2.99
CA LEU A 67 -7.68 -13.33 -2.96
C LEU A 67 -6.84 -13.20 -1.69
N ARG A 68 -7.24 -13.91 -0.65
CA ARG A 68 -6.53 -13.88 0.62
C ARG A 68 -5.23 -14.68 0.52
N SER A 69 -5.13 -15.50 -0.52
CA SER A 69 -3.94 -16.31 -0.72
C SER A 69 -2.73 -15.42 -1.02
N SER A 70 -2.93 -14.12 -0.88
CA SER A 70 -1.85 -13.17 -1.13
C SER A 70 -1.54 -12.37 0.15
N PRO A 71 -0.49 -12.69 0.86
CA PRO A 71 -0.11 -12.00 2.12
C PRO A 71 -0.15 -10.47 2.00
N MET A 72 0.15 -9.99 0.80
CA MET A 72 0.15 -8.55 0.56
C MET A 72 -1.26 -8.03 0.30
N VAL A 73 -2.21 -8.94 0.30
CA VAL A 73 -3.61 -8.59 0.07
C VAL A 73 -4.47 -8.97 1.26
N GLN A 74 -5.51 -8.17 1.53
CA GLN A 74 -6.40 -8.43 2.65
C GLN A 74 -7.84 -8.28 2.21
N VAL A 75 -8.55 -9.40 2.16
CA VAL A 75 -9.94 -9.41 1.74
C VAL A 75 -10.88 -9.04 2.87
N ASP A 76 -11.99 -8.36 2.53
CA ASP A 76 -12.95 -7.98 3.55
C ASP A 76 -13.30 -9.18 4.43
N GLU A 77 -13.64 -8.92 5.68
CA GLU A 77 -13.98 -10.00 6.60
C GLU A 77 -15.33 -10.62 6.25
N LYS A 78 -16.21 -9.82 5.65
CA LYS A 78 -17.53 -10.31 5.28
C LYS A 78 -17.55 -10.88 3.88
N GLY A 79 -16.55 -10.51 3.06
CA GLY A 79 -16.47 -11.01 1.69
C GLY A 79 -17.30 -10.15 0.73
N GLU A 80 -17.18 -8.83 0.87
CA GLU A 80 -17.92 -7.93 0.00
C GLU A 80 -17.04 -6.78 -0.48
N LYS A 81 -15.87 -6.64 0.12
CA LYS A 81 -14.93 -5.61 -0.28
C LYS A 81 -13.49 -6.09 -0.06
N VAL A 82 -12.52 -5.36 -0.57
CA VAL A 82 -11.13 -5.77 -0.40
C VAL A 82 -10.14 -4.74 -0.97
N ARG A 83 -9.04 -4.52 -0.26
CA ARG A 83 -8.01 -3.60 -0.73
C ARG A 83 -6.63 -4.28 -0.71
N PRO A 84 -5.82 -4.07 -1.73
CA PRO A 84 -4.47 -4.68 -1.78
C PRO A 84 -3.49 -3.97 -0.86
N SER A 85 -2.61 -4.74 -0.24
CA SER A 85 -1.62 -4.16 0.66
C SER A 85 -0.27 -4.02 -0.02
N HIS A 86 0.15 -2.78 -0.24
CA HIS A 86 1.42 -2.51 -0.89
C HIS A 86 1.83 -1.06 -0.68
N LYS A 87 1.10 -0.35 0.16
CA LYS A 87 1.40 1.05 0.44
C LYS A 87 2.71 1.18 1.20
N ARG A 88 3.83 1.03 0.48
CA ARG A 88 5.14 1.13 1.10
C ARG A 88 5.86 2.40 0.65
N CYS A 89 5.08 3.45 0.39
CA CYS A 89 5.64 4.72 -0.06
C CYS A 89 5.31 5.81 0.95
N ILE A 90 5.13 5.40 2.20
CA ILE A 90 4.79 6.33 3.27
C ILE A 90 6.04 7.02 3.81
N VAL A 91 5.94 8.32 4.05
CA VAL A 91 7.05 9.08 4.60
C VAL A 91 6.89 9.13 6.11
N ILE A 92 8.00 9.25 6.83
CA ILE A 92 7.93 9.27 8.29
C ILE A 92 8.59 10.52 8.88
N LEU A 93 7.79 11.32 9.57
CA LEU A 93 8.30 12.52 10.22
C LEU A 93 8.40 12.25 11.72
N ARG A 94 9.63 12.28 12.24
CA ARG A 94 9.84 12.00 13.65
C ARG A 94 10.06 13.27 14.46
N GLU A 95 10.17 13.09 15.78
CA GLU A 95 10.42 14.21 16.67
C GLU A 95 9.35 15.29 16.53
N ILE A 96 8.13 14.91 16.15
CA ILE A 96 7.06 15.87 16.00
C ILE A 96 6.28 15.98 17.32
N PRO A 97 6.36 17.09 18.01
CA PRO A 97 5.65 17.26 19.31
C PRO A 97 4.21 16.77 19.23
N GLU A 98 3.79 16.03 20.25
CA GLU A 98 2.42 15.50 20.29
C GLU A 98 1.41 16.63 20.18
N THR A 99 1.90 17.87 20.36
CA THR A 99 1.02 19.03 20.28
C THR A 99 1.14 19.69 18.90
N THR A 100 2.03 19.16 18.07
CA THR A 100 2.23 19.70 16.73
C THR A 100 0.94 19.53 15.91
N PRO A 101 0.30 20.61 15.48
CA PRO A 101 -0.96 20.51 14.70
C PRO A 101 -0.73 19.95 13.28
N ILE A 102 -1.63 19.06 12.87
CA ILE A 102 -1.53 18.46 11.55
C ILE A 102 -1.22 19.52 10.50
N GLU A 103 -1.59 20.76 10.80
CA GLU A 103 -1.34 21.87 9.87
C GLU A 103 0.15 22.17 9.80
N GLU A 104 0.81 22.10 10.94
CA GLU A 104 2.25 22.36 11.01
C GLU A 104 3.02 21.37 10.15
N VAL A 105 2.78 20.08 10.36
CA VAL A 105 3.48 19.04 9.61
C VAL A 105 2.99 18.98 8.16
N LYS A 106 1.68 19.16 7.97
CA LYS A 106 1.10 19.09 6.64
C LYS A 106 2.01 19.73 5.59
N GLY A 107 2.50 20.94 5.86
CA GLY A 107 3.36 21.61 4.90
C GLY A 107 4.75 20.97 4.85
N LEU A 108 5.26 20.57 6.01
CA LEU A 108 6.57 19.94 6.06
C LEU A 108 6.62 18.77 5.08
N PHE A 109 5.44 18.37 4.61
CA PHE A 109 5.32 17.27 3.67
C PHE A 109 5.20 17.83 2.25
N LYS A 110 4.81 19.09 2.16
CA LYS A 110 4.66 19.75 0.87
C LYS A 110 5.83 19.43 -0.06
N SER A 111 5.51 19.06 -1.30
CA SER A 111 6.55 18.72 -2.27
C SER A 111 6.39 19.59 -3.52
N GLU A 112 7.49 20.22 -3.94
CA GLU A 112 7.46 21.07 -5.13
C GLU A 112 7.44 20.24 -6.40
N ASN A 113 7.54 18.92 -6.25
CA ASN A 113 7.53 18.03 -7.40
C ASN A 113 6.40 17.01 -7.30
N CYS A 114 5.52 17.21 -6.33
CA CYS A 114 4.39 16.31 -6.13
C CYS A 114 3.22 17.04 -5.48
N PRO A 115 2.01 16.58 -5.73
CA PRO A 115 0.79 17.22 -5.16
C PRO A 115 0.74 17.10 -3.63
N LYS A 116 -0.24 17.77 -3.03
CA LYS A 116 -0.39 17.74 -1.58
C LYS A 116 -0.52 16.30 -1.09
N VAL A 117 -0.08 16.06 0.14
CA VAL A 117 -0.16 14.72 0.72
C VAL A 117 -1.48 14.05 0.38
N ILE A 118 -1.42 12.76 0.09
CA ILE A 118 -2.62 12.00 -0.23
C ILE A 118 -3.34 11.60 1.05
N SER A 119 -2.55 11.22 2.05
CA SER A 119 -3.10 10.83 3.34
C SER A 119 -2.08 11.10 4.44
N CYS A 120 -2.53 11.75 5.51
CA CYS A 120 -1.64 12.07 6.62
C CYS A 120 -2.23 11.58 7.94
N GLU A 121 -1.53 10.65 8.58
CA GLU A 121 -2.00 10.11 9.85
C GLU A 121 -0.84 9.96 10.82
N PHE A 122 -1.15 9.98 12.12
CA PHE A 122 -0.14 9.85 13.15
C PHE A 122 0.13 8.39 13.47
N ALA A 123 1.37 8.09 13.87
CA ALA A 123 1.74 6.73 14.21
C ALA A 123 2.69 6.72 15.40
N HIS A 124 2.62 5.66 16.21
CA HIS A 124 3.47 5.54 17.38
C HIS A 124 4.90 5.95 17.05
N ASN A 125 5.73 6.07 18.09
CA ASN A 125 7.13 6.44 17.91
C ASN A 125 7.24 7.87 17.38
N SER A 126 6.40 8.75 17.90
CA SER A 126 6.41 10.15 17.47
C SER A 126 6.65 10.26 15.97
N ASN A 127 6.37 9.18 15.24
CA ASN A 127 6.58 9.19 13.80
C ASN A 127 5.24 9.31 13.07
N TRP A 128 5.15 10.31 12.20
CA TRP A 128 3.94 10.56 11.43
C TRP A 128 4.01 9.81 10.10
N TYR A 129 3.06 8.89 9.90
CA TYR A 129 3.02 8.09 8.69
C TYR A 129 2.20 8.77 7.59
N ILE A 130 2.86 9.59 6.78
CA ILE A 130 2.17 10.26 5.68
C ILE A 130 2.24 9.37 4.43
N THR A 131 1.10 9.20 3.76
CA THR A 131 1.06 8.35 2.57
C THR A 131 0.98 9.17 1.29
N PHE A 132 1.96 8.96 0.42
CA PHE A 132 2.01 9.65 -0.85
C PHE A 132 1.19 8.90 -1.90
N GLN A 133 1.15 9.42 -3.12
CA GLN A 133 0.38 8.78 -4.19
C GLN A 133 1.19 7.68 -4.88
N SER A 134 2.49 7.92 -5.05
CA SER A 134 3.34 6.93 -5.69
C SER A 134 4.75 6.97 -5.12
N ASP A 135 5.45 5.84 -5.19
CA ASP A 135 6.82 5.77 -4.69
C ASP A 135 7.72 6.73 -5.45
N THR A 136 7.72 6.61 -6.77
CA THR A 136 8.55 7.47 -7.59
C THR A 136 8.40 8.92 -7.14
N ASP A 137 7.20 9.27 -6.70
CA ASP A 137 6.93 10.63 -6.22
C ASP A 137 7.34 10.76 -4.76
N ALA A 138 6.92 9.79 -3.94
CA ALA A 138 7.25 9.82 -2.52
C ALA A 138 8.77 9.92 -2.33
N GLN A 139 9.48 8.91 -2.80
CA GLN A 139 10.93 8.90 -2.68
C GLN A 139 11.52 10.22 -3.18
N GLN A 140 11.11 10.63 -4.38
CA GLN A 140 11.61 11.88 -4.95
C GLN A 140 11.23 13.04 -4.04
N ALA A 141 10.00 12.99 -3.52
CA ALA A 141 9.54 14.03 -2.61
C ALA A 141 10.43 14.06 -1.39
N PHE A 142 10.72 12.88 -0.84
CA PHE A 142 11.58 12.79 0.32
C PHE A 142 12.87 13.56 0.08
N LYS A 143 13.35 13.52 -1.16
CA LYS A 143 14.57 14.23 -1.53
C LYS A 143 14.37 15.73 -1.35
N TYR A 144 13.12 16.15 -1.49
CA TYR A 144 12.79 17.57 -1.35
C TYR A 144 12.59 17.92 0.13
N LEU A 145 12.23 16.91 0.92
CA LEU A 145 12.00 17.12 2.35
C LEU A 145 13.33 17.40 3.05
N ARG A 146 14.31 16.54 2.81
CA ARG A 146 15.62 16.70 3.43
C ARG A 146 16.06 18.16 3.33
N GLU A 147 15.47 18.89 2.40
CA GLU A 147 15.81 20.29 2.20
C GLU A 147 14.91 21.18 3.06
N GLU A 148 13.67 20.76 3.29
CA GLU A 148 12.74 21.54 4.09
C GLU A 148 12.69 21.01 5.52
N VAL A 149 12.35 19.74 5.68
CA VAL A 149 12.29 19.15 7.01
C VAL A 149 13.57 19.49 7.75
N LYS A 150 14.60 19.81 6.98
CA LYS A 150 15.89 20.16 7.55
C LYS A 150 15.67 21.05 8.77
N THR A 151 14.56 21.77 8.76
CA THR A 151 14.21 22.65 9.88
C THR A 151 12.80 23.20 9.67
N PHE A 152 12.17 23.58 10.77
CA PHE A 152 10.83 24.14 10.72
C PHE A 152 10.72 25.25 11.74
N GLN A 153 10.63 26.48 11.27
CA GLN A 153 10.58 27.61 12.18
C GLN A 153 11.86 27.62 13.00
N GLY A 154 12.87 26.94 12.47
CA GLY A 154 14.17 26.85 13.13
C GLY A 154 14.29 25.60 13.99
N LYS A 155 13.33 24.69 13.86
CA LYS A 155 13.37 23.46 14.66
C LYS A 155 13.82 22.27 13.79
N PRO A 156 15.04 21.80 13.94
CA PRO A 156 15.55 20.65 13.15
C PRO A 156 14.76 19.37 13.42
N ILE A 157 14.24 18.76 12.36
CA ILE A 157 13.47 17.53 12.48
C ILE A 157 14.08 16.42 11.63
N MET A 158 13.90 15.18 12.07
CA MET A 158 14.43 14.03 11.33
C MET A 158 13.29 13.22 10.73
N ALA A 159 13.43 12.83 9.47
CA ALA A 159 12.40 12.05 8.81
C ALA A 159 12.96 10.78 8.22
N ARG A 160 12.06 9.89 7.80
CA ARG A 160 12.47 8.61 7.22
C ARG A 160 11.54 8.23 6.06
N ILE A 161 11.99 7.27 5.26
CA ILE A 161 11.19 6.80 4.12
C ILE A 161 10.85 5.33 4.32
N LYS A 162 9.54 5.03 4.38
CA LYS A 162 9.11 3.65 4.58
C LYS A 162 9.02 2.92 3.25
N ALA A 163 9.88 1.92 3.09
CA ALA A 163 9.91 1.13 1.86
C ALA A 163 10.03 -0.35 2.20
N ILE A 164 9.98 -1.20 1.17
CA ILE A 164 10.08 -2.64 1.36
C ILE A 164 11.52 -3.04 1.68
N ASN A 165 11.76 -3.38 2.95
CA ASN A 165 13.09 -3.78 3.38
C ASN A 165 13.54 -5.05 2.65
N THR A 166 14.80 -5.44 2.87
CA THR A 166 15.33 -6.64 2.24
C THR A 166 14.39 -7.82 2.46
N PHE A 167 13.88 -8.38 1.37
CA PHE A 167 12.96 -9.51 1.46
C PHE A 167 13.71 -10.76 1.91
N PHE A 168 14.99 -10.85 1.56
CA PHE A 168 15.80 -12.00 1.94
C PHE A 168 15.43 -12.49 3.33
N ALA A 169 15.52 -11.60 4.31
CA ALA A 169 15.19 -11.95 5.69
C ALA A 169 15.48 -10.79 6.63
N LYS A 170 14.88 -10.83 7.82
CA LYS A 170 15.07 -9.78 8.80
C LYS A 170 16.42 -9.93 9.49
N ASN A 171 17.41 -9.16 9.03
CA ASN A 171 18.74 -9.22 9.62
C ASN A 171 18.81 -8.38 10.89
N GLY A 172 17.65 -7.94 11.37
CA GLY A 172 17.58 -7.13 12.57
C GLY A 172 17.52 -8.01 13.82
N TYR A 173 17.52 -9.32 13.62
CA TYR A 173 17.47 -10.26 14.74
C TYR A 173 16.36 -9.87 15.70
N ARG A 174 15.49 -8.96 15.27
CA ARG A 174 14.40 -8.51 16.12
C ARG A 174 14.93 -7.93 17.43
N LEU A 175 14.65 -6.64 17.65
CA LEU A 175 15.12 -5.98 18.86
C LEU A 175 14.07 -6.12 19.97
N MET A 176 14.53 -6.15 21.22
CA MET A 176 13.63 -6.28 22.35
C MET A 176 13.03 -4.92 22.71
N ASP A 177 11.72 -4.91 22.95
CA ASP A 177 11.03 -3.68 23.31
C ASP A 177 11.46 -3.21 24.69
N ASN A 1 7.97 -5.07 -33.29
CA ASN A 1 8.41 -4.28 -34.49
C ASN A 1 8.01 -5.02 -35.76
N SER A 2 8.51 -6.24 -35.91
CA SER A 2 8.21 -7.03 -37.09
C SER A 2 7.56 -8.35 -36.69
N ALA A 3 8.24 -9.11 -35.83
CA ALA A 3 7.72 -10.40 -35.38
C ALA A 3 7.55 -10.40 -33.86
N VAL A 4 7.65 -11.58 -33.26
CA VAL A 4 7.51 -11.71 -31.82
C VAL A 4 8.85 -12.07 -31.19
N SER A 5 9.39 -11.16 -30.38
CA SER A 5 10.66 -11.40 -29.72
C SER A 5 10.46 -11.62 -28.22
N THR A 6 11.47 -12.21 -27.58
CA THR A 6 11.39 -12.47 -26.15
C THR A 6 11.57 -11.18 -25.37
N GLU A 7 12.19 -10.19 -26.01
CA GLU A 7 12.43 -8.91 -25.36
C GLU A 7 11.10 -8.30 -24.91
N ASP A 8 10.03 -8.65 -25.61
CA ASP A 8 8.71 -8.14 -25.28
C ASP A 8 8.06 -8.97 -24.17
N LEU A 9 8.39 -10.26 -24.13
CA LEU A 9 7.82 -11.15 -23.13
C LEU A 9 8.00 -10.58 -21.73
N LYS A 10 9.25 -10.36 -21.32
CA LYS A 10 9.51 -9.81 -20.00
C LYS A 10 8.62 -8.60 -19.77
N GLU A 11 8.31 -7.89 -20.85
CA GLU A 11 7.47 -6.70 -20.77
C GLU A 11 6.00 -7.11 -20.69
N CYS A 12 5.66 -8.22 -21.32
CA CYS A 12 4.27 -8.69 -21.32
C CYS A 12 3.83 -9.08 -19.91
N LEU A 13 4.61 -9.93 -19.24
CA LEU A 13 4.25 -10.33 -17.88
C LEU A 13 4.08 -9.10 -17.02
N LYS A 14 4.99 -8.15 -17.17
CA LYS A 14 4.96 -6.92 -16.41
C LYS A 14 3.58 -6.26 -16.46
N LYS A 15 3.00 -6.16 -17.65
CA LYS A 15 1.70 -5.51 -17.79
C LYS A 15 0.76 -5.93 -16.67
N GLN A 16 0.89 -7.17 -16.21
CA GLN A 16 0.03 -7.67 -15.14
C GLN A 16 0.47 -7.15 -13.78
N LEU A 17 1.78 -7.20 -13.53
CA LEU A 17 2.33 -6.75 -12.27
C LEU A 17 1.81 -5.36 -11.88
N GLU A 18 2.05 -4.38 -12.73
CA GLU A 18 1.62 -3.01 -12.45
C GLU A 18 0.14 -2.91 -12.09
N PHE A 19 -0.73 -3.43 -12.95
CA PHE A 19 -2.16 -3.37 -12.71
C PHE A 19 -2.61 -4.29 -11.59
N CYS A 20 -1.99 -5.46 -11.48
CA CYS A 20 -2.37 -6.43 -10.45
C CYS A 20 -2.40 -5.79 -9.06
N PHE A 21 -1.32 -5.11 -8.69
CA PHE A 21 -1.23 -4.47 -7.38
C PHE A 21 -1.90 -3.11 -7.37
N SER A 22 -2.86 -2.94 -8.28
CA SER A 22 -3.60 -1.69 -8.34
C SER A 22 -4.77 -1.78 -7.37
N ARG A 23 -4.98 -0.75 -6.58
CA ARG A 23 -6.07 -0.76 -5.61
C ARG A 23 -7.32 -1.36 -6.24
N GLU A 24 -7.36 -1.35 -7.56
CA GLU A 24 -8.51 -1.88 -8.30
C GLU A 24 -8.49 -3.41 -8.39
N ASN A 25 -7.36 -3.98 -8.81
CA ASN A 25 -7.27 -5.43 -8.97
C ASN A 25 -6.99 -6.19 -7.66
N LEU A 26 -5.90 -5.84 -6.98
CA LEU A 26 -5.56 -6.52 -5.74
C LEU A 26 -6.75 -6.48 -4.79
N SER A 27 -7.19 -5.28 -4.44
CA SER A 27 -8.33 -5.14 -3.53
C SER A 27 -9.47 -6.06 -3.96
N LYS A 28 -9.56 -6.32 -5.25
CA LYS A 28 -10.62 -7.19 -5.78
C LYS A 28 -10.06 -8.51 -6.31
N ASP A 29 -8.91 -8.93 -5.77
CA ASP A 29 -8.31 -10.18 -6.22
C ASP A 29 -8.58 -11.28 -5.19
N LEU A 30 -9.82 -11.76 -5.19
CA LEU A 30 -10.23 -12.80 -4.26
C LEU A 30 -9.33 -14.04 -4.37
N TYR A 31 -8.59 -14.14 -5.46
CA TYR A 31 -7.71 -15.29 -5.66
C TYR A 31 -6.40 -15.13 -4.90
N LEU A 32 -5.76 -13.97 -5.04
CA LEU A 32 -4.50 -13.71 -4.37
C LEU A 32 -4.71 -13.28 -2.92
N ILE A 33 -5.38 -12.15 -2.73
CA ILE A 33 -5.63 -11.63 -1.40
C ILE A 33 -6.14 -12.73 -0.46
N SER A 34 -6.79 -13.75 -1.02
CA SER A 34 -7.31 -14.84 -0.21
C SER A 34 -6.24 -15.88 0.12
N GLN A 35 -5.19 -15.94 -0.69
CA GLN A 35 -4.12 -16.91 -0.45
C GLN A 35 -3.07 -16.31 0.46
N MET A 36 -3.04 -14.98 0.50
CA MET A 36 -2.10 -14.26 1.32
C MET A 36 -1.74 -15.01 2.60
N ASP A 37 -0.47 -15.35 2.76
CA ASP A 37 -0.04 -16.02 3.98
C ASP A 37 -0.21 -15.07 5.18
N SER A 38 0.70 -15.13 6.16
CA SER A 38 0.57 -14.31 7.38
C SER A 38 0.84 -12.81 7.18
N ASP A 39 1.87 -12.43 6.42
CA ASP A 39 2.18 -11.00 6.25
C ASP A 39 1.70 -10.49 4.90
N GLN A 40 0.57 -11.01 4.45
CA GLN A 40 0.03 -10.62 3.16
C GLN A 40 0.90 -11.22 2.09
N PHE A 41 1.77 -12.14 2.50
CA PHE A 41 2.62 -12.82 1.57
C PHE A 41 1.78 -13.83 0.82
N ILE A 42 1.93 -13.93 -0.47
CA ILE A 42 1.14 -14.90 -1.21
C ILE A 42 2.02 -16.11 -1.44
N PRO A 43 1.51 -17.32 -1.28
CA PRO A 43 2.35 -18.50 -1.48
C PRO A 43 3.02 -18.34 -2.82
N ILE A 44 4.33 -18.38 -2.83
CA ILE A 44 5.02 -18.15 -4.05
C ILE A 44 4.54 -19.11 -5.15
N TRP A 45 4.08 -20.29 -4.74
CA TRP A 45 3.63 -21.29 -5.70
C TRP A 45 2.27 -20.96 -6.30
N THR A 46 1.34 -20.53 -5.47
CA THR A 46 0.00 -20.20 -5.93
C THR A 46 0.04 -19.25 -7.14
N VAL A 47 0.95 -18.28 -7.11
CA VAL A 47 1.05 -17.32 -8.23
C VAL A 47 1.84 -17.93 -9.38
N ALA A 48 2.92 -18.62 -9.04
CA ALA A 48 3.76 -19.25 -10.06
C ALA A 48 2.90 -20.03 -11.04
N ASN A 49 1.77 -20.53 -10.55
CA ASN A 49 0.85 -21.30 -11.38
C ASN A 49 -0.33 -20.45 -11.83
N MET A 50 -0.13 -19.13 -11.81
CA MET A 50 -1.19 -18.21 -12.21
C MET A 50 -1.45 -18.30 -13.71
N GLU A 51 -2.62 -18.81 -14.07
CA GLU A 51 -2.99 -18.96 -15.48
C GLU A 51 -2.59 -17.74 -16.29
N GLU A 52 -2.72 -16.55 -15.71
CA GLU A 52 -2.36 -15.34 -16.43
C GLU A 52 -0.90 -15.40 -16.88
N ILE A 53 -0.01 -15.79 -15.96
CA ILE A 53 1.39 -15.88 -16.29
C ILE A 53 1.70 -17.25 -16.92
N LYS A 54 0.90 -18.24 -16.57
CA LYS A 54 1.11 -19.58 -17.10
C LYS A 54 1.29 -19.51 -18.60
N LYS A 55 0.59 -18.58 -19.24
CA LYS A 55 0.71 -18.40 -20.68
C LYS A 55 2.02 -17.71 -20.99
N LEU A 56 2.42 -16.79 -20.10
CA LEU A 56 3.67 -16.06 -20.29
C LEU A 56 4.86 -17.02 -20.27
N THR A 57 4.87 -17.92 -19.28
CA THR A 57 5.95 -18.89 -19.17
C THR A 57 5.67 -19.89 -18.05
N THR A 58 6.45 -20.97 -18.02
CA THR A 58 6.26 -21.99 -17.00
C THR A 58 7.55 -22.23 -16.22
N ASP A 59 8.27 -21.15 -15.92
CA ASP A 59 9.52 -21.23 -15.17
C ASP A 59 9.29 -20.86 -13.69
N PRO A 60 9.22 -21.82 -12.79
CA PRO A 60 8.97 -21.55 -11.34
C PRO A 60 9.97 -20.63 -10.66
N ASP A 61 11.26 -20.92 -10.85
CA ASP A 61 12.31 -20.13 -10.20
C ASP A 61 12.59 -18.81 -10.90
N LEU A 62 12.26 -18.73 -12.19
CA LEU A 62 12.52 -17.51 -12.94
C LEU A 62 11.43 -16.45 -12.75
N ILE A 63 10.18 -16.88 -12.70
CA ILE A 63 9.07 -15.93 -12.55
C ILE A 63 9.32 -14.91 -11.44
N LEU A 64 9.50 -15.37 -10.21
CA LEU A 64 9.73 -14.47 -9.09
C LEU A 64 10.94 -13.56 -9.30
N GLU A 65 11.95 -14.06 -10.01
CA GLU A 65 13.16 -13.27 -10.23
C GLU A 65 12.85 -11.99 -11.01
N VAL A 66 11.85 -12.06 -11.88
CA VAL A 66 11.46 -10.90 -12.68
C VAL A 66 10.52 -10.00 -11.91
N LEU A 67 9.71 -10.61 -11.05
CA LEU A 67 8.74 -9.86 -10.26
C LEU A 67 9.39 -8.64 -9.62
N ARG A 68 10.60 -8.81 -9.12
CA ARG A 68 11.32 -7.71 -8.47
C ARG A 68 11.36 -6.49 -9.38
N SER A 69 10.98 -6.68 -10.64
CA SER A 69 10.99 -5.58 -11.60
C SER A 69 9.88 -4.57 -11.27
N SER A 70 9.30 -4.70 -10.08
CA SER A 70 8.24 -3.79 -9.66
C SER A 70 8.61 -3.11 -8.34
N PRO A 71 9.23 -1.95 -8.38
CA PRO A 71 9.64 -1.20 -7.16
C PRO A 71 8.54 -1.13 -6.10
N MET A 72 7.29 -1.00 -6.55
CA MET A 72 6.18 -0.92 -5.62
C MET A 72 5.75 -2.31 -5.16
N VAL A 73 6.63 -3.28 -5.38
CA VAL A 73 6.35 -4.65 -5.00
C VAL A 73 7.55 -5.26 -4.30
N GLN A 74 7.30 -6.13 -3.33
CA GLN A 74 8.38 -6.76 -2.59
C GLN A 74 8.16 -8.27 -2.53
N VAL A 75 9.08 -8.98 -3.16
CA VAL A 75 9.01 -10.43 -3.21
C VAL A 75 10.09 -11.09 -2.37
N ASP A 76 9.77 -12.26 -1.81
CA ASP A 76 10.74 -12.97 -0.99
C ASP A 76 12.09 -13.04 -1.69
N GLU A 77 13.16 -12.86 -0.93
CA GLU A 77 14.50 -12.91 -1.48
C GLU A 77 14.91 -14.35 -1.80
N LYS A 78 14.21 -15.30 -1.19
CA LYS A 78 14.50 -16.71 -1.42
C LYS A 78 13.55 -17.30 -2.46
N GLY A 79 12.42 -16.64 -2.67
CA GLY A 79 11.45 -17.11 -3.66
C GLY A 79 10.45 -18.09 -3.06
N GLU A 80 9.92 -17.76 -1.87
CA GLU A 80 8.94 -18.64 -1.23
C GLU A 80 7.72 -17.86 -0.75
N LYS A 81 7.80 -16.54 -0.77
CA LYS A 81 6.68 -15.70 -0.35
C LYS A 81 6.79 -14.32 -0.98
N VAL A 82 5.69 -13.58 -0.96
CA VAL A 82 5.68 -12.23 -1.55
C VAL A 82 4.37 -11.50 -1.28
N ARG A 83 4.47 -10.20 -1.02
CA ARG A 83 3.29 -9.38 -0.77
C ARG A 83 3.35 -8.09 -1.61
N PRO A 84 2.26 -7.68 -2.23
CA PRO A 84 2.25 -6.43 -3.03
C PRO A 84 2.11 -5.19 -2.15
N SER A 85 2.86 -4.16 -2.48
CA SER A 85 2.82 -2.93 -1.71
C SER A 85 2.10 -1.82 -2.47
N HIS A 86 0.94 -1.42 -1.95
CA HIS A 86 0.15 -0.37 -2.57
C HIS A 86 -0.34 0.62 -1.52
N LYS A 87 0.61 1.14 -0.73
CA LYS A 87 0.27 2.10 0.31
C LYS A 87 -0.04 3.48 -0.28
N ARG A 88 -1.09 4.12 0.23
CA ARG A 88 -1.48 5.44 -0.26
C ARG A 88 -2.74 5.91 0.45
N CYS A 89 -3.25 5.09 1.35
CA CYS A 89 -4.45 5.42 2.10
C CYS A 89 -4.13 5.63 3.57
N ILE A 90 -2.87 5.90 3.86
CA ILE A 90 -2.44 6.11 5.25
C ILE A 90 -2.60 7.58 5.64
N VAL A 91 -3.26 7.81 6.77
CA VAL A 91 -3.45 9.16 7.27
C VAL A 91 -2.32 9.46 8.25
N ILE A 92 -1.96 10.74 8.39
CA ILE A 92 -0.87 11.10 9.28
C ILE A 92 -1.23 12.18 10.29
N LEU A 93 -1.23 11.80 11.57
CA LEU A 93 -1.50 12.75 12.64
C LEU A 93 -0.15 13.23 13.16
N ARG A 94 0.14 14.51 12.98
CA ARG A 94 1.43 15.04 13.39
C ARG A 94 1.38 15.76 14.74
N GLU A 95 2.55 15.79 15.39
CA GLU A 95 2.68 16.45 16.68
C GLU A 95 1.76 15.87 17.73
N ILE A 96 1.72 14.55 17.85
CA ILE A 96 0.88 13.90 18.84
C ILE A 96 1.72 13.61 20.09
N PRO A 97 1.51 14.31 21.18
CA PRO A 97 2.32 14.10 22.42
C PRO A 97 2.59 12.62 22.69
N GLU A 98 3.87 12.28 22.80
CA GLU A 98 4.26 10.90 23.06
C GLU A 98 3.48 10.33 24.23
N THR A 99 2.86 11.21 25.01
CA THR A 99 2.09 10.79 26.17
C THR A 99 0.62 10.62 25.80
N THR A 100 0.33 10.64 24.50
CA THR A 100 -1.04 10.49 24.04
C THR A 100 -1.36 9.00 23.82
N PRO A 101 -2.31 8.44 24.55
CA PRO A 101 -2.66 6.99 24.40
C PRO A 101 -3.35 6.69 23.08
N ILE A 102 -2.95 5.59 22.45
CA ILE A 102 -3.54 5.18 21.19
C ILE A 102 -5.05 5.36 21.25
N GLU A 103 -5.61 5.29 22.45
CA GLU A 103 -7.04 5.45 22.64
C GLU A 103 -7.45 6.87 22.28
N GLU A 104 -6.62 7.83 22.66
CA GLU A 104 -6.90 9.23 22.38
C GLU A 104 -6.98 9.48 20.87
N VAL A 105 -5.90 9.17 20.18
CA VAL A 105 -5.84 9.37 18.73
C VAL A 105 -6.86 8.49 18.02
N LYS A 106 -7.04 7.28 18.52
CA LYS A 106 -7.98 6.34 17.91
C LYS A 106 -9.31 7.01 17.57
N GLY A 107 -9.84 7.79 18.50
CA GLY A 107 -11.12 8.47 18.26
C GLY A 107 -10.95 9.60 17.25
N LEU A 108 -9.81 10.29 17.31
CA LEU A 108 -9.55 11.37 16.37
C LEU A 108 -9.62 10.83 14.94
N PHE A 109 -9.67 9.51 14.84
CA PHE A 109 -9.74 8.83 13.55
C PHE A 109 -11.15 8.31 13.32
N LYS A 110 -11.99 8.45 14.34
CA LYS A 110 -13.37 8.00 14.27
C LYS A 110 -14.09 8.62 13.07
N SER A 111 -14.28 7.83 12.02
CA SER A 111 -14.96 8.31 10.82
C SER A 111 -16.44 7.94 10.85
N GLU A 112 -17.30 8.94 10.70
CA GLU A 112 -18.74 8.71 10.72
C GLU A 112 -19.21 8.13 9.38
N ASN A 113 -18.29 8.02 8.44
CA ASN A 113 -18.64 7.48 7.12
C ASN A 113 -17.83 6.22 6.81
N CYS A 114 -17.03 5.80 7.79
CA CYS A 114 -16.21 4.61 7.61
C CYS A 114 -16.01 3.88 8.94
N PRO A 115 -15.74 2.60 8.88
CA PRO A 115 -15.53 1.78 10.12
C PRO A 115 -14.31 2.23 10.90
N LYS A 116 -14.13 1.66 12.09
CA LYS A 116 -13.01 2.01 12.94
C LYS A 116 -11.69 1.80 12.21
N VAL A 117 -10.67 2.56 12.61
CA VAL A 117 -9.34 2.46 11.98
C VAL A 117 -9.04 1.01 11.60
N ILE A 118 -8.62 0.81 10.36
CA ILE A 118 -8.27 -0.51 9.87
C ILE A 118 -6.98 -0.99 10.52
N SER A 119 -6.08 -0.05 10.75
CA SER A 119 -4.80 -0.37 11.37
C SER A 119 -4.15 0.92 11.87
N CYS A 120 -3.69 0.89 13.12
CA CYS A 120 -3.07 2.08 13.70
C CYS A 120 -1.65 1.78 14.19
N GLU A 121 -0.73 2.72 13.95
CA GLU A 121 0.66 2.53 14.37
C GLU A 121 1.36 3.88 14.50
N PHE A 122 2.40 3.93 15.32
CA PHE A 122 3.15 5.17 15.52
C PHE A 122 4.33 5.26 14.55
N ALA A 123 4.69 6.48 14.19
CA ALA A 123 5.80 6.70 13.26
C ALA A 123 6.44 8.07 13.49
N HIS A 124 7.68 8.22 13.01
CA HIS A 124 8.41 9.48 13.15
C HIS A 124 8.36 9.99 14.58
N ASN A 125 8.35 9.06 15.53
CA ASN A 125 8.32 9.44 16.95
C ASN A 125 7.37 10.61 17.20
N SER A 126 6.45 10.84 16.28
CA SER A 126 5.49 11.93 16.42
C SER A 126 4.34 11.79 15.44
N ASN A 127 4.66 11.50 14.18
CA ASN A 127 3.62 11.33 13.17
C ASN A 127 3.04 9.93 13.26
N TRP A 128 1.73 9.86 13.46
CA TRP A 128 1.04 8.57 13.57
C TRP A 128 0.52 8.12 12.22
N TYR A 129 0.99 6.97 11.76
CA TYR A 129 0.57 6.42 10.47
C TYR A 129 -0.64 5.50 10.66
N ILE A 130 -1.84 6.08 10.61
CA ILE A 130 -3.05 5.29 10.76
C ILE A 130 -3.53 4.84 9.38
N THR A 131 -3.47 3.54 9.15
CA THR A 131 -3.87 2.97 7.87
C THR A 131 -5.38 2.87 7.73
N PHE A 132 -5.83 2.87 6.48
CA PHE A 132 -7.25 2.77 6.18
C PHE A 132 -7.48 1.56 5.27
N GLN A 133 -8.73 1.32 4.89
CA GLN A 133 -9.03 0.18 4.03
C GLN A 133 -8.92 0.57 2.56
N SER A 134 -9.25 1.83 2.26
CA SER A 134 -9.17 2.31 0.89
C SER A 134 -8.97 3.82 0.84
N ASP A 135 -8.30 4.30 -0.20
CA ASP A 135 -8.04 5.73 -0.34
C ASP A 135 -9.35 6.51 -0.37
N THR A 136 -10.29 6.06 -1.19
CA THR A 136 -11.58 6.73 -1.29
C THR A 136 -12.16 6.96 0.11
N ASP A 137 -11.91 6.01 1.00
CA ASP A 137 -12.41 6.11 2.36
C ASP A 137 -11.46 6.94 3.22
N ALA A 138 -10.17 6.63 3.14
CA ALA A 138 -9.17 7.37 3.91
C ALA A 138 -9.25 8.86 3.60
N GLN A 139 -9.10 9.20 2.32
CA GLN A 139 -9.16 10.59 1.90
C GLN A 139 -10.47 11.22 2.36
N GLN A 140 -11.58 10.60 2.01
CA GLN A 140 -12.89 11.12 2.40
C GLN A 140 -12.90 11.34 3.91
N ALA A 141 -12.46 10.32 4.63
CA ALA A 141 -12.38 10.40 6.07
C ALA A 141 -11.57 11.63 6.46
N PHE A 142 -10.43 11.80 5.79
CA PHE A 142 -9.57 12.95 6.05
C PHE A 142 -10.38 14.23 6.03
N LYS A 143 -11.25 14.35 5.03
CA LYS A 143 -12.08 15.54 4.89
C LYS A 143 -12.85 15.78 6.19
N TYR A 144 -13.13 14.71 6.91
CA TYR A 144 -13.85 14.80 8.16
C TYR A 144 -12.90 15.16 9.30
N LEU A 145 -11.67 14.65 9.23
CA LEU A 145 -10.68 14.93 10.26
C LEU A 145 -10.40 16.41 10.35
N ARG A 146 -10.06 17.02 9.23
CA ARG A 146 -9.76 18.45 9.20
C ARG A 146 -10.81 19.22 10.00
N GLU A 147 -11.99 18.62 10.16
CA GLU A 147 -13.07 19.25 10.91
C GLU A 147 -13.04 18.80 12.37
N GLU A 148 -12.51 17.60 12.61
CA GLU A 148 -12.45 17.07 13.97
C GLU A 148 -11.06 17.24 14.57
N VAL A 149 -10.04 16.71 13.90
CA VAL A 149 -8.67 16.81 14.39
C VAL A 149 -8.28 18.28 14.59
N LYS A 150 -8.93 19.17 13.86
CA LYS A 150 -8.63 20.58 13.98
C LYS A 150 -8.44 20.95 15.45
N THR A 151 -9.03 20.14 16.33
CA THR A 151 -8.91 20.37 17.77
C THR A 151 -9.29 19.10 18.53
N PHE A 152 -8.70 18.95 19.72
CA PHE A 152 -8.96 17.80 20.56
C PHE A 152 -8.76 18.20 22.01
N GLN A 153 -9.85 18.32 22.74
CA GLN A 153 -9.78 18.75 24.12
C GLN A 153 -9.25 20.18 24.15
N GLY A 154 -9.41 20.85 23.00
CA GLY A 154 -8.95 22.22 22.85
C GLY A 154 -7.48 22.28 22.47
N LYS A 155 -6.98 21.18 21.92
CA LYS A 155 -5.58 21.11 21.52
C LYS A 155 -5.50 21.01 20.00
N PRO A 156 -5.30 22.12 19.32
CA PRO A 156 -5.20 22.13 17.85
C PRO A 156 -4.10 21.21 17.34
N ILE A 157 -4.48 20.29 16.45
CA ILE A 157 -3.52 19.33 15.91
C ILE A 157 -3.42 19.47 14.39
N MET A 158 -2.26 19.14 13.86
CA MET A 158 -2.04 19.21 12.42
C MET A 158 -1.95 17.80 11.85
N ALA A 159 -2.33 17.64 10.58
CA ALA A 159 -2.29 16.32 9.96
C ALA A 159 -2.16 16.42 8.46
N ARG A 160 -1.70 15.33 7.85
CA ARG A 160 -1.52 15.28 6.39
C ARG A 160 -1.93 13.91 5.87
N ILE A 161 -2.24 13.84 4.58
CA ILE A 161 -2.65 12.59 3.96
C ILE A 161 -1.46 11.95 3.25
N LYS A 162 -1.17 10.69 3.60
CA LYS A 162 -0.05 9.99 2.97
C LYS A 162 -0.49 9.34 1.68
N ALA A 163 0.05 9.82 0.56
CA ALA A 163 -0.28 9.28 -0.75
C ALA A 163 0.99 8.89 -1.50
N ILE A 164 1.14 7.60 -1.75
CA ILE A 164 2.33 7.11 -2.46
C ILE A 164 1.91 6.34 -3.72
N ASN A 165 2.29 6.87 -4.87
CA ASN A 165 1.97 6.23 -6.14
C ASN A 165 3.23 5.98 -6.96
N THR A 166 4.35 6.55 -6.50
CA THR A 166 5.62 6.39 -7.19
C THR A 166 6.78 6.72 -6.26
N PHE A 167 7.69 5.75 -6.09
CA PHE A 167 8.84 5.95 -5.22
C PHE A 167 9.76 7.03 -5.79
N PHE A 168 9.77 7.16 -7.11
CA PHE A 168 10.61 8.15 -7.77
C PHE A 168 10.41 9.52 -7.15
N ALA A 169 9.25 9.72 -6.53
CA ALA A 169 8.95 11.01 -5.90
C ALA A 169 9.74 11.16 -4.61
N LYS A 170 10.47 12.27 -4.49
CA LYS A 170 11.26 12.54 -3.29
C LYS A 170 10.37 13.02 -2.15
N ASN A 171 10.21 12.19 -1.13
CA ASN A 171 9.38 12.54 0.01
C ASN A 171 9.95 13.75 0.74
N GLY A 172 11.27 13.92 0.64
CA GLY A 172 11.93 15.05 1.29
C GLY A 172 12.03 16.25 0.35
N TYR A 173 11.88 15.99 -0.94
CA TYR A 173 11.94 17.06 -1.94
C TYR A 173 13.22 17.87 -1.77
N ARG A 174 13.07 19.17 -1.54
CA ARG A 174 14.22 20.05 -1.35
C ARG A 174 14.55 20.19 0.12
N LEU A 175 15.68 20.83 0.41
CA LEU A 175 16.10 21.03 1.79
C LEU A 175 15.92 22.48 2.21
N MET A 176 15.46 22.70 3.43
CA MET A 176 15.24 24.05 3.94
C MET A 176 16.56 24.81 4.01
N ASP A 177 16.47 26.13 3.88
CA ASP A 177 17.67 26.97 3.93
C ASP A 177 17.39 28.25 4.70
N ASN A 1 -16.26 12.45 -29.44
CA ASN A 1 -17.53 12.06 -30.09
C ASN A 1 -18.47 11.46 -29.05
N SER A 2 -18.07 11.55 -27.79
CA SER A 2 -18.87 11.00 -26.69
C SER A 2 -19.92 12.02 -26.24
N ALA A 3 -21.19 11.69 -26.44
CA ALA A 3 -22.27 12.57 -26.05
C ALA A 3 -22.56 12.46 -24.56
N VAL A 4 -21.66 11.80 -23.85
CA VAL A 4 -21.81 11.61 -22.41
C VAL A 4 -20.48 11.82 -21.69
N SER A 5 -20.54 12.43 -20.52
CA SER A 5 -19.33 12.67 -19.74
C SER A 5 -18.55 11.39 -19.52
N THR A 6 -17.51 11.19 -20.32
CA THR A 6 -16.68 9.99 -20.21
C THR A 6 -15.79 10.09 -18.98
N GLU A 7 -15.58 11.31 -18.51
CA GLU A 7 -14.73 11.53 -17.34
C GLU A 7 -15.34 10.87 -16.10
N ASP A 8 -16.67 10.89 -16.03
CA ASP A 8 -17.37 10.29 -14.90
C ASP A 8 -16.98 8.83 -14.73
N LEU A 9 -16.89 8.10 -15.84
CA LEU A 9 -16.53 6.70 -15.81
C LEU A 9 -15.13 6.52 -15.23
N LYS A 10 -14.15 7.18 -15.85
CA LYS A 10 -12.77 7.07 -15.38
C LYS A 10 -12.75 7.18 -13.86
N GLU A 11 -13.65 7.97 -13.32
CA GLU A 11 -13.75 8.15 -11.88
C GLU A 11 -14.39 6.93 -11.23
N CYS A 12 -15.33 6.30 -11.94
CA CYS A 12 -16.01 5.13 -11.41
C CYS A 12 -15.09 3.91 -11.41
N LEU A 13 -14.16 3.86 -12.36
CA LEU A 13 -13.23 2.74 -12.44
C LEU A 13 -12.29 2.72 -11.25
N LYS A 14 -11.84 3.91 -10.82
CA LYS A 14 -10.91 4.00 -9.70
C LYS A 14 -11.48 3.41 -8.41
N LYS A 15 -12.78 3.57 -8.18
CA LYS A 15 -13.40 3.04 -6.98
C LYS A 15 -12.91 1.62 -6.69
N GLN A 16 -12.80 0.83 -7.75
CA GLN A 16 -12.36 -0.55 -7.62
C GLN A 16 -10.86 -0.63 -7.32
N LEU A 17 -10.06 0.05 -8.14
CA LEU A 17 -8.60 0.03 -7.98
C LEU A 17 -8.19 0.35 -6.53
N GLU A 18 -8.61 1.50 -6.03
CA GLU A 18 -8.25 1.93 -4.68
C GLU A 18 -8.64 0.90 -3.62
N PHE A 19 -9.87 0.38 -3.71
CA PHE A 19 -10.35 -0.58 -2.73
C PHE A 19 -9.75 -1.97 -2.95
N CYS A 20 -9.55 -2.34 -4.21
CA CYS A 20 -9.01 -3.65 -4.53
C CYS A 20 -7.64 -3.87 -3.88
N PHE A 21 -6.72 -2.93 -4.09
CA PHE A 21 -5.38 -3.03 -3.52
C PHE A 21 -5.34 -2.57 -2.08
N SER A 22 -6.49 -2.63 -1.42
CA SER A 22 -6.57 -2.26 -0.02
C SER A 22 -6.04 -3.41 0.82
N ARG A 23 -5.14 -3.11 1.74
CA ARG A 23 -4.56 -4.14 2.58
C ARG A 23 -5.64 -5.13 3.03
N GLU A 24 -6.88 -4.68 3.01
CA GLU A 24 -8.00 -5.53 3.42
C GLU A 24 -8.45 -6.49 2.31
N ASN A 25 -8.63 -5.97 1.10
CA ASN A 25 -9.11 -6.80 -0.01
C ASN A 25 -8.01 -7.67 -0.64
N LEU A 26 -6.94 -7.05 -1.11
CA LEU A 26 -5.86 -7.83 -1.73
C LEU A 26 -5.36 -8.89 -0.76
N SER A 27 -4.90 -8.47 0.41
CA SER A 27 -4.42 -9.44 1.41
C SER A 27 -5.46 -10.53 1.62
N LYS A 28 -6.72 -10.18 1.37
CA LYS A 28 -7.81 -11.14 1.55
C LYS A 28 -8.42 -11.53 0.20
N ASP A 29 -7.64 -11.42 -0.87
CA ASP A 29 -8.14 -11.77 -2.19
C ASP A 29 -7.59 -13.12 -2.64
N LEU A 30 -8.11 -14.19 -2.06
CA LEU A 30 -7.68 -15.53 -2.41
C LEU A 30 -7.86 -15.79 -3.90
N TYR A 31 -8.65 -14.95 -4.55
CA TYR A 31 -8.91 -15.13 -5.98
C TYR A 31 -7.75 -14.58 -6.82
N LEU A 32 -7.34 -13.34 -6.54
CA LEU A 32 -6.24 -12.72 -7.28
C LEU A 32 -4.88 -13.14 -6.74
N ILE A 33 -4.62 -12.81 -5.49
CA ILE A 33 -3.34 -13.13 -4.86
C ILE A 33 -2.93 -14.59 -5.11
N SER A 34 -3.91 -15.47 -5.29
CA SER A 34 -3.61 -16.88 -5.51
C SER A 34 -3.27 -17.17 -6.98
N GLN A 35 -3.73 -16.33 -7.88
CA GLN A 35 -3.45 -16.54 -9.31
C GLN A 35 -2.12 -15.92 -9.69
N MET A 36 -1.68 -14.99 -8.85
CA MET A 36 -0.42 -14.30 -9.05
C MET A 36 0.63 -15.13 -9.75
N ASP A 37 1.12 -14.64 -10.89
CA ASP A 37 2.18 -15.35 -11.59
C ASP A 37 3.46 -15.34 -10.76
N SER A 38 4.62 -15.24 -11.42
CA SER A 38 5.91 -15.30 -10.70
C SER A 38 6.26 -14.06 -9.85
N ASP A 39 6.00 -12.85 -10.33
CA ASP A 39 6.35 -11.65 -9.55
C ASP A 39 5.14 -11.01 -8.89
N GLN A 40 4.20 -11.84 -8.46
CA GLN A 40 2.99 -11.32 -7.86
C GLN A 40 2.12 -10.73 -8.94
N PHE A 41 2.48 -11.03 -10.18
CA PHE A 41 1.72 -10.54 -11.30
C PHE A 41 0.48 -11.40 -11.46
N ILE A 42 -0.68 -10.81 -11.63
CA ILE A 42 -1.88 -11.63 -11.80
C ILE A 42 -2.16 -11.72 -13.29
N PRO A 43 -2.53 -12.88 -13.80
CA PRO A 43 -2.82 -12.97 -15.24
C PRO A 43 -3.73 -11.83 -15.60
N ILE A 44 -3.32 -11.01 -16.53
CA ILE A 44 -4.11 -9.87 -16.84
C ILE A 44 -5.58 -10.23 -17.07
N TRP A 45 -5.83 -11.46 -17.52
CA TRP A 45 -7.19 -11.90 -17.82
C TRP A 45 -7.98 -12.30 -16.58
N THR A 46 -7.39 -13.12 -15.71
CA THR A 46 -8.09 -13.57 -14.51
C THR A 46 -8.72 -12.39 -13.76
N VAL A 47 -8.02 -11.25 -13.78
CA VAL A 47 -8.51 -10.05 -13.09
C VAL A 47 -9.49 -9.28 -13.96
N ALA A 48 -9.06 -8.96 -15.17
CA ALA A 48 -9.90 -8.21 -16.10
C ALA A 48 -11.33 -8.74 -16.07
N ASN A 49 -11.51 -9.92 -15.49
CA ASN A 49 -12.82 -10.54 -15.39
C ASN A 49 -13.50 -10.16 -14.07
N MET A 50 -13.03 -9.08 -13.47
CA MET A 50 -13.60 -8.62 -12.20
C MET A 50 -15.04 -8.14 -12.40
N GLU A 51 -15.97 -8.87 -11.80
CA GLU A 51 -17.39 -8.53 -11.91
C GLU A 51 -17.62 -7.02 -11.78
N GLU A 52 -16.82 -6.37 -10.94
CA GLU A 52 -16.98 -4.92 -10.77
C GLU A 52 -16.82 -4.22 -12.12
N ILE A 53 -15.77 -4.56 -12.87
CA ILE A 53 -15.55 -3.97 -14.17
C ILE A 53 -16.33 -4.73 -15.23
N LYS A 54 -16.55 -6.02 -15.01
CA LYS A 54 -17.29 -6.80 -15.98
C LYS A 54 -18.56 -6.04 -16.36
N LYS A 55 -18.99 -5.18 -15.44
CA LYS A 55 -20.16 -4.35 -15.65
C LYS A 55 -19.78 -3.18 -16.56
N LEU A 56 -18.53 -2.74 -16.45
CA LEU A 56 -18.02 -1.66 -17.28
C LEU A 56 -18.14 -2.04 -18.75
N THR A 57 -17.56 -3.19 -19.10
CA THR A 57 -17.59 -3.68 -20.48
C THR A 57 -16.59 -4.83 -20.63
N THR A 58 -16.28 -5.19 -21.87
CA THR A 58 -15.33 -6.28 -22.11
C THR A 58 -14.18 -5.79 -22.99
N ASP A 59 -13.50 -4.74 -22.53
CA ASP A 59 -12.38 -4.18 -23.27
C ASP A 59 -11.05 -4.79 -22.78
N PRO A 60 -10.39 -5.61 -23.59
CA PRO A 60 -9.11 -6.26 -23.18
C PRO A 60 -7.91 -5.33 -23.18
N ASP A 61 -7.76 -4.58 -24.25
CA ASP A 61 -6.63 -3.67 -24.41
C ASP A 61 -6.83 -2.37 -23.63
N LEU A 62 -8.09 -2.01 -23.39
CA LEU A 62 -8.41 -0.76 -22.71
C LEU A 62 -8.30 -0.85 -21.19
N ILE A 63 -9.07 -1.73 -20.60
CA ILE A 63 -9.14 -1.82 -19.15
C ILE A 63 -7.78 -1.69 -18.48
N LEU A 64 -6.80 -2.48 -18.89
CA LEU A 64 -5.48 -2.43 -18.28
C LEU A 64 -4.84 -1.04 -18.43
N GLU A 65 -5.16 -0.34 -19.52
CA GLU A 65 -4.59 0.97 -19.76
C GLU A 65 -5.06 1.96 -18.70
N VAL A 66 -6.20 1.67 -18.10
CA VAL A 66 -6.76 2.54 -17.07
C VAL A 66 -6.18 2.15 -15.70
N LEU A 67 -5.91 0.86 -15.55
CA LEU A 67 -5.37 0.33 -14.29
C LEU A 67 -4.14 1.11 -13.83
N ARG A 68 -3.35 1.59 -14.78
CA ARG A 68 -2.14 2.34 -14.46
C ARG A 68 -2.46 3.65 -13.78
N SER A 69 -3.73 4.04 -13.78
CA SER A 69 -4.15 5.29 -13.16
C SER A 69 -3.97 5.23 -11.64
N SER A 70 -3.20 4.26 -11.16
CA SER A 70 -2.97 4.12 -9.73
C SER A 70 -1.47 4.08 -9.42
N PRO A 71 -0.90 5.18 -8.99
CA PRO A 71 0.56 5.27 -8.66
C PRO A 71 1.04 4.11 -7.79
N MET A 72 0.22 3.71 -6.83
CA MET A 72 0.60 2.62 -5.93
C MET A 72 0.34 1.26 -6.58
N VAL A 73 0.12 1.27 -7.89
CA VAL A 73 -0.13 0.04 -8.63
C VAL A 73 0.80 -0.05 -9.83
N GLN A 74 1.19 -1.28 -10.18
CA GLN A 74 2.09 -1.48 -11.31
C GLN A 74 1.59 -2.60 -12.20
N VAL A 75 1.30 -2.25 -13.44
CA VAL A 75 0.79 -3.21 -14.41
C VAL A 75 1.85 -3.54 -15.46
N ASP A 76 1.84 -4.79 -15.93
CA ASP A 76 2.82 -5.21 -16.93
C ASP A 76 2.88 -4.20 -18.07
N GLU A 77 4.09 -3.98 -18.60
CA GLU A 77 4.28 -3.04 -19.68
C GLU A 77 3.76 -3.60 -21.01
N LYS A 78 3.67 -4.92 -21.09
CA LYS A 78 3.19 -5.56 -22.31
C LYS A 78 1.66 -5.65 -22.28
N GLY A 79 1.08 -5.55 -21.09
CA GLY A 79 -0.36 -5.62 -20.95
C GLY A 79 -0.84 -7.07 -20.89
N GLU A 80 -0.12 -7.89 -20.11
CA GLU A 80 -0.50 -9.30 -19.98
C GLU A 80 -0.35 -9.77 -18.54
N LYS A 81 0.31 -8.97 -17.71
CA LYS A 81 0.45 -9.30 -16.31
C LYS A 81 0.39 -8.03 -15.47
N VAL A 82 0.28 -8.18 -14.16
CA VAL A 82 0.21 -7.01 -13.27
C VAL A 82 0.21 -7.41 -11.79
N ARG A 83 0.91 -6.63 -10.98
CA ARG A 83 0.95 -6.88 -9.54
C ARG A 83 0.55 -5.62 -8.78
N PRO A 84 -0.30 -5.71 -7.78
CA PRO A 84 -0.72 -4.53 -6.99
C PRO A 84 0.28 -4.18 -5.89
N SER A 85 0.52 -2.89 -5.72
CA SER A 85 1.45 -2.43 -4.70
C SER A 85 0.71 -1.76 -3.55
N HIS A 86 0.74 -2.39 -2.39
CA HIS A 86 0.07 -1.86 -1.21
C HIS A 86 1.06 -1.71 -0.05
N LYS A 87 0.55 -1.29 1.10
CA LYS A 87 1.40 -1.10 2.27
C LYS A 87 2.53 -0.13 1.98
N ARG A 88 2.28 1.15 2.24
CA ARG A 88 3.29 2.17 2.00
C ARG A 88 3.09 3.34 2.96
N CYS A 89 2.10 3.21 3.83
CA CYS A 89 1.81 4.25 4.81
C CYS A 89 1.94 3.71 6.22
N ILE A 90 2.77 2.69 6.38
CA ILE A 90 2.97 2.06 7.69
C ILE A 90 4.19 2.63 8.40
N VAL A 91 4.02 3.00 9.67
CA VAL A 91 5.13 3.53 10.45
C VAL A 91 5.79 2.39 11.20
N ILE A 92 7.07 2.54 11.51
CA ILE A 92 7.80 1.49 12.19
C ILE A 92 8.50 1.98 13.46
N LEU A 93 8.00 1.53 14.61
CA LEU A 93 8.61 1.89 15.90
C LEU A 93 9.50 0.73 16.31
N ARG A 94 10.81 0.97 16.38
CA ARG A 94 11.74 -0.10 16.72
C ARG A 94 12.22 -0.04 18.17
N GLU A 95 12.77 -1.17 18.61
CA GLU A 95 13.30 -1.27 19.96
C GLU A 95 12.24 -1.00 21.02
N ILE A 96 11.01 -1.44 20.77
CA ILE A 96 9.94 -1.24 21.74
C ILE A 96 9.91 -2.42 22.71
N PRO A 97 10.26 -2.23 23.97
CA PRO A 97 10.28 -3.34 24.95
C PRO A 97 9.07 -4.27 24.83
N GLU A 98 9.33 -5.56 24.82
CA GLU A 98 8.25 -6.54 24.71
C GLU A 98 7.22 -6.33 25.80
N THR A 99 7.62 -5.61 26.85
CA THR A 99 6.71 -5.33 27.95
C THR A 99 5.99 -4.01 27.75
N THR A 100 6.19 -3.41 26.58
CA THR A 100 5.55 -2.14 26.28
C THR A 100 4.08 -2.38 25.88
N PRO A 101 3.11 -1.92 26.65
CA PRO A 101 1.68 -2.14 26.33
C PRO A 101 1.23 -1.35 25.11
N ILE A 102 0.51 -2.02 24.20
CA ILE A 102 0.02 -1.36 22.99
C ILE A 102 -0.47 0.04 23.32
N GLU A 103 -0.90 0.24 24.56
CA GLU A 103 -1.39 1.55 24.98
C GLU A 103 -0.25 2.57 24.97
N GLU A 104 0.90 2.14 25.46
CA GLU A 104 2.07 3.01 25.51
C GLU A 104 2.43 3.52 24.12
N VAL A 105 2.67 2.59 23.19
CA VAL A 105 3.04 2.97 21.83
C VAL A 105 1.89 3.67 21.13
N LYS A 106 0.68 3.15 21.30
CA LYS A 106 -0.50 3.71 20.66
C LYS A 106 -0.43 5.24 20.64
N GLY A 107 -0.04 5.85 21.75
CA GLY A 107 0.04 7.31 21.80
C GLY A 107 1.26 7.81 21.02
N LEU A 108 2.40 7.16 21.21
CA LEU A 108 3.61 7.56 20.51
C LEU A 108 3.32 7.74 19.02
N PHE A 109 2.17 7.20 18.59
CA PHE A 109 1.76 7.30 17.20
C PHE A 109 0.81 8.49 17.03
N LYS A 110 0.15 8.86 18.12
CA LYS A 110 -0.80 9.98 18.12
C LYS A 110 -0.28 11.13 17.24
N SER A 111 -1.03 11.44 16.19
CA SER A 111 -0.66 12.51 15.28
C SER A 111 -1.64 13.68 15.39
N GLU A 112 -1.19 14.77 16.00
CA GLU A 112 -2.05 15.94 16.17
C GLU A 112 -2.48 16.51 14.81
N ASN A 113 -2.01 15.89 13.74
CA ASN A 113 -2.36 16.34 12.40
C ASN A 113 -3.19 15.29 11.68
N CYS A 114 -3.33 14.12 12.30
CA CYS A 114 -4.10 13.03 11.71
C CYS A 114 -4.86 12.27 12.81
N PRO A 115 -5.92 11.61 12.44
CA PRO A 115 -6.76 10.84 13.40
C PRO A 115 -5.97 9.70 14.06
N LYS A 116 -6.58 9.07 15.06
CA LYS A 116 -5.92 7.98 15.77
C LYS A 116 -5.51 6.87 14.81
N VAL A 117 -4.41 6.20 15.12
CA VAL A 117 -3.90 5.12 14.27
C VAL A 117 -5.05 4.29 13.71
N ILE A 118 -4.94 3.93 12.44
CA ILE A 118 -5.96 3.12 11.79
C ILE A 118 -5.80 1.65 12.18
N SER A 119 -4.55 1.24 12.31
CA SER A 119 -4.25 -0.14 12.69
C SER A 119 -2.88 -0.21 13.35
N CYS A 120 -2.79 -0.97 14.44
CA CYS A 120 -1.54 -1.11 15.16
C CYS A 120 -1.27 -2.57 15.50
N GLU A 121 -0.15 -3.10 15.01
CA GLU A 121 0.19 -4.50 15.27
C GLU A 121 1.70 -4.66 15.49
N PHE A 122 2.06 -5.73 16.20
CA PHE A 122 3.46 -6.01 16.49
C PHE A 122 4.13 -6.75 15.34
N ALA A 123 5.41 -6.46 15.11
CA ALA A 123 6.16 -7.11 14.04
C ALA A 123 7.65 -7.14 14.36
N HIS A 124 8.37 -8.03 13.68
CA HIS A 124 9.82 -8.16 13.89
C HIS A 124 10.14 -8.31 15.38
N ASN A 125 9.21 -8.87 16.13
CA ASN A 125 9.41 -9.07 17.56
C ASN A 125 10.00 -7.84 18.23
N SER A 126 9.85 -6.69 17.58
CA SER A 126 10.36 -5.44 18.13
C SER A 126 9.85 -4.25 17.34
N ASN A 127 9.84 -4.37 16.01
CA ASN A 127 9.37 -3.28 15.17
C ASN A 127 7.85 -3.33 15.07
N TRP A 128 7.21 -2.24 15.48
CA TRP A 128 5.76 -2.13 15.45
C TRP A 128 5.29 -1.54 14.13
N TYR A 129 4.53 -2.31 13.37
CA TYR A 129 4.02 -1.86 12.08
C TYR A 129 2.65 -1.22 12.23
N ILE A 130 2.63 0.08 12.46
CA ILE A 130 1.38 0.82 12.60
C ILE A 130 0.93 1.32 11.23
N THR A 131 -0.31 1.01 10.85
CA THR A 131 -0.82 1.42 9.55
C THR A 131 -1.70 2.66 9.64
N PHE A 132 -1.30 3.70 8.92
CA PHE A 132 -2.03 4.95 8.91
C PHE A 132 -3.12 4.90 7.82
N GLN A 133 -3.87 5.99 7.69
CA GLN A 133 -4.94 6.03 6.69
C GLN A 133 -4.40 6.44 5.32
N SER A 134 -3.50 7.42 5.29
CA SER A 134 -2.94 7.88 4.04
C SER A 134 -1.44 8.10 4.16
N ASP A 135 -0.72 7.96 3.03
CA ASP A 135 0.72 8.16 3.03
C ASP A 135 1.08 9.60 3.34
N THR A 136 0.51 10.53 2.57
CA THR A 136 0.77 11.94 2.78
C THR A 136 0.58 12.28 4.25
N ASP A 137 -0.31 11.54 4.90
CA ASP A 137 -0.58 11.75 6.32
C ASP A 137 0.43 11.00 7.18
N ALA A 138 0.63 9.73 6.86
CA ALA A 138 1.58 8.91 7.61
C ALA A 138 2.96 9.58 7.64
N GLN A 139 3.51 9.81 6.45
CA GLN A 139 4.82 10.45 6.34
C GLN A 139 4.82 11.77 7.11
N GLN A 140 3.83 12.61 6.85
CA GLN A 140 3.72 13.89 7.54
C GLN A 140 3.68 13.65 9.04
N ALA A 141 2.88 12.67 9.43
CA ALA A 141 2.76 12.30 10.83
C ALA A 141 4.13 11.90 11.37
N PHE A 142 4.83 11.10 10.58
CA PHE A 142 6.16 10.65 10.96
C PHE A 142 7.03 11.84 11.33
N LYS A 143 6.95 12.89 10.52
CA LYS A 143 7.73 14.10 10.77
C LYS A 143 7.46 14.60 12.19
N TYR A 144 6.28 14.29 12.69
CA TYR A 144 5.90 14.71 14.04
C TYR A 144 6.45 13.74 15.08
N LEU A 145 6.45 12.46 14.73
CA LEU A 145 6.95 11.42 15.63
C LEU A 145 8.41 11.69 15.97
N ARG A 146 9.20 12.01 14.95
CA ARG A 146 10.61 12.28 15.16
C ARG A 146 10.80 13.19 16.37
N GLU A 147 9.78 13.96 16.68
CA GLU A 147 9.83 14.86 17.83
C GLU A 147 9.27 14.19 19.07
N GLU A 148 8.25 13.37 18.89
CA GLU A 148 7.62 12.68 20.01
C GLU A 148 8.38 11.40 20.37
N VAL A 149 8.53 10.51 19.39
CA VAL A 149 9.23 9.25 19.62
C VAL A 149 10.66 9.54 20.08
N LYS A 150 11.17 10.72 19.73
CA LYS A 150 12.52 11.09 20.11
C LYS A 150 12.78 10.66 21.55
N THR A 151 11.71 10.66 22.36
CA THR A 151 11.80 10.26 23.75
C THR A 151 10.42 9.93 24.30
N PHE A 152 10.39 9.01 25.25
CA PHE A 152 9.14 8.60 25.88
C PHE A 152 9.42 8.23 27.31
N GLN A 153 8.83 8.98 28.25
CA GLN A 153 9.09 8.73 29.65
C GLN A 153 10.59 8.83 29.87
N GLY A 154 11.25 9.51 28.94
CA GLY A 154 12.70 9.70 28.99
C GLY A 154 13.43 8.51 28.39
N LYS A 155 12.74 7.77 27.54
CA LYS A 155 13.34 6.62 26.90
C LYS A 155 13.50 6.86 25.40
N PRO A 156 14.66 7.29 24.97
CA PRO A 156 14.92 7.58 23.54
C PRO A 156 14.61 6.38 22.64
N ILE A 157 13.74 6.59 21.65
CA ILE A 157 13.36 5.52 20.75
C ILE A 157 13.66 5.88 19.30
N MET A 158 13.89 4.84 18.49
CA MET A 158 14.16 5.05 17.07
C MET A 158 12.99 4.53 16.25
N ALA A 159 12.76 5.15 15.10
CA ALA A 159 11.65 4.73 14.24
C ALA A 159 11.97 4.92 12.77
N ARG A 160 11.20 4.25 11.93
CA ARG A 160 11.39 4.33 10.49
C ARG A 160 10.04 4.34 9.78
N ILE A 161 10.04 4.79 8.53
CA ILE A 161 8.81 4.84 7.74
C ILE A 161 8.83 3.71 6.71
N LYS A 162 7.76 2.91 6.69
CA LYS A 162 7.68 1.81 5.76
C LYS A 162 7.08 2.28 4.43
N ALA A 163 7.91 2.24 3.39
CA ALA A 163 7.46 2.65 2.06
C ALA A 163 7.94 1.66 1.01
N ILE A 164 7.52 1.87 -0.23
CA ILE A 164 7.90 0.98 -1.32
C ILE A 164 8.93 1.66 -2.23
N ASN A 165 10.04 0.97 -2.50
CA ASN A 165 11.08 1.53 -3.36
C ASN A 165 12.14 0.47 -3.65
N THR A 166 13.39 0.80 -3.34
CA THR A 166 14.49 -0.12 -3.57
C THR A 166 14.46 -0.64 -5.01
N PHE A 167 13.66 0.01 -5.85
CA PHE A 167 13.54 -0.39 -7.24
C PHE A 167 14.51 0.41 -8.12
N PHE A 168 15.25 1.31 -7.49
CA PHE A 168 16.22 2.14 -8.22
C PHE A 168 16.88 1.33 -9.32
N ALA A 169 17.66 0.33 -8.92
CA ALA A 169 18.37 -0.52 -9.88
C ALA A 169 17.73 -1.91 -9.94
N LYS A 170 17.79 -2.53 -11.11
CA LYS A 170 17.21 -3.86 -11.28
C LYS A 170 17.82 -4.85 -10.29
N ASN A 171 16.97 -5.50 -9.52
CA ASN A 171 17.43 -6.47 -8.53
C ASN A 171 17.92 -7.75 -9.21
N GLY A 172 17.63 -7.86 -10.50
CA GLY A 172 18.05 -9.04 -11.26
C GLY A 172 19.57 -9.22 -11.19
N TYR A 173 20.30 -8.15 -11.53
CA TYR A 173 21.76 -8.21 -11.50
C TYR A 173 22.32 -6.93 -10.89
N ARG A 174 23.66 -6.87 -10.82
CA ARG A 174 24.31 -5.70 -10.24
C ARG A 174 25.54 -5.33 -11.06
N LEU A 175 26.07 -4.13 -10.83
CA LEU A 175 27.24 -3.66 -11.57
C LEU A 175 28.51 -4.03 -10.80
N MET A 176 29.60 -4.22 -11.54
CA MET A 176 30.87 -4.58 -10.93
C MET A 176 31.78 -3.35 -10.81
N ASP A 177 32.92 -3.52 -10.15
CA ASP A 177 33.86 -2.42 -9.98
C ASP A 177 34.52 -2.07 -11.31
N ASN A 1 8.73 7.81 -40.08
CA ASN A 1 9.46 8.09 -38.82
C ASN A 1 8.87 9.33 -38.15
N SER A 2 8.72 10.39 -38.92
CA SER A 2 8.16 11.64 -38.40
C SER A 2 6.66 11.54 -38.28
N ALA A 3 6.14 10.31 -38.27
CA ALA A 3 4.71 10.08 -38.15
C ALA A 3 4.33 9.80 -36.70
N VAL A 4 3.11 9.32 -36.50
CA VAL A 4 2.63 9.01 -35.15
C VAL A 4 3.71 8.27 -34.36
N SER A 5 3.81 8.58 -33.08
CA SER A 5 4.81 7.93 -32.22
C SER A 5 4.13 7.28 -31.02
N THR A 6 4.48 6.02 -30.75
CA THR A 6 3.90 5.30 -29.63
C THR A 6 4.50 5.79 -28.32
N GLU A 7 5.68 6.41 -28.41
CA GLU A 7 6.35 6.92 -27.22
C GLU A 7 5.42 7.85 -26.44
N ASP A 8 4.60 8.59 -27.17
CA ASP A 8 3.66 9.52 -26.55
C ASP A 8 2.65 8.77 -25.68
N LEU A 9 2.19 7.63 -26.18
CA LEU A 9 1.23 6.82 -25.44
C LEU A 9 1.85 6.28 -24.18
N LYS A 10 3.08 5.78 -24.28
CA LYS A 10 3.77 5.24 -23.11
C LYS A 10 3.59 6.19 -21.94
N GLU A 11 3.78 7.48 -22.20
CA GLU A 11 3.63 8.49 -21.19
C GLU A 11 2.19 8.56 -20.70
N CYS A 12 1.24 8.35 -21.61
CA CYS A 12 -0.17 8.39 -21.25
C CYS A 12 -0.51 7.27 -20.28
N LEU A 13 -0.06 6.06 -20.58
CA LEU A 13 -0.36 4.94 -19.69
C LEU A 13 -0.07 5.33 -18.25
N LYS A 14 1.02 6.08 -18.05
CA LYS A 14 1.41 6.52 -16.72
C LYS A 14 0.24 7.16 -15.99
N LYS A 15 -0.30 8.24 -16.55
CA LYS A 15 -1.40 8.94 -15.90
C LYS A 15 -2.43 7.95 -15.36
N GLN A 16 -2.97 7.12 -16.23
CA GLN A 16 -3.97 6.14 -15.83
C GLN A 16 -3.48 5.32 -14.64
N LEU A 17 -2.35 4.67 -14.80
CA LEU A 17 -1.78 3.84 -13.75
C LEU A 17 -1.62 4.62 -12.45
N GLU A 18 -0.86 5.71 -12.49
CA GLU A 18 -0.62 6.51 -11.29
C GLU A 18 -1.92 6.99 -10.64
N PHE A 19 -2.88 7.40 -11.45
CA PHE A 19 -4.15 7.90 -10.91
C PHE A 19 -5.07 6.75 -10.51
N CYS A 20 -5.05 5.67 -11.27
CA CYS A 20 -5.90 4.52 -10.98
C CYS A 20 -5.80 4.12 -9.51
N PHE A 21 -4.57 3.97 -9.02
CA PHE A 21 -4.35 3.56 -7.64
C PHE A 21 -4.11 4.73 -6.71
N SER A 22 -4.62 5.91 -7.05
CA SER A 22 -4.48 7.05 -6.18
C SER A 22 -5.34 6.84 -4.94
N ARG A 23 -4.95 7.42 -3.82
CA ARG A 23 -5.71 7.24 -2.58
C ARG A 23 -7.21 7.35 -2.82
N GLU A 24 -7.64 8.45 -3.43
CA GLU A 24 -9.06 8.67 -3.70
C GLU A 24 -9.56 7.94 -4.93
N ASN A 25 -8.65 7.61 -5.86
CA ASN A 25 -9.04 6.93 -7.09
C ASN A 25 -9.50 5.49 -6.85
N LEU A 26 -8.66 4.69 -6.21
CA LEU A 26 -9.02 3.29 -5.96
C LEU A 26 -10.15 3.20 -4.96
N SER A 27 -10.02 3.91 -3.84
CA SER A 27 -11.05 3.89 -2.82
C SER A 27 -12.43 4.05 -3.45
N LYS A 28 -12.49 4.75 -4.58
CA LYS A 28 -13.75 4.99 -5.26
C LYS A 28 -13.82 4.25 -6.60
N ASP A 29 -13.09 3.15 -6.71
CA ASP A 29 -13.10 2.37 -7.95
C ASP A 29 -13.82 1.04 -7.75
N LEU A 30 -15.15 1.07 -7.90
CA LEU A 30 -15.95 -0.12 -7.73
C LEU A 30 -15.60 -1.16 -8.78
N TYR A 31 -14.92 -0.72 -9.84
CA TYR A 31 -14.55 -1.63 -10.92
C TYR A 31 -13.32 -2.47 -10.54
N LEU A 32 -12.27 -1.80 -10.05
CA LEU A 32 -11.05 -2.50 -9.68
C LEU A 32 -11.14 -3.13 -8.28
N ILE A 33 -11.32 -2.28 -7.28
CA ILE A 33 -11.39 -2.74 -5.89
C ILE A 33 -12.42 -3.87 -5.70
N SER A 34 -13.53 -3.81 -6.42
CA SER A 34 -14.57 -4.83 -6.27
C SER A 34 -14.26 -6.10 -7.08
N GLN A 35 -13.47 -6.00 -8.13
CA GLN A 35 -13.14 -7.17 -8.94
C GLN A 35 -12.00 -7.95 -8.30
N MET A 36 -11.28 -7.28 -7.41
CA MET A 36 -10.17 -7.86 -6.70
C MET A 36 -10.33 -9.35 -6.43
N ASP A 37 -9.42 -10.16 -6.95
CA ASP A 37 -9.47 -11.60 -6.68
C ASP A 37 -9.23 -11.84 -5.17
N SER A 38 -8.54 -12.91 -4.83
CA SER A 38 -8.32 -13.26 -3.42
C SER A 38 -7.33 -12.36 -2.64
N ASP A 39 -6.20 -11.98 -3.23
CA ASP A 39 -5.22 -11.15 -2.49
C ASP A 39 -5.25 -9.70 -2.93
N GLN A 40 -6.44 -9.21 -3.26
CA GLN A 40 -6.58 -7.85 -3.75
C GLN A 40 -6.06 -7.80 -5.17
N PHE A 41 -5.81 -8.98 -5.72
CA PHE A 41 -5.35 -9.07 -7.08
C PHE A 41 -6.55 -8.80 -7.97
N ILE A 42 -6.39 -8.01 -9.00
CA ILE A 42 -7.53 -7.76 -9.87
C ILE A 42 -7.36 -8.66 -11.09
N PRO A 43 -8.42 -9.30 -11.56
CA PRO A 43 -8.28 -10.20 -12.73
C PRO A 43 -7.57 -9.44 -13.81
N ILE A 44 -6.46 -9.96 -14.28
CA ILE A 44 -5.72 -9.26 -15.27
C ILE A 44 -6.59 -8.87 -16.46
N TRP A 45 -7.62 -9.68 -16.73
CA TRP A 45 -8.49 -9.43 -17.88
C TRP A 45 -9.46 -8.27 -17.64
N THR A 46 -10.08 -8.25 -16.47
CA THR A 46 -11.04 -7.21 -16.15
C THR A 46 -10.47 -5.82 -16.41
N VAL A 47 -9.18 -5.62 -16.13
CA VAL A 47 -8.54 -4.32 -16.36
C VAL A 47 -8.12 -4.15 -17.81
N ALA A 48 -7.54 -5.19 -18.38
CA ALA A 48 -7.09 -5.12 -19.77
C ALA A 48 -8.20 -4.54 -20.64
N ASN A 49 -9.41 -4.49 -20.10
CA ASN A 49 -10.56 -3.97 -20.82
C ASN A 49 -11.01 -2.61 -20.26
N MET A 50 -10.12 -1.93 -19.55
CA MET A 50 -10.45 -0.63 -18.98
C MET A 50 -10.61 0.42 -20.07
N GLU A 51 -11.77 1.04 -20.13
CA GLU A 51 -12.05 2.06 -21.15
C GLU A 51 -10.86 2.98 -21.36
N GLU A 52 -10.22 3.40 -20.27
CA GLU A 52 -9.07 4.29 -20.40
C GLU A 52 -8.04 3.66 -21.33
N ILE A 53 -7.71 2.39 -21.10
CA ILE A 53 -6.74 1.70 -21.94
C ILE A 53 -7.41 1.10 -23.16
N LYS A 54 -8.70 0.83 -23.07
CA LYS A 54 -9.41 0.24 -24.19
C LYS A 54 -9.07 1.02 -25.45
N LYS A 55 -8.81 2.31 -25.26
CA LYS A 55 -8.43 3.16 -26.38
C LYS A 55 -7.01 2.83 -26.80
N LEU A 56 -6.18 2.44 -25.83
CA LEU A 56 -4.80 2.07 -26.11
C LEU A 56 -4.77 0.85 -27.02
N THR A 57 -5.42 -0.22 -26.57
CA THR A 57 -5.47 -1.47 -27.33
C THR A 57 -5.96 -2.59 -26.43
N THR A 58 -5.88 -3.83 -26.93
CA THR A 58 -6.29 -4.99 -26.15
C THR A 58 -5.14 -5.98 -26.05
N ASP A 59 -3.93 -5.45 -25.87
CA ASP A 59 -2.75 -6.29 -25.76
C ASP A 59 -2.72 -7.03 -24.42
N PRO A 60 -2.76 -8.34 -24.40
CA PRO A 60 -2.76 -9.14 -23.14
C PRO A 60 -1.41 -9.19 -22.45
N ASP A 61 -0.39 -9.47 -23.23
CA ASP A 61 0.97 -9.61 -22.71
C ASP A 61 1.64 -8.25 -22.45
N LEU A 62 1.18 -7.22 -23.15
CA LEU A 62 1.78 -5.89 -23.03
C LEU A 62 1.28 -5.08 -21.84
N ILE A 63 -0.02 -4.80 -21.82
CA ILE A 63 -0.57 -3.93 -20.80
C ILE A 63 -0.01 -4.22 -19.40
N LEU A 64 -0.02 -5.48 -18.98
CA LEU A 64 0.49 -5.81 -17.65
C LEU A 64 1.96 -5.40 -17.50
N GLU A 65 2.71 -5.44 -18.60
CA GLU A 65 4.12 -5.08 -18.56
C GLU A 65 4.28 -3.60 -18.22
N VAL A 66 3.26 -2.81 -18.55
CA VAL A 66 3.30 -1.38 -18.26
C VAL A 66 2.83 -1.12 -16.85
N LEU A 67 1.88 -1.93 -16.39
CA LEU A 67 1.34 -1.79 -15.05
C LEU A 67 2.45 -1.74 -14.01
N ARG A 68 3.57 -2.40 -14.32
CA ARG A 68 4.71 -2.43 -13.40
C ARG A 68 5.48 -1.11 -13.46
N SER A 69 5.18 -0.30 -14.46
CA SER A 69 5.85 0.99 -14.61
C SER A 69 5.46 1.91 -13.46
N SER A 70 4.76 1.36 -12.48
CA SER A 70 4.34 2.13 -11.31
C SER A 70 4.92 1.54 -10.02
N PRO A 71 5.96 2.13 -9.48
CA PRO A 71 6.62 1.63 -8.23
C PRO A 71 5.61 1.26 -7.16
N MET A 72 4.55 2.05 -7.07
CA MET A 72 3.51 1.80 -6.05
C MET A 72 2.55 0.72 -6.52
N VAL A 73 2.92 0.01 -7.58
CA VAL A 73 2.07 -1.05 -8.11
C VAL A 73 2.88 -2.34 -8.29
N GLN A 74 2.21 -3.48 -8.10
CA GLN A 74 2.87 -4.78 -8.23
C GLN A 74 1.98 -5.74 -8.99
N VAL A 75 2.45 -6.16 -10.16
CA VAL A 75 1.69 -7.06 -11.01
C VAL A 75 2.13 -8.51 -10.85
N ASP A 76 1.17 -9.44 -10.99
CA ASP A 76 1.49 -10.86 -10.85
C ASP A 76 2.71 -11.21 -11.68
N GLU A 77 3.48 -12.19 -11.21
CA GLU A 77 4.69 -12.61 -11.92
C GLU A 77 4.33 -13.44 -13.15
N LYS A 78 3.16 -14.06 -13.14
CA LYS A 78 2.72 -14.87 -14.26
C LYS A 78 1.98 -14.04 -15.29
N GLY A 79 1.48 -12.88 -14.89
CA GLY A 79 0.76 -12.00 -15.81
C GLY A 79 -0.71 -12.41 -15.91
N GLU A 80 -1.32 -12.69 -14.77
CA GLU A 80 -2.74 -13.09 -14.76
C GLU A 80 -3.48 -12.44 -13.59
N LYS A 81 -2.73 -11.84 -12.67
CA LYS A 81 -3.34 -11.15 -11.54
C LYS A 81 -2.48 -9.95 -11.15
N VAL A 82 -3.01 -9.09 -10.29
CA VAL A 82 -2.26 -7.91 -9.87
C VAL A 82 -2.98 -7.12 -8.80
N ARG A 83 -2.23 -6.62 -7.82
CA ARG A 83 -2.80 -5.80 -6.76
C ARG A 83 -2.06 -4.46 -6.66
N PRO A 84 -2.75 -3.35 -6.53
CA PRO A 84 -2.10 -2.02 -6.40
C PRO A 84 -1.54 -1.80 -5.01
N SER A 85 -0.40 -1.14 -4.93
CA SER A 85 0.23 -0.87 -3.65
C SER A 85 0.02 0.59 -3.24
N HIS A 86 -0.72 0.79 -2.16
CA HIS A 86 -0.99 2.14 -1.67
C HIS A 86 -0.40 2.33 -0.28
N LYS A 87 -1.26 2.64 0.69
CA LYS A 87 -0.82 2.84 2.06
C LYS A 87 -2.00 2.86 3.02
N ARG A 88 -1.88 2.12 4.11
CA ARG A 88 -2.94 2.04 5.11
C ARG A 88 -2.52 1.13 6.26
N CYS A 89 -1.37 0.50 6.12
CA CYS A 89 -0.86 -0.40 7.14
C CYS A 89 0.47 0.10 7.68
N ILE A 90 0.69 1.40 7.60
CA ILE A 90 1.95 1.97 8.08
C ILE A 90 1.89 2.28 9.58
N VAL A 91 3.00 2.01 10.26
CA VAL A 91 3.08 2.29 11.70
C VAL A 91 3.90 3.56 11.89
N ILE A 92 3.50 4.39 12.85
CA ILE A 92 4.20 5.65 13.08
C ILE A 92 4.86 5.69 14.46
N LEU A 93 6.19 5.83 14.46
CA LEU A 93 6.94 5.93 15.71
C LEU A 93 7.33 7.40 15.90
N ARG A 94 6.79 8.03 16.94
CA ARG A 94 7.08 9.44 17.18
C ARG A 94 8.05 9.62 18.34
N GLU A 95 8.41 10.88 18.59
CA GLU A 95 9.32 11.22 19.67
C GLU A 95 10.66 10.51 19.52
N ILE A 96 10.95 10.02 18.33
CA ILE A 96 12.21 9.34 18.10
C ILE A 96 13.33 10.37 17.94
N PRO A 97 14.29 10.42 18.83
CA PRO A 97 15.40 11.41 18.75
C PRO A 97 15.99 11.49 17.34
N GLU A 98 16.25 12.72 16.88
CA GLU A 98 16.81 12.91 15.55
C GLU A 98 18.15 12.20 15.43
N THR A 99 18.70 11.78 16.57
CA THR A 99 19.97 11.08 16.58
C THR A 99 19.77 9.59 16.76
N THR A 100 18.52 9.15 16.66
CA THR A 100 18.22 7.73 16.82
C THR A 100 18.59 6.96 15.55
N PRO A 101 19.49 6.00 15.62
CA PRO A 101 19.91 5.22 14.43
C PRO A 101 18.84 4.24 13.97
N ILE A 102 18.65 4.16 12.65
CA ILE A 102 17.66 3.24 12.09
C ILE A 102 17.77 1.88 12.77
N GLU A 103 18.93 1.60 13.34
CA GLU A 103 19.14 0.33 14.03
C GLU A 103 18.32 0.29 15.30
N GLU A 104 18.23 1.44 15.98
CA GLU A 104 17.46 1.53 17.22
C GLU A 104 15.98 1.29 16.95
N VAL A 105 15.42 2.06 16.03
CA VAL A 105 14.00 1.94 15.70
C VAL A 105 13.69 0.65 14.94
N LYS A 106 14.68 0.13 14.23
CA LYS A 106 14.47 -1.10 13.46
C LYS A 106 13.93 -2.24 14.33
N GLY A 107 14.56 -2.46 15.47
CA GLY A 107 14.15 -3.53 16.37
C GLY A 107 12.86 -3.18 17.11
N LEU A 108 12.53 -1.90 17.19
CA LEU A 108 11.31 -1.50 17.88
C LEU A 108 10.08 -1.94 17.10
N PHE A 109 10.23 -2.11 15.78
CA PHE A 109 9.11 -2.58 14.96
C PHE A 109 9.01 -4.09 15.10
N LYS A 110 10.15 -4.70 15.36
CA LYS A 110 10.24 -6.15 15.52
C LYS A 110 8.95 -6.72 16.10
N SER A 111 8.40 -7.73 15.43
CA SER A 111 7.17 -8.38 15.88
C SER A 111 7.27 -9.89 15.71
N GLU A 112 7.14 -10.61 16.83
CA GLU A 112 7.22 -12.07 16.79
C GLU A 112 6.01 -12.66 16.08
N ASN A 113 5.13 -11.80 15.58
CA ASN A 113 3.93 -12.26 14.90
C ASN A 113 3.89 -11.75 13.46
N CYS A 114 4.90 -10.95 13.10
CA CYS A 114 4.96 -10.40 11.76
C CYS A 114 6.42 -10.41 11.25
N PRO A 115 6.62 -10.57 9.96
CA PRO A 115 7.99 -10.59 9.37
C PRO A 115 8.71 -9.26 9.56
N LYS A 116 10.00 -9.24 9.23
CA LYS A 116 10.78 -8.02 9.36
C LYS A 116 10.17 -6.90 8.55
N VAL A 117 10.14 -5.70 9.14
CA VAL A 117 9.57 -4.55 8.47
C VAL A 117 9.78 -4.60 6.96
N ILE A 118 8.74 -4.27 6.21
CA ILE A 118 8.82 -4.27 4.76
C ILE A 118 9.52 -3.02 4.28
N SER A 119 9.28 -1.92 5.00
CA SER A 119 9.90 -0.64 4.66
C SER A 119 9.93 0.26 5.89
N CYS A 120 11.09 0.85 6.15
CA CYS A 120 11.24 1.74 7.29
C CYS A 120 11.97 3.01 6.88
N GLU A 121 11.22 4.10 6.74
CA GLU A 121 11.82 5.37 6.34
C GLU A 121 11.40 6.49 7.30
N PHE A 122 12.23 7.52 7.37
CA PHE A 122 11.97 8.66 8.24
C PHE A 122 10.99 9.62 7.58
N ALA A 123 10.08 10.17 8.38
CA ALA A 123 9.09 11.12 7.88
C ALA A 123 8.95 12.30 8.83
N HIS A 124 8.79 13.50 8.27
CA HIS A 124 8.66 14.70 9.08
C HIS A 124 7.81 14.43 10.32
N ASN A 125 7.88 15.36 11.28
CA ASN A 125 7.12 15.22 12.52
C ASN A 125 7.72 14.13 13.41
N SER A 126 9.05 14.04 13.43
CA SER A 126 9.73 13.04 14.24
C SER A 126 8.99 11.71 14.18
N ASN A 127 8.15 11.54 13.17
CA ASN A 127 7.40 10.31 13.03
C ASN A 127 7.99 9.42 11.95
N TRP A 128 8.31 8.19 12.32
CA TRP A 128 8.88 7.22 11.39
C TRP A 128 7.76 6.40 10.74
N TYR A 129 7.60 6.57 9.43
CA TYR A 129 6.56 5.86 8.70
C TYR A 129 7.03 4.47 8.27
N ILE A 130 6.83 3.48 9.13
CA ILE A 130 7.21 2.11 8.81
C ILE A 130 6.06 1.42 8.09
N THR A 131 6.35 0.81 6.95
CA THR A 131 5.31 0.15 6.16
C THR A 131 5.32 -1.37 6.33
N PHE A 132 4.17 -1.90 6.73
CA PHE A 132 3.99 -3.32 6.93
C PHE A 132 3.39 -3.94 5.66
N GLN A 133 3.58 -5.24 5.48
CA GLN A 133 3.05 -5.91 4.29
C GLN A 133 1.53 -5.91 4.28
N SER A 134 0.93 -5.65 5.44
CA SER A 134 -0.54 -5.63 5.53
C SER A 134 -0.99 -4.99 6.83
N ASP A 135 -2.22 -4.51 6.85
CA ASP A 135 -2.77 -3.89 8.05
C ASP A 135 -2.88 -4.91 9.17
N THR A 136 -3.38 -6.09 8.83
CA THR A 136 -3.53 -7.15 9.82
C THR A 136 -2.20 -7.38 10.53
N ASP A 137 -1.10 -7.04 9.85
CA ASP A 137 0.22 -7.19 10.44
C ASP A 137 0.56 -5.99 11.29
N ALA A 138 0.40 -4.80 10.70
CA ALA A 138 0.68 -3.56 11.42
C ALA A 138 -0.13 -3.49 12.69
N GLN A 139 -1.43 -3.73 12.54
CA GLN A 139 -2.34 -3.67 13.67
C GLN A 139 -1.91 -4.67 14.73
N GLN A 140 -1.69 -5.91 14.32
CA GLN A 140 -1.28 -6.96 15.24
C GLN A 140 0.09 -6.61 15.81
N ALA A 141 0.97 -6.11 14.94
CA ALA A 141 2.30 -5.72 15.36
C ALA A 141 2.21 -4.57 16.36
N PHE A 142 1.33 -3.62 16.05
CA PHE A 142 1.13 -2.47 16.92
C PHE A 142 0.78 -2.94 18.33
N LYS A 143 -0.09 -3.94 18.41
CA LYS A 143 -0.50 -4.50 19.69
C LYS A 143 0.74 -4.89 20.49
N TYR A 144 1.81 -5.20 19.77
CA TYR A 144 3.06 -5.59 20.40
C TYR A 144 3.87 -4.37 20.80
N LEU A 145 3.82 -3.33 19.97
CA LEU A 145 4.55 -2.10 20.25
C LEU A 145 4.12 -1.50 21.58
N ARG A 146 2.81 -1.38 21.78
CA ARG A 146 2.29 -0.82 23.01
C ARG A 146 3.03 -1.39 24.21
N GLU A 147 3.57 -2.59 24.03
CA GLU A 147 4.30 -3.25 25.10
C GLU A 147 5.80 -2.92 25.02
N GLU A 148 6.29 -2.72 23.80
CA GLU A 148 7.70 -2.40 23.61
C GLU A 148 7.93 -0.89 23.61
N VAL A 149 7.25 -0.18 22.71
CA VAL A 149 7.39 1.26 22.66
C VAL A 149 7.13 1.87 24.02
N LYS A 150 6.36 1.17 24.85
CA LYS A 150 6.05 1.66 26.18
C LYS A 150 7.34 2.14 26.85
N THR A 151 8.47 1.77 26.25
CA THR A 151 9.78 2.17 26.74
C THR A 151 10.85 1.38 26.00
N PHE A 152 12.01 2.00 25.80
CA PHE A 152 13.11 1.36 25.11
C PHE A 152 14.42 1.85 25.70
N GLN A 153 15.15 0.95 26.34
CA GLN A 153 16.39 1.34 26.99
C GLN A 153 16.09 2.43 28.00
N GLY A 154 14.81 2.47 28.40
CA GLY A 154 14.35 3.46 29.36
C GLY A 154 13.94 4.76 28.67
N LYS A 155 13.63 4.67 27.39
CA LYS A 155 13.22 5.84 26.64
C LYS A 155 11.75 5.72 26.23
N PRO A 156 10.86 6.30 26.99
CA PRO A 156 9.41 6.24 26.69
C PRO A 156 9.10 6.82 25.31
N ILE A 157 8.45 6.02 24.48
CA ILE A 157 8.13 6.45 23.12
C ILE A 157 6.63 6.37 22.85
N MET A 158 6.18 7.23 21.93
CA MET A 158 4.77 7.25 21.55
C MET A 158 4.64 6.81 20.09
N ALA A 159 3.53 6.16 19.75
CA ALA A 159 3.33 5.70 18.39
C ALA A 159 1.85 5.72 18.01
N ARG A 160 1.60 5.66 16.71
CA ARG A 160 0.23 5.68 16.20
C ARG A 160 0.09 4.73 15.01
N ILE A 161 -1.13 4.22 14.80
CA ILE A 161 -1.38 3.32 13.68
C ILE A 161 -2.03 4.08 12.53
N LYS A 162 -1.34 4.12 11.40
CA LYS A 162 -1.87 4.83 10.23
C LYS A 162 -2.76 3.91 9.41
N ALA A 163 -4.04 4.26 9.34
CA ALA A 163 -5.00 3.47 8.57
C ALA A 163 -5.90 4.38 7.75
N ILE A 164 -5.86 4.22 6.43
CA ILE A 164 -6.68 5.04 5.55
C ILE A 164 -7.84 4.23 4.99
N ASN A 165 -9.06 4.75 5.17
CA ASN A 165 -10.24 4.06 4.67
C ASN A 165 -10.16 2.57 4.96
N THR A 166 -10.54 2.18 6.17
CA THR A 166 -10.50 0.78 6.56
C THR A 166 -11.74 0.41 7.39
N PHE A 167 -12.50 -0.55 6.91
CA PHE A 167 -13.70 -0.99 7.62
C PHE A 167 -13.35 -2.03 8.67
N PHE A 168 -12.07 -2.12 8.99
CA PHE A 168 -11.61 -3.09 9.99
C PHE A 168 -11.56 -2.46 11.38
N ALA A 169 -11.89 -1.17 11.44
CA ALA A 169 -11.88 -0.45 12.71
C ALA A 169 -12.78 -1.16 13.73
N LYS A 170 -14.08 -0.93 13.62
CA LYS A 170 -15.03 -1.54 14.53
C LYS A 170 -15.02 -3.05 14.40
N ASN A 171 -14.63 -3.73 15.49
CA ASN A 171 -14.57 -5.19 15.48
C ASN A 171 -15.84 -5.77 16.10
N GLY A 172 -16.57 -4.95 16.84
CA GLY A 172 -17.80 -5.39 17.48
C GLY A 172 -19.01 -5.12 16.60
N TYR A 173 -18.78 -4.43 15.48
CA TYR A 173 -19.86 -4.11 14.57
C TYR A 173 -20.98 -3.37 15.29
N ARG A 174 -22.19 -3.47 14.75
CA ARG A 174 -23.34 -2.81 15.36
C ARG A 174 -24.14 -3.79 16.20
N LEU A 175 -24.32 -5.00 15.68
CA LEU A 175 -25.06 -6.03 16.40
C LEU A 175 -24.39 -6.35 17.72
N MET A 176 -25.19 -6.47 18.77
CA MET A 176 -24.67 -6.78 20.10
C MET A 176 -24.47 -8.28 20.26
N ASP A 177 -23.36 -8.67 20.88
CA ASP A 177 -23.08 -10.09 21.09
C ASP A 177 -22.93 -10.39 22.58
#